data_8RTM
#
_entry.id   8RTM
#
_cell.length_a   90.254
_cell.length_b   109.123
_cell.length_c   116.997
_cell.angle_alpha   82.33
_cell.angle_beta   89.68
_cell.angle_gamma   83.69
#
_symmetry.space_group_name_H-M   'P 1'
#
loop_
_entity.id
_entity.type
_entity.pdbx_description
1 polymer 'Arsenite oxidase subunit AioA'
2 polymer 'Arsenite oxidase subunit AioB'
3 non-polymer 'MOLYBDENUM ATOM'
4 non-polymer '2-AMINO-5,6-DIMERCAPTO-7-METHYL-3,7,8A,9-TETRAHYDRO-8-OXA-1,3,9,10-TETRAAZA-ANTHRACEN-4-ONE GUANOSINE DINUCLEOTIDE'
5 non-polymer 'FE3-S4 CLUSTER'
6 non-polymer 1,2-ETHANEDIOL
7 non-polymer DI(HYDROXYETHYL)ETHER
8 non-polymer TRIHYDROXYANTIMONITE(III)
9 non-polymer 3,6,9,12,15,18-HEXAOXAICOSANE-1,20-DIOL
10 non-polymer 'TRIETHYLENE GLYCOL'
11 non-polymer 'OXYGEN ATOM'
12 non-polymer 'SODIUM ION'
13 non-polymer 'FE2/S2 (INORGANIC) CLUSTER'
14 non-polymer GLYCEROL
15 non-polymer 'MOLYBDENUM(IV) ION'
16 non-polymer 1-ETHOXY-2-(2-ETHOXYETHOXY)ETHANE
17 non-polymer 'PENTAETHYLENE GLYCOL'
18 non-polymer 2-(2-METHOXYETHOXY)ETHANOL
19 water water
#
loop_
_entity_poly.entity_id
_entity_poly.type
_entity_poly.pdbx_seq_one_letter_code
_entity_poly.pdbx_strand_id
1 'polypeptide(L)'
;APNDRITLPPANAQRTNMTCHFCIVGCGYHVYKWPELQEGGRAPEQNALGLDFRKQLPPLAVTLTPAMTNVVTEHDGRRY
DIMVVPDKACVVNSGLSSTRGGKMASYMYTPTGDGKQRLKAPRLYAADQWVDTTWDHAMALYAGLIKKTLDKDGPQGVFF
SCFDHGGAGGGFENTWGTGKLMFSAIQTPMVRIHNRPAYNSECHATREMGIGELNNAYEDAQLADVIWSIGNNPYESQTN
YFLNHWLPNLQGATTSKKKERFPNENFPQARIIFVDPRETPSVAIARHVAGNDRVLHLAIEPGTDTALFNGLFTYVVEQG
WIDKPFIEAHTKGFDDAVKTNRLSLDECSNITGVPVDMLKRAAEWSYKPKASGQAPRTMHAYEKGIIWGNDNYVIQSALL
DLVIATHNVGRRGTGCVRMGGHQEGYTRPPYPGDKKIYIDQELIKGKGRIMTWWGCNNFQTSNNAQALREAILQRSAIVK
QAMQKARGATTEEMVDVIYEATQNGGLFVTSINLYPTKLAEAAHLMLPAAHPGEMNLTSMNGERRIRLSEKFMDPPGTAM
ADCLIAARIANALRDMYQKDGKAEMAAQFEGFDWKTEEDAFNDGFRRAGQPGAPAIDSQGGSTGHLVTYDRLRKSGNNGV
QLPVVSWDESKGLVGTEMLYTEGKFDTDDGKAHFKPAPWNGLPATVQQQKDKYRFWLNNGRNNEVWQTAYHDQYNSLMQE
RYPMAYIEMNPDDCKQLDVTGGDIVEVYNDFGSTFAMVYPVAEIKRGQTFMLFGYVNGIQGDVTTDWTDRNIIPYYKGTW
GDIRKVGSMEEFKRTVSFKSRRFA
;
A,C,E,G
2 'polypeptide(L)'
;AGRTTLQYPATQVSVAKNLKANEPVSFTYPDTSSPCVAVKLGSPVPGGVGPNNDIVAYSVLCTHMGFPTSYDKSSKTFKC
PGHFTEFDAEKAGQMICGQATENLPRVLLRYDEASDALTAVGVDGLIYGRQANVI
;
B,D,F,H
#
loop_
_chem_comp.id
_chem_comp.type
_chem_comp.name
_chem_comp.formula
1PE non-polymer 'PENTAETHYLENE GLYCOL' 'C10 H22 O6'
4MO non-polymer 'MOLYBDENUM(IV) ION' 'Mo 4'
EDO non-polymer 1,2-ETHANEDIOL 'C2 H6 O2'
F3S non-polymer 'FE3-S4 CLUSTER' 'Fe3 S4'
FES non-polymer 'FE2/S2 (INORGANIC) CLUSTER' 'Fe2 S2'
GOL non-polymer GLYCEROL 'C3 H8 O3'
MGD non-polymer '2-AMINO-5,6-DIMERCAPTO-7-METHYL-3,7,8A,9-TETRAHYDRO-8-OXA-1,3,9,10-TETRAAZA-ANTHRACEN-4-ONE GUANOSINE DINUCLEOTIDE' 'C20 H26 N10 O13 P2 S2'
MO non-polymer 'MOLYBDENUM ATOM' Mo
NA non-polymer 'SODIUM ION' 'Na 1'
O non-polymer 'OXYGEN ATOM' O
P33 non-polymer 3,6,9,12,15,18-HEXAOXAICOSANE-1,20-DIOL 'C14 H30 O8'
P4G non-polymer 1-ETHOXY-2-(2-ETHOXYETHOXY)ETHANE 'C8 H18 O3'
PEG non-polymer DI(HYDROXYETHYL)ETHER 'C4 H10 O3'
PG0 non-polymer 2-(2-METHOXYETHOXY)ETHANOL 'C5 H12 O3'
PGE non-polymer 'TRIETHYLENE GLYCOL' 'C6 H14 O4'
SBO non-polymer TRIHYDROXYANTIMONITE(III) 'H3 O3 Sb'
#
# COMPACT_ATOMS: atom_id res chain seq x y z
N ALA A 1 -9.23 37.86 -34.97
CA ALA A 1 -10.58 38.42 -34.79
C ALA A 1 -11.30 38.24 -36.11
N PRO A 2 -12.00 39.23 -36.74
CA PRO A 2 -12.47 39.05 -38.13
C PRO A 2 -11.28 38.85 -39.07
N ASN A 3 -11.39 37.87 -39.99
CA ASN A 3 -10.26 37.43 -40.79
C ASN A 3 -10.39 37.99 -42.21
N ASP A 4 -11.27 38.96 -42.44
CA ASP A 4 -11.61 39.37 -43.81
C ASP A 4 -11.52 40.87 -44.02
N ARG A 5 -10.84 41.58 -43.12
CA ARG A 5 -10.54 42.98 -43.36
C ARG A 5 -9.37 43.38 -42.47
N ILE A 6 -8.79 44.55 -42.75
CA ILE A 6 -7.79 45.10 -41.84
C ILE A 6 -8.06 46.60 -41.67
N THR A 7 -7.55 47.16 -40.58
CA THR A 7 -7.66 48.58 -40.27
C THR A 7 -6.46 49.27 -40.91
N LEU A 8 -6.67 50.18 -41.86
CA LEU A 8 -5.58 50.93 -42.48
C LEU A 8 -5.01 51.99 -41.53
N PRO A 9 -3.70 52.21 -41.60
CA PRO A 9 -3.09 53.32 -40.87
C PRO A 9 -3.55 54.68 -41.42
N PRO A 10 -3.93 55.59 -40.55
CA PRO A 10 -4.26 56.96 -40.96
C PRO A 10 -3.10 57.63 -41.68
N ALA A 11 -3.42 58.58 -42.57
CA ALA A 11 -2.42 59.33 -43.26
C ALA A 11 -1.38 59.88 -42.28
N ASN A 12 -1.83 60.37 -41.12
CA ASN A 12 -0.92 61.01 -40.15
C ASN A 12 -0.40 60.05 -39.09
N ALA A 13 -0.57 58.72 -39.22
CA ALA A 13 -0.06 57.74 -38.27
C ALA A 13 1.43 57.91 -38.00
N GLN A 14 1.85 57.69 -36.74
CA GLN A 14 3.26 57.69 -36.40
C GLN A 14 3.92 56.54 -37.13
N ARG A 15 5.16 56.71 -37.61
CA ARG A 15 5.93 55.73 -38.33
C ARG A 15 7.35 55.69 -37.77
N THR A 16 7.81 54.50 -37.37
CA THR A 16 9.17 54.32 -36.88
C THR A 16 9.87 53.23 -37.69
N ASN A 17 11.19 53.23 -37.59
CA ASN A 17 12.00 52.24 -38.29
C ASN A 17 12.25 51.03 -37.42
N MET A 18 12.19 49.85 -38.05
CA MET A 18 12.53 48.61 -37.36
C MET A 18 13.24 47.66 -38.32
N THR A 19 14.38 47.13 -37.90
CA THR A 19 15.03 46.05 -38.59
C THR A 19 14.36 44.78 -38.12
N CYS A 20 14.18 43.82 -39.04
CA CYS A 20 13.64 42.53 -38.67
C CYS A 20 14.37 42.00 -37.43
N HIS A 21 13.59 41.41 -36.54
CA HIS A 21 14.10 40.81 -35.33
C HIS A 21 15.06 39.63 -35.57
N PHE A 22 14.94 38.92 -36.70
CA PHE A 22 15.38 37.54 -36.82
C PHE A 22 16.71 37.43 -37.60
N CYS A 23 16.68 37.00 -38.87
CA CYS A 23 17.86 36.48 -39.52
C CYS A 23 18.86 37.58 -39.92
N ILE A 24 20.07 37.13 -40.22
CA ILE A 24 21.20 37.97 -40.64
C ILE A 24 20.85 39.07 -41.66
N VAL A 25 19.98 38.76 -42.61
CA VAL A 25 19.78 39.71 -43.70
C VAL A 25 19.38 41.10 -43.19
N GLY A 26 18.55 41.18 -42.10
CA GLY A 26 18.23 42.45 -41.47
C GLY A 26 17.39 43.36 -42.37
N CYS A 27 16.37 42.81 -43.03
CA CYS A 27 15.41 43.56 -43.83
C CYS A 27 14.81 44.71 -43.03
N GLY A 28 14.57 45.78 -43.75
CA GLY A 28 13.99 46.97 -43.17
C GLY A 28 12.48 46.95 -43.17
N TYR A 29 11.95 47.42 -42.05
CA TYR A 29 10.52 47.54 -41.84
C TYR A 29 10.19 48.91 -41.28
N HIS A 30 8.92 49.28 -41.48
CA HIS A 30 8.26 50.40 -40.84
C HIS A 30 7.20 49.87 -39.88
N VAL A 31 7.09 50.54 -38.72
CA VAL A 31 6.04 50.31 -37.74
C VAL A 31 5.13 51.53 -37.71
N TYR A 32 3.87 51.33 -38.15
CA TYR A 32 2.81 52.31 -38.03
C TYR A 32 2.03 52.03 -36.74
N LYS A 33 1.81 53.10 -35.97
CA LYS A 33 1.18 53.03 -34.66
C LYS A 33 0.18 54.18 -34.60
N TRP A 34 -1.03 53.85 -34.20
CA TRP A 34 -2.08 54.86 -34.13
C TRP A 34 -3.15 54.41 -33.16
N PRO A 35 -3.93 55.35 -32.58
CA PRO A 35 -4.98 54.95 -31.65
C PRO A 35 -5.96 53.95 -32.27
N GLU A 36 -6.36 53.01 -31.41
CA GLU A 36 -7.20 51.88 -31.78
C GLU A 36 -8.47 52.31 -32.49
N LEU A 37 -9.05 53.45 -32.14
N LEU A 37 -9.02 53.48 -32.10
CA LEU A 37 -10.36 53.79 -32.69
CA LEU A 37 -10.32 53.97 -32.56
C LEU A 37 -10.22 54.75 -33.87
C LEU A 37 -10.21 54.76 -33.86
N GLN A 38 -9.00 54.94 -34.43
CA GLN A 38 -8.85 55.67 -35.68
C GLN A 38 -8.54 54.66 -36.80
N GLU A 39 -8.73 55.12 -38.02
CA GLU A 39 -8.25 54.38 -39.17
C GLU A 39 -8.10 55.30 -40.37
N GLY A 40 -7.33 54.81 -41.34
CA GLY A 40 -7.11 55.50 -42.59
C GLY A 40 -8.25 55.20 -43.54
N GLY A 41 -8.35 56.05 -44.58
CA GLY A 41 -9.27 55.82 -45.69
C GLY A 41 -8.63 55.04 -46.82
N ARG A 42 -9.48 54.45 -47.71
CA ARG A 42 -8.98 53.62 -48.78
C ARG A 42 -8.29 54.46 -49.85
N ALA A 43 -8.67 55.75 -50.03
CA ALA A 43 -8.02 56.58 -51.01
C ALA A 43 -6.54 56.69 -50.64
N PRO A 44 -5.63 56.71 -51.63
CA PRO A 44 -4.21 56.54 -51.34
C PRO A 44 -3.62 57.67 -50.49
N GLU A 45 -4.19 58.89 -50.65
CA GLU A 45 -3.64 60.01 -49.89
C GLU A 45 -4.28 60.04 -48.49
N GLN A 46 -5.24 59.15 -48.19
CA GLN A 46 -5.90 59.13 -46.87
C GLN A 46 -5.44 57.96 -46.00
N ASN A 47 -4.40 57.24 -46.40
CA ASN A 47 -3.75 56.27 -45.54
C ASN A 47 -2.25 56.43 -45.59
N ALA A 48 -1.56 55.95 -44.54
CA ALA A 48 -0.13 56.13 -44.40
C ALA A 48 0.64 55.28 -45.41
N LEU A 49 0.01 54.24 -46.03
CA LEU A 49 0.75 53.40 -46.99
C LEU A 49 0.85 54.07 -48.34
N GLY A 50 0.02 55.09 -48.59
CA GLY A 50 -0.08 55.70 -49.91
C GLY A 50 -0.54 54.71 -50.94
N LEU A 51 -1.42 53.76 -50.59
CA LEU A 51 -1.89 52.79 -51.59
C LEU A 51 -3.38 52.94 -51.82
N ASP A 52 -3.83 52.59 -53.02
CA ASP A 52 -5.22 52.80 -53.42
C ASP A 52 -6.08 51.54 -53.18
N PHE A 53 -6.78 51.52 -52.06
CA PHE A 53 -7.56 50.37 -51.65
C PHE A 53 -9.01 50.51 -52.09
N ARG A 54 -9.25 51.40 -53.04
CA ARG A 54 -10.56 51.55 -53.63
C ARG A 54 -10.80 50.52 -54.74
N LYS A 55 -9.77 49.84 -55.17
CA LYS A 55 -9.89 48.74 -56.12
C LYS A 55 -8.73 47.79 -55.91
N GLN A 56 -8.86 46.62 -56.54
CA GLN A 56 -7.85 45.60 -56.33
C GLN A 56 -6.43 46.12 -56.61
N LEU A 57 -5.48 45.77 -55.72
CA LEU A 57 -4.12 46.13 -55.97
C LEU A 57 -3.47 45.05 -56.87
N PRO A 58 -2.52 45.52 -57.69
CA PRO A 58 -1.72 44.63 -58.53
C PRO A 58 -0.67 43.84 -57.75
N PRO A 59 -0.02 42.80 -58.35
CA PRO A 59 1.02 42.04 -57.66
C PRO A 59 2.22 42.95 -57.34
N LEU A 60 2.84 42.73 -56.21
CA LEU A 60 4.04 43.44 -55.76
C LEU A 60 3.73 44.81 -55.17
N ALA A 61 2.48 45.25 -55.16
CA ALA A 61 2.18 46.57 -54.67
C ALA A 61 2.33 46.65 -53.15
N VAL A 62 2.14 45.52 -52.46
CA VAL A 62 2.15 45.59 -50.99
C VAL A 62 2.45 44.21 -50.44
N THR A 63 2.91 44.18 -49.18
CA THR A 63 2.90 42.97 -48.39
C THR A 63 2.11 43.35 -47.15
N LEU A 64 0.89 42.83 -47.05
CA LEU A 64 0.01 43.15 -45.96
C LEU A 64 -0.98 42.03 -45.70
N THR A 65 -0.93 41.50 -44.47
CA THR A 65 -1.85 40.47 -44.00
C THR A 65 -2.19 40.78 -42.56
N PRO A 66 -3.26 40.16 -42.03
CA PRO A 66 -3.58 40.31 -40.61
C PRO A 66 -2.45 39.93 -39.67
N ALA A 67 -1.59 39.00 -40.08
CA ALA A 67 -0.48 38.61 -39.24
C ALA A 67 0.52 39.79 -39.06
N MET A 68 0.44 40.79 -39.95
CA MET A 68 1.32 41.96 -39.94
C MET A 68 0.70 43.13 -39.15
N THR A 69 -0.42 42.82 -38.45
CA THR A 69 -1.12 43.82 -37.65
C THR A 69 -1.28 43.35 -36.21
N ASN A 70 -1.51 44.31 -35.32
CA ASN A 70 -1.84 43.97 -33.94
C ASN A 70 -2.44 45.19 -33.25
N VAL A 71 -2.90 44.95 -32.03
CA VAL A 71 -3.36 45.98 -31.14
C VAL A 71 -2.63 45.80 -29.84
N VAL A 72 -1.76 46.79 -29.49
CA VAL A 72 -1.02 46.73 -28.23
C VAL A 72 -1.75 47.53 -27.14
N THR A 73 -1.47 47.15 -25.90
CA THR A 73 -2.01 47.86 -24.74
C THR A 73 -0.81 48.35 -23.94
N GLU A 74 -0.67 49.65 -23.84
CA GLU A 74 0.52 50.24 -23.26
C GLU A 74 0.37 50.32 -21.75
N HIS A 75 1.45 50.77 -21.12
CA HIS A 75 1.48 50.85 -19.67
C HIS A 75 0.48 51.83 -19.11
N ASP A 76 0.12 52.87 -19.89
CA ASP A 76 -0.97 53.78 -19.55
C ASP A 76 -2.39 53.23 -19.77
N GLY A 77 -2.52 51.97 -20.17
CA GLY A 77 -3.77 51.31 -20.44
C GLY A 77 -4.33 51.59 -21.85
N ARG A 78 -3.78 52.54 -22.61
CA ARG A 78 -4.40 52.84 -23.91
C ARG A 78 -3.94 51.87 -25.00
N ARG A 79 -4.87 51.61 -25.91
CA ARG A 79 -4.77 50.62 -26.95
C ARG A 79 -4.41 51.32 -28.29
N TYR A 80 -3.44 50.74 -29.03
CA TYR A 80 -2.99 51.28 -30.30
C TYR A 80 -2.87 50.17 -31.34
N ASP A 81 -3.38 50.45 -32.52
CA ASP A 81 -3.13 49.62 -33.68
C ASP A 81 -1.64 49.73 -34.01
N ILE A 82 -1.03 48.59 -34.38
CA ILE A 82 0.26 48.63 -35.02
C ILE A 82 0.17 47.84 -36.33
N MET A 83 1.08 48.17 -37.28
CA MET A 83 1.20 47.52 -38.54
C MET A 83 2.68 47.55 -38.83
N VAL A 84 3.27 46.36 -39.04
CA VAL A 84 4.71 46.23 -39.23
C VAL A 84 4.99 45.65 -40.61
N VAL A 85 5.44 46.50 -41.53
CA VAL A 85 5.45 46.09 -42.94
C VAL A 85 6.79 46.44 -43.53
N PRO A 86 7.23 45.73 -44.59
CA PRO A 86 8.56 45.97 -45.15
C PRO A 86 8.65 47.30 -45.89
N ASP A 87 9.81 47.93 -45.79
CA ASP A 87 10.15 49.20 -46.37
C ASP A 87 10.56 48.98 -47.83
N LYS A 88 9.73 49.48 -48.75
CA LYS A 88 10.03 49.38 -50.18
C LYS A 88 11.34 50.06 -50.59
N ALA A 89 11.79 51.04 -49.83
CA ALA A 89 12.97 51.80 -50.24
C ALA A 89 14.24 51.34 -49.53
N CYS A 90 14.15 50.32 -48.67
CA CYS A 90 15.36 49.78 -48.05
C CYS A 90 16.10 48.93 -49.07
N VAL A 91 17.39 49.23 -49.22
CA VAL A 91 18.24 48.52 -50.19
C VAL A 91 18.35 47.05 -49.89
N VAL A 92 18.22 46.64 -48.66
CA VAL A 92 18.51 45.25 -48.32
C VAL A 92 17.45 44.35 -48.97
N ASN A 93 16.18 44.71 -48.77
CA ASN A 93 15.05 43.87 -49.08
C ASN A 93 14.14 44.47 -50.13
N SER A 94 14.25 45.76 -50.46
CA SER A 94 13.38 46.37 -51.48
C SER A 94 11.93 46.02 -51.30
N GLY A 95 11.43 46.11 -50.07
CA GLY A 95 10.04 45.83 -49.75
C GLY A 95 9.65 44.34 -49.60
N LEU A 96 10.61 43.40 -49.69
CA LEU A 96 10.39 42.01 -49.35
C LEU A 96 10.25 41.77 -47.86
N SER A 97 9.41 40.80 -47.52
CA SER A 97 9.25 40.30 -46.16
C SER A 97 9.31 38.78 -46.20
N SER A 98 10.18 38.15 -45.39
CA SER A 98 10.09 36.71 -45.25
C SER A 98 8.86 36.35 -44.38
N THR A 99 8.53 35.07 -44.39
CA THR A 99 7.43 34.56 -43.60
C THR A 99 7.74 34.73 -42.11
N ARG A 100 9.03 34.81 -41.77
CA ARG A 100 9.48 34.99 -40.38
C ARG A 100 9.33 36.44 -39.93
N GLY A 101 9.98 37.37 -40.64
CA GLY A 101 9.82 38.81 -40.36
C GLY A 101 8.40 39.32 -40.49
N GLY A 102 7.66 38.70 -41.42
CA GLY A 102 6.28 39.06 -41.65
C GLY A 102 5.40 38.89 -40.42
N LYS A 103 5.78 38.02 -39.51
CA LYS A 103 4.98 37.79 -38.32
C LYS A 103 5.33 38.73 -37.16
N MET A 104 6.26 39.67 -37.35
CA MET A 104 6.69 40.48 -36.21
C MET A 104 5.50 41.13 -35.50
N ALA A 105 4.56 41.73 -36.21
CA ALA A 105 3.45 42.32 -35.53
C ALA A 105 2.77 41.35 -34.56
N SER A 106 2.60 40.09 -35.01
CA SER A 106 1.87 39.08 -34.24
C SER A 106 2.71 38.69 -33.03
N TYR A 107 4.05 38.91 -33.08
CA TYR A 107 4.94 38.43 -32.05
C TYR A 107 5.36 39.61 -31.14
N MET A 108 4.87 40.82 -31.41
CA MET A 108 4.91 41.87 -30.41
C MET A 108 4.03 41.43 -29.23
N TYR A 109 4.35 41.94 -28.05
CA TYR A 109 3.66 41.59 -26.82
C TYR A 109 2.28 42.23 -26.82
N THR A 110 1.24 41.39 -26.63
CA THR A 110 -0.08 41.89 -26.28
C THR A 110 -0.63 40.95 -25.23
N PRO A 111 -1.55 41.41 -24.35
CA PRO A 111 -2.09 40.55 -23.29
C PRO A 111 -2.88 39.33 -23.77
N THR A 112 -3.37 39.30 -25.01
CA THR A 112 -4.22 38.21 -25.45
C THR A 112 -3.70 37.51 -26.71
N GLY A 113 -2.59 38.01 -27.29
CA GLY A 113 -2.03 37.53 -28.55
C GLY A 113 -1.01 36.41 -28.34
N ASP A 114 -0.20 36.19 -29.38
CA ASP A 114 0.79 35.14 -29.37
C ASP A 114 1.88 35.42 -28.31
N GLY A 115 2.02 36.68 -27.87
CA GLY A 115 2.98 37.04 -26.85
C GLY A 115 2.46 37.03 -25.43
N LYS A 116 1.28 36.44 -25.27
CA LYS A 116 0.55 36.46 -24.01
C LYS A 116 1.40 35.89 -22.87
N GLN A 117 2.30 34.93 -23.12
CA GLN A 117 2.98 34.23 -22.06
C GLN A 117 4.37 34.85 -21.80
N ARG A 118 4.60 36.04 -22.32
CA ARG A 118 5.85 36.73 -22.12
C ARG A 118 6.05 36.87 -20.61
N LEU A 119 7.32 36.77 -20.21
CA LEU A 119 7.72 37.01 -18.84
C LEU A 119 7.51 38.48 -18.51
N LYS A 120 6.79 38.74 -17.42
CA LYS A 120 6.37 40.09 -17.01
C LYS A 120 6.96 40.51 -15.67
N ALA A 121 7.50 39.55 -14.95
CA ALA A 121 8.07 39.81 -13.65
C ALA A 121 9.02 38.67 -13.34
N PRO A 122 9.94 38.87 -12.36
CA PRO A 122 10.79 37.78 -11.86
C PRO A 122 9.94 36.58 -11.42
N ARG A 123 10.36 35.36 -11.83
CA ARG A 123 9.77 34.11 -11.43
C ARG A 123 10.82 33.31 -10.63
N LEU A 124 10.33 32.76 -9.53
CA LEU A 124 11.15 32.00 -8.57
C LEU A 124 10.51 30.63 -8.42
N TYR A 125 11.33 29.60 -8.50
CA TYR A 125 10.92 28.29 -8.11
C TYR A 125 11.29 28.16 -6.62
N ALA A 126 10.30 28.43 -5.78
CA ALA A 126 10.52 28.44 -4.35
C ALA A 126 10.36 27.00 -3.84
N ALA A 127 11.34 26.17 -4.26
CA ALA A 127 11.56 24.82 -3.79
C ALA A 127 10.61 23.79 -4.41
N ASP A 128 9.30 24.10 -4.45
CA ASP A 128 8.29 23.15 -4.88
C ASP A 128 7.18 23.82 -5.70
N GLN A 129 7.38 25.07 -6.17
CA GLN A 129 6.33 25.73 -6.96
C GLN A 129 6.88 26.99 -7.56
N TRP A 130 6.36 27.32 -8.75
CA TRP A 130 6.59 28.61 -9.41
C TRP A 130 5.78 29.74 -8.76
N VAL A 131 6.46 30.82 -8.36
CA VAL A 131 5.80 32.02 -7.89
C VAL A 131 6.44 33.27 -8.51
N ASP A 132 5.74 34.42 -8.40
CA ASP A 132 6.34 35.68 -8.74
C ASP A 132 7.27 36.10 -7.58
N THR A 133 8.26 36.89 -7.88
CA THR A 133 9.04 37.57 -6.82
C THR A 133 9.41 38.97 -7.29
N THR A 134 9.92 39.81 -6.38
CA THR A 134 10.28 41.17 -6.72
C THR A 134 11.63 41.14 -7.39
N TRP A 135 11.91 42.21 -8.15
CA TRP A 135 13.22 42.46 -8.69
C TRP A 135 14.26 42.59 -7.59
N ASP A 136 13.91 43.27 -6.49
CA ASP A 136 14.84 43.47 -5.40
C ASP A 136 15.21 42.14 -4.79
N HIS A 137 14.23 41.28 -4.51
CA HIS A 137 14.51 39.98 -3.92
C HIS A 137 15.34 39.14 -4.90
N ALA A 138 14.93 39.13 -6.20
CA ALA A 138 15.64 38.37 -7.19
C ALA A 138 17.11 38.78 -7.25
N MET A 139 17.37 40.09 -7.21
CA MET A 139 18.75 40.56 -7.28
C MET A 139 19.49 40.16 -5.98
N ALA A 140 18.79 40.26 -4.82
CA ALA A 140 19.42 39.90 -3.56
C ALA A 140 19.84 38.44 -3.57
N LEU A 141 18.99 37.54 -4.15
CA LEU A 141 19.31 36.14 -4.22
C LEU A 141 20.42 35.83 -5.26
N TYR A 142 20.30 36.44 -6.44
CA TYR A 142 21.20 36.16 -7.57
C TYR A 142 22.58 36.80 -7.35
N ALA A 143 22.62 38.12 -7.13
CA ALA A 143 23.86 38.79 -6.75
C ALA A 143 24.40 38.19 -5.44
N GLY A 144 23.56 37.81 -4.48
CA GLY A 144 24.04 37.27 -3.21
C GLY A 144 24.85 35.98 -3.39
N LEU A 145 24.38 35.12 -4.27
CA LEU A 145 25.05 33.89 -4.64
C LEU A 145 26.32 34.12 -5.46
N ILE A 146 26.27 35.07 -6.38
CA ILE A 146 27.45 35.40 -7.16
C ILE A 146 28.49 35.91 -6.17
N LYS A 147 28.08 36.80 -5.26
CA LYS A 147 29.04 37.36 -4.31
C LYS A 147 29.64 36.27 -3.43
N LYS A 148 28.81 35.39 -2.91
CA LYS A 148 29.29 34.32 -2.07
C LYS A 148 30.25 33.42 -2.87
N THR A 149 29.93 33.13 -4.14
CA THR A 149 30.79 32.31 -4.99
C THR A 149 32.14 33.01 -5.22
N LEU A 150 32.09 34.31 -5.56
CA LEU A 150 33.30 35.08 -5.76
C LEU A 150 34.16 35.03 -4.50
N ASP A 151 33.52 35.23 -3.35
CA ASP A 151 34.22 35.32 -2.08
C ASP A 151 34.89 34.01 -1.71
N LYS A 152 34.30 32.86 -2.04
CA LYS A 152 34.81 31.57 -1.59
C LYS A 152 35.49 30.76 -2.71
N ASP A 153 35.00 30.85 -3.94
CA ASP A 153 35.54 30.05 -5.03
C ASP A 153 36.24 30.91 -6.07
N GLY A 154 35.99 32.21 -6.07
CA GLY A 154 36.42 33.07 -7.16
C GLY A 154 35.50 32.95 -8.38
N PRO A 155 35.83 33.68 -9.45
CA PRO A 155 34.98 33.72 -10.66
C PRO A 155 34.70 32.39 -11.32
N GLN A 156 35.63 31.43 -11.14
CA GLN A 156 35.54 30.12 -11.77
C GLN A 156 34.25 29.39 -11.34
N GLY A 157 33.58 29.88 -10.28
CA GLY A 157 32.37 29.23 -9.79
C GLY A 157 31.06 29.78 -10.45
N VAL A 158 31.16 30.86 -11.23
CA VAL A 158 30.03 31.54 -11.82
C VAL A 158 30.05 31.31 -13.33
N PHE A 159 29.02 30.63 -13.85
CA PHE A 159 28.95 30.21 -15.25
C PHE A 159 27.85 30.94 -16.00
N PHE A 160 28.10 31.15 -17.29
CA PHE A 160 27.10 31.75 -18.16
C PHE A 160 27.13 30.99 -19.49
N SER A 161 25.95 30.87 -20.09
CA SER A 161 25.84 30.75 -21.54
C SER A 161 25.04 31.97 -22.04
N CYS A 162 25.62 32.80 -22.89
CA CYS A 162 25.01 34.07 -23.26
C CYS A 162 25.08 34.26 -24.75
N PHE A 163 24.05 34.90 -25.32
CA PHE A 163 24.07 35.37 -26.71
C PHE A 163 25.37 36.16 -26.93
N ASP A 164 25.91 36.09 -28.15
CA ASP A 164 26.92 37.06 -28.60
C ASP A 164 26.50 37.76 -29.91
N HIS A 165 25.23 37.60 -30.28
CA HIS A 165 24.77 37.94 -31.63
C HIS A 165 24.12 39.31 -31.64
N GLY A 166 23.61 39.64 -32.84
CA GLY A 166 22.83 40.86 -33.04
C GLY A 166 21.30 40.61 -33.10
N GLY A 167 20.58 41.61 -33.59
CA GLY A 167 19.13 41.57 -33.63
C GLY A 167 18.50 41.39 -32.25
N ALA A 168 17.27 40.87 -32.25
CA ALA A 168 16.52 40.68 -31.03
C ALA A 168 17.22 39.63 -30.20
N GLY A 169 17.32 39.94 -28.91
CA GLY A 169 18.06 39.13 -27.97
C GLY A 169 19.58 39.23 -28.20
N GLY A 170 20.01 40.37 -28.76
CA GLY A 170 21.40 40.69 -28.92
C GLY A 170 21.62 42.15 -29.24
N GLY A 171 22.69 42.44 -30.01
CA GLY A 171 22.97 43.78 -30.47
C GLY A 171 23.97 44.54 -29.61
N PHE A 172 24.39 45.69 -30.12
CA PHE A 172 25.61 46.34 -29.59
C PHE A 172 25.43 46.78 -28.13
N GLU A 173 24.25 47.28 -27.75
CA GLU A 173 23.98 47.68 -26.37
C GLU A 173 24.06 46.44 -25.48
N ASN A 174 23.39 45.36 -25.91
CA ASN A 174 23.19 44.17 -25.11
C ASN A 174 24.46 43.33 -24.99
N THR A 175 25.25 43.17 -26.07
CA THR A 175 26.45 42.38 -26.01
C THR A 175 27.46 43.13 -25.11
N TRP A 176 27.48 44.48 -25.12
CA TRP A 176 28.39 45.26 -24.31
C TRP A 176 27.98 45.09 -22.84
N GLY A 177 26.68 45.24 -22.55
CA GLY A 177 26.23 45.20 -21.17
C GLY A 177 26.61 43.88 -20.53
N THR A 178 26.29 42.77 -21.24
CA THR A 178 26.54 41.43 -20.74
C THR A 178 28.07 41.20 -20.68
N GLY A 179 28.81 41.63 -21.71
CA GLY A 179 30.24 41.35 -21.73
C GLY A 179 31.02 42.11 -20.62
N LYS A 180 30.59 43.35 -20.36
CA LYS A 180 31.16 44.17 -19.32
C LYS A 180 30.90 43.51 -17.96
N LEU A 181 29.64 43.02 -17.76
CA LEU A 181 29.27 42.38 -16.53
C LEU A 181 30.08 41.08 -16.31
N MET A 182 30.15 40.23 -17.33
CA MET A 182 30.76 38.91 -17.19
C MET A 182 32.29 39.02 -17.12
N PHE A 183 32.83 39.86 -17.98
CA PHE A 183 34.28 39.86 -18.22
C PHE A 183 35.02 40.94 -17.40
N SER A 184 34.47 42.17 -17.26
CA SER A 184 35.20 43.23 -16.63
C SER A 184 34.84 43.27 -15.15
N ALA A 185 33.61 42.93 -14.77
CA ALA A 185 33.15 43.11 -13.41
C ALA A 185 33.27 41.82 -12.60
N ILE A 186 32.50 40.79 -12.94
CA ILE A 186 32.59 39.48 -12.32
C ILE A 186 33.96 38.88 -12.64
N GLN A 187 34.40 39.07 -13.89
CA GLN A 187 35.66 38.53 -14.43
C GLN A 187 35.66 37.01 -14.43
N THR A 188 34.55 36.39 -14.89
CA THR A 188 34.55 34.95 -15.04
C THR A 188 34.98 34.59 -16.46
N PRO A 189 35.85 33.56 -16.56
CA PRO A 189 36.12 32.87 -17.82
C PRO A 189 35.15 31.71 -18.12
N MET A 190 34.20 31.44 -17.21
CA MET A 190 33.34 30.28 -17.36
C MET A 190 32.13 30.68 -18.19
N VAL A 191 32.38 30.99 -19.46
CA VAL A 191 31.38 31.60 -20.32
C VAL A 191 31.40 30.88 -21.65
N ARG A 192 30.23 30.39 -22.04
CA ARG A 192 30.07 29.96 -23.41
C ARG A 192 29.07 30.87 -24.14
N ILE A 193 28.86 30.52 -25.42
CA ILE A 193 28.13 31.35 -26.36
C ILE A 193 26.82 30.58 -26.69
N HIS A 194 25.81 31.31 -27.16
CA HIS A 194 24.47 30.72 -27.37
C HIS A 194 24.50 29.48 -28.25
N ASN A 195 25.40 29.44 -29.26
CA ASN A 195 25.39 28.35 -30.26
C ASN A 195 26.62 27.43 -30.20
N ARG A 196 27.51 27.63 -29.21
CA ARG A 196 28.75 26.86 -29.17
C ARG A 196 29.33 26.87 -27.75
N PRO A 197 29.85 25.69 -27.29
CA PRO A 197 30.05 25.46 -25.87
C PRO A 197 31.36 25.95 -25.24
N ALA A 198 31.92 26.98 -25.84
CA ALA A 198 33.13 27.63 -25.29
C ALA A 198 33.13 29.07 -25.78
N TYR A 199 34.08 29.89 -25.30
CA TYR A 199 34.23 31.25 -25.74
C TYR A 199 35.24 31.27 -26.89
N ASN A 200 34.71 31.14 -28.08
CA ASN A 200 35.49 30.93 -29.29
C ASN A 200 34.79 31.66 -30.45
N SER A 201 35.29 31.40 -31.65
CA SER A 201 34.78 31.94 -32.88
C SER A 201 34.40 30.81 -33.84
N GLU A 202 33.41 31.10 -34.73
CA GLU A 202 33.07 30.19 -35.81
C GLU A 202 34.09 30.27 -36.94
N CYS A 203 34.95 31.31 -36.91
CA CYS A 203 35.76 31.67 -38.04
C CYS A 203 37.22 31.91 -37.63
N HIS A 204 37.79 31.05 -36.78
CA HIS A 204 39.17 31.16 -36.39
C HIS A 204 40.12 31.12 -37.59
N ALA A 205 39.96 30.12 -38.46
CA ALA A 205 40.89 29.94 -39.58
C ALA A 205 40.88 31.14 -40.54
N THR A 206 39.69 31.52 -41.07
CA THR A 206 39.62 32.63 -42.04
C THR A 206 40.15 33.90 -41.35
N ARG A 207 39.86 34.07 -40.07
CA ARG A 207 40.37 35.28 -39.42
C ARG A 207 41.90 35.27 -39.33
N GLU A 208 42.45 34.12 -38.91
CA GLU A 208 43.88 33.96 -38.74
C GLU A 208 44.54 34.07 -40.12
N MET A 209 43.83 33.76 -41.21
CA MET A 209 44.44 33.85 -42.53
C MET A 209 44.44 35.29 -43.03
N GLY A 210 43.69 36.16 -42.28
CA GLY A 210 43.62 37.58 -42.52
C GLY A 210 42.31 38.08 -43.15
N ILE A 211 41.32 37.18 -43.23
CA ILE A 211 40.07 37.46 -43.93
C ILE A 211 38.89 37.30 -42.95
N GLY A 212 38.47 38.44 -42.39
CA GLY A 212 37.25 38.49 -41.61
C GLY A 212 36.06 38.04 -42.49
N GLU A 213 35.11 37.36 -41.85
CA GLU A 213 34.11 36.55 -42.54
C GLU A 213 32.99 37.39 -43.16
N LEU A 214 32.90 38.68 -42.86
CA LEU A 214 31.89 39.50 -43.52
C LEU A 214 32.62 40.57 -44.30
N ASN A 215 33.11 40.22 -45.51
CA ASN A 215 34.04 41.05 -46.22
C ASN A 215 33.46 41.69 -47.47
N ASN A 216 32.15 41.50 -47.77
CA ASN A 216 31.62 42.11 -48.99
C ASN A 216 30.32 42.86 -48.72
N ALA A 217 29.66 43.26 -49.83
CA ALA A 217 28.35 43.88 -49.81
C ALA A 217 27.34 42.88 -50.43
N TYR A 218 26.08 43.09 -50.18
CA TYR A 218 25.02 42.32 -50.85
C TYR A 218 25.03 42.61 -52.33
N GLU A 219 25.39 43.84 -52.72
CA GLU A 219 25.60 44.17 -54.13
C GLU A 219 26.60 43.23 -54.83
N ASP A 220 27.62 42.71 -54.12
CA ASP A 220 28.55 41.77 -54.72
C ASP A 220 27.84 40.52 -55.27
N ALA A 221 26.74 40.08 -54.61
CA ALA A 221 26.00 38.94 -55.11
C ALA A 221 25.34 39.28 -56.45
N GLN A 222 25.04 40.57 -56.64
CA GLN A 222 24.51 41.02 -57.92
C GLN A 222 25.53 41.10 -59.05
N LEU A 223 26.83 41.27 -58.70
CA LEU A 223 27.87 41.52 -59.68
C LEU A 223 28.62 40.21 -60.04
N ALA A 224 28.39 39.12 -59.25
CA ALA A 224 29.15 37.88 -59.45
C ALA A 224 28.85 37.19 -60.78
N ASP A 225 29.84 36.48 -61.33
CA ASP A 225 29.60 35.52 -62.40
C ASP A 225 29.05 34.20 -61.86
N VAL A 226 29.57 33.78 -60.73
CA VAL A 226 29.28 32.50 -60.14
C VAL A 226 29.11 32.73 -58.65
N ILE A 227 28.06 32.16 -58.06
CA ILE A 227 27.93 32.11 -56.61
C ILE A 227 28.02 30.65 -56.16
N TRP A 228 28.90 30.39 -55.19
CA TRP A 228 28.94 29.14 -54.44
C TRP A 228 28.14 29.34 -53.16
N SER A 229 27.30 28.38 -52.86
CA SER A 229 26.60 28.27 -51.60
C SER A 229 27.04 26.97 -50.96
N ILE A 230 27.88 27.09 -49.93
CA ILE A 230 28.55 25.96 -49.30
C ILE A 230 28.00 25.72 -47.90
N GLY A 231 27.43 24.55 -47.65
CA GLY A 231 26.87 24.27 -46.33
C GLY A 231 25.76 25.26 -45.94
N ASN A 232 24.81 25.45 -46.87
CA ASN A 232 23.98 26.63 -46.85
C ASN A 232 22.68 26.38 -47.63
N ASN A 233 21.53 26.74 -47.01
CA ASN A 233 20.23 26.58 -47.63
C ASN A 233 19.51 27.96 -47.71
N PRO A 234 20.06 28.90 -48.54
CA PRO A 234 19.73 30.34 -48.40
C PRO A 234 18.30 30.77 -48.66
N TYR A 235 17.56 30.08 -49.56
CA TYR A 235 16.15 30.44 -49.71
C TYR A 235 15.43 30.35 -48.37
N GLU A 236 15.77 29.29 -47.58
CA GLU A 236 15.12 29.09 -46.30
C GLU A 236 15.78 29.90 -45.16
N SER A 237 17.10 30.09 -45.20
CA SER A 237 17.89 30.61 -44.06
C SER A 237 18.37 32.07 -44.21
N GLN A 238 18.43 32.59 -45.45
CA GLN A 238 18.76 34.00 -45.72
C GLN A 238 17.88 34.53 -46.85
N THR A 239 16.58 34.27 -46.68
CA THR A 239 15.58 34.36 -47.75
C THR A 239 15.79 35.62 -48.61
N ASN A 240 15.73 36.81 -48.03
CA ASN A 240 15.63 37.98 -48.86
C ASN A 240 16.99 38.41 -49.44
N TYR A 241 18.12 37.90 -48.93
CA TYR A 241 19.39 38.05 -49.63
C TYR A 241 19.31 37.25 -50.93
N PHE A 242 18.91 36.00 -50.78
CA PHE A 242 18.70 35.13 -51.94
C PHE A 242 17.69 35.75 -52.91
N LEU A 243 16.52 36.20 -52.47
CA LEU A 243 15.46 36.65 -53.33
C LEU A 243 15.75 37.99 -53.99
N ASN A 244 16.36 38.92 -53.28
CA ASN A 244 16.44 40.30 -53.75
C ASN A 244 17.81 40.56 -54.42
N HIS A 245 18.80 39.67 -54.22
CA HIS A 245 20.15 39.92 -54.73
C HIS A 245 20.57 38.76 -55.63
N TRP A 246 20.47 37.53 -55.15
CA TRP A 246 21.01 36.39 -55.91
C TRP A 246 20.17 36.11 -57.15
N LEU A 247 18.87 36.03 -56.94
CA LEU A 247 18.00 35.63 -58.03
C LEU A 247 18.04 36.66 -59.16
N PRO A 248 18.02 38.01 -58.88
CA PRO A 248 18.06 38.98 -59.96
C PRO A 248 19.29 38.79 -60.85
N ASN A 249 20.40 38.33 -60.23
CA ASN A 249 21.62 38.04 -60.96
C ASN A 249 21.35 36.85 -61.88
N LEU A 250 20.93 35.73 -61.30
CA LEU A 250 20.62 34.55 -62.11
C LEU A 250 19.63 34.86 -63.24
N GLN A 251 18.68 35.76 -63.02
CA GLN A 251 17.67 36.10 -64.02
C GLN A 251 18.17 37.04 -65.12
N GLY A 252 19.37 37.65 -64.99
CA GLY A 252 19.91 38.55 -65.97
C GLY A 252 19.56 40.01 -65.69
N ALA A 253 18.93 40.33 -64.56
CA ALA A 253 18.49 41.67 -64.35
C ALA A 253 19.66 42.58 -63.90
N THR A 254 20.82 42.00 -63.55
CA THR A 254 21.97 42.79 -63.13
C THR A 254 23.03 42.91 -64.23
N THR A 255 22.79 42.36 -65.42
CA THR A 255 23.84 42.28 -66.44
C THR A 255 24.32 43.66 -66.86
N SER A 256 23.38 44.59 -67.05
CA SER A 256 23.67 45.97 -67.40
C SER A 256 24.65 46.56 -66.40
N LYS A 257 24.42 46.34 -65.12
CA LYS A 257 25.20 47.01 -64.11
C LYS A 257 26.64 46.47 -64.12
N LYS A 258 26.84 45.14 -64.26
CA LYS A 258 28.17 44.57 -64.40
C LYS A 258 28.91 45.24 -65.57
N LYS A 259 28.24 45.33 -66.71
CA LYS A 259 28.86 45.82 -67.92
C LYS A 259 29.14 47.31 -67.85
N GLU A 260 28.35 48.06 -67.10
CA GLU A 260 28.63 49.46 -66.87
C GLU A 260 29.88 49.65 -66.01
N ARG A 261 30.05 48.82 -64.99
CA ARG A 261 31.22 48.94 -64.14
C ARG A 261 32.50 48.44 -64.81
N PHE A 262 32.37 47.42 -65.68
CA PHE A 262 33.51 46.74 -66.30
C PHE A 262 33.30 46.68 -67.82
N PRO A 263 33.62 47.79 -68.52
CA PRO A 263 33.37 47.89 -69.95
C PRO A 263 34.00 46.84 -70.85
N ASN A 264 35.13 46.28 -70.41
CA ASN A 264 35.92 45.41 -71.26
C ASN A 264 36.01 44.01 -70.69
N GLU A 265 34.92 43.58 -70.05
CA GLU A 265 34.84 42.28 -69.43
C GLU A 265 33.55 41.56 -69.87
N ASN A 266 33.70 40.33 -70.38
CA ASN A 266 32.59 39.44 -70.66
C ASN A 266 31.89 39.04 -69.38
N PHE A 267 30.58 39.03 -69.42
CA PHE A 267 29.76 38.58 -68.32
C PHE A 267 28.81 37.52 -68.86
N PRO A 268 29.11 36.22 -68.75
CA PRO A 268 28.18 35.19 -69.20
C PRO A 268 26.98 35.19 -68.24
N GLN A 269 25.94 34.44 -68.63
CA GLN A 269 24.87 34.18 -67.70
C GLN A 269 25.42 33.66 -66.39
N ALA A 270 24.89 34.20 -65.28
CA ALA A 270 25.39 33.78 -64.00
C ALA A 270 25.03 32.33 -63.70
N ARG A 271 25.88 31.69 -62.90
CA ARG A 271 25.63 30.33 -62.50
C ARG A 271 25.82 30.19 -60.99
N ILE A 272 25.34 29.06 -60.45
CA ILE A 272 25.30 28.83 -59.03
C ILE A 272 25.70 27.39 -58.73
N ILE A 273 26.55 27.21 -57.70
CA ILE A 273 27.03 25.91 -57.29
C ILE A 273 26.73 25.73 -55.82
N PHE A 274 26.09 24.62 -55.48
CA PHE A 274 25.78 24.29 -54.09
C PHE A 274 26.60 23.10 -53.65
N VAL A 275 27.30 23.23 -52.55
CA VAL A 275 27.96 22.10 -51.91
C VAL A 275 27.17 21.76 -50.65
N ASP A 276 26.38 20.71 -50.81
CA ASP A 276 25.44 20.29 -49.80
C ASP A 276 25.14 18.83 -50.04
N PRO A 277 25.35 17.95 -49.04
CA PRO A 277 24.95 16.55 -49.17
C PRO A 277 23.49 16.39 -49.59
N ARG A 278 22.62 17.33 -49.19
CA ARG A 278 21.19 17.22 -49.35
C ARG A 278 20.72 18.13 -50.47
N GLU A 279 19.73 17.62 -51.24
CA GLU A 279 19.05 18.41 -52.25
C GLU A 279 17.96 19.22 -51.56
N THR A 280 18.18 20.53 -51.45
CA THR A 280 17.34 21.43 -50.68
C THR A 280 16.38 22.22 -51.55
N PRO A 281 15.38 22.87 -50.90
CA PRO A 281 14.56 23.86 -51.59
C PRO A 281 15.38 24.90 -52.33
N SER A 282 16.58 25.31 -51.80
CA SER A 282 17.40 26.30 -52.48
C SER A 282 17.87 25.75 -53.85
N VAL A 283 18.32 24.49 -53.88
CA VAL A 283 18.74 23.87 -55.12
C VAL A 283 17.57 23.82 -56.11
N ALA A 284 16.39 23.37 -55.63
CA ALA A 284 15.24 23.25 -56.53
C ALA A 284 14.86 24.63 -57.10
N ILE A 285 14.85 25.67 -56.25
CA ILE A 285 14.43 26.99 -56.70
C ILE A 285 15.45 27.56 -57.68
N ALA A 286 16.73 27.37 -57.40
CA ALA A 286 17.76 27.81 -58.34
C ALA A 286 17.54 27.16 -59.71
N ARG A 287 17.20 25.86 -59.74
CA ARG A 287 16.99 25.19 -61.03
C ARG A 287 15.73 25.70 -61.75
N HIS A 288 14.67 26.03 -61.01
CA HIS A 288 13.48 26.56 -61.63
C HIS A 288 13.79 27.92 -62.26
N VAL A 289 14.64 28.74 -61.59
CA VAL A 289 14.93 30.11 -61.99
C VAL A 289 15.90 30.10 -63.16
N ALA A 290 16.99 29.36 -63.05
CA ALA A 290 18.12 29.53 -63.95
C ALA A 290 18.20 28.40 -64.96
N GLY A 291 17.48 27.29 -64.73
CA GLY A 291 17.58 26.06 -65.51
C GLY A 291 18.63 25.11 -64.94
N ASN A 292 18.48 23.85 -65.25
CA ASN A 292 19.40 22.81 -64.77
C ASN A 292 20.83 23.09 -65.21
N ASP A 293 21.00 23.70 -66.40
CA ASP A 293 22.34 23.85 -66.98
C ASP A 293 23.21 24.89 -66.27
N ARG A 294 22.59 25.78 -65.48
CA ARG A 294 23.27 26.85 -64.79
C ARG A 294 23.36 26.61 -63.27
N VAL A 295 22.92 25.41 -62.82
CA VAL A 295 23.02 25.02 -61.43
C VAL A 295 23.86 23.76 -61.36
N LEU A 296 24.87 23.77 -60.47
CA LEU A 296 25.59 22.57 -60.12
C LEU A 296 25.37 22.25 -58.64
N HIS A 297 24.75 21.10 -58.38
CA HIS A 297 24.61 20.55 -57.05
C HIS A 297 25.69 19.51 -56.83
N LEU A 298 26.73 19.90 -56.04
CA LEU A 298 27.77 18.97 -55.63
C LEU A 298 27.29 18.34 -54.32
N ALA A 299 26.63 17.19 -54.50
CA ALA A 299 25.99 16.44 -53.45
C ALA A 299 27.07 15.57 -52.82
N ILE A 300 27.92 16.19 -52.05
CA ILE A 300 29.01 15.49 -51.42
C ILE A 300 28.52 14.56 -50.32
N GLU A 301 29.35 13.56 -50.07
CA GLU A 301 29.26 12.74 -48.90
C GLU A 301 29.38 13.63 -47.69
N PRO A 302 28.56 13.37 -46.65
CA PRO A 302 28.71 14.07 -45.39
C PRO A 302 30.15 14.19 -44.93
N GLY A 303 30.55 15.38 -44.52
CA GLY A 303 31.83 15.62 -43.86
C GLY A 303 33.01 15.69 -44.83
N THR A 304 32.78 15.70 -46.18
CA THR A 304 33.92 15.61 -47.11
C THR A 304 34.39 16.94 -47.72
N ASP A 305 33.96 18.09 -47.20
CA ASP A 305 34.25 19.41 -47.75
C ASP A 305 35.74 19.64 -47.92
N THR A 306 36.53 19.23 -46.91
CA THR A 306 37.97 19.45 -46.98
C THR A 306 38.55 18.77 -48.21
N ALA A 307 38.13 17.51 -48.47
CA ALA A 307 38.61 16.79 -49.62
C ALA A 307 38.17 17.47 -50.93
N LEU A 308 36.93 17.93 -50.99
CA LEU A 308 36.44 18.70 -52.13
C LEU A 308 37.34 19.91 -52.41
N PHE A 309 37.58 20.78 -51.42
CA PHE A 309 38.29 22.02 -51.67
C PHE A 309 39.78 21.72 -51.97
N ASN A 310 40.36 20.68 -51.37
CA ASN A 310 41.72 20.33 -51.67
C ASN A 310 41.84 19.82 -53.11
N GLY A 311 40.88 19.03 -53.58
CA GLY A 311 40.88 18.58 -54.97
C GLY A 311 40.72 19.74 -55.96
N LEU A 312 39.85 20.70 -55.63
CA LEU A 312 39.64 21.86 -56.49
C LEU A 312 40.87 22.76 -56.51
N PHE A 313 41.40 22.99 -55.33
CA PHE A 313 42.60 23.80 -55.24
C PHE A 313 43.74 23.17 -56.04
N THR A 314 43.91 21.85 -55.88
CA THR A 314 44.98 21.16 -56.57
C THR A 314 44.83 21.37 -58.08
N TYR A 315 43.62 21.18 -58.55
CA TYR A 315 43.32 21.25 -59.97
C TYR A 315 43.53 22.66 -60.54
N VAL A 316 42.99 23.73 -59.92
CA VAL A 316 43.15 25.05 -60.47
C VAL A 316 44.64 25.44 -60.48
N VAL A 317 45.40 25.01 -59.46
CA VAL A 317 46.83 25.19 -59.48
C VAL A 317 47.47 24.46 -60.68
N GLU A 318 47.20 23.16 -60.86
CA GLU A 318 47.79 22.43 -61.98
C GLU A 318 47.37 23.06 -63.31
N GLN A 319 46.13 23.59 -63.44
CA GLN A 319 45.65 24.20 -64.67
C GLN A 319 46.22 25.60 -64.89
N GLY A 320 46.80 26.21 -63.83
CA GLY A 320 47.15 27.60 -63.86
C GLY A 320 45.99 28.58 -63.79
N TRP A 321 44.82 28.15 -63.28
CA TRP A 321 43.67 29.02 -63.12
C TRP A 321 43.72 29.69 -61.76
N ILE A 322 44.85 30.38 -61.51
CA ILE A 322 45.12 31.12 -60.30
C ILE A 322 45.69 32.47 -60.70
N ASP A 323 45.79 33.38 -59.72
CA ASP A 323 46.26 34.73 -59.95
C ASP A 323 47.68 34.85 -59.37
N LYS A 324 48.68 34.57 -60.19
CA LYS A 324 50.07 34.49 -59.69
C LYS A 324 50.59 35.84 -59.21
N PRO A 325 50.31 36.97 -59.90
CA PRO A 325 50.74 38.27 -59.40
C PRO A 325 50.11 38.59 -58.03
N PHE A 326 48.83 38.25 -57.88
CA PHE A 326 48.16 38.42 -56.60
C PHE A 326 48.86 37.59 -55.53
N ILE A 327 49.10 36.32 -55.77
CA ILE A 327 49.75 35.43 -54.80
C ILE A 327 51.11 35.99 -54.41
N GLU A 328 51.85 36.42 -55.42
CA GLU A 328 53.23 36.87 -55.18
C GLU A 328 53.22 38.15 -54.35
N ALA A 329 52.32 39.10 -54.64
CA ALA A 329 52.33 40.39 -53.97
C ALA A 329 51.65 40.38 -52.58
N HIS A 330 50.67 39.51 -52.34
CA HIS A 330 49.76 39.76 -51.22
C HIS A 330 49.51 38.49 -50.39
N THR A 331 50.27 37.38 -50.61
CA THR A 331 49.98 36.16 -49.88
C THR A 331 51.27 35.51 -49.37
N LYS A 332 51.13 34.63 -48.40
CA LYS A 332 52.23 33.91 -47.82
C LYS A 332 51.77 32.50 -47.59
N GLY A 333 52.61 31.55 -47.97
CA GLY A 333 52.41 30.14 -47.69
C GLY A 333 51.88 29.33 -48.88
N PHE A 334 51.82 29.93 -50.08
CA PHE A 334 51.15 29.23 -51.16
C PHE A 334 51.82 27.86 -51.47
N ASP A 335 53.17 27.90 -51.64
CA ASP A 335 53.93 26.76 -52.11
C ASP A 335 53.77 25.61 -51.15
N ASP A 336 53.73 25.93 -49.85
CA ASP A 336 53.52 24.92 -48.82
C ASP A 336 52.12 24.29 -48.90
N ALA A 337 51.09 25.12 -49.19
CA ALA A 337 49.73 24.60 -49.24
C ALA A 337 49.51 23.70 -50.46
N VAL A 338 50.18 24.04 -51.56
CA VAL A 338 50.13 23.15 -52.72
C VAL A 338 50.59 21.75 -52.36
N LYS A 339 51.64 21.65 -51.55
CA LYS A 339 52.18 20.34 -51.20
C LYS A 339 51.31 19.66 -50.16
N THR A 340 50.97 20.37 -49.07
CA THR A 340 50.22 19.73 -48.02
C THR A 340 48.84 19.33 -48.49
N ASN A 341 48.22 20.07 -49.41
CA ASN A 341 46.82 19.88 -49.70
C ASN A 341 46.62 19.09 -50.99
N ARG A 342 47.70 18.56 -51.57
CA ARG A 342 47.61 17.92 -52.87
C ARG A 342 46.65 16.74 -52.84
N LEU A 343 45.71 16.70 -53.80
CA LEU A 343 44.80 15.59 -53.95
C LEU A 343 44.32 15.57 -55.38
N SER A 344 44.34 14.36 -56.01
CA SER A 344 43.98 14.24 -57.42
C SER A 344 42.46 14.33 -57.50
N LEU A 345 41.94 14.59 -58.69
CA LEU A 345 40.50 14.58 -58.92
C LEU A 345 39.90 13.21 -58.63
N ASP A 346 40.61 12.17 -59.02
CA ASP A 346 40.12 10.82 -58.85
C ASP A 346 39.99 10.51 -57.37
N GLU A 347 40.98 10.88 -56.56
CA GLU A 347 40.91 10.66 -55.12
C GLU A 347 39.79 11.51 -54.50
N CYS A 348 39.74 12.79 -54.90
CA CYS A 348 38.66 13.72 -54.51
C CYS A 348 37.29 13.07 -54.78
N SER A 349 37.11 12.57 -56.00
CA SER A 349 35.85 11.94 -56.41
C SER A 349 35.53 10.72 -55.55
N ASN A 350 36.51 9.85 -55.31
CA ASN A 350 36.29 8.71 -54.45
C ASN A 350 35.85 9.12 -53.03
N ILE A 351 36.45 10.14 -52.44
CA ILE A 351 36.10 10.52 -51.09
C ILE A 351 34.75 11.23 -51.06
N THR A 352 34.52 12.20 -51.98
CA THR A 352 33.33 13.04 -51.93
C THR A 352 32.11 12.34 -52.54
N GLY A 353 32.39 11.42 -53.45
CA GLY A 353 31.38 10.79 -54.29
C GLY A 353 30.94 11.66 -55.46
N VAL A 354 31.55 12.82 -55.67
CA VAL A 354 31.11 13.63 -56.80
C VAL A 354 31.89 13.14 -58.01
N PRO A 355 31.25 12.88 -59.18
CA PRO A 355 32.01 12.50 -60.36
C PRO A 355 33.04 13.53 -60.83
N VAL A 356 34.09 13.04 -61.46
CA VAL A 356 35.20 13.87 -61.86
C VAL A 356 34.74 14.99 -62.81
N ASP A 357 33.85 14.69 -63.75
CA ASP A 357 33.36 15.65 -64.72
C ASP A 357 32.71 16.86 -64.03
N MET A 358 31.99 16.61 -62.92
N MET A 358 32.00 16.62 -62.92
CA MET A 358 31.33 17.66 -62.16
CA MET A 358 31.34 17.67 -62.17
C MET A 358 32.35 18.51 -61.38
C MET A 358 32.36 18.50 -61.38
N LEU A 359 33.39 17.87 -60.81
CA LEU A 359 34.50 18.61 -60.19
C LEU A 359 35.20 19.53 -61.19
N LYS A 360 35.47 19.04 -62.39
CA LYS A 360 36.06 19.83 -63.45
C LYS A 360 35.15 20.97 -63.88
N ARG A 361 33.87 20.70 -64.01
CA ARG A 361 32.93 21.73 -64.45
C ARG A 361 32.85 22.88 -63.42
N ALA A 362 32.80 22.55 -62.13
CA ALA A 362 32.72 23.54 -61.08
C ALA A 362 33.94 24.49 -61.19
N ALA A 363 35.10 23.91 -61.46
CA ALA A 363 36.36 24.64 -61.62
C ALA A 363 36.36 25.48 -62.90
N GLU A 364 35.81 24.91 -63.98
CA GLU A 364 35.69 25.58 -65.27
C GLU A 364 34.81 26.80 -65.14
N TRP A 365 33.64 26.65 -64.52
CA TRP A 365 32.72 27.76 -64.39
C TRP A 365 33.33 28.88 -63.55
N SER A 366 34.07 28.49 -62.53
CA SER A 366 34.37 29.35 -61.39
C SER A 366 35.73 30.06 -61.51
N TYR A 367 36.71 29.41 -62.15
CA TYR A 367 38.10 29.83 -62.03
C TYR A 367 38.81 29.93 -63.37
N LYS A 368 38.40 29.19 -64.38
CA LYS A 368 39.01 29.30 -65.69
C LYS A 368 38.76 30.70 -66.25
N PRO A 369 39.80 31.41 -66.76
CA PRO A 369 39.65 32.76 -67.31
C PRO A 369 38.54 32.86 -68.34
N LYS A 370 37.81 33.97 -68.25
CA LYS A 370 36.84 34.38 -69.24
C LYS A 370 37.55 34.73 -70.56
N ALA A 371 36.76 34.81 -71.63
CA ALA A 371 37.33 35.04 -72.95
C ALA A 371 38.08 36.39 -72.98
N SER A 372 37.54 37.40 -72.25
CA SER A 372 38.11 38.73 -72.20
C SER A 372 39.35 38.75 -71.28
N GLY A 373 39.64 37.66 -70.58
CA GLY A 373 40.96 37.53 -69.95
C GLY A 373 40.90 37.53 -68.43
N GLN A 374 39.90 38.17 -67.85
CA GLN A 374 39.79 38.22 -66.41
C GLN A 374 39.24 36.88 -65.85
N ALA A 375 39.59 36.58 -64.60
CA ALA A 375 39.03 35.44 -63.88
C ALA A 375 37.57 35.73 -63.60
N PRO A 376 36.69 34.69 -63.58
CA PRO A 376 35.30 34.92 -63.14
C PRO A 376 35.29 35.58 -61.76
N ARG A 377 34.29 36.39 -61.53
CA ARG A 377 33.99 36.88 -60.18
C ARG A 377 33.12 35.85 -59.45
N THR A 378 33.75 35.13 -58.54
CA THR A 378 33.16 33.98 -57.90
C THR A 378 33.02 34.31 -56.41
N MET A 379 31.79 34.54 -55.97
CA MET A 379 31.51 34.77 -54.56
C MET A 379 31.28 33.42 -53.88
N HIS A 380 32.09 33.15 -52.85
CA HIS A 380 32.04 31.93 -52.07
C HIS A 380 31.32 32.21 -50.74
N ALA A 381 30.07 31.79 -50.63
CA ALA A 381 29.22 31.99 -49.45
C ALA A 381 29.16 30.66 -48.71
N TYR A 382 29.30 30.66 -47.38
CA TYR A 382 29.23 29.43 -46.65
C TYR A 382 28.51 29.66 -45.32
N GLU A 383 28.03 28.59 -44.69
CA GLU A 383 27.33 28.71 -43.40
C GLU A 383 27.50 27.38 -42.66
N LYS A 384 26.45 26.90 -41.97
CA LYS A 384 26.60 25.90 -40.90
C LYS A 384 26.91 24.49 -41.40
N GLY A 385 26.66 24.13 -42.68
CA GLY A 385 27.11 22.88 -43.26
C GLY A 385 28.61 22.65 -43.08
N ILE A 386 29.35 23.75 -43.06
CA ILE A 386 30.80 23.62 -42.85
C ILE A 386 31.23 24.29 -41.55
N ILE A 387 30.56 25.31 -41.02
CA ILE A 387 30.94 25.85 -39.71
C ILE A 387 30.69 24.79 -38.62
N TRP A 388 29.58 24.05 -38.71
CA TRP A 388 29.32 22.89 -37.86
C TRP A 388 29.64 21.58 -38.58
N GLY A 389 30.62 21.64 -39.48
CA GLY A 389 31.01 20.52 -40.29
C GLY A 389 32.15 19.71 -39.69
N ASN A 390 32.73 18.86 -40.53
CA ASN A 390 33.80 17.93 -40.13
C ASN A 390 35.15 18.66 -39.98
N ASP A 391 35.36 19.24 -38.82
CA ASP A 391 36.58 19.98 -38.46
C ASP A 391 36.52 21.40 -39.03
N ASN A 392 35.75 22.27 -38.33
CA ASN A 392 35.52 23.64 -38.73
C ASN A 392 36.81 24.30 -39.21
N TYR A 393 37.88 24.16 -38.40
CA TYR A 393 39.12 24.89 -38.65
C TYR A 393 39.75 24.44 -39.99
N VAL A 394 39.77 23.14 -40.22
CA VAL A 394 40.41 22.61 -41.41
C VAL A 394 39.58 22.89 -42.67
N ILE A 395 38.27 22.85 -42.56
CA ILE A 395 37.48 23.10 -43.77
C ILE A 395 37.75 24.52 -44.23
N GLN A 396 37.68 25.47 -43.32
CA GLN A 396 37.91 26.85 -43.64
C GLN A 396 39.32 27.04 -44.20
N SER A 397 40.28 26.27 -43.68
CA SER A 397 41.67 26.40 -44.18
C SER A 397 41.66 26.06 -45.67
N ALA A 398 40.98 24.93 -46.01
CA ALA A 398 40.96 24.38 -47.34
C ALA A 398 40.28 25.36 -48.30
N LEU A 399 39.13 25.86 -47.89
CA LEU A 399 38.32 26.74 -48.72
C LEU A 399 39.06 28.06 -48.98
N LEU A 400 39.54 28.70 -47.92
CA LEU A 400 40.16 30.00 -48.04
C LEU A 400 41.42 29.87 -48.93
N ASP A 401 42.08 28.72 -48.91
CA ASP A 401 43.25 28.52 -49.80
C ASP A 401 42.81 28.62 -51.26
N LEU A 402 41.68 27.98 -51.61
CA LEU A 402 41.20 28.07 -52.95
C LEU A 402 40.82 29.50 -53.29
N VAL A 403 40.20 30.17 -52.34
CA VAL A 403 39.71 31.50 -52.59
C VAL A 403 40.87 32.46 -52.82
N ILE A 404 41.88 32.38 -51.93
CA ILE A 404 42.99 33.32 -52.03
C ILE A 404 43.73 33.13 -53.36
N ALA A 405 44.02 31.87 -53.70
CA ALA A 405 44.80 31.61 -54.90
C ALA A 405 44.10 32.11 -56.17
N THR A 406 42.76 32.18 -56.12
CA THR A 406 41.98 32.58 -57.27
C THR A 406 41.55 34.01 -57.14
N HIS A 407 42.04 34.75 -56.13
CA HIS A 407 41.78 36.17 -56.00
C HIS A 407 40.29 36.49 -55.87
N ASN A 408 39.58 35.66 -55.12
CA ASN A 408 38.15 35.85 -54.94
C ASN A 408 37.82 36.48 -53.58
N VAL A 409 38.70 37.40 -53.13
CA VAL A 409 38.41 38.35 -52.08
C VAL A 409 38.86 39.68 -52.61
N GLY A 410 38.18 40.73 -52.26
CA GLY A 410 38.69 42.05 -52.52
C GLY A 410 38.36 42.51 -53.94
N ARG A 411 37.73 41.69 -54.77
CA ARG A 411 37.30 42.16 -56.09
C ARG A 411 35.77 42.23 -56.04
N ARG A 412 35.16 43.24 -56.69
CA ARG A 412 33.71 43.33 -56.68
C ARG A 412 33.11 42.07 -57.34
N GLY A 413 31.97 41.62 -56.80
CA GLY A 413 31.32 40.42 -57.27
C GLY A 413 32.00 39.18 -56.71
N THR A 414 32.89 39.31 -55.69
CA THR A 414 33.50 38.17 -55.05
C THR A 414 33.31 38.32 -53.54
N GLY A 415 34.18 37.68 -52.77
CA GLY A 415 34.05 37.53 -51.33
C GLY A 415 34.06 36.05 -50.96
N CYS A 416 34.67 35.73 -49.81
CA CYS A 416 34.50 34.41 -49.21
C CYS A 416 33.88 34.67 -47.83
N VAL A 417 32.55 34.53 -47.75
CA VAL A 417 31.81 35.15 -46.66
C VAL A 417 30.92 34.12 -46.01
N ARG A 418 30.73 34.34 -44.73
CA ARG A 418 29.59 33.77 -44.02
C ARG A 418 28.32 34.41 -44.56
N MET A 419 27.30 33.52 -44.70
CA MET A 419 25.94 33.96 -44.98
C MET A 419 25.28 34.51 -43.72
N GLY A 420 25.70 34.00 -42.55
CA GLY A 420 25.26 34.50 -41.27
C GLY A 420 24.04 33.74 -40.79
N GLY A 421 23.76 33.94 -39.49
CA GLY A 421 22.68 33.32 -38.76
C GLY A 421 21.72 34.36 -38.25
N HIS A 422 22.02 34.83 -37.04
CA HIS A 422 21.45 36.05 -36.53
C HIS A 422 22.16 37.21 -37.20
N GLN A 423 21.59 38.38 -36.96
CA GLN A 423 22.34 39.59 -37.25
C GLN A 423 23.51 39.65 -36.29
N GLU A 424 24.44 40.56 -36.58
CA GLU A 424 25.66 40.79 -35.81
C GLU A 424 25.51 42.04 -34.96
N GLY A 425 26.09 42.03 -33.76
CA GLY A 425 26.08 43.24 -32.98
C GLY A 425 27.03 43.15 -31.79
N TYR A 426 28.35 42.91 -32.04
CA TYR A 426 29.27 42.54 -30.97
C TYR A 426 30.13 43.73 -30.57
N THR A 427 30.01 44.12 -29.31
CA THR A 427 30.98 45.00 -28.65
C THR A 427 31.17 44.48 -27.23
N ARG A 428 32.40 43.98 -26.93
CA ARG A 428 32.71 43.37 -25.64
C ARG A 428 34.15 43.67 -25.20
N PRO A 429 34.40 43.59 -23.88
CA PRO A 429 35.78 43.51 -23.37
C PRO A 429 36.39 42.22 -23.87
N PRO A 430 37.76 42.06 -23.85
CA PRO A 430 38.35 40.76 -24.11
C PRO A 430 37.88 39.67 -23.14
N TYR A 431 37.74 38.45 -23.65
CA TYR A 431 37.58 37.29 -22.80
C TYR A 431 38.72 37.24 -21.75
N PRO A 432 38.44 37.05 -20.43
CA PRO A 432 39.48 37.19 -19.40
C PRO A 432 40.38 35.97 -19.12
N GLY A 433 40.15 34.88 -19.79
CA GLY A 433 40.97 33.70 -19.59
C GLY A 433 41.94 33.52 -20.76
N ASP A 434 42.76 32.50 -20.58
CA ASP A 434 43.84 32.23 -21.50
C ASP A 434 43.67 30.84 -22.12
N LYS A 435 42.51 30.19 -21.89
CA LYS A 435 42.25 28.86 -22.42
C LYS A 435 40.78 28.73 -22.84
N LYS A 436 40.49 27.81 -23.78
CA LYS A 436 39.12 27.51 -24.16
C LYS A 436 38.62 26.43 -23.21
N ILE A 437 37.38 26.64 -22.75
CA ILE A 437 36.82 25.74 -21.75
C ILE A 437 35.53 25.18 -22.33
N TYR A 438 35.39 23.84 -22.31
CA TYR A 438 34.16 23.21 -22.81
C TYR A 438 33.11 23.26 -21.70
N ILE A 439 32.33 24.33 -21.72
CA ILE A 439 31.46 24.66 -20.57
C ILE A 439 30.49 23.53 -20.26
N ASP A 440 29.83 22.95 -21.28
CA ASP A 440 28.83 21.94 -21.03
C ASP A 440 29.46 20.73 -20.32
N GLN A 441 30.66 20.31 -20.75
CA GLN A 441 31.37 19.20 -20.11
C GLN A 441 31.68 19.49 -18.64
N GLU A 442 32.06 20.73 -18.35
CA GLU A 442 32.33 21.15 -16.99
C GLU A 442 31.07 21.07 -16.12
N LEU A 443 29.92 21.47 -16.68
CA LEU A 443 28.67 21.43 -15.94
C LEU A 443 28.27 19.98 -15.71
N ILE A 444 28.41 19.15 -16.74
CA ILE A 444 28.05 17.76 -16.65
C ILE A 444 28.92 17.10 -15.59
N LYS A 445 30.16 17.59 -15.44
CA LYS A 445 31.12 16.97 -14.53
C LYS A 445 30.95 17.52 -13.13
N GLY A 446 30.09 18.49 -12.95
CA GLY A 446 29.69 18.89 -11.62
C GLY A 446 30.35 20.19 -11.20
N LYS A 447 30.92 20.95 -12.12
CA LYS A 447 31.51 22.23 -11.79
C LYS A 447 30.48 23.34 -11.77
N GLY A 448 30.80 24.42 -11.05
CA GLY A 448 30.00 25.63 -11.08
C GLY A 448 29.02 25.62 -9.94
N ARG A 449 28.77 26.78 -9.31
CA ARG A 449 27.72 26.96 -8.33
C ARG A 449 26.41 27.52 -8.94
N ILE A 450 26.56 28.47 -9.86
CA ILE A 450 25.47 29.18 -10.50
C ILE A 450 25.71 29.20 -12.02
N MET A 451 24.66 28.89 -12.79
CA MET A 451 24.70 28.94 -14.25
C MET A 451 23.53 29.83 -14.72
N THR A 452 23.85 30.85 -15.49
CA THR A 452 22.85 31.68 -16.16
C THR A 452 22.80 31.40 -17.66
N TRP A 453 21.62 30.97 -18.19
CA TRP A 453 21.33 31.04 -19.59
C TRP A 453 20.71 32.40 -19.87
N TRP A 454 21.31 33.13 -20.80
CA TRP A 454 20.93 34.53 -21.03
C TRP A 454 20.62 34.65 -22.51
N GLY A 455 19.32 34.73 -22.85
CA GLY A 455 18.91 34.82 -24.25
C GLY A 455 19.39 33.65 -25.09
N CYS A 456 19.43 32.47 -24.46
CA CYS A 456 19.54 31.22 -25.18
C CYS A 456 18.88 30.07 -24.44
N ASN A 457 18.80 28.93 -25.10
CA ASN A 457 18.12 27.76 -24.54
C ASN A 457 18.86 26.51 -24.99
N ASN A 458 19.92 26.14 -24.29
CA ASN A 458 20.76 25.05 -24.73
C ASN A 458 20.12 23.71 -24.45
N PHE A 459 19.03 23.68 -23.67
CA PHE A 459 18.22 22.48 -23.56
C PHE A 459 17.77 22.00 -24.94
N GLN A 460 17.49 22.95 -25.82
CA GLN A 460 17.05 22.60 -27.15
C GLN A 460 18.18 22.62 -28.18
N THR A 461 19.34 23.25 -27.88
CA THR A 461 20.30 23.62 -28.92
C THR A 461 21.76 23.25 -28.65
N SER A 462 22.09 22.81 -27.41
CA SER A 462 23.41 22.20 -27.20
C SER A 462 23.67 21.00 -28.11
N ASN A 463 24.97 20.79 -28.40
CA ASN A 463 25.39 19.48 -28.91
C ASN A 463 25.38 18.52 -27.72
N ASN A 464 25.14 17.23 -27.99
CA ASN A 464 25.03 16.20 -26.95
C ASN A 464 24.03 16.69 -25.89
N ALA A 465 22.88 17.17 -26.36
CA ALA A 465 21.91 17.90 -25.54
C ALA A 465 21.32 17.00 -24.46
N GLN A 466 21.18 15.71 -24.75
CA GLN A 466 20.57 14.80 -23.77
C GLN A 466 21.46 14.71 -22.52
N ALA A 467 22.77 14.54 -22.69
CA ALA A 467 23.71 14.54 -21.55
C ALA A 467 23.57 15.82 -20.74
N LEU A 468 23.42 16.97 -21.44
CA LEU A 468 23.38 18.26 -20.78
C LEU A 468 22.14 18.26 -19.92
N ARG A 469 20.98 17.95 -20.53
CA ARG A 469 19.76 18.09 -19.78
C ARG A 469 19.73 17.16 -18.58
N GLU A 470 20.07 15.90 -18.79
CA GLU A 470 20.15 14.93 -17.71
C GLU A 470 20.85 15.59 -16.54
N ALA A 471 22.05 16.10 -16.78
CA ALA A 471 22.88 16.62 -15.71
C ALA A 471 22.28 17.85 -15.08
N ILE A 472 21.86 18.80 -15.89
CA ILE A 472 21.32 20.03 -15.33
C ILE A 472 20.05 19.79 -14.52
N LEU A 473 19.14 18.95 -15.01
CA LEU A 473 17.93 18.64 -14.28
C LEU A 473 18.26 18.02 -12.91
N GLN A 474 19.21 17.07 -12.88
CA GLN A 474 19.63 16.44 -11.63
C GLN A 474 20.23 17.45 -10.67
N ARG A 475 21.15 18.28 -11.19
CA ARG A 475 21.82 19.26 -10.35
C ARG A 475 20.84 20.30 -9.84
N SER A 476 19.87 20.63 -10.67
CA SER A 476 18.77 21.52 -10.30
C SER A 476 17.91 20.96 -9.18
N ALA A 477 17.63 19.67 -9.26
CA ALA A 477 16.84 18.94 -8.26
C ALA A 477 17.50 18.98 -6.87
N ILE A 478 18.85 18.87 -6.83
CA ILE A 478 19.55 18.94 -5.55
C ILE A 478 19.26 20.27 -4.86
N VAL A 479 19.31 21.36 -5.62
CA VAL A 479 19.05 22.68 -5.09
C VAL A 479 17.58 22.81 -4.64
N LYS A 480 16.64 22.33 -5.49
CA LYS A 480 15.23 22.41 -5.10
C LYS A 480 15.03 21.68 -3.79
N GLN A 481 15.67 20.49 -3.62
CA GLN A 481 15.44 19.69 -2.43
C GLN A 481 15.97 20.43 -1.22
N ALA A 482 17.14 21.07 -1.36
CA ALA A 482 17.72 21.83 -0.25
C ALA A 482 16.84 22.99 0.18
N MET A 483 16.24 23.69 -0.79
CA MET A 483 15.45 24.88 -0.52
C MET A 483 14.21 24.50 0.30
N GLN A 484 13.83 23.24 0.15
CA GLN A 484 12.56 22.69 0.59
C GLN A 484 12.45 22.69 2.10
N LYS A 485 13.59 22.70 2.77
CA LYS A 485 13.64 22.46 4.19
C LYS A 485 13.48 23.80 4.84
N ALA A 486 13.73 24.87 4.08
CA ALA A 486 13.69 26.22 4.62
C ALA A 486 12.23 26.61 4.92
N ARG A 487 12.09 27.47 5.92
CA ARG A 487 10.82 28.06 6.29
C ARG A 487 11.20 29.37 6.91
N GLY A 488 10.71 30.49 6.40
CA GLY A 488 10.90 31.69 7.20
C GLY A 488 12.33 32.24 7.13
N ALA A 489 13.14 31.77 6.18
CA ALA A 489 14.53 32.19 6.02
C ALA A 489 14.60 33.59 5.43
N THR A 490 15.63 34.34 5.84
CA THR A 490 16.02 35.56 5.18
C THR A 490 16.66 35.19 3.84
N THR A 491 16.77 36.18 2.97
CA THR A 491 17.42 36.02 1.67
C THR A 491 18.86 35.54 1.89
N GLU A 492 19.54 36.12 2.88
CA GLU A 492 20.94 35.76 3.16
C GLU A 492 21.01 34.31 3.64
N GLU A 493 20.08 33.85 4.48
CA GLU A 493 20.10 32.44 4.84
C GLU A 493 19.85 31.52 3.63
N MET A 494 18.98 31.96 2.73
CA MET A 494 18.61 31.11 1.61
C MET A 494 19.81 30.97 0.66
N VAL A 495 20.53 32.09 0.44
CA VAL A 495 21.81 32.06 -0.27
C VAL A 495 22.74 30.99 0.30
N ASP A 496 22.87 30.96 1.63
CA ASP A 496 23.68 29.94 2.32
C ASP A 496 23.15 28.53 2.08
N VAL A 497 21.82 28.35 2.11
CA VAL A 497 21.27 27.01 1.92
C VAL A 497 21.58 26.52 0.50
N ILE A 498 21.43 27.40 -0.46
CA ILE A 498 21.65 27.06 -1.87
C ILE A 498 23.13 26.81 -2.13
N TYR A 499 23.99 27.70 -1.64
CA TYR A 499 25.43 27.52 -1.76
C TYR A 499 25.89 26.16 -1.22
N GLU A 500 25.40 25.79 -0.03
CA GLU A 500 25.68 24.46 0.51
C GLU A 500 25.17 23.33 -0.40
N ALA A 501 23.98 23.46 -0.99
CA ALA A 501 23.48 22.44 -1.91
C ALA A 501 24.40 22.29 -3.15
N THR A 502 25.03 23.40 -3.55
CA THR A 502 25.96 23.37 -4.67
C THR A 502 27.27 22.71 -4.25
N GLN A 503 27.57 22.56 -2.97
CA GLN A 503 28.79 21.84 -2.55
C GLN A 503 28.50 20.37 -2.56
N ASN A 504 27.23 20.04 -2.69
CA ASN A 504 26.76 18.68 -2.71
C ASN A 504 26.23 18.33 -4.09
N GLY A 505 26.75 18.94 -5.15
CA GLY A 505 26.42 18.46 -6.48
C GLY A 505 25.43 19.37 -7.15
N GLY A 506 24.82 20.30 -6.40
CA GLY A 506 23.75 21.16 -6.89
C GLY A 506 24.25 22.21 -7.87
N LEU A 507 23.30 22.87 -8.55
CA LEU A 507 23.59 24.03 -9.39
C LEU A 507 22.37 24.94 -9.38
N PHE A 508 22.58 26.20 -9.04
CA PHE A 508 21.51 27.19 -9.12
C PHE A 508 21.45 27.64 -10.59
N VAL A 509 20.28 27.65 -11.17
CA VAL A 509 20.07 27.97 -12.56
C VAL A 509 19.18 29.21 -12.69
N THR A 510 19.64 30.19 -13.46
CA THR A 510 18.86 31.37 -13.79
C THR A 510 18.68 31.39 -15.31
N SER A 511 17.53 31.89 -15.76
CA SER A 511 17.25 32.14 -17.17
C SER A 511 16.78 33.58 -17.35
N ILE A 512 17.41 34.28 -18.28
CA ILE A 512 17.04 35.65 -18.60
C ILE A 512 16.50 35.65 -20.02
N ASN A 513 15.17 35.88 -20.19
CA ASN A 513 14.52 35.42 -21.39
C ASN A 513 13.29 36.29 -21.65
N LEU A 514 12.65 36.05 -22.82
CA LEU A 514 11.32 36.54 -23.11
C LEU A 514 10.23 35.62 -22.52
N TYR A 515 10.51 34.34 -22.40
CA TYR A 515 9.50 33.32 -22.19
C TYR A 515 10.04 32.33 -21.16
N PRO A 516 9.19 31.51 -20.53
CA PRO A 516 9.67 30.41 -19.69
C PRO A 516 10.61 29.42 -20.35
N THR A 517 10.19 28.93 -21.53
CA THR A 517 10.89 27.94 -22.34
C THR A 517 11.06 26.63 -21.56
N LYS A 518 11.65 25.62 -22.24
CA LYS A 518 12.01 24.36 -21.58
C LYS A 518 12.94 24.56 -20.41
N LEU A 519 13.71 25.65 -20.39
CA LEU A 519 14.62 25.93 -19.26
C LEU A 519 13.85 25.97 -17.92
N ALA A 520 12.55 26.31 -18.00
CA ALA A 520 11.73 26.37 -16.80
C ALA A 520 11.67 25.01 -16.09
N GLU A 521 11.95 23.92 -16.78
CA GLU A 521 12.02 22.61 -16.15
C GLU A 521 13.17 22.50 -15.14
N ALA A 522 14.17 23.37 -15.21
CA ALA A 522 15.31 23.27 -14.31
C ALA A 522 15.58 24.58 -13.60
N ALA A 523 15.06 25.72 -14.13
CA ALA A 523 15.49 26.99 -13.58
C ALA A 523 14.90 27.18 -12.19
N HIS A 524 15.65 27.93 -11.34
CA HIS A 524 15.17 28.40 -10.04
C HIS A 524 14.74 29.85 -10.10
N LEU A 525 15.21 30.59 -11.10
CA LEU A 525 15.03 32.03 -11.22
C LEU A 525 14.98 32.37 -12.71
N MET A 526 13.94 33.14 -13.10
CA MET A 526 13.79 33.64 -14.45
C MET A 526 13.48 35.15 -14.43
N LEU A 527 14.22 35.88 -15.27
CA LEU A 527 14.08 37.33 -15.35
C LEU A 527 13.57 37.77 -16.71
N PRO A 528 12.59 38.72 -16.73
CA PRO A 528 11.99 39.19 -17.96
C PRO A 528 12.78 40.23 -18.75
N ALA A 529 12.98 39.91 -20.05
CA ALA A 529 13.71 40.79 -20.95
C ALA A 529 12.77 41.38 -22.01
N ALA A 530 13.30 42.40 -22.72
CA ALA A 530 12.60 43.22 -23.72
C ALA A 530 13.29 43.07 -25.07
N HIS A 531 12.48 43.06 -26.13
CA HIS A 531 12.97 42.87 -27.46
C HIS A 531 12.79 44.15 -28.28
N PRO A 532 13.31 44.22 -29.52
CA PRO A 532 13.34 45.47 -30.29
C PRO A 532 11.95 45.99 -30.55
N GLY A 533 11.79 47.33 -30.38
CA GLY A 533 10.44 47.89 -30.43
C GLY A 533 9.94 48.20 -29.02
N GLU A 534 10.32 47.36 -28.01
CA GLU A 534 10.12 47.64 -26.59
C GLU A 534 11.35 48.41 -26.07
N MET A 535 12.41 48.41 -26.88
CA MET A 535 13.65 49.13 -26.62
C MET A 535 14.21 49.57 -27.96
N ASN A 536 15.04 50.59 -27.92
CA ASN A 536 16.02 50.88 -28.99
C ASN A 536 17.08 49.78 -29.06
N LEU A 537 17.48 49.43 -30.31
CA LEU A 537 18.49 48.38 -30.47
C LEU A 537 19.26 48.63 -31.78
N THR A 538 20.57 48.43 -31.77
CA THR A 538 21.40 48.56 -32.94
C THR A 538 21.98 47.20 -33.26
N SER A 539 22.16 46.96 -34.55
CA SER A 539 22.74 45.72 -35.06
C SER A 539 23.07 45.90 -36.53
N MET A 540 23.81 44.98 -37.09
CA MET A 540 24.23 45.02 -38.47
C MET A 540 23.94 43.68 -39.12
N ASN A 541 23.86 43.70 -40.44
CA ASN A 541 23.45 42.52 -41.17
C ASN A 541 24.67 41.90 -41.82
N GLY A 542 24.47 41.00 -42.76
CA GLY A 542 25.59 40.25 -43.33
C GLY A 542 26.56 41.04 -44.23
N GLU A 543 26.28 42.33 -44.49
CA GLU A 543 27.19 43.23 -45.22
C GLU A 543 27.64 44.39 -44.31
N ARG A 544 27.47 44.17 -42.99
CA ARG A 544 27.91 45.08 -41.95
C ARG A 544 27.06 46.35 -41.90
N ARG A 545 25.84 46.32 -42.43
CA ARG A 545 24.99 47.50 -42.46
C ARG A 545 24.31 47.70 -41.09
N ILE A 546 24.82 48.69 -40.30
CA ILE A 546 24.25 48.98 -38.98
C ILE A 546 22.99 49.83 -39.12
N ARG A 547 21.95 49.41 -38.37
CA ARG A 547 20.73 50.19 -38.29
C ARG A 547 20.26 50.27 -36.82
N LEU A 548 19.51 51.31 -36.53
CA LEU A 548 18.74 51.48 -35.30
C LEU A 548 17.29 51.00 -35.52
N SER A 549 16.90 50.05 -34.68
CA SER A 549 15.49 49.70 -34.47
C SER A 549 14.94 50.58 -33.36
N GLU A 550 13.89 51.36 -33.66
CA GLU A 550 13.38 52.37 -32.73
C GLU A 550 12.35 51.81 -31.78
N LYS A 551 12.44 52.21 -30.50
CA LYS A 551 11.40 51.85 -29.53
C LYS A 551 10.07 52.47 -29.98
N PHE A 552 8.95 51.75 -29.90
CA PHE A 552 7.64 52.33 -30.24
C PHE A 552 6.51 51.90 -29.27
N MET A 553 6.79 51.05 -28.28
CA MET A 553 5.78 50.52 -27.36
C MET A 553 6.49 50.09 -26.07
N ASP A 554 5.72 49.86 -25.03
CA ASP A 554 6.32 49.52 -23.75
C ASP A 554 6.55 47.99 -23.74
N PRO A 555 7.50 47.49 -22.96
CA PRO A 555 7.63 46.04 -22.69
C PRO A 555 6.49 45.50 -21.80
N PRO A 556 6.27 44.17 -21.76
CA PRO A 556 5.33 43.56 -20.82
C PRO A 556 5.80 43.78 -19.40
N GLY A 557 4.88 44.21 -18.52
CA GLY A 557 5.17 44.31 -17.09
C GLY A 557 6.47 45.08 -16.84
N THR A 558 7.43 44.45 -16.11
CA THR A 558 8.66 45.08 -15.71
C THR A 558 9.83 44.48 -16.48
N ALA A 559 9.53 43.86 -17.65
CA ALA A 559 10.55 43.41 -18.56
C ALA A 559 11.53 44.54 -18.92
N MET A 560 12.79 44.21 -19.09
CA MET A 560 13.82 45.20 -19.26
C MET A 560 14.77 44.76 -20.40
N ALA A 561 15.36 45.77 -21.01
CA ALA A 561 16.44 45.55 -21.97
C ALA A 561 17.58 44.80 -21.26
N ASP A 562 18.23 43.87 -21.98
CA ASP A 562 19.23 42.98 -21.39
C ASP A 562 20.42 43.78 -20.81
N CYS A 563 20.81 44.85 -21.51
CA CYS A 563 21.91 45.68 -21.02
C CYS A 563 21.60 46.32 -19.68
N LEU A 564 20.31 46.64 -19.44
CA LEU A 564 19.84 47.23 -18.18
C LEU A 564 19.64 46.17 -17.10
N ILE A 565 19.32 44.93 -17.49
CA ILE A 565 19.42 43.80 -16.57
C ILE A 565 20.88 43.63 -16.10
N ALA A 566 21.82 43.75 -17.01
CA ALA A 566 23.23 43.64 -16.64
C ALA A 566 23.62 44.78 -15.68
N ALA A 567 23.18 46.01 -15.93
CA ALA A 567 23.46 47.13 -15.03
C ALA A 567 22.83 46.91 -13.67
N ARG A 568 21.66 46.32 -13.68
CA ARG A 568 20.96 46.08 -12.43
C ARG A 568 21.79 45.12 -11.56
N ILE A 569 22.28 44.02 -12.14
CA ILE A 569 23.06 43.03 -11.43
C ILE A 569 24.37 43.65 -10.92
N ALA A 570 25.06 44.38 -11.79
CA ALA A 570 26.30 45.04 -11.42
C ALA A 570 26.14 45.97 -10.21
N ASN A 571 25.06 46.75 -10.23
CA ASN A 571 24.78 47.74 -9.18
C ASN A 571 24.35 47.04 -7.88
N ALA A 572 23.65 45.92 -8.01
CA ALA A 572 23.36 45.13 -6.82
C ALA A 572 24.66 44.62 -6.19
N LEU A 573 25.54 44.10 -7.01
CA LEU A 573 26.81 43.52 -6.54
C LEU A 573 27.70 44.60 -5.95
N ARG A 574 27.70 45.77 -6.58
CA ARG A 574 28.44 46.88 -6.06
C ARG A 574 27.92 47.24 -4.66
N ASP A 575 26.61 47.36 -4.51
CA ASP A 575 26.08 47.74 -3.23
C ASP A 575 26.47 46.71 -2.17
N MET A 576 26.51 45.45 -2.54
CA MET A 576 26.74 44.41 -1.56
C MET A 576 28.16 44.47 -1.09
N TYR A 577 29.06 44.75 -2.03
CA TYR A 577 30.47 44.85 -1.70
C TYR A 577 30.74 46.11 -0.89
N GLN A 578 30.11 47.25 -1.26
CA GLN A 578 30.20 48.47 -0.47
C GLN A 578 29.73 48.26 0.97
N LYS A 579 28.61 47.57 1.12
CA LYS A 579 28.04 47.28 2.42
C LYS A 579 28.94 46.34 3.26
N ASP A 580 29.70 45.46 2.61
CA ASP A 580 30.63 44.56 3.28
C ASP A 580 32.00 45.25 3.47
N GLY A 581 32.09 46.57 3.27
CA GLY A 581 33.34 47.31 3.34
C GLY A 581 34.45 46.83 2.39
N LYS A 582 34.12 46.34 1.19
CA LYS A 582 35.15 45.84 0.29
C LYS A 582 35.29 46.77 -0.91
N ALA A 583 36.06 47.84 -0.73
CA ALA A 583 36.08 48.96 -1.67
C ALA A 583 36.62 48.50 -3.00
N GLU A 584 37.67 47.66 -2.96
CA GLU A 584 38.32 47.20 -4.17
C GLU A 584 37.35 46.32 -4.97
N MET A 585 36.63 45.38 -4.34
CA MET A 585 35.67 44.58 -5.11
C MET A 585 34.51 45.46 -5.62
N ALA A 586 34.01 46.39 -4.80
CA ALA A 586 32.98 47.31 -5.23
C ALA A 586 33.36 48.01 -6.52
N ALA A 587 34.60 48.49 -6.58
CA ALA A 587 35.01 49.26 -7.75
C ALA A 587 34.97 48.42 -9.04
N GLN A 588 35.14 47.11 -8.97
CA GLN A 588 35.04 46.28 -10.17
C GLN A 588 33.66 46.41 -10.84
N PHE A 589 32.63 46.80 -10.06
CA PHE A 589 31.24 46.88 -10.48
C PHE A 589 30.84 48.32 -10.81
N GLU A 590 31.82 49.24 -10.89
CA GLU A 590 31.52 50.56 -11.41
C GLU A 590 31.30 50.52 -12.94
N GLY A 591 30.67 51.58 -13.43
CA GLY A 591 30.53 51.84 -14.85
C GLY A 591 29.18 51.35 -15.40
N PHE A 592 28.17 51.16 -14.54
CA PHE A 592 26.84 50.72 -14.99
C PHE A 592 25.77 51.69 -14.51
N ASP A 593 26.11 52.98 -14.52
CA ASP A 593 25.15 54.00 -14.14
C ASP A 593 24.27 54.27 -15.34
N TRP A 594 23.44 53.32 -15.78
CA TRP A 594 22.73 53.46 -17.06
C TRP A 594 21.23 53.62 -16.81
N LYS A 595 20.60 54.56 -17.50
CA LYS A 595 19.17 54.77 -17.40
C LYS A 595 18.45 54.19 -18.62
N THR A 596 19.12 54.20 -19.78
CA THR A 596 18.48 53.78 -21.01
C THR A 596 19.50 53.00 -21.83
N GLU A 597 19.04 52.26 -22.84
CA GLU A 597 19.92 51.42 -23.64
C GLU A 597 20.99 52.26 -24.33
N GLU A 598 20.65 53.49 -24.76
CA GLU A 598 21.57 54.38 -25.43
C GLU A 598 22.85 54.60 -24.60
N ASP A 599 22.74 54.57 -23.25
CA ASP A 599 23.85 54.68 -22.35
C ASP A 599 24.87 53.58 -22.60
N ALA A 600 24.37 52.34 -22.88
CA ALA A 600 25.21 51.19 -23.19
C ALA A 600 25.89 51.34 -24.56
N PHE A 601 25.20 51.94 -25.53
CA PHE A 601 25.77 52.20 -26.84
C PHE A 601 26.94 53.22 -26.69
N ASN A 602 26.72 54.27 -25.93
CA ASN A 602 27.75 55.29 -25.66
C ASN A 602 28.94 54.71 -24.92
N ASP A 603 28.71 53.79 -23.99
CA ASP A 603 29.76 53.32 -23.10
C ASP A 603 30.61 52.26 -23.79
N GLY A 604 30.06 51.61 -24.83
CA GLY A 604 30.64 50.45 -25.47
C GLY A 604 31.07 50.76 -26.90
N PHE A 605 30.11 50.60 -27.84
CA PHE A 605 30.42 50.79 -29.24
C PHE A 605 31.15 52.11 -29.49
N ARG A 606 30.64 53.18 -28.88
CA ARG A 606 31.13 54.50 -29.20
C ARG A 606 32.41 54.87 -28.43
N ARG A 607 32.91 54.00 -27.52
CA ARG A 607 34.16 54.26 -26.84
C ARG A 607 35.27 53.43 -27.45
N ALA A 608 34.93 52.50 -28.33
CA ALA A 608 35.96 51.57 -28.76
C ALA A 608 37.10 52.37 -29.46
N GLY A 609 38.32 52.10 -29.04
CA GLY A 609 39.54 52.68 -29.59
C GLY A 609 39.74 54.13 -29.20
N GLN A 610 38.91 54.67 -28.29
CA GLN A 610 38.96 56.10 -27.97
C GLN A 610 39.99 56.31 -26.87
N PRO A 611 40.59 57.52 -26.74
CA PRO A 611 41.56 57.81 -25.66
C PRO A 611 41.09 57.56 -24.23
N GLY A 612 41.86 56.78 -23.44
CA GLY A 612 41.49 56.46 -22.06
C GLY A 612 40.34 55.45 -21.95
N ALA A 613 40.03 54.78 -23.08
CA ALA A 613 39.03 53.72 -23.09
C ALA A 613 39.68 52.42 -22.66
N PRO A 614 38.95 51.47 -22.04
CA PRO A 614 39.53 50.16 -21.82
C PRO A 614 39.64 49.40 -23.16
N ALA A 615 40.26 48.23 -23.13
CA ALA A 615 40.33 47.40 -24.30
C ALA A 615 38.90 46.93 -24.65
N ILE A 616 38.46 47.15 -25.88
CA ILE A 616 37.11 46.83 -26.33
C ILE A 616 37.23 46.21 -27.72
N ASP A 617 36.67 45.00 -27.92
CA ASP A 617 36.55 44.37 -29.23
C ASP A 617 35.14 44.70 -29.79
N SER A 618 35.06 45.43 -30.91
CA SER A 618 33.81 45.94 -31.47
C SER A 618 33.85 45.78 -32.98
N GLN A 619 32.75 45.23 -33.54
CA GLN A 619 32.51 45.22 -34.97
C GLN A 619 32.38 46.63 -35.56
N GLY A 620 32.17 47.64 -34.71
CA GLY A 620 32.17 49.00 -35.21
C GLY A 620 33.57 49.59 -35.45
N GLY A 621 34.60 48.96 -34.87
CA GLY A 621 35.95 49.48 -34.96
C GLY A 621 36.10 50.79 -34.19
N SER A 622 37.21 51.48 -34.51
CA SER A 622 37.58 52.63 -33.73
C SER A 622 36.91 53.89 -34.28
N THR A 623 36.10 53.79 -35.39
CA THR A 623 35.32 54.96 -35.81
C THR A 623 33.85 54.83 -35.37
N GLY A 624 33.60 53.90 -34.45
CA GLY A 624 32.26 53.66 -33.91
C GLY A 624 31.63 54.89 -33.28
N HIS A 625 32.50 55.77 -32.72
CA HIS A 625 32.02 57.00 -32.10
C HIS A 625 31.33 57.96 -33.06
N LEU A 626 31.55 57.78 -34.37
CA LEU A 626 30.88 58.65 -35.33
C LEU A 626 29.39 58.30 -35.46
N VAL A 627 29.02 57.08 -35.07
CA VAL A 627 27.60 56.68 -35.09
C VAL A 627 26.92 57.14 -33.80
N THR A 628 25.77 57.81 -33.92
CA THR A 628 24.86 58.07 -32.80
C THR A 628 23.45 57.58 -33.17
N TYR A 629 22.54 57.46 -32.18
CA TYR A 629 21.13 57.10 -32.49
C TYR A 629 20.61 58.12 -33.51
N ASP A 630 20.80 59.44 -33.24
CA ASP A 630 20.23 60.45 -34.12
C ASP A 630 20.71 60.31 -35.58
N ARG A 631 22.00 60.01 -35.75
CA ARG A 631 22.56 59.86 -37.10
C ARG A 631 22.00 58.64 -37.82
N LEU A 632 21.81 57.56 -37.05
CA LEU A 632 21.19 56.36 -37.62
C LEU A 632 19.74 56.60 -37.99
N ARG A 633 18.99 57.31 -37.17
CA ARG A 633 17.65 57.69 -37.55
C ARG A 633 17.63 58.40 -38.90
N LYS A 634 18.55 59.37 -39.13
CA LYS A 634 18.60 60.14 -40.37
C LYS A 634 18.99 59.24 -41.54
N SER A 635 19.81 58.22 -41.29
CA SER A 635 20.13 57.26 -42.32
C SER A 635 18.92 56.42 -42.73
N GLY A 636 17.97 56.18 -41.83
CA GLY A 636 16.86 55.28 -42.15
C GLY A 636 17.27 53.80 -42.12
N ASN A 637 16.44 52.97 -42.77
CA ASN A 637 16.73 51.55 -42.77
C ASN A 637 17.92 51.19 -43.68
N ASN A 638 18.41 52.14 -44.46
CA ASN A 638 19.64 51.92 -45.20
C ASN A 638 20.89 52.02 -44.34
N GLY A 639 20.83 52.72 -43.21
CA GLY A 639 21.91 52.72 -42.23
C GLY A 639 23.25 53.11 -42.89
N VAL A 640 24.30 52.47 -42.43
CA VAL A 640 25.63 52.61 -42.99
C VAL A 640 26.33 51.25 -42.88
N GLN A 641 27.10 50.92 -43.92
CA GLN A 641 28.02 49.77 -43.82
C GLN A 641 29.26 50.14 -43.01
N LEU A 642 29.55 49.33 -42.00
CA LEU A 642 30.69 49.51 -41.13
C LEU A 642 31.94 48.96 -41.79
N PRO A 643 33.17 49.48 -41.47
CA PRO A 643 33.33 50.67 -40.65
C PRO A 643 32.97 51.99 -41.31
N VAL A 644 32.50 52.92 -40.47
CA VAL A 644 32.28 54.29 -40.92
C VAL A 644 33.65 54.92 -41.24
N VAL A 645 33.74 55.66 -42.35
CA VAL A 645 34.93 56.31 -42.85
C VAL A 645 34.88 57.81 -42.57
N SER A 646 33.74 58.40 -42.64
CA SER A 646 33.55 59.81 -42.30
C SER A 646 32.07 60.08 -41.96
N TRP A 647 31.88 61.26 -41.35
CA TRP A 647 30.58 61.83 -41.05
C TRP A 647 30.67 63.35 -41.11
N ASP A 648 29.67 63.99 -41.70
CA ASP A 648 29.41 65.39 -41.44
C ASP A 648 27.91 65.66 -41.62
N GLU A 649 27.47 66.87 -41.18
CA GLU A 649 26.05 67.12 -41.16
C GLU A 649 25.47 67.09 -42.58
N SER A 650 26.29 67.41 -43.59
CA SER A 650 25.74 67.56 -44.93
C SER A 650 25.75 66.23 -45.66
N LYS A 651 26.73 65.36 -45.39
CA LYS A 651 26.77 64.09 -46.13
C LYS A 651 26.36 62.85 -45.29
N GLY A 652 26.14 62.99 -43.97
CA GLY A 652 25.65 61.88 -43.19
C GLY A 652 26.76 60.84 -43.00
N LEU A 653 26.40 59.65 -42.53
CA LEU A 653 27.39 58.61 -42.33
C LEU A 653 27.84 58.05 -43.66
N VAL A 654 29.14 57.93 -43.90
CA VAL A 654 29.63 57.27 -45.11
C VAL A 654 30.49 56.09 -44.68
N GLY A 655 30.29 54.91 -45.27
CA GLY A 655 30.97 53.73 -44.74
C GLY A 655 31.72 52.92 -45.79
N THR A 656 31.86 51.61 -45.56
CA THR A 656 32.76 50.76 -46.32
C THR A 656 31.99 49.66 -47.04
N GLU A 657 32.12 49.56 -48.36
CA GLU A 657 31.29 48.59 -49.09
C GLU A 657 31.89 47.17 -49.08
N MET A 658 33.17 47.06 -49.44
CA MET A 658 33.86 45.78 -49.54
C MET A 658 35.20 45.85 -48.82
N LEU A 659 35.62 44.76 -48.18
CA LEU A 659 36.89 44.78 -47.45
C LEU A 659 37.98 44.18 -48.37
N TYR A 660 39.22 44.53 -48.10
CA TYR A 660 40.39 43.90 -48.72
C TYR A 660 40.59 44.31 -50.17
N THR A 661 39.97 45.41 -50.65
CA THR A 661 40.12 45.71 -52.07
C THR A 661 41.51 46.30 -52.39
N GLU A 662 42.37 46.63 -51.40
CA GLU A 662 43.73 47.04 -51.75
C GLU A 662 44.71 45.91 -51.50
N GLY A 663 44.23 44.77 -51.11
CA GLY A 663 45.15 43.66 -50.93
C GLY A 663 45.89 43.70 -49.58
N LYS A 664 45.44 44.54 -48.63
CA LYS A 664 45.94 44.53 -47.27
C LYS A 664 44.95 43.74 -46.40
N PHE A 665 45.39 42.59 -45.91
CA PHE A 665 44.67 41.72 -45.02
C PHE A 665 44.97 41.99 -43.53
N ASP A 666 44.13 41.43 -42.66
CA ASP A 666 44.27 41.56 -41.23
C ASP A 666 45.26 40.52 -40.70
N THR A 667 46.53 40.64 -41.07
CA THR A 667 47.63 39.90 -40.48
C THR A 667 48.77 40.89 -40.17
N ASP A 668 49.81 40.36 -39.55
CA ASP A 668 50.92 41.16 -39.06
C ASP A 668 51.56 41.85 -40.26
N ASP A 669 51.64 41.14 -41.40
CA ASP A 669 52.39 41.59 -42.56
C ASP A 669 51.46 42.15 -43.64
N GLY A 670 50.14 42.10 -43.43
CA GLY A 670 49.19 42.59 -44.40
C GLY A 670 48.92 41.62 -45.52
N LYS A 671 49.58 40.46 -45.53
CA LYS A 671 49.28 39.46 -46.54
C LYS A 671 48.21 38.48 -46.06
N ALA A 672 47.57 37.78 -47.00
CA ALA A 672 46.70 36.66 -46.71
C ALA A 672 47.58 35.43 -46.57
N HIS A 673 47.27 34.60 -45.59
CA HIS A 673 48.10 33.46 -45.28
C HIS A 673 47.39 32.15 -45.62
N PHE A 674 48.02 31.34 -46.51
CA PHE A 674 47.56 30.01 -46.78
C PHE A 674 47.85 29.12 -45.59
N LYS A 675 47.07 28.04 -45.46
CA LYS A 675 47.20 27.09 -44.38
C LYS A 675 47.09 25.66 -44.89
N PRO A 676 47.79 24.71 -44.22
CA PRO A 676 47.64 23.31 -44.56
C PRO A 676 46.24 22.85 -44.17
N ALA A 677 45.70 21.92 -44.93
CA ALA A 677 44.37 21.39 -44.68
C ALA A 677 44.40 19.88 -44.85
N PRO A 678 44.74 19.10 -43.80
CA PRO A 678 44.83 17.65 -43.97
C PRO A 678 43.46 17.00 -44.03
N TRP A 679 43.32 16.00 -44.87
CA TRP A 679 42.16 15.14 -44.90
C TRP A 679 42.39 13.96 -43.95
N ASN A 680 41.64 13.90 -42.84
CA ASN A 680 41.73 12.83 -41.87
C ASN A 680 40.45 11.97 -41.75
N GLY A 681 39.53 12.05 -42.71
CA GLY A 681 38.28 11.34 -42.57
C GLY A 681 37.37 11.98 -41.50
N LEU A 682 36.38 11.21 -41.05
CA LEU A 682 35.47 11.62 -40.00
C LEU A 682 36.19 11.46 -38.66
N PRO A 683 35.81 12.23 -37.63
CA PRO A 683 36.33 11.97 -36.29
C PRO A 683 35.90 10.60 -35.81
N ALA A 684 36.77 9.97 -35.04
CA ALA A 684 36.52 8.63 -34.55
C ALA A 684 35.18 8.55 -33.82
N THR A 685 34.84 9.54 -32.98
CA THR A 685 33.59 9.47 -32.23
C THR A 685 32.39 9.35 -33.18
N VAL A 686 32.44 10.15 -34.25
CA VAL A 686 31.38 10.17 -35.26
C VAL A 686 31.44 8.90 -36.12
N GLN A 687 32.65 8.48 -36.53
CA GLN A 687 32.80 7.27 -37.34
C GLN A 687 32.26 6.04 -36.60
N GLN A 688 32.46 5.99 -35.27
CA GLN A 688 31.89 4.89 -34.50
C GLN A 688 30.38 4.85 -34.56
N GLN A 689 29.69 6.01 -34.52
CA GLN A 689 28.24 6.02 -34.65
C GLN A 689 27.85 5.56 -36.05
N LYS A 690 28.58 6.06 -37.07
CA LYS A 690 28.34 5.65 -38.45
C LYS A 690 28.49 4.14 -38.65
N ASP A 691 29.46 3.55 -37.93
CA ASP A 691 29.74 2.12 -38.03
C ASP A 691 28.64 1.28 -37.39
N LYS A 692 28.02 1.81 -36.34
CA LYS A 692 27.02 1.10 -35.56
C LYS A 692 25.60 1.30 -36.10
N TYR A 693 25.30 2.42 -36.77
CA TYR A 693 23.93 2.76 -37.05
C TYR A 693 23.75 3.17 -38.51
N ARG A 694 22.48 3.20 -38.95
CA ARG A 694 22.15 3.15 -40.36
C ARG A 694 22.10 4.56 -40.98
N PHE A 695 21.53 5.55 -40.28
CA PHE A 695 21.14 6.79 -40.97
C PHE A 695 22.04 7.95 -40.58
N TRP A 696 22.46 8.70 -41.62
CA TRP A 696 23.05 10.01 -41.39
C TRP A 696 21.96 10.96 -40.90
N LEU A 697 22.13 11.50 -39.70
CA LEU A 697 21.16 12.38 -39.04
C LEU A 697 21.51 13.85 -39.27
N ASN A 698 21.45 14.27 -40.52
CA ASN A 698 21.53 15.67 -40.90
C ASN A 698 20.41 16.44 -40.22
N ASN A 699 20.65 17.75 -40.07
CA ASN A 699 19.79 18.59 -39.25
C ASN A 699 19.98 20.05 -39.66
N GLY A 700 18.98 20.89 -39.36
CA GLY A 700 19.06 22.31 -39.65
C GLY A 700 17.67 22.95 -39.72
N ARG A 701 17.62 23.98 -40.58
CA ARG A 701 16.53 24.90 -40.56
C ARG A 701 15.38 24.50 -41.47
N ASN A 702 14.20 25.00 -41.09
CA ASN A 702 13.02 25.06 -41.92
C ASN A 702 12.72 26.55 -42.13
N ASN A 703 12.31 26.91 -43.35
CA ASN A 703 12.00 28.29 -43.72
C ASN A 703 11.02 28.93 -42.76
N GLU A 704 9.92 28.24 -42.43
CA GLU A 704 8.85 28.87 -41.67
C GLU A 704 9.18 28.99 -40.19
N VAL A 705 10.02 28.09 -39.65
CA VAL A 705 10.23 28.04 -38.21
C VAL A 705 11.49 28.86 -37.83
N TRP A 706 11.37 29.75 -36.84
CA TRP A 706 12.51 30.54 -36.34
C TRP A 706 13.07 29.84 -35.08
N GLN A 707 14.27 29.29 -35.25
CA GLN A 707 15.12 28.89 -34.15
C GLN A 707 14.41 27.89 -33.25
N THR A 708 14.44 28.13 -31.92
CA THR A 708 13.84 27.26 -30.91
C THR A 708 12.34 27.50 -30.79
N ALA A 709 11.76 28.25 -31.74
CA ALA A 709 10.31 28.38 -31.88
C ALA A 709 9.73 29.02 -30.63
N TYR A 710 10.46 29.95 -30.01
CA TYR A 710 10.03 30.52 -28.76
C TYR A 710 8.78 31.35 -28.99
N HIS A 711 8.68 32.09 -30.12
CA HIS A 711 7.41 32.66 -30.51
C HIS A 711 6.49 31.63 -31.21
N ASP A 712 7.04 30.87 -32.14
CA ASP A 712 6.18 30.07 -33.04
C ASP A 712 5.37 29.02 -32.29
N GLN A 713 5.86 28.56 -31.15
CA GLN A 713 5.19 27.58 -30.34
C GLN A 713 3.83 28.09 -29.88
N TYR A 714 3.61 29.40 -29.88
CA TYR A 714 2.34 30.00 -29.48
C TYR A 714 1.46 30.43 -30.66
N ASN A 715 1.90 30.13 -31.87
CA ASN A 715 1.23 30.59 -33.08
C ASN A 715 0.44 29.41 -33.63
N SER A 716 -0.88 29.56 -33.73
CA SER A 716 -1.76 28.44 -34.04
C SER A 716 -1.49 27.94 -35.47
N LEU A 717 -1.25 28.84 -36.44
CA LEU A 717 -0.90 28.42 -37.80
C LEU A 717 0.39 27.60 -37.81
N MET A 718 1.43 28.05 -37.06
CA MET A 718 2.70 27.37 -37.04
C MET A 718 2.56 25.97 -36.43
N GLN A 719 1.81 25.87 -35.34
CA GLN A 719 1.61 24.60 -34.64
C GLN A 719 0.75 23.64 -35.47
N GLU A 720 -0.15 24.18 -36.27
CA GLU A 720 -0.96 23.31 -37.12
C GLU A 720 -0.10 22.73 -38.26
N ARG A 721 0.84 23.52 -38.79
CA ARG A 721 1.68 23.08 -39.89
C ARG A 721 2.81 22.12 -39.45
N TYR A 722 3.46 22.45 -38.31
CA TYR A 722 4.59 21.73 -37.74
C TYR A 722 4.33 21.44 -36.26
N PRO A 723 3.38 20.54 -35.94
CA PRO A 723 3.06 20.25 -34.54
C PRO A 723 4.23 19.54 -33.85
N MET A 724 5.08 18.85 -34.64
CA MET A 724 6.18 18.11 -34.09
C MET A 724 7.37 18.31 -35.04
N ALA A 725 8.60 18.22 -34.52
CA ALA A 725 9.77 18.27 -35.37
C ALA A 725 9.60 17.18 -36.39
N TYR A 726 9.96 17.44 -37.64
CA TYR A 726 9.88 16.44 -38.67
C TYR A 726 11.28 15.99 -39.11
N ILE A 727 11.31 14.79 -39.69
CA ILE A 727 12.51 14.13 -40.22
C ILE A 727 12.18 13.72 -41.65
N GLU A 728 12.91 14.33 -42.58
CA GLU A 728 12.84 13.99 -43.99
C GLU A 728 13.57 12.64 -44.14
N MET A 729 12.88 11.71 -44.81
CA MET A 729 13.34 10.36 -45.06
C MET A 729 13.08 9.99 -46.52
N ASN A 730 14.01 9.19 -47.04
CA ASN A 730 13.85 8.65 -48.37
C ASN A 730 12.62 7.73 -48.41
N PRO A 731 11.72 7.79 -49.43
CA PRO A 731 10.53 6.94 -49.42
C PRO A 731 10.82 5.44 -49.39
N ASP A 732 11.94 5.01 -49.99
CA ASP A 732 12.27 3.59 -49.99
C ASP A 732 12.65 3.13 -48.59
N ASP A 733 13.36 4.00 -47.89
CA ASP A 733 13.70 3.76 -46.50
C ASP A 733 12.44 3.73 -45.65
N CYS A 734 11.49 4.64 -45.94
CA CYS A 734 10.21 4.68 -45.25
C CYS A 734 9.49 3.34 -45.40
N LYS A 735 9.37 2.82 -46.61
CA LYS A 735 8.65 1.57 -46.86
C LYS A 735 9.33 0.42 -46.11
N GLN A 736 10.65 0.46 -46.00
CA GLN A 736 11.36 -0.57 -45.29
C GLN A 736 11.01 -0.55 -43.82
N LEU A 737 10.83 0.63 -43.25
CA LEU A 737 10.47 0.76 -41.86
C LEU A 737 8.95 0.82 -41.65
N ASP A 738 8.15 0.63 -42.72
CA ASP A 738 6.72 0.71 -42.67
C ASP A 738 6.24 2.03 -42.05
N VAL A 739 6.84 3.15 -42.49
CA VAL A 739 6.37 4.47 -42.05
C VAL A 739 6.00 5.30 -43.26
N THR A 740 5.10 6.26 -43.00
CA THR A 740 4.74 7.26 -43.97
C THR A 740 4.51 8.59 -43.25
N GLY A 741 4.23 9.63 -44.02
CA GLY A 741 4.03 10.98 -43.47
C GLY A 741 2.99 10.96 -42.33
N GLY A 742 3.40 11.51 -41.19
CA GLY A 742 2.51 11.64 -40.03
C GLY A 742 2.70 10.51 -39.04
N ASP A 743 3.58 9.51 -39.35
CA ASP A 743 3.98 8.55 -38.33
C ASP A 743 4.97 9.22 -37.39
N ILE A 744 5.09 8.71 -36.18
CA ILE A 744 6.09 9.17 -35.25
C ILE A 744 7.16 8.09 -35.15
N VAL A 745 8.44 8.53 -35.19
CA VAL A 745 9.55 7.63 -35.02
C VAL A 745 10.41 8.06 -33.84
N GLU A 746 11.11 7.10 -33.21
CA GLU A 746 12.25 7.38 -32.33
C GLU A 746 13.54 7.34 -33.15
N VAL A 747 14.38 8.33 -32.93
CA VAL A 747 15.70 8.46 -33.50
C VAL A 747 16.71 8.35 -32.37
N TYR A 748 17.68 7.42 -32.49
CA TYR A 748 18.58 7.17 -31.37
C TYR A 748 19.92 6.60 -31.78
N ASN A 749 20.85 6.73 -30.86
CA ASN A 749 22.20 6.24 -31.03
C ASN A 749 22.83 6.15 -29.64
N ASP A 750 24.16 6.09 -29.53
CA ASP A 750 24.79 5.97 -28.23
C ASP A 750 24.67 7.26 -27.41
N PHE A 751 24.44 8.41 -28.05
CA PHE A 751 24.38 9.68 -27.36
C PHE A 751 22.99 10.01 -26.80
N GLY A 752 21.95 9.50 -27.43
CA GLY A 752 20.62 9.79 -26.91
C GLY A 752 19.50 9.28 -27.81
N SER A 753 18.30 9.71 -27.41
CA SER A 753 17.06 9.31 -28.02
C SER A 753 16.16 10.55 -28.16
N THR A 754 15.49 10.68 -29.31
CA THR A 754 14.47 11.70 -29.49
C THR A 754 13.43 11.20 -30.45
N PHE A 755 12.45 12.09 -30.78
CA PHE A 755 11.31 11.72 -31.59
C PHE A 755 11.15 12.75 -32.70
N ALA A 756 10.44 12.31 -33.76
CA ALA A 756 10.12 13.15 -34.90
C ALA A 756 8.89 12.57 -35.62
N MET A 757 8.18 13.42 -36.34
CA MET A 757 7.20 12.94 -37.29
C MET A 757 7.87 12.77 -38.66
N VAL A 758 7.47 11.68 -39.33
CA VAL A 758 8.08 11.23 -40.57
C VAL A 758 7.57 12.12 -41.70
N TYR A 759 8.51 12.58 -42.54
CA TYR A 759 8.19 13.43 -43.69
C TYR A 759 8.87 12.83 -44.91
N PRO A 760 8.20 11.93 -45.67
CA PRO A 760 8.79 11.36 -46.84
C PRO A 760 9.13 12.43 -47.85
N VAL A 761 10.40 12.37 -48.35
CA VAL A 761 10.95 13.32 -49.27
C VAL A 761 11.72 12.52 -50.31
N ALA A 762 11.24 12.61 -51.55
CA ALA A 762 11.84 11.87 -52.65
C ALA A 762 13.32 12.21 -52.86
N GLU A 763 13.69 13.46 -52.60
CA GLU A 763 15.02 13.99 -52.87
C GLU A 763 16.06 13.54 -51.85
N ILE A 764 15.64 12.96 -50.72
CA ILE A 764 16.58 12.49 -49.70
C ILE A 764 17.20 11.19 -50.19
N LYS A 765 18.50 11.06 -49.99
CA LYS A 765 19.27 9.91 -50.41
C LYS A 765 19.05 8.77 -49.45
N ARG A 766 19.18 7.57 -50.00
CA ARG A 766 18.96 6.37 -49.17
C ARG A 766 20.01 6.41 -48.06
N GLY A 767 19.65 6.15 -46.81
CA GLY A 767 20.57 6.12 -45.70
C GLY A 767 20.86 7.49 -45.12
N GLN A 768 20.20 8.52 -45.65
CA GLN A 768 20.30 9.87 -45.13
C GLN A 768 18.91 10.33 -44.68
N THR A 769 18.90 11.29 -43.78
CA THR A 769 17.73 11.94 -43.24
C THR A 769 18.06 13.40 -42.96
N PHE A 770 17.04 14.17 -42.59
CA PHE A 770 17.19 15.60 -42.28
C PHE A 770 16.14 15.90 -41.22
N MET A 771 16.58 16.28 -40.03
CA MET A 771 15.61 16.58 -38.99
C MET A 771 15.70 18.06 -38.62
N LEU A 772 14.54 18.67 -38.41
CA LEU A 772 14.47 20.05 -37.88
C LEU A 772 15.16 20.13 -36.53
N PHE A 773 16.07 21.09 -36.42
CA PHE A 773 16.88 21.25 -35.22
C PHE A 773 16.10 22.13 -34.23
N GLY A 774 16.52 22.04 -32.97
CA GLY A 774 16.16 23.04 -32.00
C GLY A 774 14.71 23.13 -31.56
N TYR A 775 13.84 22.17 -31.92
CA TYR A 775 12.44 22.46 -31.76
C TYR A 775 11.86 22.13 -30.37
N VAL A 776 10.61 22.58 -30.18
CA VAL A 776 9.91 22.47 -28.91
C VAL A 776 9.28 21.09 -28.73
N ASN A 777 9.15 20.29 -29.79
CA ASN A 777 8.51 18.99 -29.73
C ASN A 777 9.36 18.01 -30.54
N GLY A 778 10.35 17.39 -29.84
CA GLY A 778 11.31 16.51 -30.47
C GLY A 778 12.60 17.27 -30.75
N ILE A 779 13.51 17.29 -29.76
CA ILE A 779 14.76 17.98 -29.80
C ILE A 779 15.75 17.14 -30.57
N GLN A 780 16.27 17.67 -31.68
CA GLN A 780 17.21 16.91 -32.51
C GLN A 780 18.56 16.66 -31.82
N GLY A 781 19.00 17.61 -31.00
CA GLY A 781 20.37 17.63 -30.51
C GLY A 781 20.73 16.51 -29.56
N ASP A 782 19.71 15.77 -29.06
CA ASP A 782 19.89 14.59 -28.24
C ASP A 782 20.83 13.58 -28.90
N VAL A 783 20.86 13.56 -30.24
CA VAL A 783 21.63 12.53 -30.92
C VAL A 783 22.90 13.08 -31.54
N THR A 784 23.22 14.35 -31.32
CA THR A 784 24.53 14.88 -31.72
C THR A 784 25.57 14.45 -30.69
N THR A 785 26.83 14.32 -31.15
CA THR A 785 27.91 13.82 -30.32
C THR A 785 28.52 14.98 -29.55
N ASP A 786 29.48 14.61 -28.68
CA ASP A 786 30.22 15.62 -27.93
C ASP A 786 31.43 16.12 -28.71
N TRP A 787 31.65 15.62 -29.93
CA TRP A 787 32.91 15.91 -30.61
C TRP A 787 32.96 17.35 -31.10
N THR A 788 34.10 17.99 -30.88
CA THR A 788 34.41 19.35 -31.31
C THR A 788 35.80 19.45 -31.93
N ASP A 789 36.04 20.48 -32.74
CA ASP A 789 37.33 20.67 -33.36
C ASP A 789 38.30 21.30 -32.33
N ARG A 790 39.47 21.72 -32.81
CA ARG A 790 40.55 22.12 -31.90
C ARG A 790 40.11 23.33 -31.10
N ASN A 791 39.17 24.14 -31.61
CA ASN A 791 38.71 25.30 -30.90
C ASN A 791 37.34 25.08 -30.19
N ILE A 792 36.92 23.84 -29.99
CA ILE A 792 35.66 23.48 -29.35
C ILE A 792 34.45 23.97 -30.20
N ILE A 793 34.57 23.75 -31.50
CA ILE A 793 33.47 23.94 -32.44
C ILE A 793 32.87 22.56 -32.74
N PRO A 794 31.57 22.37 -32.41
CA PRO A 794 30.92 21.08 -32.63
C PRO A 794 30.64 20.70 -34.08
N TYR A 795 30.75 19.40 -34.37
CA TYR A 795 30.31 18.83 -35.62
C TYR A 795 28.82 18.48 -35.51
N TYR A 796 27.95 19.51 -35.40
CA TYR A 796 26.55 19.30 -35.20
C TYR A 796 25.92 18.56 -36.39
N LYS A 797 26.51 18.66 -37.59
CA LYS A 797 25.95 18.00 -38.76
C LYS A 797 26.53 16.59 -38.95
N GLY A 798 27.26 16.08 -37.94
CA GLY A 798 27.99 14.84 -38.03
C GLY A 798 27.56 13.90 -36.91
N THR A 799 26.55 13.08 -37.24
CA THR A 799 26.03 12.08 -36.35
C THR A 799 25.18 11.10 -37.17
N TRP A 800 25.21 9.86 -36.67
CA TRP A 800 24.47 8.75 -37.29
C TRP A 800 23.64 8.06 -36.19
N GLY A 801 22.55 7.40 -36.57
CA GLY A 801 21.63 6.77 -35.63
C GLY A 801 20.65 5.84 -36.34
N ASP A 802 19.82 5.16 -35.56
CA ASP A 802 18.81 4.28 -36.05
C ASP A 802 17.46 4.94 -35.82
N ILE A 803 16.45 4.34 -36.44
CA ILE A 803 15.10 4.91 -36.50
C ILE A 803 14.11 3.81 -36.27
N ARG A 804 13.15 4.01 -35.39
CA ARG A 804 12.21 2.97 -34.97
C ARG A 804 10.80 3.59 -35.00
N LYS A 805 9.86 2.91 -35.64
CA LYS A 805 8.49 3.33 -35.67
C LYS A 805 7.88 3.31 -34.28
N VAL A 806 7.28 4.45 -33.85
CA VAL A 806 6.44 4.49 -32.67
C VAL A 806 5.00 4.18 -33.06
N GLY A 807 4.45 4.91 -34.06
CA GLY A 807 3.05 4.78 -34.35
C GLY A 807 2.58 5.81 -35.36
N SER A 808 1.32 5.67 -35.80
CA SER A 808 0.68 6.59 -36.73
C SER A 808 -0.09 7.62 -35.92
N MET A 809 0.27 8.90 -36.07
CA MET A 809 -0.52 9.97 -35.48
C MET A 809 -1.60 10.42 -36.46
N GLU A 810 -2.81 9.90 -36.29
CA GLU A 810 -3.86 10.12 -37.26
C GLU A 810 -4.16 11.61 -37.40
N GLU A 811 -4.07 12.33 -36.28
CA GLU A 811 -4.35 13.76 -36.24
C GLU A 811 -3.37 14.52 -37.17
N PHE A 812 -2.09 14.09 -37.20
CA PHE A 812 -1.11 14.72 -38.08
C PHE A 812 -1.44 14.42 -39.53
N LYS A 813 -1.84 13.18 -39.82
CA LYS A 813 -2.27 12.80 -41.16
C LYS A 813 -3.41 13.68 -41.64
N ARG A 814 -4.34 14.04 -40.72
CA ARG A 814 -5.51 14.81 -41.10
C ARG A 814 -5.22 16.32 -41.27
N THR A 815 -4.12 16.83 -40.65
CA THR A 815 -4.00 18.27 -40.52
C THR A 815 -2.69 18.82 -41.08
N VAL A 816 -1.64 17.99 -41.20
CA VAL A 816 -0.35 18.41 -41.68
C VAL A 816 -0.18 18.04 -43.15
N SER A 817 0.25 18.98 -43.98
CA SER A 817 0.74 18.63 -45.31
C SER A 817 2.10 17.94 -45.29
N PHE A 818 2.19 16.81 -46.00
CA PHE A 818 3.45 16.11 -46.23
C PHE A 818 3.83 16.21 -47.68
N LYS A 819 3.38 17.29 -48.34
CA LYS A 819 3.69 17.52 -49.71
C LYS A 819 5.04 18.21 -49.88
N SER A 820 5.59 18.15 -51.09
CA SER A 820 6.98 18.52 -51.33
C SER A 820 7.22 20.01 -51.07
N ARG A 821 8.32 20.30 -50.35
CA ARG A 821 8.82 21.64 -50.12
C ARG A 821 9.91 22.06 -51.11
N ARG A 822 10.16 21.27 -52.15
CA ARG A 822 11.14 21.58 -53.19
C ARG A 822 10.41 22.04 -54.44
N PHE A 823 10.33 23.33 -54.68
CA PHE A 823 9.46 23.84 -55.72
C PHE A 823 9.87 23.43 -57.13
N ALA A 824 8.88 22.95 -57.91
N ALA A 824 8.88 22.95 -57.92
CA ALA A 824 9.02 22.76 -59.34
CA ALA A 824 9.04 22.78 -59.36
C ALA A 824 7.69 23.04 -60.07
C ALA A 824 7.73 23.06 -60.09
N ALA B 1 -25.66 50.12 -40.02
CA ALA B 1 -24.64 50.68 -39.11
C ALA B 1 -24.46 49.75 -37.90
N GLY B 2 -25.41 48.82 -37.70
CA GLY B 2 -25.21 47.78 -36.71
C GLY B 2 -24.21 46.70 -37.17
N ARG B 3 -23.67 46.76 -38.42
CA ARG B 3 -23.27 45.54 -39.14
C ARG B 3 -21.77 45.25 -39.02
N THR B 4 -21.46 44.00 -38.66
CA THR B 4 -20.10 43.60 -38.37
C THR B 4 -19.57 42.70 -39.48
N THR B 5 -20.45 42.24 -40.36
CA THR B 5 -20.10 41.34 -41.42
C THR B 5 -20.05 42.14 -42.71
N LEU B 6 -19.25 41.61 -43.64
CA LEU B 6 -19.18 42.08 -45.00
C LEU B 6 -20.39 41.57 -45.78
N GLN B 7 -20.80 42.35 -46.81
CA GLN B 7 -21.97 42.10 -47.63
C GLN B 7 -21.54 41.25 -48.83
N TYR B 8 -21.35 39.94 -48.64
CA TYR B 8 -20.84 39.13 -49.72
C TYR B 8 -21.97 38.86 -50.71
N PRO B 9 -21.71 38.85 -52.03
CA PRO B 9 -22.74 38.39 -52.98
C PRO B 9 -22.90 36.88 -52.95
N ALA B 10 -24.00 36.37 -53.53
CA ALA B 10 -24.20 34.95 -53.77
C ALA B 10 -24.02 34.72 -55.26
N THR B 11 -22.92 34.04 -55.63
CA THR B 11 -22.60 33.85 -57.05
C THR B 11 -22.62 32.37 -57.41
N GLN B 12 -23.48 31.99 -58.36
CA GLN B 12 -23.47 30.63 -58.84
C GLN B 12 -22.14 30.32 -59.53
N VAL B 13 -21.53 29.16 -59.24
CA VAL B 13 -20.32 28.74 -59.92
C VAL B 13 -20.67 27.76 -61.05
N SER B 14 -21.17 26.59 -60.61
CA SER B 14 -21.71 25.59 -61.53
C SER B 14 -22.64 24.64 -60.76
N VAL B 15 -23.01 23.53 -61.39
CA VAL B 15 -23.56 22.42 -60.64
C VAL B 15 -22.42 21.46 -60.36
N ALA B 16 -22.48 20.81 -59.20
CA ALA B 16 -21.43 19.92 -58.73
C ALA B 16 -21.10 18.81 -59.71
N LYS B 17 -22.13 18.20 -60.31
CA LYS B 17 -21.85 17.03 -61.10
C LYS B 17 -21.18 17.40 -62.43
N ASN B 18 -21.21 18.66 -62.85
CA ASN B 18 -20.48 19.03 -64.04
C ASN B 18 -18.95 18.94 -63.78
N LEU B 19 -18.50 19.03 -62.52
CA LEU B 19 -17.06 19.13 -62.28
C LEU B 19 -16.40 17.75 -62.41
N LYS B 20 -15.28 17.65 -63.12
CA LYS B 20 -14.55 16.39 -63.21
C LYS B 20 -13.43 16.35 -62.16
N ALA B 21 -13.12 15.18 -61.64
CA ALA B 21 -12.06 15.01 -60.67
C ALA B 21 -10.75 15.69 -61.13
N ASN B 22 -10.25 16.60 -60.33
CA ASN B 22 -8.92 17.24 -60.46
C ASN B 22 -8.83 18.11 -61.71
N GLU B 23 -9.97 18.61 -62.22
CA GLU B 23 -10.02 19.53 -63.35
C GLU B 23 -10.60 20.87 -62.89
N PRO B 24 -9.74 21.87 -62.56
CA PRO B 24 -10.16 23.10 -61.92
C PRO B 24 -11.06 23.92 -62.81
N VAL B 25 -12.05 24.58 -62.19
CA VAL B 25 -12.86 25.59 -62.84
C VAL B 25 -12.47 26.98 -62.35
N SER B 26 -12.41 27.95 -63.26
CA SER B 26 -12.10 29.34 -62.97
C SER B 26 -13.35 30.14 -62.85
N PHE B 27 -13.41 31.02 -61.88
CA PHE B 27 -14.52 31.99 -61.78
C PHE B 27 -14.04 33.21 -60.99
N THR B 28 -14.88 34.26 -60.88
CA THR B 28 -14.51 35.45 -60.12
C THR B 28 -15.47 35.58 -58.94
N TYR B 29 -14.87 35.94 -57.78
CA TYR B 29 -15.60 36.10 -56.54
C TYR B 29 -14.73 36.85 -55.52
N PRO B 30 -15.24 37.90 -54.82
CA PRO B 30 -16.61 38.39 -54.95
C PRO B 30 -16.85 39.47 -56.01
N ASP B 31 -15.88 39.73 -56.86
CA ASP B 31 -16.03 40.64 -57.96
C ASP B 31 -15.10 40.19 -59.07
N THR B 32 -15.20 40.84 -60.24
CA THR B 32 -14.48 40.36 -61.41
C THR B 32 -12.99 40.60 -61.29
N SER B 33 -12.47 41.31 -60.27
CA SER B 33 -11.01 41.44 -60.12
C SER B 33 -10.43 40.42 -59.13
N SER B 34 -11.24 39.49 -58.66
CA SER B 34 -10.81 38.48 -57.70
C SER B 34 -10.90 37.08 -58.34
N PRO B 35 -9.82 36.56 -58.98
CA PRO B 35 -9.86 35.26 -59.62
C PRO B 35 -9.84 34.14 -58.59
N CYS B 36 -10.65 33.11 -58.86
CA CYS B 36 -10.79 31.94 -58.01
C CYS B 36 -10.82 30.63 -58.82
N VAL B 37 -10.57 29.51 -58.13
CA VAL B 37 -10.71 28.19 -58.71
C VAL B 37 -11.54 27.33 -57.78
N ALA B 38 -12.39 26.49 -58.37
CA ALA B 38 -13.00 25.39 -57.66
C ALA B 38 -12.49 24.10 -58.23
N VAL B 39 -12.33 23.10 -57.39
CA VAL B 39 -11.86 21.83 -57.93
C VAL B 39 -12.48 20.69 -57.14
N LYS B 40 -12.91 19.66 -57.87
CA LYS B 40 -13.27 18.39 -57.28
C LYS B 40 -12.00 17.57 -57.04
N LEU B 41 -11.69 17.26 -55.79
CA LEU B 41 -10.41 16.64 -55.51
C LEU B 41 -10.43 15.14 -55.81
N GLY B 42 -11.62 14.48 -55.66
CA GLY B 42 -11.68 13.05 -55.94
C GLY B 42 -11.78 12.21 -54.68
N SER B 43 -11.43 12.80 -53.53
CA SER B 43 -11.53 12.12 -52.25
C SER B 43 -11.96 13.12 -51.22
N PRO B 44 -12.78 12.74 -50.23
CA PRO B 44 -13.23 13.69 -49.21
C PRO B 44 -12.10 14.38 -48.46
N VAL B 45 -12.28 15.68 -48.20
CA VAL B 45 -11.46 16.42 -47.25
C VAL B 45 -12.38 17.20 -46.31
N PRO B 46 -11.88 17.57 -45.13
CA PRO B 46 -12.61 18.39 -44.19
C PRO B 46 -13.10 19.66 -44.85
N GLY B 47 -14.42 19.83 -44.72
CA GLY B 47 -15.07 21.02 -45.22
C GLY B 47 -15.30 21.01 -46.73
N GLY B 48 -14.84 19.94 -47.43
CA GLY B 48 -15.19 19.73 -48.82
C GLY B 48 -16.70 19.66 -49.02
N VAL B 49 -17.20 20.12 -50.17
CA VAL B 49 -18.61 20.02 -50.40
C VAL B 49 -18.91 19.23 -51.65
N GLY B 50 -20.21 19.08 -51.89
CA GLY B 50 -20.72 18.29 -52.98
C GLY B 50 -21.08 16.87 -52.53
N PRO B 51 -21.54 16.06 -53.52
CA PRO B 51 -21.93 14.69 -53.27
C PRO B 51 -20.83 13.86 -52.59
N ASN B 52 -19.57 14.04 -53.00
CA ASN B 52 -18.45 13.28 -52.43
C ASN B 52 -17.56 14.10 -51.45
N ASN B 53 -18.06 15.24 -50.99
CA ASN B 53 -17.41 16.08 -49.94
C ASN B 53 -15.96 16.41 -50.25
N ASP B 54 -15.68 16.62 -51.48
CA ASP B 54 -14.40 16.70 -52.01
C ASP B 54 -14.23 17.92 -52.89
N ILE B 55 -15.22 18.81 -52.99
CA ILE B 55 -15.08 20.02 -53.77
C ILE B 55 -14.60 21.18 -52.89
N VAL B 56 -13.56 21.88 -53.33
CA VAL B 56 -12.99 22.98 -52.56
C VAL B 56 -12.77 24.12 -53.51
N ALA B 57 -12.75 25.35 -52.97
CA ALA B 57 -12.51 26.51 -53.79
C ALA B 57 -11.65 27.53 -53.03
N TYR B 58 -10.86 28.26 -53.79
CA TYR B 58 -9.88 29.24 -53.28
C TYR B 58 -9.81 30.49 -54.15
N SER B 59 -9.39 31.59 -53.50
CA SER B 59 -8.76 32.74 -54.15
C SER B 59 -7.42 32.26 -54.69
N VAL B 60 -7.06 32.61 -55.93
CA VAL B 60 -5.78 32.15 -56.44
C VAL B 60 -4.71 33.21 -56.26
N LEU B 61 -5.03 34.38 -55.76
CA LEU B 61 -3.99 35.42 -55.56
C LEU B 61 -3.10 35.04 -54.37
N CYS B 62 -1.79 34.94 -54.64
CA CYS B 62 -0.86 34.61 -53.60
C CYS B 62 -1.01 35.60 -52.44
N THR B 63 -1.06 35.12 -51.18
CA THR B 63 -1.21 36.00 -50.04
C THR B 63 0.14 36.64 -49.61
N HIS B 64 1.26 36.27 -50.26
CA HIS B 64 2.52 36.96 -50.10
C HIS B 64 2.48 38.36 -50.76
N MET B 65 2.59 38.40 -52.10
CA MET B 65 2.55 39.67 -52.80
C MET B 65 1.71 39.61 -54.08
N GLY B 66 0.77 38.66 -54.16
CA GLY B 66 -0.44 38.88 -54.95
C GLY B 66 -0.32 38.36 -56.37
N PHE B 67 0.72 37.61 -56.77
CA PHE B 67 0.66 37.07 -58.12
C PHE B 67 -0.44 36.02 -58.15
N PRO B 68 -1.13 35.82 -59.29
CA PRO B 68 -2.02 34.69 -59.51
C PRO B 68 -1.26 33.39 -59.48
N THR B 69 -1.67 32.49 -58.58
CA THR B 69 -1.04 31.20 -58.46
C THR B 69 -1.62 30.24 -59.47
N SER B 70 -0.91 29.16 -59.78
CA SER B 70 -1.46 28.19 -60.69
C SER B 70 -1.65 26.85 -59.99
N TYR B 71 -2.76 26.20 -60.35
CA TYR B 71 -3.09 24.91 -59.80
C TYR B 71 -2.26 23.85 -60.51
N ASP B 72 -1.61 22.99 -59.73
CA ASP B 72 -0.85 21.88 -60.22
C ASP B 72 -1.61 20.58 -59.94
N LYS B 73 -2.07 19.98 -61.04
CA LYS B 73 -2.90 18.80 -60.92
C LYS B 73 -2.15 17.63 -60.35
N SER B 74 -0.84 17.50 -60.61
CA SER B 74 -0.14 16.33 -60.12
C SER B 74 -0.07 16.35 -58.61
N SER B 75 0.01 17.53 -57.98
CA SER B 75 0.24 17.59 -56.55
C SER B 75 -0.94 18.12 -55.73
N LYS B 76 -1.96 18.63 -56.44
CA LYS B 76 -3.12 19.30 -55.88
C LYS B 76 -2.69 20.43 -54.94
N THR B 77 -1.87 21.33 -55.52
CA THR B 77 -1.39 22.51 -54.86
C THR B 77 -1.54 23.71 -55.78
N PHE B 78 -1.45 24.91 -55.20
CA PHE B 78 -1.36 26.15 -55.92
C PHE B 78 0.08 26.69 -55.71
N LYS B 79 0.75 26.97 -56.81
CA LYS B 79 2.15 27.39 -56.80
C LYS B 79 2.25 28.84 -57.24
N CYS B 80 3.07 29.63 -56.52
CA CYS B 80 3.24 31.02 -56.85
C CYS B 80 4.56 31.20 -57.60
N PRO B 81 4.55 31.84 -58.79
CA PRO B 81 5.78 32.08 -59.51
C PRO B 81 6.63 33.21 -58.93
N GLY B 82 6.10 33.95 -57.94
CA GLY B 82 6.75 35.17 -57.47
C GLY B 82 7.95 34.83 -56.60
N HIS B 83 7.70 34.20 -55.44
CA HIS B 83 8.81 33.78 -54.55
C HIS B 83 8.63 32.35 -54.09
N PHE B 84 7.87 31.56 -54.90
CA PHE B 84 7.84 30.08 -54.84
C PHE B 84 7.01 29.56 -53.63
N THR B 85 6.12 30.37 -53.07
CA THR B 85 5.17 29.84 -52.10
C THR B 85 4.28 28.77 -52.76
N GLU B 86 4.01 27.72 -51.99
CA GLU B 86 3.11 26.66 -52.44
C GLU B 86 2.07 26.33 -51.37
N PHE B 87 0.80 26.25 -51.79
CA PHE B 87 -0.33 26.04 -50.89
C PHE B 87 -1.08 24.75 -51.19
N ASP B 88 -1.53 24.08 -50.12
CA ASP B 88 -2.10 22.75 -50.23
C ASP B 88 -3.61 22.80 -50.41
N ALA B 89 -4.12 22.36 -51.56
CA ALA B 89 -5.56 22.43 -51.84
C ALA B 89 -6.35 21.46 -50.96
N GLU B 90 -5.67 20.42 -50.45
CA GLU B 90 -6.23 19.37 -49.63
C GLU B 90 -6.16 19.70 -48.12
N LYS B 91 -5.51 20.81 -47.73
CA LYS B 91 -5.39 21.20 -46.33
C LYS B 91 -5.80 22.66 -46.11
N ALA B 92 -6.85 23.04 -46.78
CA ALA B 92 -7.49 24.34 -46.62
C ALA B 92 -6.46 25.45 -46.79
N GLY B 93 -5.65 25.29 -47.86
CA GLY B 93 -4.73 26.32 -48.26
C GLY B 93 -3.50 26.48 -47.39
N GLN B 94 -3.22 25.48 -46.53
CA GLN B 94 -2.05 25.44 -45.72
C GLN B 94 -0.80 25.65 -46.58
N MET B 95 0.06 26.56 -46.13
CA MET B 95 1.28 26.81 -46.87
C MET B 95 2.28 25.67 -46.63
N ILE B 96 2.69 24.99 -47.71
CA ILE B 96 3.60 23.86 -47.60
C ILE B 96 5.05 24.33 -47.31
N CYS B 97 5.41 25.41 -48.01
CA CYS B 97 6.70 26.09 -47.97
C CYS B 97 6.46 27.47 -48.60
N GLY B 98 7.06 28.54 -48.06
CA GLY B 98 6.94 29.83 -48.77
C GLY B 98 6.98 31.01 -47.82
N GLN B 99 6.67 32.18 -48.37
CA GLN B 99 6.98 33.42 -47.68
C GLN B 99 5.71 34.12 -47.19
N ALA B 100 4.51 33.57 -47.50
CA ALA B 100 3.27 34.12 -46.97
C ALA B 100 3.14 33.89 -45.46
N THR B 101 2.35 34.72 -44.84
CA THR B 101 1.95 34.63 -43.46
C THR B 101 0.45 34.33 -43.33
N GLU B 102 -0.21 33.95 -44.42
CA GLU B 102 -1.64 33.62 -44.42
C GLU B 102 -1.89 32.52 -45.43
N ASN B 103 -2.73 31.57 -45.06
CA ASN B 103 -3.13 30.47 -45.88
C ASN B 103 -3.89 31.01 -47.08
N LEU B 104 -3.92 30.24 -48.16
CA LEU B 104 -4.66 30.66 -49.33
C LEU B 104 -6.14 30.80 -48.93
N PRO B 105 -6.83 31.98 -49.14
CA PRO B 105 -8.23 32.13 -48.72
C PRO B 105 -9.19 31.14 -49.43
N ARG B 106 -10.06 30.55 -48.63
CA ARG B 106 -11.08 29.62 -49.14
C ARG B 106 -12.30 30.40 -49.55
N VAL B 107 -12.81 30.11 -50.75
CA VAL B 107 -14.16 30.58 -51.10
C VAL B 107 -15.18 29.57 -50.54
N LEU B 108 -16.05 30.03 -49.66
CA LEU B 108 -17.09 29.25 -49.05
C LEU B 108 -18.24 29.00 -50.04
N LEU B 109 -18.47 27.73 -50.33
CA LEU B 109 -19.49 27.28 -51.28
C LEU B 109 -20.68 26.70 -50.50
N ARG B 110 -21.88 27.10 -50.88
CA ARG B 110 -23.07 26.33 -50.50
C ARG B 110 -23.31 25.30 -51.61
N TYR B 111 -23.55 24.04 -51.22
CA TYR B 111 -24.06 23.02 -52.14
C TYR B 111 -25.48 22.68 -51.77
N ASP B 112 -26.43 22.84 -52.77
CA ASP B 112 -27.82 22.54 -52.61
C ASP B 112 -28.11 21.20 -53.31
N GLU B 113 -28.45 20.20 -52.51
CA GLU B 113 -28.71 18.85 -52.97
C GLU B 113 -29.89 18.90 -53.94
N ALA B 114 -30.88 19.76 -53.68
CA ALA B 114 -32.09 19.82 -54.51
C ALA B 114 -31.79 20.20 -55.97
N SER B 115 -30.82 21.08 -56.24
CA SER B 115 -30.53 21.65 -57.56
C SER B 115 -29.17 21.20 -58.09
N ASP B 116 -28.38 20.53 -57.22
CA ASP B 116 -26.97 20.22 -57.43
C ASP B 116 -26.05 21.44 -57.59
N ALA B 117 -26.52 22.66 -57.24
CA ALA B 117 -25.82 23.92 -57.42
C ALA B 117 -24.78 24.21 -56.32
N LEU B 118 -23.73 24.77 -56.84
CA LEU B 118 -22.57 25.28 -56.07
C LEU B 118 -22.64 26.78 -56.16
N THR B 119 -22.81 27.43 -55.01
CA THR B 119 -22.86 28.89 -54.97
C THR B 119 -21.78 29.43 -54.02
N ALA B 120 -20.99 30.39 -54.50
CA ALA B 120 -19.97 31.08 -53.65
C ALA B 120 -20.73 32.09 -52.78
N VAL B 121 -20.55 31.96 -51.45
CA VAL B 121 -21.37 32.79 -50.57
C VAL B 121 -20.51 33.62 -49.62
N GLY B 122 -19.19 33.36 -49.56
CA GLY B 122 -18.29 34.10 -48.71
C GLY B 122 -16.83 33.67 -48.92
N VAL B 123 -15.92 34.23 -48.09
CA VAL B 123 -14.50 34.01 -48.19
C VAL B 123 -13.99 33.88 -46.75
N ASP B 124 -13.26 32.80 -46.50
CA ASP B 124 -12.54 32.58 -45.25
C ASP B 124 -11.05 32.91 -45.50
N GLY B 125 -10.60 34.01 -44.91
CA GLY B 125 -9.28 34.56 -45.10
C GLY B 125 -9.43 35.86 -45.89
N LEU B 126 -8.32 36.63 -45.96
CA LEU B 126 -8.35 37.94 -46.61
C LEU B 126 -7.61 37.83 -47.94
N ILE B 127 -8.29 38.13 -49.02
CA ILE B 127 -7.71 38.16 -50.34
C ILE B 127 -6.60 39.22 -50.43
N TYR B 128 -5.53 38.86 -51.16
CA TYR B 128 -4.39 39.72 -51.40
C TYR B 128 -4.90 41.09 -51.86
N GLY B 129 -4.24 42.16 -51.39
CA GLY B 129 -4.34 43.45 -52.08
C GLY B 129 -5.62 44.19 -51.84
N ARG B 130 -6.23 43.90 -50.69
CA ARG B 130 -7.55 44.45 -50.37
C ARG B 130 -7.56 44.84 -48.90
N GLN B 131 -8.32 45.91 -48.61
CA GLN B 131 -8.56 46.31 -47.23
C GLN B 131 -9.64 45.43 -46.63
N ALA B 132 -10.60 45.00 -47.45
CA ALA B 132 -11.66 44.06 -47.06
C ALA B 132 -12.00 43.19 -48.27
N ASN B 133 -12.51 41.97 -48.06
CA ASN B 133 -12.77 41.09 -49.20
C ASN B 133 -13.75 41.72 -50.18
N VAL B 134 -14.70 42.49 -49.64
CA VAL B 134 -15.72 43.18 -50.43
C VAL B 134 -15.27 44.64 -50.53
N ILE B 135 -14.96 45.07 -51.75
CA ILE B 135 -14.55 46.44 -52.01
C ILE B 135 -15.82 47.28 -52.28
N ALA C 1 25.40 -59.88 -3.18
CA ALA C 1 24.09 -60.34 -2.68
C ALA C 1 24.14 -60.39 -1.14
N PRO C 2 25.15 -61.05 -0.50
CA PRO C 2 25.05 -61.40 0.93
C PRO C 2 24.94 -60.14 1.81
N ASN C 3 24.09 -60.22 2.84
CA ASN C 3 23.72 -59.10 3.68
C ASN C 3 24.62 -58.98 4.90
N ASP C 4 25.52 -59.95 5.15
CA ASP C 4 26.01 -60.17 6.50
C ASP C 4 27.54 -60.18 6.59
N ARG C 5 28.19 -59.67 5.55
CA ARG C 5 29.64 -59.44 5.60
C ARG C 5 29.95 -58.37 4.57
N ILE C 6 31.17 -57.84 4.60
CA ILE C 6 31.66 -56.96 3.56
C ILE C 6 33.13 -57.37 3.28
N THR C 7 33.62 -56.99 2.10
CA THR C 7 34.97 -57.29 1.74
C THR C 7 35.80 -56.05 2.15
N LEU C 8 36.77 -56.24 3.04
CA LEU C 8 37.63 -55.15 3.47
C LEU C 8 38.65 -54.74 2.39
N PRO C 9 38.95 -53.44 2.27
CA PRO C 9 40.01 -52.96 1.38
C PRO C 9 41.38 -53.47 1.85
N PRO C 10 42.17 -54.03 0.95
CA PRO C 10 43.57 -54.41 1.30
C PRO C 10 44.35 -53.19 1.74
N ALA C 11 45.37 -53.46 2.58
CA ALA C 11 46.21 -52.42 3.09
C ALA C 11 46.70 -51.53 1.97
N ASN C 12 47.08 -52.11 0.83
CA ASN C 12 47.64 -51.39 -0.30
C ASN C 12 46.62 -50.96 -1.36
N ALA C 13 45.31 -51.06 -1.09
CA ALA C 13 44.28 -50.57 -2.00
C ALA C 13 44.52 -49.13 -2.44
N GLN C 14 44.19 -48.82 -3.69
CA GLN C 14 44.24 -47.46 -4.17
C GLN C 14 43.25 -46.62 -3.39
N ARG C 15 43.61 -45.37 -3.02
CA ARG C 15 42.78 -44.46 -2.25
C ARG C 15 42.78 -43.10 -2.95
N THR C 16 41.61 -42.62 -3.34
CA THR C 16 41.46 -41.31 -3.93
C THR C 16 40.47 -40.46 -3.10
N ASN C 17 40.52 -39.16 -3.35
CA ASN C 17 39.68 -38.21 -2.61
C ASN C 17 38.38 -37.96 -3.37
N MET C 18 37.31 -37.84 -2.60
CA MET C 18 36.00 -37.54 -3.19
C MET C 18 35.22 -36.65 -2.25
N THR C 19 34.76 -35.50 -2.76
CA THR C 19 33.81 -34.69 -2.03
C THR C 19 32.46 -35.34 -2.26
N CYS C 20 31.60 -35.28 -1.26
CA CYS C 20 30.24 -35.78 -1.43
C CYS C 20 29.66 -35.17 -2.69
N HIS C 21 28.93 -36.00 -3.45
CA HIS C 21 28.23 -35.55 -4.65
C HIS C 21 27.16 -34.48 -4.38
N PHE C 22 26.56 -34.45 -3.18
CA PHE C 22 25.23 -33.90 -2.97
C PHE C 22 25.31 -32.50 -2.31
N CYS C 23 24.94 -32.39 -1.02
CA CYS C 23 24.61 -31.09 -0.47
C CYS C 23 25.85 -30.18 -0.27
N ILE C 24 25.54 -28.90 -0.13
CA ILE C 24 26.45 -27.81 0.16
C ILE C 24 27.59 -28.13 1.13
N VAL C 25 27.34 -28.90 2.17
CA VAL C 25 28.39 -29.08 3.17
C VAL C 25 29.70 -29.58 2.57
N GLY C 26 29.64 -30.45 1.57
CA GLY C 26 30.78 -30.96 0.84
C GLY C 26 31.72 -31.83 1.71
N CYS C 27 31.11 -32.72 2.49
CA CYS C 27 31.87 -33.65 3.34
C CYS C 27 32.92 -34.38 2.53
N GLY C 28 34.06 -34.61 3.15
CA GLY C 28 35.13 -35.32 2.47
C GLY C 28 35.02 -36.82 2.68
N TYR C 29 35.32 -37.53 1.60
CA TYR C 29 35.31 -38.97 1.53
C TYR C 29 36.59 -39.47 0.87
N HIS C 30 36.90 -40.73 1.17
CA HIS C 30 37.88 -41.54 0.48
C HIS C 30 37.20 -42.66 -0.29
N VAL C 31 37.72 -42.90 -1.50
CA VAL C 31 37.31 -44.01 -2.35
C VAL C 31 38.49 -44.98 -2.38
N TYR C 32 38.28 -46.17 -1.83
CA TYR C 32 39.14 -47.33 -1.97
C TYR C 32 38.67 -48.17 -3.15
N LYS C 33 39.59 -48.49 -4.06
CA LYS C 33 39.39 -49.30 -5.23
C LYS C 33 40.43 -50.43 -5.28
N TRP C 34 39.99 -51.64 -5.53
CA TRP C 34 40.92 -52.78 -5.60
C TRP C 34 40.31 -53.87 -6.41
N PRO C 35 41.13 -54.78 -6.98
CA PRO C 35 40.55 -55.87 -7.76
C PRO C 35 39.62 -56.74 -6.92
N GLU C 36 38.57 -57.18 -7.64
CA GLU C 36 37.44 -57.88 -7.08
C GLU C 36 37.85 -59.10 -6.27
N LEU C 37 38.93 -59.78 -6.66
N LEU C 37 38.93 -59.78 -6.66
CA LEU C 37 39.25 -61.06 -6.05
CA LEU C 37 39.23 -61.06 -6.03
C LEU C 37 40.30 -60.90 -4.96
C LEU C 37 40.31 -60.91 -4.95
N GLN C 38 40.63 -59.67 -4.55
CA GLN C 38 41.47 -59.44 -3.38
C GLN C 38 40.61 -58.93 -2.22
N GLU C 39 41.20 -59.00 -1.03
CA GLU C 39 40.59 -58.37 0.13
C GLU C 39 41.61 -58.17 1.23
N GLY C 40 41.26 -57.25 2.12
CA GLY C 40 42.07 -56.97 3.31
C GLY C 40 41.82 -57.97 4.40
N GLY C 41 42.77 -58.02 5.33
CA GLY C 41 42.69 -58.81 6.54
C GLY C 41 42.03 -58.00 7.67
N ARG C 42 41.54 -58.72 8.67
CA ARG C 42 40.82 -58.11 9.76
C ARG C 42 41.77 -57.35 10.69
N ALA C 43 43.06 -57.79 10.74
CA ALA C 43 44.02 -57.08 11.60
C ALA C 43 44.14 -55.66 11.09
N PRO C 44 44.30 -54.65 11.97
CA PRO C 44 44.20 -53.26 11.54
C PRO C 44 45.27 -52.84 10.51
N GLU C 45 46.46 -53.44 10.64
CA GLU C 45 47.53 -53.10 9.72
C GLU C 45 47.42 -53.92 8.44
N GLN C 46 46.39 -54.81 8.31
CA GLN C 46 46.21 -55.56 7.08
C GLN C 46 44.99 -55.13 6.26
N ASN C 47 44.39 -54.00 6.61
CA ASN C 47 43.38 -53.38 5.79
C ASN C 47 43.62 -51.88 5.68
N ALA C 48 43.05 -51.28 4.63
CA ALA C 48 43.30 -49.87 4.34
C ALA C 48 42.64 -48.97 5.38
N LEU C 49 41.64 -49.45 6.11
CA LEU C 49 40.92 -48.58 7.07
C LEU C 49 41.74 -48.41 8.33
N GLY C 50 42.69 -49.28 8.57
CA GLY C 50 43.47 -49.26 9.80
C GLY C 50 42.58 -49.59 10.99
N LEU C 51 41.53 -50.42 10.81
CA LEU C 51 40.65 -50.69 11.94
C LEU C 51 40.74 -52.16 12.32
N ASP C 52 40.47 -52.46 13.60
CA ASP C 52 40.65 -53.83 14.10
C ASP C 52 39.34 -54.63 14.05
N PHE C 53 39.16 -55.41 13.00
CA PHE C 53 37.91 -56.15 12.80
C PHE C 53 38.04 -57.59 13.35
N ARG C 54 39.01 -57.78 14.24
CA ARG C 54 39.16 -59.04 14.95
C ARG C 54 38.27 -59.08 16.19
N LYS C 55 37.68 -57.94 16.55
CA LYS C 55 36.72 -57.87 17.64
C LYS C 55 35.83 -56.69 17.38
N GLN C 56 34.73 -56.62 18.14
CA GLN C 56 33.72 -55.60 17.88
C GLN C 56 34.35 -54.21 17.91
N LEU C 57 33.99 -53.35 16.99
CA LEU C 57 34.39 -51.97 17.01
C LEU C 57 33.49 -51.16 17.91
N PRO C 58 34.14 -50.24 18.68
CA PRO C 58 33.40 -49.32 19.56
C PRO C 58 32.61 -48.28 18.79
N PRO C 59 31.68 -47.54 19.44
CA PRO C 59 30.99 -46.42 18.81
C PRO C 59 31.90 -45.37 18.25
N LEU C 60 31.53 -44.80 17.09
CA LEU C 60 32.26 -43.76 16.39
C LEU C 60 33.51 -44.26 15.67
N ALA C 61 33.85 -45.55 15.72
CA ALA C 61 35.07 -46.01 15.13
C ALA C 61 35.04 -45.96 13.61
N VAL C 62 33.86 -46.15 13.05
CA VAL C 62 33.77 -46.28 11.60
C VAL C 62 32.36 -45.90 11.17
N THR C 63 32.23 -45.56 9.90
CA THR C 63 30.96 -45.59 9.22
C THR C 63 31.14 -46.53 8.02
N LEU C 64 30.52 -47.70 8.10
CA LEU C 64 30.70 -48.71 7.07
C LEU C 64 29.46 -49.61 7.03
N THR C 65 28.82 -49.65 5.86
CA THR C 65 27.71 -50.54 5.61
C THR C 65 27.84 -51.03 4.18
N PRO C 66 27.03 -52.08 3.82
CA PRO C 66 27.02 -52.52 2.43
C PRO C 66 26.70 -51.45 1.42
N ALA C 67 25.86 -50.50 1.81
CA ALA C 67 25.46 -49.43 0.91
C ALA C 67 26.68 -48.55 0.55
N MET C 68 27.77 -48.65 1.33
CA MET C 68 28.98 -47.85 1.09
C MET C 68 30.02 -48.62 0.27
N THR C 69 29.58 -49.76 -0.31
CA THR C 69 30.42 -50.61 -1.12
C THR C 69 29.80 -50.90 -2.46
N ASN C 70 30.65 -51.31 -3.43
CA ASN C 70 30.10 -51.78 -4.69
C ASN C 70 31.20 -52.55 -5.42
N VAL C 71 30.78 -53.15 -6.56
CA VAL C 71 31.72 -53.68 -7.51
C VAL C 71 31.44 -53.08 -8.87
N VAL C 72 32.42 -52.34 -9.42
CA VAL C 72 32.30 -51.72 -10.73
C VAL C 72 32.95 -52.61 -11.81
N THR C 73 32.44 -52.46 -13.01
CA THR C 73 32.98 -53.12 -14.20
C THR C 73 33.44 -52.04 -15.14
N GLU C 74 34.74 -51.99 -15.38
CA GLU C 74 35.34 -50.91 -16.15
C GLU C 74 35.28 -51.21 -17.64
N HIS C 75 35.80 -50.26 -18.43
CA HIS C 75 35.71 -50.39 -19.87
C HIS C 75 36.52 -51.54 -20.42
N ASP C 76 37.58 -51.92 -19.72
CA ASP C 76 38.35 -53.12 -20.02
C ASP C 76 37.74 -54.44 -19.55
N GLY C 77 36.51 -54.39 -19.00
CA GLY C 77 35.79 -55.54 -18.53
C GLY C 77 36.22 -56.00 -17.13
N ARG C 78 37.29 -55.44 -16.53
CA ARG C 78 37.74 -55.92 -15.23
C ARG C 78 36.90 -55.30 -14.11
N ARG C 79 36.75 -56.14 -13.08
CA ARG C 79 35.86 -55.88 -11.96
C ARG C 79 36.67 -55.40 -10.75
N TYR C 80 36.23 -54.35 -10.06
CA TYR C 80 36.92 -53.79 -8.93
C TYR C 80 35.92 -53.45 -7.80
N ASP C 81 36.27 -53.90 -6.62
CA ASP C 81 35.60 -53.47 -5.42
C ASP C 81 35.84 -51.97 -5.27
N ILE C 82 34.83 -51.28 -4.76
CA ILE C 82 34.98 -49.90 -4.32
C ILE C 82 34.34 -49.80 -2.95
N MET C 83 34.87 -48.89 -2.12
CA MET C 83 34.37 -48.56 -0.81
C MET C 83 34.51 -47.04 -0.72
N VAL C 84 33.40 -46.36 -0.44
CA VAL C 84 33.37 -44.90 -0.36
C VAL C 84 32.94 -44.50 1.05
N VAL C 85 33.89 -44.00 1.85
CA VAL C 85 33.60 -43.81 3.25
C VAL C 85 34.14 -42.45 3.67
N PRO C 86 33.59 -41.86 4.74
CA PRO C 86 33.97 -40.50 5.11
C PRO C 86 35.39 -40.40 5.70
N ASP C 87 36.05 -39.28 5.43
CA ASP C 87 37.43 -38.97 5.86
C ASP C 87 37.40 -38.42 7.27
N LYS C 88 37.88 -39.18 8.22
CA LYS C 88 37.94 -38.80 9.62
C LYS C 88 38.76 -37.53 9.87
N ALA C 89 39.68 -37.19 8.98
CA ALA C 89 40.56 -36.04 9.22
C ALA C 89 40.10 -34.81 8.46
N CYS C 90 38.99 -34.90 7.70
CA CYS C 90 38.50 -33.74 6.97
C CYS C 90 37.81 -32.79 7.97
N VAL C 91 38.29 -31.54 8.04
CA VAL C 91 37.73 -30.53 8.92
C VAL C 91 36.19 -30.31 8.74
N VAL C 92 35.68 -30.47 7.56
CA VAL C 92 34.27 -30.20 7.35
C VAL C 92 33.39 -31.13 8.17
N ASN C 93 33.66 -32.46 8.07
CA ASN C 93 32.75 -33.48 8.55
C ASN C 93 33.38 -34.34 9.65
N SER C 94 34.68 -34.27 9.86
CA SER C 94 35.38 -35.07 10.88
C SER C 94 34.91 -36.52 10.90
N GLY C 95 34.79 -37.16 9.73
CA GLY C 95 34.41 -38.56 9.60
C GLY C 95 32.89 -38.85 9.56
N LEU C 96 32.04 -37.82 9.65
CA LEU C 96 30.60 -37.97 9.50
C LEU C 96 30.19 -38.19 8.03
N SER C 97 29.10 -38.99 7.89
CA SER C 97 28.47 -39.25 6.63
C SER C 97 26.97 -39.13 6.80
N SER C 98 26.30 -38.30 5.99
CA SER C 98 24.85 -38.29 5.98
C SER C 98 24.34 -39.56 5.27
N THR C 99 23.07 -39.84 5.46
CA THR C 99 22.43 -40.96 4.79
C THR C 99 22.47 -40.78 3.27
N ARG C 100 22.56 -39.51 2.80
CA ARG C 100 22.60 -39.24 1.36
C ARG C 100 24.01 -39.51 0.81
N GLY C 101 25.05 -38.87 1.39
CA GLY C 101 26.44 -39.15 0.99
C GLY C 101 26.86 -40.59 1.22
N GLY C 102 26.28 -41.21 2.25
CA GLY C 102 26.55 -42.58 2.60
C GLY C 102 26.23 -43.54 1.47
N LYS C 103 25.30 -43.18 0.60
CA LYS C 103 24.90 -44.08 -0.48
C LYS C 103 25.74 -43.94 -1.76
N MET C 104 26.75 -43.09 -1.76
CA MET C 104 27.50 -42.81 -2.96
C MET C 104 27.98 -44.10 -3.65
N ALA C 105 28.58 -45.03 -2.91
CA ALA C 105 29.04 -46.21 -3.57
C ALA C 105 27.90 -46.93 -4.34
N SER C 106 26.70 -46.96 -3.76
CA SER C 106 25.56 -47.67 -4.33
C SER C 106 25.06 -46.94 -5.56
N TYR C 107 25.35 -45.64 -5.67
CA TYR C 107 24.84 -44.83 -6.76
C TYR C 107 25.94 -44.61 -7.80
N MET C 108 27.12 -45.21 -7.59
CA MET C 108 28.09 -45.28 -8.69
C MET C 108 27.46 -46.20 -9.75
N TYR C 109 27.91 -46.04 -11.01
CA TYR C 109 27.35 -46.81 -12.10
C TYR C 109 27.88 -48.25 -12.00
N THR C 110 27.00 -49.23 -12.06
CA THR C 110 27.37 -50.62 -12.28
C THR C 110 26.29 -51.19 -13.18
N PRO C 111 26.61 -52.20 -14.03
CA PRO C 111 25.60 -52.77 -14.91
C PRO C 111 24.41 -53.44 -14.24
N THR C 112 24.47 -53.78 -12.96
CA THR C 112 23.41 -54.55 -12.35
C THR C 112 22.86 -53.86 -11.09
N GLY C 113 23.54 -52.79 -10.59
CA GLY C 113 23.08 -52.15 -9.36
C GLY C 113 22.10 -50.98 -9.61
N ASP C 114 22.07 -50.06 -8.63
CA ASP C 114 21.10 -48.96 -8.66
C ASP C 114 21.31 -48.05 -9.85
N GLY C 115 22.53 -48.05 -10.43
CA GLY C 115 22.90 -47.21 -11.55
C GLY C 115 22.58 -47.85 -12.91
N LYS C 116 21.90 -49.01 -12.89
CA LYS C 116 21.77 -49.86 -14.06
C LYS C 116 21.16 -49.10 -15.24
N GLN C 117 20.27 -48.13 -15.00
CA GLN C 117 19.55 -47.50 -16.08
C GLN C 117 20.21 -46.17 -16.46
N ARG C 118 21.47 -45.99 -16.10
CA ARG C 118 22.22 -44.83 -16.51
C ARG C 118 22.20 -44.72 -18.04
N LEU C 119 22.14 -43.49 -18.52
CA LEU C 119 22.22 -43.25 -19.97
C LEU C 119 23.62 -43.61 -20.43
N LYS C 120 23.69 -44.47 -21.47
CA LYS C 120 24.96 -44.99 -21.94
C LYS C 120 25.33 -44.57 -23.36
N ALA C 121 24.37 -43.99 -24.03
CA ALA C 121 24.50 -43.61 -25.41
C ALA C 121 23.39 -42.60 -25.72
N PRO C 122 23.53 -41.85 -26.83
CA PRO C 122 22.49 -40.97 -27.31
C PRO C 122 21.20 -41.78 -27.55
N ARG C 123 20.06 -41.25 -27.07
CA ARG C 123 18.72 -41.79 -27.29
C ARG C 123 17.93 -40.76 -28.12
N LEU C 124 17.21 -41.28 -29.10
CA LEU C 124 16.43 -40.51 -30.04
C LEU C 124 15.01 -41.04 -30.03
N TYR C 125 14.02 -40.15 -29.94
CA TYR C 125 12.65 -40.49 -30.17
C TYR C 125 12.41 -40.25 -31.65
N ALA C 126 12.51 -41.32 -32.42
CA ALA C 126 12.40 -41.25 -33.85
C ALA C 126 10.94 -41.35 -34.23
N ALA C 127 10.21 -40.25 -33.85
CA ALA C 127 8.83 -40.03 -34.19
C ALA C 127 7.85 -40.85 -33.32
N ASP C 128 8.09 -42.19 -33.17
CA ASP C 128 7.09 -43.07 -32.58
C ASP C 128 7.73 -44.17 -31.73
N GLN C 129 9.04 -44.03 -31.38
CA GLN C 129 9.72 -45.01 -30.55
C GLN C 129 11.06 -44.45 -30.18
N TRP C 130 11.51 -44.87 -28.98
CA TRP C 130 12.86 -44.65 -28.50
C TRP C 130 13.83 -45.63 -29.15
N VAL C 131 14.93 -45.06 -29.65
CA VAL C 131 16.02 -45.84 -30.22
C VAL C 131 17.37 -45.24 -29.77
N ASP C 132 18.43 -46.03 -29.90
CA ASP C 132 19.77 -45.54 -29.76
C ASP C 132 20.10 -44.78 -31.05
N THR C 133 21.03 -43.85 -30.94
CA THR C 133 21.65 -43.26 -32.13
C THR C 133 23.11 -42.93 -31.78
N THR C 134 23.89 -42.60 -32.80
CA THR C 134 25.27 -42.30 -32.67
C THR C 134 25.44 -40.88 -32.14
N TRP C 135 26.59 -40.61 -31.49
CA TRP C 135 26.93 -39.26 -31.12
C TRP C 135 27.04 -38.35 -32.34
N ASP C 136 27.60 -38.83 -33.45
CA ASP C 136 27.72 -37.99 -34.64
C ASP C 136 26.35 -37.62 -35.16
N HIS C 137 25.43 -38.58 -35.28
CA HIS C 137 24.05 -38.26 -35.70
C HIS C 137 23.37 -37.30 -34.71
N ALA C 138 23.54 -37.57 -33.40
CA ALA C 138 22.94 -36.69 -32.42
C ALA C 138 23.45 -35.26 -32.59
N MET C 139 24.77 -35.08 -32.74
CA MET C 139 25.35 -33.76 -32.93
C MET C 139 24.89 -33.15 -34.28
N ALA C 140 24.75 -33.99 -35.33
CA ALA C 140 24.25 -33.50 -36.62
C ALA C 140 22.87 -32.89 -36.50
N LEU C 141 21.99 -33.56 -35.74
CA LEU C 141 20.62 -33.14 -35.54
C LEU C 141 20.55 -31.95 -34.58
N TYR C 142 21.34 -32.00 -33.48
CA TYR C 142 21.24 -30.96 -32.44
C TYR C 142 21.91 -29.67 -32.88
N ALA C 143 23.20 -29.76 -33.28
CA ALA C 143 23.89 -28.63 -33.84
C ALA C 143 23.17 -28.15 -35.11
N GLY C 144 22.61 -29.06 -35.93
CA GLY C 144 21.92 -28.67 -37.16
C GLY C 144 20.73 -27.74 -36.91
N LEU C 145 19.96 -28.08 -35.89
CA LEU C 145 18.85 -27.26 -35.45
C LEU C 145 19.26 -25.92 -34.85
N ILE C 146 20.30 -25.95 -34.01
CA ILE C 146 20.76 -24.74 -33.40
C ILE C 146 21.26 -23.81 -34.52
N LYS C 147 22.00 -24.38 -35.48
CA LYS C 147 22.52 -23.57 -36.57
C LYS C 147 21.41 -22.97 -37.41
N LYS C 148 20.41 -23.79 -37.73
CA LYS C 148 19.32 -23.30 -38.54
C LYS C 148 18.59 -22.17 -37.78
N THR C 149 18.40 -22.36 -36.47
CA THR C 149 17.73 -21.34 -35.64
C THR C 149 18.59 -20.05 -35.62
N LEU C 150 19.90 -20.17 -35.40
CA LEU C 150 20.75 -19.00 -35.38
C LEU C 150 20.66 -18.26 -36.72
N ASP C 151 20.71 -19.02 -37.81
CA ASP C 151 20.73 -18.44 -39.15
C ASP C 151 19.42 -17.70 -39.46
N LYS C 152 18.28 -18.20 -39.00
CA LYS C 152 16.98 -17.67 -39.38
C LYS C 152 16.33 -16.85 -38.26
N ASP C 153 16.50 -17.22 -36.99
CA ASP C 153 15.86 -16.48 -35.91
C ASP C 153 16.85 -15.73 -35.04
N GLY C 154 18.11 -16.09 -35.08
CA GLY C 154 19.08 -15.59 -34.14
C GLY C 154 19.04 -16.40 -32.82
N PRO C 155 19.90 -16.04 -31.84
CA PRO C 155 20.00 -16.77 -30.57
C PRO C 155 18.73 -16.88 -29.73
N GLN C 156 17.84 -15.91 -29.91
CA GLN C 156 16.60 -15.82 -29.18
C GLN C 156 15.74 -17.05 -29.43
N GLY C 157 16.09 -17.88 -30.46
CA GLY C 157 15.28 -19.06 -30.75
C GLY C 157 15.79 -20.35 -30.02
N VAL C 158 16.94 -20.24 -29.35
CA VAL C 158 17.59 -21.36 -28.69
C VAL C 158 17.52 -21.20 -27.18
N PHE C 159 16.80 -22.12 -26.51
CA PHE C 159 16.55 -22.05 -25.07
C PHE C 159 17.32 -23.11 -24.29
N PHE C 160 17.69 -22.73 -23.04
CA PHE C 160 18.31 -23.68 -22.14
C PHE C 160 17.71 -23.49 -20.75
N SER C 161 17.59 -24.60 -20.04
CA SER C 161 17.60 -24.56 -18.58
C SER C 161 18.80 -25.39 -18.14
N CYS C 162 19.74 -24.77 -17.41
CA CYS C 162 21.02 -25.43 -17.11
C CYS C 162 21.38 -25.22 -15.66
N PHE C 163 22.00 -26.21 -15.03
CA PHE C 163 22.58 -26.10 -13.71
C PHE C 163 23.48 -24.86 -13.70
N ASP C 164 23.58 -24.18 -12.55
CA ASP C 164 24.66 -23.25 -12.30
C ASP C 164 25.44 -23.61 -11.03
N HIS C 165 25.24 -24.82 -10.50
CA HIS C 165 25.71 -25.15 -9.17
C HIS C 165 27.01 -25.93 -9.21
N GLY C 166 27.44 -26.31 -7.99
CA GLY C 166 28.59 -27.19 -7.79
C GLY C 166 28.22 -28.67 -7.56
N GLY C 167 29.21 -29.42 -7.11
CA GLY C 167 29.13 -30.86 -6.93
C GLY C 167 28.71 -31.60 -8.22
N ALA C 168 28.11 -32.79 -8.01
CA ALA C 168 27.69 -33.63 -9.13
C ALA C 168 26.67 -32.90 -9.97
N GLY C 169 26.89 -32.93 -11.28
CA GLY C 169 25.99 -32.21 -12.20
C GLY C 169 26.24 -30.71 -12.15
N GLY C 170 27.44 -30.33 -11.71
CA GLY C 170 27.88 -28.95 -11.73
C GLY C 170 29.40 -28.84 -11.60
N GLY C 171 29.85 -27.77 -10.95
CA GLY C 171 31.27 -27.52 -10.66
C GLY C 171 31.94 -26.64 -11.71
N PHE C 172 33.17 -26.25 -11.38
CA PHE C 172 33.85 -25.18 -12.08
C PHE C 172 34.10 -25.51 -13.55
N GLU C 173 34.46 -26.77 -13.85
CA GLU C 173 34.70 -27.19 -15.23
C GLU C 173 33.41 -27.10 -16.01
N ASN C 174 32.34 -27.66 -15.41
CA ASN C 174 31.06 -27.85 -16.06
C ASN C 174 30.29 -26.52 -16.24
N THR C 175 30.30 -25.65 -15.22
CA THR C 175 29.62 -24.36 -15.35
C THR C 175 30.33 -23.51 -16.40
N TRP C 176 31.69 -23.59 -16.49
CA TRP C 176 32.42 -22.84 -17.49
C TRP C 176 32.08 -23.37 -18.90
N GLY C 177 32.10 -24.69 -19.06
CA GLY C 177 31.86 -25.29 -20.37
C GLY C 177 30.53 -24.87 -20.91
N THR C 178 29.49 -25.02 -20.04
CA THR C 178 28.12 -24.75 -20.48
C THR C 178 27.96 -23.23 -20.68
N GLY C 179 28.55 -22.42 -19.78
CA GLY C 179 28.37 -20.98 -19.88
C GLY C 179 29.03 -20.38 -21.12
N LYS C 180 30.23 -20.90 -21.43
CA LYS C 180 30.98 -20.52 -22.61
C LYS C 180 30.19 -20.85 -23.86
N LEU C 181 29.58 -22.08 -23.88
CA LEU C 181 28.77 -22.50 -24.99
C LEU C 181 27.56 -21.60 -25.16
N MET C 182 26.79 -21.39 -24.07
CA MET C 182 25.50 -20.71 -24.16
C MET C 182 25.70 -19.20 -24.41
N PHE C 183 26.67 -18.62 -23.72
CA PHE C 183 26.82 -17.17 -23.62
C PHE C 183 27.86 -16.64 -24.61
N SER C 184 29.03 -17.27 -24.78
CA SER C 184 30.08 -16.69 -25.61
C SER C 184 29.92 -17.21 -27.06
N ALA C 185 29.45 -18.44 -27.25
CA ALA C 185 29.40 -19.07 -28.55
C ALA C 185 28.09 -18.91 -29.24
N ILE C 186 27.03 -19.55 -28.71
CA ILE C 186 25.68 -19.40 -29.22
C ILE C 186 25.21 -17.95 -28.99
N GLN C 187 25.58 -17.39 -27.85
CA GLN C 187 25.17 -16.08 -27.38
C GLN C 187 23.66 -15.94 -27.18
N THR C 188 23.04 -16.94 -26.57
CA THR C 188 21.61 -16.89 -26.27
C THR C 188 21.40 -16.28 -24.87
N PRO C 189 20.45 -15.32 -24.77
CA PRO C 189 19.93 -14.86 -23.47
C PRO C 189 18.77 -15.71 -22.95
N MET C 190 18.30 -16.70 -23.76
CA MET C 190 17.12 -17.47 -23.39
C MET C 190 17.52 -18.64 -22.51
N VAL C 191 18.00 -18.31 -21.30
CA VAL C 191 18.62 -19.29 -20.41
C VAL C 191 18.09 -19.06 -19.01
N ARG C 192 17.52 -20.14 -18.47
CA ARG C 192 17.22 -20.15 -17.05
C ARG C 192 18.16 -21.12 -16.33
N ILE C 193 17.95 -21.15 -15.00
CA ILE C 193 18.82 -21.87 -14.09
C ILE C 193 18.02 -23.08 -13.58
N HIS C 194 18.73 -24.09 -13.03
CA HIS C 194 18.11 -25.35 -12.66
C HIS C 194 16.96 -25.13 -11.68
N ASN C 195 17.08 -24.17 -10.73
CA ASN C 195 16.10 -23.96 -9.66
C ASN C 195 15.27 -22.68 -9.77
N ARG C 196 15.43 -21.93 -10.86
CA ARG C 196 14.73 -20.65 -10.98
C ARG C 196 14.59 -20.23 -12.43
N PRO C 197 13.45 -19.65 -12.79
CA PRO C 197 13.04 -19.56 -14.21
C PRO C 197 13.55 -18.34 -14.98
N ALA C 198 14.68 -17.80 -14.54
CA ALA C 198 15.34 -16.73 -15.26
C ALA C 198 16.83 -16.79 -14.92
N TYR C 199 17.62 -15.93 -15.60
CA TYR C 199 19.04 -15.84 -15.33
C TYR C 199 19.29 -14.79 -14.25
N ASN C 200 19.24 -15.22 -13.02
CA ASN C 200 19.20 -14.31 -11.89
C ASN C 200 19.97 -14.92 -10.73
N SER C 201 19.82 -14.27 -9.59
CA SER C 201 20.48 -14.70 -8.36
C SER C 201 19.41 -14.88 -7.27
N GLU C 202 19.72 -15.78 -6.33
CA GLU C 202 18.95 -15.96 -5.10
C GLU C 202 19.22 -14.80 -4.13
N CYS C 203 20.32 -14.06 -4.34
CA CYS C 203 20.88 -13.17 -3.34
C CYS C 203 21.16 -11.77 -3.90
N HIS C 204 20.31 -11.24 -4.76
CA HIS C 204 20.43 -9.86 -5.28
C HIS C 204 20.58 -8.80 -4.21
N ALA C 205 19.70 -8.81 -3.20
CA ALA C 205 19.69 -7.76 -2.19
C ALA C 205 20.96 -7.79 -1.36
N THR C 206 21.32 -8.96 -0.76
CA THR C 206 22.49 -8.99 0.14
C THR C 206 23.71 -8.61 -0.71
N ARG C 207 23.75 -9.06 -1.98
CA ARG C 207 24.94 -8.72 -2.77
C ARG C 207 25.01 -7.21 -3.03
N GLU C 208 23.88 -6.64 -3.42
CA GLU C 208 23.78 -5.21 -3.71
C GLU C 208 24.06 -4.42 -2.43
N MET C 209 23.82 -5.00 -1.24
CA MET C 209 24.07 -4.26 -0.01
C MET C 209 25.55 -4.30 0.36
N GLY C 210 26.28 -5.17 -0.39
CA GLY C 210 27.72 -5.29 -0.29
C GLY C 210 28.17 -6.58 0.43
N ILE C 211 27.22 -7.51 0.67
CA ILE C 211 27.50 -8.70 1.46
C ILE C 211 27.18 -9.95 0.64
N GLY C 212 28.22 -10.50 0.01
CA GLY C 212 28.08 -11.80 -0.65
C GLY C 212 27.67 -12.87 0.39
N GLU C 213 26.83 -13.83 -0.08
CA GLU C 213 26.06 -14.68 0.80
C GLU C 213 26.89 -15.79 1.48
N LEU C 214 28.11 -16.05 1.07
CA LEU C 214 28.92 -17.04 1.75
C LEU C 214 30.12 -16.28 2.33
N ASN C 215 29.95 -15.67 3.48
CA ASN C 215 30.89 -14.72 4.02
C ASN C 215 31.58 -15.21 5.27
N ASN C 216 31.40 -16.44 5.73
CA ASN C 216 32.06 -16.89 6.94
C ASN C 216 32.67 -18.28 6.75
N ALA C 217 33.13 -18.83 7.87
CA ALA C 217 33.61 -20.20 7.93
C ALA C 217 32.64 -21.05 8.76
N TYR C 218 32.79 -22.38 8.63
CA TYR C 218 32.03 -23.28 9.47
C TYR C 218 32.48 -23.13 10.90
N GLU C 219 33.78 -22.78 11.11
CA GLU C 219 34.26 -22.50 12.45
C GLU C 219 33.46 -21.38 13.15
N ASP C 220 32.94 -20.39 12.41
CA ASP C 220 32.11 -19.36 13.01
C ASP C 220 30.89 -19.93 13.73
N ALA C 221 30.30 -21.05 13.22
CA ALA C 221 29.22 -21.68 13.92
C ALA C 221 29.63 -22.22 15.28
N GLN C 222 30.91 -22.55 15.41
CA GLN C 222 31.47 -22.99 16.67
C GLN C 222 31.75 -21.85 17.65
N LEU C 223 31.96 -20.63 17.14
CA LEU C 223 32.36 -19.48 17.95
C LEU C 223 31.14 -18.61 18.31
N ALA C 224 29.96 -18.87 17.70
CA ALA C 224 28.80 -18.02 17.95
C ALA C 224 28.26 -18.13 19.38
N ASP C 225 27.67 -17.03 19.90
CA ASP C 225 26.80 -17.10 21.07
C ASP C 225 25.40 -17.57 20.68
N VAL C 226 24.91 -17.12 19.52
CA VAL C 226 23.57 -17.42 19.08
C VAL C 226 23.66 -17.76 17.61
N ILE C 227 22.92 -18.79 17.21
CA ILE C 227 22.72 -19.07 15.78
C ILE C 227 21.25 -18.93 15.48
N TRP C 228 20.93 -18.12 14.45
CA TRP C 228 19.60 -18.11 13.84
C TRP C 228 19.63 -19.08 12.66
N SER C 229 18.56 -19.86 12.52
CA SER C 229 18.31 -20.67 11.34
C SER C 229 16.97 -20.21 10.76
N ILE C 230 17.05 -19.48 9.66
CA ILE C 230 15.92 -18.77 9.08
C ILE C 230 15.48 -19.43 7.78
N GLY C 231 14.25 -19.98 7.72
CA GLY C 231 13.77 -20.62 6.53
C GLY C 231 14.61 -21.84 6.14
N ASN C 232 14.81 -22.73 7.12
CA ASN C 232 15.95 -23.63 7.06
C ASN C 232 15.70 -24.82 7.99
N ASN C 233 15.96 -26.04 7.47
CA ASN C 233 15.82 -27.25 8.25
C ASN C 233 17.13 -28.05 8.27
N PRO C 234 18.20 -27.51 8.92
CA PRO C 234 19.55 -27.93 8.66
C PRO C 234 19.92 -29.36 9.03
N TYR C 235 19.32 -29.95 10.07
CA TYR C 235 19.60 -31.36 10.34
C TYR C 235 19.31 -32.20 9.09
N GLU C 236 18.22 -31.86 8.39
CA GLU C 236 17.82 -32.62 7.22
C GLU C 236 18.54 -32.16 5.94
N SER C 237 18.84 -30.84 5.81
CA SER C 237 19.27 -30.25 4.55
C SER C 237 20.75 -29.84 4.51
N GLN C 238 21.41 -29.68 5.66
CA GLN C 238 22.84 -29.42 5.77
C GLN C 238 23.42 -30.20 6.94
N THR C 239 23.02 -31.49 6.96
CA THR C 239 23.23 -32.41 8.08
C THR C 239 24.57 -32.19 8.79
N ASN C 240 25.69 -32.38 8.12
CA ASN C 240 26.93 -32.50 8.86
C ASN C 240 27.52 -31.14 9.27
N TYR C 241 27.03 -30.03 8.71
CA TYR C 241 27.35 -28.71 9.25
C TYR C 241 26.66 -28.59 10.61
N PHE C 242 25.38 -28.93 10.61
CA PHE C 242 24.63 -28.95 11.87
C PHE C 242 25.27 -29.92 12.89
N LEU C 243 25.61 -31.15 12.48
CA LEU C 243 26.08 -32.17 13.42
C LEU C 243 27.48 -31.88 13.95
N ASN C 244 28.36 -31.39 13.07
CA ASN C 244 29.75 -31.30 13.35
C ASN C 244 30.19 -29.94 13.90
N HIS C 245 29.40 -28.90 13.70
CA HIS C 245 29.78 -27.55 14.05
C HIS C 245 28.73 -26.94 14.99
N TRP C 246 27.44 -27.03 14.65
CA TRP C 246 26.42 -26.36 15.45
C TRP C 246 26.24 -27.07 16.79
N LEU C 247 26.16 -28.40 16.75
CA LEU C 247 25.79 -29.14 17.94
C LEU C 247 26.93 -29.01 18.98
N PRO C 248 28.21 -29.14 18.59
CA PRO C 248 29.26 -29.03 19.57
C PRO C 248 29.26 -27.70 20.31
N ASN C 249 28.80 -26.64 19.62
CA ASN C 249 28.60 -25.34 20.23
C ASN C 249 27.51 -25.43 21.27
N LEU C 250 26.32 -25.88 20.86
CA LEU C 250 25.21 -26.03 21.81
C LEU C 250 25.61 -26.91 23.00
N GLN C 251 26.45 -27.93 22.78
CA GLN C 251 26.81 -28.83 23.87
C GLN C 251 27.89 -28.27 24.79
N GLY C 252 28.52 -27.12 24.44
CA GLY C 252 29.51 -26.52 25.29
C GLY C 252 30.94 -26.98 24.97
N ALA C 253 31.15 -27.74 23.91
CA ALA C 253 32.45 -28.27 23.62
C ALA C 253 33.36 -27.21 22.99
N THR C 254 32.80 -26.07 22.53
CA THR C 254 33.63 -25.03 21.91
C THR C 254 33.89 -23.85 22.85
N THR C 255 33.41 -23.89 24.09
CA THR C 255 33.46 -22.74 24.97
C THR C 255 34.92 -22.35 25.24
N SER C 256 35.81 -23.34 25.42
CA SER C 256 37.23 -23.10 25.62
C SER C 256 37.80 -22.24 24.53
N LYS C 257 37.48 -22.59 23.31
CA LYS C 257 38.10 -21.97 22.18
C LYS C 257 37.60 -20.52 22.05
N LYS C 258 36.32 -20.23 22.29
CA LYS C 258 35.84 -18.84 22.33
C LYS C 258 36.66 -18.03 23.35
N LYS C 259 36.81 -18.58 24.57
CA LYS C 259 37.47 -17.85 25.65
C LYS C 259 38.94 -17.66 25.35
N GLU C 260 39.56 -18.59 24.67
CA GLU C 260 40.95 -18.48 24.26
C GLU C 260 41.12 -17.35 23.24
N ARG C 261 40.21 -17.25 22.27
CA ARG C 261 40.29 -16.19 21.30
C ARG C 261 40.00 -14.81 21.88
N PHE C 262 39.07 -14.76 22.85
CA PHE C 262 38.55 -13.50 23.37
C PHE C 262 38.60 -13.51 24.90
N PRO C 263 39.79 -13.21 25.46
CA PRO C 263 40.03 -13.30 26.89
C PRO C 263 39.12 -12.50 27.82
N ASN C 264 38.58 -11.37 27.33
CA ASN C 264 37.85 -10.49 28.21
C ASN C 264 36.38 -10.36 27.76
N GLU C 265 35.86 -11.45 27.21
CA GLU C 265 34.47 -11.55 26.78
C GLU C 265 33.74 -12.74 27.41
N ASN C 266 32.55 -12.48 27.95
CA ASN C 266 31.70 -13.51 28.50
C ASN C 266 31.11 -14.35 27.37
N PHE C 267 31.08 -15.63 27.59
CA PHE C 267 30.47 -16.57 26.64
C PHE C 267 29.42 -17.40 27.38
N PRO C 268 28.14 -17.01 27.39
CA PRO C 268 27.10 -17.87 27.98
C PRO C 268 26.93 -19.15 27.16
N GLN C 269 26.15 -20.04 27.69
CA GLN C 269 25.65 -21.17 26.90
C GLN C 269 25.06 -20.68 25.60
N ALA C 270 25.42 -21.39 24.52
CA ALA C 270 24.93 -20.97 23.22
C ALA C 270 23.46 -21.31 23.10
N ARG C 271 22.78 -20.51 22.27
CA ARG C 271 21.36 -20.67 22.03
C ARG C 271 21.11 -20.60 20.54
N ILE C 272 19.90 -21.05 20.16
CA ILE C 272 19.55 -21.22 18.77
C ILE C 272 18.10 -20.80 18.55
N ILE C 273 17.89 -20.02 17.46
CA ILE C 273 16.59 -19.44 17.16
C ILE C 273 16.20 -19.90 15.76
N PHE C 274 15.04 -20.51 15.62
CA PHE C 274 14.53 -20.93 14.31
C PHE C 274 13.35 -20.08 13.86
N VAL C 275 13.43 -19.49 12.68
CA VAL C 275 12.32 -18.81 12.08
C VAL C 275 11.77 -19.71 10.97
N ASP C 276 10.65 -20.31 11.27
CA ASP C 276 10.07 -21.36 10.47
C ASP C 276 8.63 -21.55 10.88
N PRO C 277 7.68 -21.39 9.94
CA PRO C 277 6.30 -21.68 10.26
C PRO C 277 6.06 -23.07 10.81
N ARG C 278 6.89 -24.03 10.42
CA ARG C 278 6.77 -25.44 10.77
C ARG C 278 7.76 -25.83 11.83
N GLU C 279 7.29 -26.67 12.75
CA GLU C 279 8.12 -27.34 13.74
C GLU C 279 8.74 -28.57 13.07
N THR C 280 10.03 -28.49 12.80
CA THR C 280 10.80 -29.48 12.04
C THR C 280 11.59 -30.40 12.95
N PRO C 281 12.15 -31.47 12.33
CA PRO C 281 13.12 -32.30 12.99
C PRO C 281 14.29 -31.47 13.57
N SER C 282 14.69 -30.37 12.91
CA SER C 282 15.80 -29.55 13.39
C SER C 282 15.44 -28.91 14.74
N VAL C 283 14.22 -28.38 14.84
CA VAL C 283 13.74 -27.80 16.09
C VAL C 283 13.74 -28.86 17.19
N ALA C 284 13.15 -30.03 16.92
CA ALA C 284 13.07 -31.12 17.91
C ALA C 284 14.48 -31.50 18.37
N ILE C 285 15.44 -31.65 17.44
CA ILE C 285 16.74 -32.13 17.80
C ILE C 285 17.48 -31.06 18.59
N ALA C 286 17.34 -29.80 18.23
CA ALA C 286 17.97 -28.71 18.95
C ALA C 286 17.48 -28.76 20.40
N ARG C 287 16.15 -28.98 20.60
CA ARG C 287 15.61 -29.00 21.97
C ARG C 287 16.11 -30.21 22.77
N HIS C 288 16.29 -31.36 22.12
CA HIS C 288 16.84 -32.54 22.78
C HIS C 288 18.29 -32.23 23.23
N VAL C 289 19.08 -31.54 22.41
CA VAL C 289 20.50 -31.33 22.68
C VAL C 289 20.66 -30.20 23.69
N ALA C 290 19.99 -29.07 23.51
CA ALA C 290 20.29 -27.87 24.29
C ALA C 290 19.30 -27.64 25.41
N GLY C 291 18.11 -28.29 25.33
CA GLY C 291 17.00 -28.07 26.25
C GLY C 291 16.05 -26.99 25.70
N ASN C 292 14.84 -27.00 26.20
CA ASN C 292 13.80 -26.09 25.72
C ASN C 292 14.17 -24.64 25.98
N ASP C 293 14.92 -24.37 27.05
CA ASP C 293 15.25 -22.99 27.47
C ASP C 293 16.26 -22.29 26.57
N ARG C 294 17.00 -23.06 25.77
CA ARG C 294 18.06 -22.53 24.89
C ARG C 294 17.66 -22.55 23.40
N VAL C 295 16.41 -22.94 23.12
CA VAL C 295 15.88 -22.93 21.78
C VAL C 295 14.67 -22.04 21.74
N LEU C 296 14.61 -21.16 20.71
CA LEU C 296 13.44 -20.34 20.46
C LEU C 296 12.93 -20.65 19.05
N HIS C 297 11.76 -21.28 18.95
CA HIS C 297 11.09 -21.51 17.67
C HIS C 297 10.07 -20.39 17.44
N LEU C 298 10.43 -19.47 16.52
CA LEU C 298 9.52 -18.42 16.07
C LEU C 298 8.73 -18.99 14.90
N ALA C 299 7.58 -19.52 15.26
CA ALA C 299 6.68 -20.17 14.34
C ALA C 299 5.80 -19.12 13.67
N ILE C 300 6.42 -18.32 12.81
CA ILE C 300 5.77 -17.26 12.13
C ILE C 300 4.68 -17.81 11.18
N GLU C 301 3.72 -16.94 10.94
CA GLU C 301 2.77 -17.09 9.86
C GLU C 301 3.59 -17.16 8.57
N PRO C 302 3.15 -18.05 7.65
CA PRO C 302 3.79 -18.11 6.34
C PRO C 302 3.92 -16.72 5.71
N GLY C 303 5.11 -16.43 5.18
CA GLY C 303 5.28 -15.25 4.36
C GLY C 303 5.50 -13.97 5.16
N THR C 304 5.69 -14.05 6.50
CA THR C 304 5.72 -12.83 7.33
C THR C 304 7.13 -12.45 7.78
N ASP C 305 8.18 -13.05 7.21
CA ASP C 305 9.56 -12.80 7.58
C ASP C 305 9.94 -11.31 7.58
N THR C 306 9.51 -10.60 6.55
CA THR C 306 9.81 -9.18 6.43
C THR C 306 9.30 -8.42 7.65
N ALA C 307 8.07 -8.70 8.03
CA ALA C 307 7.49 -8.07 9.22
C ALA C 307 8.27 -8.42 10.50
N LEU C 308 8.70 -9.70 10.63
CA LEU C 308 9.53 -10.11 11.74
C LEU C 308 10.79 -9.26 11.83
N PHE C 309 11.58 -9.19 10.74
CA PHE C 309 12.91 -8.55 10.83
C PHE C 309 12.75 -7.04 10.94
N ASN C 310 11.68 -6.45 10.38
CA ASN C 310 11.45 -5.03 10.57
C ASN C 310 11.09 -4.72 12.02
N GLY C 311 10.30 -5.58 12.67
CA GLY C 311 9.98 -5.36 14.06
C GLY C 311 11.21 -5.51 14.95
N LEU C 312 12.07 -6.52 14.65
CA LEU C 312 13.29 -6.70 15.42
C LEU C 312 14.28 -5.56 15.21
N PHE C 313 14.43 -5.14 13.96
CA PHE C 313 15.30 -4.02 13.67
C PHE C 313 14.81 -2.76 14.39
N THR C 314 13.51 -2.51 14.33
CA THR C 314 12.96 -1.33 14.99
C THR C 314 13.27 -1.36 16.50
N TYR C 315 13.10 -2.52 17.09
CA TYR C 315 13.29 -2.68 18.53
C TYR C 315 14.75 -2.50 18.93
N VAL C 316 15.71 -3.16 18.25
CA VAL C 316 17.09 -3.02 18.66
C VAL C 316 17.55 -1.57 18.51
N VAL C 317 17.09 -0.91 17.46
CA VAL C 317 17.36 0.52 17.31
C VAL C 317 16.79 1.32 18.49
N GLU C 318 15.52 1.12 18.86
CA GLU C 318 14.94 1.85 19.97
C GLU C 318 15.65 1.51 21.27
N GLN C 319 16.12 0.28 21.48
CA GLN C 319 16.79 -0.09 22.72
C GLN C 319 18.24 0.41 22.73
N GLY C 320 18.78 0.79 21.57
CA GLY C 320 20.19 1.09 21.40
C GLY C 320 21.08 -0.15 21.38
N TRP C 321 20.53 -1.34 21.02
CA TRP C 321 21.32 -2.56 20.94
C TRP C 321 21.87 -2.70 19.51
N ILE C 322 22.63 -1.66 19.11
CA ILE C 322 23.23 -1.59 17.79
C ILE C 322 24.65 -1.06 17.99
N ASP C 323 25.45 -1.13 16.93
CA ASP C 323 26.84 -0.71 16.96
C ASP C 323 26.98 0.62 16.22
N LYS C 324 26.81 1.72 16.95
CA LYS C 324 26.79 3.05 16.35
C LYS C 324 28.11 3.41 15.68
N PRO C 325 29.27 3.13 16.30
CA PRO C 325 30.55 3.41 15.64
C PRO C 325 30.72 2.64 14.32
N PHE C 326 30.30 1.37 14.34
CA PHE C 326 30.30 0.56 13.14
C PHE C 326 29.45 1.22 12.07
N ILE C 327 28.19 1.56 12.38
CA ILE C 327 27.26 2.12 11.42
C ILE C 327 27.84 3.42 10.84
N GLU C 328 28.41 4.23 11.74
CA GLU C 328 28.91 5.53 11.31
C GLU C 328 30.08 5.37 10.36
N ALA C 329 31.02 4.45 10.66
CA ALA C 329 32.21 4.29 9.85
C ALA C 329 32.01 3.48 8.55
N HIS C 330 31.06 2.55 8.49
CA HIS C 330 31.11 1.51 7.48
C HIS C 330 29.78 1.26 6.80
N THR C 331 28.75 2.10 7.04
CA THR C 331 27.44 1.85 6.44
C THR C 331 26.87 3.14 5.85
N LYS C 332 25.89 3.00 4.99
CA LYS C 332 25.18 4.09 4.38
C LYS C 332 23.71 3.71 4.39
N GLY C 333 22.85 4.71 4.70
CA GLY C 333 21.41 4.53 4.60
C GLY C 333 20.69 4.13 5.91
N PHE C 334 21.37 4.15 7.04
CA PHE C 334 20.78 3.64 8.27
C PHE C 334 19.54 4.45 8.66
N ASP C 335 19.70 5.80 8.70
CA ASP C 335 18.66 6.71 9.19
C ASP C 335 17.42 6.53 8.37
N ASP C 336 17.61 6.34 7.05
CA ASP C 336 16.49 6.14 6.15
C ASP C 336 15.77 4.81 6.40
N ALA C 337 16.52 3.74 6.71
CA ALA C 337 15.95 2.44 6.94
C ALA C 337 15.17 2.37 8.24
N VAL C 338 15.63 3.10 9.24
CA VAL C 338 14.89 3.20 10.49
C VAL C 338 13.50 3.75 10.20
N LYS C 339 13.39 4.78 9.33
CA LYS C 339 12.09 5.34 9.01
C LYS C 339 11.26 4.40 8.14
N THR C 340 11.83 3.91 7.04
CA THR C 340 11.02 3.12 6.12
C THR C 340 10.57 1.81 6.77
N ASN C 341 11.35 1.25 7.67
CA ASN C 341 11.11 -0.12 8.13
C ASN C 341 10.45 -0.12 9.51
N ARG C 342 10.05 1.07 10.01
CA ARG C 342 9.54 1.17 11.37
C ARG C 342 8.31 0.29 11.55
N LEU C 343 8.30 -0.55 12.59
CA LEU C 343 7.17 -1.40 12.92
C LEU C 343 7.23 -1.71 14.40
N SER C 344 6.14 -1.46 15.11
CA SER C 344 6.08 -1.69 16.55
C SER C 344 6.07 -3.20 16.81
N LEU C 345 6.44 -3.62 18.03
CA LEU C 345 6.37 -5.05 18.38
C LEU C 345 4.92 -5.55 18.31
N ASP C 346 3.97 -4.73 18.73
CA ASP C 346 2.58 -5.12 18.73
C ASP C 346 2.12 -5.38 17.31
N GLU C 347 2.46 -4.50 16.35
CA GLU C 347 2.10 -4.73 14.96
C GLU C 347 2.85 -5.95 14.40
N CYS C 348 4.16 -6.06 14.69
CA CYS C 348 4.99 -7.22 14.37
C CYS C 348 4.30 -8.52 14.82
N SER C 349 3.87 -8.54 16.10
CA SER C 349 3.21 -9.69 16.68
C SER C 349 1.92 -10.02 15.95
N ASN C 350 1.09 -9.01 15.69
CA ASN C 350 -0.14 -9.26 14.99
C ASN C 350 0.09 -9.85 13.61
N ILE C 351 1.09 -9.37 12.86
CA ILE C 351 1.32 -9.89 11.52
C ILE C 351 1.90 -11.30 11.57
N THR C 352 2.94 -11.49 12.40
CA THR C 352 3.68 -12.75 12.41
C THR C 352 2.98 -13.85 13.21
N GLY C 353 2.19 -13.40 14.19
CA GLY C 353 1.55 -14.26 15.18
C GLY C 353 2.49 -14.67 16.29
N VAL C 354 3.73 -14.16 16.34
CA VAL C 354 4.59 -14.53 17.42
C VAL C 354 4.27 -13.57 18.56
N PRO C 355 4.12 -14.05 19.82
CA PRO C 355 3.91 -13.12 20.94
C PRO C 355 5.07 -12.13 21.22
N VAL C 356 4.74 -10.98 21.75
CA VAL C 356 5.70 -9.93 21.96
C VAL C 356 6.85 -10.39 22.86
N ASP C 357 6.56 -11.18 23.89
CA ASP C 357 7.58 -11.67 24.82
C ASP C 357 8.65 -12.45 24.08
N MET C 358 8.24 -13.26 23.10
N MET C 358 8.26 -13.26 23.10
CA MET C 358 9.16 -14.08 22.31
CA MET C 358 9.22 -14.06 22.34
C MET C 358 9.97 -13.20 21.35
C MET C 358 9.99 -13.19 21.34
N LEU C 359 9.35 -12.17 20.71
CA LEU C 359 10.10 -11.19 19.92
C LEU C 359 11.16 -10.48 20.77
N LYS C 360 10.81 -10.06 22.00
CA LYS C 360 11.79 -9.39 22.87
C LYS C 360 12.88 -10.35 23.31
N ARG C 361 12.52 -11.59 23.61
CA ARG C 361 13.52 -12.56 24.06
C ARG C 361 14.55 -12.85 22.94
N ALA C 362 14.07 -13.07 21.71
CA ALA C 362 14.98 -13.28 20.57
C ALA C 362 16.00 -12.12 20.48
N ALA C 363 15.51 -10.87 20.66
CA ALA C 363 16.35 -9.68 20.61
C ALA C 363 17.31 -9.62 21.78
N GLU C 364 16.80 -9.98 22.97
CA GLU C 364 17.61 -10.01 24.17
C GLU C 364 18.76 -11.01 24.00
N TRP C 365 18.46 -12.22 23.59
CA TRP C 365 19.54 -13.22 23.42
C TRP C 365 20.58 -12.78 22.40
N SER C 366 20.13 -12.13 21.33
CA SER C 366 20.89 -12.00 20.10
C SER C 366 21.66 -10.68 20.01
N TYR C 367 21.14 -9.59 20.60
CA TYR C 367 21.64 -8.27 20.28
C TYR C 367 21.93 -7.43 21.53
N LYS C 368 21.25 -7.71 22.66
CA LYS C 368 21.56 -6.97 23.88
C LYS C 368 22.98 -7.24 24.30
N PRO C 369 23.80 -6.20 24.63
CA PRO C 369 25.18 -6.40 25.07
C PRO C 369 25.32 -7.40 26.21
N LYS C 370 26.33 -8.24 26.09
CA LYS C 370 26.76 -9.12 27.17
C LYS C 370 27.31 -8.30 28.35
N ALA C 371 27.47 -8.94 29.49
CA ALA C 371 27.85 -8.24 30.71
C ALA C 371 29.23 -7.59 30.54
N SER C 372 30.12 -8.28 29.80
CA SER C 372 31.45 -7.80 29.49
C SER C 372 31.44 -6.65 28.49
N GLY C 373 30.29 -6.35 27.87
CA GLY C 373 30.13 -5.12 27.11
C GLY C 373 30.01 -5.35 25.60
N GLN C 374 30.48 -6.49 25.09
CA GLN C 374 30.44 -6.73 23.66
C GLN C 374 29.05 -7.26 23.30
N ALA C 375 28.66 -7.00 22.05
CA ALA C 375 27.42 -7.57 21.50
C ALA C 375 27.60 -9.08 21.40
N PRO C 376 26.51 -9.88 21.54
CA PRO C 376 26.57 -11.31 21.25
C PRO C 376 27.08 -11.50 19.82
N ARG C 377 27.80 -12.60 19.64
CA ARG C 377 28.17 -13.02 18.29
C ARG C 377 27.04 -13.91 17.72
N THR C 378 26.26 -13.32 16.82
CA THR C 378 25.04 -13.91 16.35
C THR C 378 25.20 -14.18 14.85
N MET C 379 25.28 -15.46 14.52
CA MET C 379 25.36 -15.92 13.14
C MET C 379 23.95 -16.12 12.64
N HIS C 380 23.62 -15.41 11.53
CA HIS C 380 22.33 -15.44 10.92
C HIS C 380 22.41 -16.32 9.64
N ALA C 381 21.93 -17.57 9.72
CA ALA C 381 21.94 -18.52 8.63
C ALA C 381 20.54 -18.57 8.01
N TYR C 382 20.43 -18.60 6.70
CA TYR C 382 19.11 -18.64 6.08
C TYR C 382 19.15 -19.51 4.84
N GLU C 383 17.98 -20.01 4.41
CA GLU C 383 17.93 -20.78 3.17
C GLU C 383 16.55 -20.59 2.53
N LYS C 384 15.94 -21.67 1.98
CA LYS C 384 14.86 -21.56 1.03
C LYS C 384 13.52 -21.09 1.60
N GLY C 385 13.28 -21.19 2.91
CA GLY C 385 12.06 -20.64 3.50
C GLY C 385 11.97 -19.14 3.25
N ILE C 386 13.11 -18.44 3.08
CA ILE C 386 13.04 -17.03 2.72
C ILE C 386 13.60 -16.77 1.29
N ILE C 387 14.52 -17.59 0.77
CA ILE C 387 14.93 -17.40 -0.61
C ILE C 387 13.78 -17.63 -1.57
N TRP C 388 12.97 -18.68 -1.29
CA TRP C 388 11.72 -18.90 -2.00
C TRP C 388 10.52 -18.41 -1.20
N GLY C 389 10.72 -17.38 -0.40
CA GLY C 389 9.71 -16.87 0.52
C GLY C 389 8.93 -15.71 -0.15
N ASN C 390 8.19 -14.99 0.68
CA ASN C 390 7.34 -13.89 0.25
C ASN C 390 8.14 -12.63 -0.09
N ASP C 391 8.67 -12.58 -1.31
CA ASP C 391 9.44 -11.48 -1.87
C ASP C 391 10.87 -11.59 -1.39
N ASN C 392 11.61 -12.45 -2.12
CA ASN C 392 12.99 -12.72 -1.85
C ASN C 392 13.78 -11.45 -1.55
N TYR C 393 13.65 -10.46 -2.44
CA TYR C 393 14.45 -9.25 -2.39
C TYR C 393 14.17 -8.47 -1.10
N VAL C 394 12.89 -8.36 -0.74
CA VAL C 394 12.52 -7.56 0.42
C VAL C 394 12.90 -8.25 1.73
N ILE C 395 12.79 -9.58 1.79
CA ILE C 395 13.11 -10.25 3.04
C ILE C 395 14.58 -10.05 3.32
N GLN C 396 15.42 -10.27 2.30
CA GLN C 396 16.84 -10.08 2.48
C GLN C 396 17.16 -8.64 2.86
N SER C 397 16.43 -7.69 2.30
CA SER C 397 16.68 -6.29 2.66
C SER C 397 16.49 -6.13 4.17
N ALA C 398 15.35 -6.65 4.67
CA ALA C 398 14.95 -6.52 6.06
C ALA C 398 15.96 -7.18 6.97
N LEU C 399 16.33 -8.43 6.64
CA LEU C 399 17.26 -9.19 7.47
C LEU C 399 18.62 -8.54 7.52
N LEU C 400 19.19 -8.22 6.34
CA LEU C 400 20.53 -7.66 6.26
C LEU C 400 20.58 -6.32 7.02
N ASP C 401 19.48 -5.58 7.04
CA ASP C 401 19.43 -4.32 7.81
C ASP C 401 19.66 -4.59 9.29
N LEU C 402 18.99 -5.62 9.81
CA LEU C 402 19.18 -5.99 11.20
C LEU C 402 20.59 -6.44 11.45
N VAL C 403 21.11 -7.23 10.51
CA VAL C 403 22.44 -7.75 10.67
C VAL C 403 23.50 -6.65 10.68
N ILE C 404 23.38 -5.71 9.74
CA ILE C 404 24.41 -4.67 9.60
C ILE C 404 24.41 -3.78 10.85
N ALA C 405 23.23 -3.39 11.30
CA ALA C 405 23.12 -2.48 12.42
C ALA C 405 23.70 -3.05 13.71
N THR C 406 23.71 -4.38 13.81
CA THR C 406 24.17 -5.07 14.98
C THR C 406 25.54 -5.64 14.73
N HIS C 407 26.17 -5.31 13.59
CA HIS C 407 27.58 -5.67 13.36
C HIS C 407 27.80 -7.19 13.38
N ASN C 408 26.84 -7.91 12.80
CA ASN C 408 26.92 -9.37 12.78
C ASN C 408 27.34 -9.85 11.39
N VAL C 409 28.30 -9.13 10.80
CA VAL C 409 29.05 -9.57 9.65
C VAL C 409 30.46 -9.16 9.99
N GLY C 410 31.42 -10.00 9.61
CA GLY C 410 32.80 -9.55 9.67
C GLY C 410 33.38 -9.75 11.06
N ARG C 411 32.62 -10.20 12.06
CA ARG C 411 33.20 -10.57 13.35
C ARG C 411 33.19 -12.10 13.42
N ARG C 412 34.20 -12.68 14.07
CA ARG C 412 34.21 -14.14 14.22
C ARG C 412 32.98 -14.57 15.04
N GLY C 413 32.41 -15.72 14.68
CA GLY C 413 31.24 -16.24 15.32
C GLY C 413 29.97 -15.54 14.83
N THR C 414 30.05 -14.77 13.73
CA THR C 414 28.89 -14.14 13.14
C THR C 414 28.85 -14.50 11.66
N GLY C 415 28.18 -13.65 10.89
CA GLY C 415 27.92 -13.89 9.46
C GLY C 415 26.41 -13.84 9.21
N CYS C 416 26.01 -13.31 8.03
CA CYS C 416 24.64 -13.47 7.56
C CYS C 416 24.74 -14.24 6.25
N VAL C 417 24.55 -15.56 6.34
CA VAL C 417 25.01 -16.47 5.30
C VAL C 417 23.86 -17.35 4.84
N ARG C 418 23.90 -17.67 3.56
CA ARG C 418 23.15 -18.80 3.03
C ARG C 418 23.76 -20.07 3.64
N MET C 419 22.86 -21.01 3.95
CA MET C 419 23.26 -22.37 4.34
C MET C 419 23.59 -23.16 3.09
N GLY C 420 22.97 -22.83 1.96
CA GLY C 420 23.36 -23.41 0.68
C GLY C 420 22.44 -24.62 0.38
N GLY C 421 22.46 -25.04 -0.89
CA GLY C 421 21.73 -26.21 -1.34
C GLY C 421 22.60 -27.26 -1.90
N HIS C 422 22.94 -27.13 -3.18
CA HIS C 422 24.06 -27.82 -3.77
C HIS C 422 25.35 -27.18 -3.28
N GLN C 423 26.46 -27.82 -3.59
CA GLN C 423 27.72 -27.15 -3.51
C GLN C 423 27.72 -26.04 -4.56
N GLU C 424 28.77 -25.18 -4.49
CA GLU C 424 29.00 -24.06 -5.39
C GLU C 424 30.14 -24.40 -6.34
N GLY C 425 30.01 -23.98 -7.58
CA GLY C 425 31.15 -24.12 -8.47
C GLY C 425 30.97 -23.30 -9.74
N TYR C 426 30.81 -21.95 -9.59
CA TYR C 426 30.43 -21.09 -10.69
C TYR C 426 31.61 -20.37 -11.31
N THR C 427 31.86 -20.66 -12.58
CA THR C 427 32.74 -19.83 -13.43
C THR C 427 32.06 -19.72 -14.81
N ARG C 428 31.62 -18.50 -15.19
CA ARG C 428 30.91 -18.26 -16.44
C ARG C 428 31.22 -16.91 -17.05
N PRO C 429 31.06 -16.78 -18.40
CA PRO C 429 31.03 -15.45 -19.02
C PRO C 429 29.85 -14.69 -18.43
N PRO C 430 29.77 -13.34 -18.58
CA PRO C 430 28.55 -12.62 -18.23
C PRO C 430 27.36 -13.11 -19.05
N TYR C 431 26.17 -13.07 -18.44
CA TYR C 431 24.95 -13.25 -19.18
C TYR C 431 24.87 -12.21 -20.31
N PRO C 432 24.54 -12.58 -21.58
CA PRO C 432 24.65 -11.65 -22.70
C PRO C 432 23.44 -10.75 -23.00
N GLY C 433 22.42 -10.79 -22.18
CA GLY C 433 21.28 -9.93 -22.37
C GLY C 433 21.28 -8.79 -21.37
N ASP C 434 20.32 -7.89 -21.56
CA ASP C 434 20.17 -6.71 -20.75
C ASP C 434 18.82 -6.75 -20.02
N LYS C 435 18.10 -7.90 -20.04
CA LYS C 435 16.76 -7.96 -19.47
C LYS C 435 16.50 -9.31 -18.79
N LYS C 436 15.57 -9.32 -17.82
CA LYS C 436 15.21 -10.57 -17.16
C LYS C 436 14.04 -11.16 -17.94
N ILE C 437 14.16 -12.44 -18.20
CA ILE C 437 13.22 -13.14 -19.05
C ILE C 437 12.73 -14.33 -18.25
N TYR C 438 11.40 -14.45 -18.15
CA TYR C 438 10.77 -15.57 -17.48
C TYR C 438 10.67 -16.72 -18.46
N ILE C 439 11.69 -17.58 -18.44
CA ILE C 439 11.85 -18.58 -19.48
C ILE C 439 10.62 -19.48 -19.64
N ASP C 440 10.14 -20.04 -18.52
CA ASP C 440 9.01 -20.93 -18.54
C ASP C 440 7.79 -20.29 -19.22
N GLN C 441 7.46 -19.04 -18.89
CA GLN C 441 6.32 -18.33 -19.48
C GLN C 441 6.52 -18.19 -21.00
N GLU C 442 7.73 -17.88 -21.44
CA GLU C 442 8.06 -17.80 -22.85
C GLU C 442 7.80 -19.14 -23.58
N LEU C 443 8.18 -20.27 -22.94
CA LEU C 443 7.97 -21.57 -23.50
C LEU C 443 6.50 -21.89 -23.58
N ILE C 444 5.81 -21.62 -22.49
CA ILE C 444 4.39 -21.85 -22.40
C ILE C 444 3.69 -21.03 -23.47
N LYS C 445 4.23 -19.87 -23.83
CA LYS C 445 3.57 -18.96 -24.76
C LYS C 445 4.00 -19.28 -26.18
N GLY C 446 4.88 -20.25 -26.34
CA GLY C 446 5.09 -20.80 -27.66
C GLY C 446 6.39 -20.33 -28.28
N LYS C 447 7.28 -19.71 -27.48
CA LYS C 447 8.51 -19.24 -28.05
C LYS C 447 9.58 -20.36 -28.03
N GLY C 448 10.58 -20.18 -28.89
CA GLY C 448 11.73 -21.03 -28.95
C GLY C 448 11.47 -22.13 -29.98
N ARG C 449 12.55 -22.56 -30.63
CA ARG C 449 12.57 -23.71 -31.52
C ARG C 449 13.11 -24.96 -30.82
N ILE C 450 14.15 -24.78 -30.00
CA ILE C 450 14.85 -25.88 -29.34
C ILE C 450 15.07 -25.51 -27.86
N MET C 451 14.79 -26.46 -26.96
CA MET C 451 14.98 -26.28 -25.52
C MET C 451 15.81 -27.47 -25.03
N THR C 452 16.89 -27.16 -24.35
CA THR C 452 17.73 -28.14 -23.72
C THR C 452 17.62 -28.01 -22.18
N TRP C 453 17.17 -29.07 -21.50
CA TRP C 453 17.37 -29.23 -20.06
C TRP C 453 18.69 -29.91 -19.84
N TRP C 454 19.56 -29.27 -19.05
CA TRP C 454 20.90 -29.73 -18.86
C TRP C 454 21.14 -29.91 -17.38
N GLY C 455 21.23 -31.18 -16.93
CA GLY C 455 21.50 -31.41 -15.50
C GLY C 455 20.40 -30.84 -14.60
N CYS C 456 19.16 -30.78 -15.10
CA CYS C 456 18.01 -30.49 -14.29
C CYS C 456 16.73 -31.09 -14.89
N ASN C 457 15.64 -31.01 -14.13
CA ASN C 457 14.39 -31.68 -14.53
C ASN C 457 13.23 -30.82 -14.08
N ASN C 458 12.88 -29.77 -14.88
CA ASN C 458 11.88 -28.81 -14.40
C ASN C 458 10.47 -29.38 -14.45
N PHE C 459 10.30 -30.56 -15.10
CA PHE C 459 9.05 -31.27 -15.01
C PHE C 459 8.68 -31.51 -13.55
N GLN C 460 9.71 -31.79 -12.74
CA GLN C 460 9.47 -32.08 -11.34
C GLN C 460 9.67 -30.85 -10.44
N THR C 461 10.38 -29.81 -10.93
CA THR C 461 10.90 -28.77 -10.05
C THR C 461 10.56 -27.32 -10.42
N SER C 462 9.98 -27.09 -11.60
CA SER C 462 9.47 -25.74 -11.88
C SER C 462 8.40 -25.32 -10.87
N ASN C 463 8.29 -23.99 -10.67
CA ASN C 463 7.08 -23.43 -10.12
C ASN C 463 6.01 -23.50 -11.23
N ASN C 464 4.75 -23.60 -10.83
CA ASN C 464 3.61 -23.71 -11.74
C ASN C 464 3.93 -24.81 -12.75
N ALA C 465 4.37 -25.96 -12.23
CA ALA C 465 4.97 -27.03 -13.03
C ALA C 465 3.92 -27.68 -13.94
N GLN C 466 2.68 -27.70 -13.52
CA GLN C 466 1.64 -28.29 -14.34
C GLN C 466 1.50 -27.51 -15.65
N ALA C 467 1.39 -26.17 -15.58
CA ALA C 467 1.33 -25.37 -16.81
C ALA C 467 2.53 -25.68 -17.74
N LEU C 468 3.73 -25.81 -17.16
CA LEU C 468 4.92 -26.06 -17.94
C LEU C 468 4.80 -27.42 -18.62
N ARG C 469 4.48 -28.46 -17.87
CA ARG C 469 4.46 -29.79 -18.45
C ARG C 469 3.40 -29.88 -19.56
N GLU C 470 2.19 -29.39 -19.28
CA GLU C 470 1.14 -29.37 -20.28
C GLU C 470 1.70 -28.84 -21.58
N ALA C 471 2.31 -27.66 -21.52
CA ALA C 471 2.72 -26.97 -22.72
C ALA C 471 3.84 -27.74 -23.41
N ILE C 472 4.84 -28.14 -22.65
CA ILE C 472 5.97 -28.83 -23.27
C ILE C 472 5.55 -30.15 -23.90
N LEU C 473 4.70 -30.93 -23.25
CA LEU C 473 4.23 -32.21 -23.79
C LEU C 473 3.52 -31.96 -25.13
N GLN C 474 2.62 -30.96 -25.15
CA GLN C 474 1.91 -30.62 -26.39
C GLN C 474 2.85 -30.18 -27.52
N ARG C 475 3.78 -29.28 -27.19
CA ARG C 475 4.71 -28.75 -28.18
C ARG C 475 5.62 -29.87 -28.68
N SER C 476 6.01 -30.76 -27.76
CA SER C 476 6.79 -31.93 -28.12
C SER C 476 6.07 -32.84 -29.10
N ALA C 477 4.78 -33.04 -28.86
CA ALA C 477 3.94 -33.89 -29.67
C ALA C 477 3.85 -33.37 -31.12
N ILE C 478 3.77 -32.04 -31.30
CA ILE C 478 3.76 -31.46 -32.64
C ILE C 478 4.99 -31.90 -33.43
N VAL C 479 6.17 -31.85 -32.80
CA VAL C 479 7.40 -32.30 -33.45
C VAL C 479 7.37 -33.81 -33.72
N LYS C 480 6.98 -34.61 -32.72
CA LYS C 480 6.86 -36.07 -32.93
C LYS C 480 5.96 -36.35 -34.17
N GLN C 481 4.84 -35.65 -34.28
CA GLN C 481 3.90 -35.92 -35.36
C GLN C 481 4.53 -35.54 -36.70
N ALA C 482 5.27 -34.43 -36.76
CA ALA C 482 5.96 -34.01 -37.98
C ALA C 482 7.01 -35.03 -38.41
N MET C 483 7.74 -35.62 -37.46
CA MET C 483 8.80 -36.55 -37.77
C MET C 483 8.20 -37.81 -38.42
N GLN C 484 6.94 -38.04 -38.13
CA GLN C 484 6.24 -39.30 -38.38
C GLN C 484 6.07 -39.55 -39.87
N LYS C 485 6.09 -38.47 -40.64
CA LYS C 485 5.75 -38.48 -42.05
C LYS C 485 7.00 -38.88 -42.81
N ALA C 486 8.15 -38.69 -42.16
CA ALA C 486 9.42 -38.87 -42.84
C ALA C 486 9.67 -40.36 -43.11
N ARG C 487 10.43 -40.63 -44.17
CA ARG C 487 10.86 -41.96 -44.52
C ARG C 487 12.13 -41.75 -45.29
N GLY C 488 13.24 -42.28 -44.81
CA GLY C 488 14.44 -42.27 -45.60
C GLY C 488 15.08 -40.88 -45.69
N ALA C 489 14.75 -39.98 -44.76
CA ALA C 489 15.27 -38.61 -44.82
C ALA C 489 16.71 -38.55 -44.36
N THR C 490 17.48 -37.63 -44.96
CA THR C 490 18.82 -37.31 -44.48
C THR C 490 18.66 -36.52 -43.20
N THR C 491 19.77 -36.39 -42.46
CA THR C 491 19.79 -35.64 -41.23
C THR C 491 19.35 -34.21 -41.53
N GLU C 492 19.87 -33.64 -42.61
CA GLU C 492 19.57 -32.26 -43.00
C GLU C 492 18.09 -32.11 -43.33
N GLU C 493 17.50 -33.06 -44.05
CA GLU C 493 16.05 -32.95 -44.29
C GLU C 493 15.25 -33.03 -42.98
N MET C 494 15.72 -33.88 -42.04
CA MET C 494 14.99 -34.04 -40.79
C MET C 494 15.04 -32.74 -39.96
N VAL C 495 16.21 -32.10 -39.95
CA VAL C 495 16.38 -30.79 -39.33
C VAL C 495 15.34 -29.80 -39.88
N ASP C 496 15.15 -29.82 -41.22
CA ASP C 496 14.14 -28.96 -41.86
C ASP C 496 12.74 -29.37 -41.43
N VAL C 497 12.45 -30.67 -41.31
CA VAL C 497 11.11 -31.11 -40.93
C VAL C 497 10.79 -30.59 -39.52
N ILE C 498 11.77 -30.72 -38.63
CA ILE C 498 11.59 -30.36 -37.23
C ILE C 498 11.47 -28.85 -37.10
N TYR C 499 12.37 -28.12 -37.75
CA TYR C 499 12.27 -26.66 -37.79
C TYR C 499 10.89 -26.19 -38.25
N GLU C 500 10.39 -26.72 -39.35
CA GLU C 500 9.04 -26.38 -39.80
C GLU C 500 7.97 -26.69 -38.76
N ALA C 501 8.08 -27.82 -38.03
CA ALA C 501 7.11 -28.12 -36.99
C ALA C 501 7.15 -27.11 -35.86
N THR C 502 8.36 -26.56 -35.58
CA THR C 502 8.51 -25.53 -34.56
C THR C 502 7.91 -24.20 -35.06
N GLN C 503 7.66 -24.01 -36.35
CA GLN C 503 7.00 -22.78 -36.81
C GLN C 503 5.51 -22.95 -36.65
N ASN C 504 5.11 -24.17 -36.36
CA ASN C 504 3.72 -24.51 -36.19
C ASN C 504 3.46 -24.88 -34.74
N GLY C 505 4.19 -24.28 -33.79
CA GLY C 505 3.86 -24.45 -32.39
C GLY C 505 4.71 -25.53 -31.70
N GLY C 506 5.53 -26.24 -32.48
CA GLY C 506 6.37 -27.32 -31.97
C GLY C 506 7.55 -26.83 -31.12
N LEU C 507 8.23 -27.75 -30.45
CA LEU C 507 9.49 -27.45 -29.74
C LEU C 507 10.33 -28.75 -29.72
N PHE C 508 11.58 -28.66 -30.17
CA PHE C 508 12.46 -29.79 -30.09
C PHE C 508 13.06 -29.78 -28.68
N VAL C 509 13.02 -30.90 -27.99
CA VAL C 509 13.46 -30.99 -26.62
C VAL C 509 14.65 -31.93 -26.52
N THR C 510 15.75 -31.44 -25.93
CA THR C 510 16.89 -32.28 -25.61
C THR C 510 17.04 -32.31 -24.09
N SER C 511 17.53 -33.46 -23.56
CA SER C 511 17.93 -33.62 -22.18
C SER C 511 19.35 -34.15 -22.10
N ILE C 512 20.17 -33.51 -21.28
CA ILE C 512 21.50 -33.96 -21.06
C ILE C 512 21.59 -34.37 -19.60
N ASN C 513 21.73 -35.70 -19.35
CA ASN C 513 21.40 -36.18 -18.03
C ASN C 513 22.19 -37.43 -17.71
N LEU C 514 22.08 -37.90 -16.45
CA LEU C 514 22.46 -39.26 -16.03
C LEU C 514 21.43 -40.31 -16.46
N TYR C 515 20.17 -39.96 -16.48
CA TYR C 515 19.04 -40.92 -16.50
C TYR C 515 17.99 -40.41 -17.45
N PRO C 516 17.04 -41.27 -17.91
CA PRO C 516 15.89 -40.75 -18.72
C PRO C 516 15.05 -39.65 -18.07
N THR C 517 14.70 -39.90 -16.81
CA THR C 517 13.83 -39.07 -15.98
C THR C 517 12.47 -38.90 -16.65
N LYS C 518 11.57 -38.20 -15.97
CA LYS C 518 10.28 -37.85 -16.54
C LYS C 518 10.41 -36.99 -17.80
N LEU C 519 11.52 -36.28 -17.99
CA LEU C 519 11.76 -35.54 -19.22
C LEU C 519 11.64 -36.43 -20.46
N ALA C 520 11.93 -37.71 -20.31
CA ALA C 520 11.76 -38.66 -21.43
C ALA C 520 10.33 -38.68 -21.98
N GLU C 521 9.35 -38.22 -21.23
CA GLU C 521 8.01 -38.16 -21.73
C GLU C 521 7.86 -37.12 -22.85
N ALA C 522 8.77 -36.17 -22.94
CA ALA C 522 8.69 -35.07 -23.91
C ALA C 522 9.95 -34.98 -24.80
N ALA C 523 11.07 -35.56 -24.33
CA ALA C 523 12.33 -35.34 -25.02
C ALA C 523 12.33 -36.08 -26.37
N HIS C 524 13.05 -35.48 -27.34
CA HIS C 524 13.32 -36.10 -28.62
C HIS C 524 14.73 -36.65 -28.69
N LEU C 525 15.63 -36.10 -27.80
CA LEU C 525 17.04 -36.42 -27.82
C LEU C 525 17.52 -36.37 -26.38
N MET C 526 18.27 -37.41 -25.97
CA MET C 526 18.90 -37.47 -24.65
C MET C 526 20.38 -37.86 -24.79
N LEU C 527 21.25 -37.09 -24.10
CA LEU C 527 22.69 -37.34 -24.19
C LEU C 527 23.23 -37.71 -22.80
N PRO C 528 24.12 -38.74 -22.76
CA PRO C 528 24.62 -39.30 -21.52
C PRO C 528 25.77 -38.49 -20.92
N ALA C 529 25.62 -38.14 -19.63
CA ALA C 529 26.63 -37.41 -18.88
C ALA C 529 27.24 -38.29 -17.79
N ALA C 530 28.36 -37.77 -17.23
CA ALA C 530 29.21 -38.39 -16.25
C ALA C 530 29.26 -37.57 -14.96
N HIS C 531 29.41 -38.25 -13.82
CA HIS C 531 29.32 -37.62 -12.54
C HIS C 531 30.68 -37.76 -11.85
N PRO C 532 30.91 -37.12 -10.69
CA PRO C 532 32.22 -37.17 -10.03
C PRO C 532 32.64 -38.59 -9.68
N GLY C 533 33.93 -38.89 -9.95
CA GLY C 533 34.39 -40.24 -9.85
C GLY C 533 34.56 -40.85 -11.23
N GLU C 534 33.61 -40.58 -12.15
CA GLU C 534 33.76 -40.90 -13.56
C GLU C 534 34.54 -39.81 -14.31
N MET C 535 34.70 -38.65 -13.63
CA MET C 535 35.48 -37.53 -14.09
C MET C 535 36.08 -36.86 -12.83
N ASN C 536 37.16 -36.11 -13.04
CA ASN C 536 37.60 -35.09 -12.10
C ASN C 536 36.60 -33.93 -12.03
N LEU C 537 36.43 -33.37 -10.81
CA LEU C 537 35.52 -32.23 -10.66
C LEU C 537 35.93 -31.38 -9.47
N THR C 538 35.80 -30.06 -9.62
CA THR C 538 36.12 -29.15 -8.52
C THR C 538 34.84 -28.42 -8.16
N SER C 539 34.74 -28.10 -6.88
CA SER C 539 33.62 -27.37 -6.31
C SER C 539 34.03 -26.87 -4.93
N MET C 540 33.24 -25.96 -4.35
CA MET C 540 33.42 -25.48 -3.00
C MET C 540 32.12 -25.65 -2.20
N ASN C 541 32.24 -25.59 -0.91
CA ASN C 541 31.09 -25.83 -0.02
C ASN C 541 30.63 -24.50 0.55
N GLY C 542 29.85 -24.54 1.64
CA GLY C 542 29.24 -23.33 2.15
C GLY C 542 30.18 -22.35 2.89
N GLU C 543 31.46 -22.69 3.02
CA GLU C 543 32.48 -21.82 3.59
C GLU C 543 33.58 -21.57 2.51
N ARG C 544 33.20 -21.81 1.26
CA ARG C 544 34.00 -21.53 0.07
C ARG C 544 35.23 -22.45 -0.03
N ARG C 545 35.18 -23.61 0.60
CA ARG C 545 36.32 -24.51 0.60
C ARG C 545 36.34 -25.35 -0.68
N ILE C 546 37.30 -25.05 -1.56
CA ILE C 546 37.40 -25.73 -2.86
C ILE C 546 38.18 -27.02 -2.69
N ARG C 547 37.62 -28.09 -3.26
CA ARG C 547 38.26 -29.40 -3.29
C ARG C 547 38.18 -30.00 -4.70
N LEU C 548 39.17 -30.87 -5.01
CA LEU C 548 39.11 -31.76 -6.17
C LEU C 548 38.54 -33.14 -5.76
N SER C 549 37.47 -33.53 -6.44
CA SER C 549 37.01 -34.91 -6.47
C SER C 549 37.73 -35.64 -7.62
N GLU C 550 38.48 -36.71 -7.30
CA GLU C 550 39.33 -37.38 -8.27
C GLU C 550 38.57 -38.47 -9.03
N LYS C 551 38.81 -38.56 -10.35
CA LYS C 551 38.31 -39.64 -11.17
C LYS C 551 38.92 -40.95 -10.66
N PHE C 552 38.13 -42.03 -10.59
CA PHE C 552 38.63 -43.34 -10.18
C PHE C 552 38.02 -44.50 -10.97
N MET C 553 37.07 -44.22 -11.89
CA MET C 553 36.38 -45.28 -12.67
C MET C 553 35.93 -44.69 -14.01
N ASP C 554 35.47 -45.55 -14.91
CA ASP C 554 35.00 -45.14 -16.19
C ASP C 554 33.52 -44.82 -16.06
N PRO C 555 33.00 -43.87 -16.88
CA PRO C 555 31.56 -43.66 -17.03
C PRO C 555 30.88 -44.85 -17.73
N PRO C 556 29.55 -45.01 -17.60
CA PRO C 556 28.80 -45.99 -18.40
C PRO C 556 28.87 -45.68 -19.88
N GLY C 557 29.19 -46.71 -20.69
CA GLY C 557 29.16 -46.54 -22.14
C GLY C 557 29.97 -45.32 -22.62
N THR C 558 29.32 -44.44 -23.39
CA THR C 558 29.99 -43.27 -23.96
C THR C 558 29.49 -41.99 -23.26
N ALA C 559 29.03 -42.12 -22.02
CA ALA C 559 28.78 -40.98 -21.16
C ALA C 559 29.99 -40.05 -21.01
N MET C 560 29.75 -38.75 -20.97
CA MET C 560 30.83 -37.78 -20.97
C MET C 560 30.56 -36.69 -19.92
N ALA C 561 31.64 -36.12 -19.43
CA ALA C 561 31.60 -34.93 -18.60
C ALA C 561 30.89 -33.83 -19.36
N ASP C 562 30.04 -33.08 -18.65
CA ASP C 562 29.22 -32.04 -19.25
C ASP C 562 30.05 -30.98 -19.99
N CYS C 563 31.24 -30.61 -19.42
CA CYS C 563 32.08 -29.63 -20.09
C CYS C 563 32.55 -30.10 -21.45
N LEU C 564 32.76 -31.45 -21.58
CA LEU C 564 33.17 -32.05 -22.86
C LEU C 564 31.98 -32.29 -23.81
N ILE C 565 30.79 -32.46 -23.26
CA ILE C 565 29.59 -32.39 -24.08
C ILE C 565 29.47 -30.99 -24.68
N ALA C 566 29.73 -29.96 -23.87
CA ALA C 566 29.66 -28.59 -24.37
C ALA C 566 30.72 -28.38 -25.48
N ALA C 567 31.93 -28.91 -25.31
CA ALA C 567 32.98 -28.82 -26.33
C ALA C 567 32.55 -29.53 -27.61
N ARG C 568 31.90 -30.66 -27.43
CA ARG C 568 31.47 -31.44 -28.55
C ARG C 568 30.48 -30.66 -29.41
N ILE C 569 29.48 -30.03 -28.77
CA ILE C 569 28.50 -29.23 -29.42
C ILE C 569 29.14 -28.06 -30.15
N ALA C 570 30.04 -27.34 -29.44
CA ALA C 570 30.70 -26.18 -29.99
C ALA C 570 31.48 -26.51 -31.26
N ASN C 571 32.16 -27.65 -31.24
CA ASN C 571 33.03 -28.10 -32.33
C ASN C 571 32.15 -28.59 -33.50
N ALA C 572 31.02 -29.18 -33.19
CA ALA C 572 30.08 -29.55 -34.25
C ALA C 572 29.60 -28.29 -34.97
N LEU C 573 29.22 -27.28 -34.17
CA LEU C 573 28.68 -26.05 -34.74
C LEU C 573 29.76 -25.31 -35.54
N ARG C 574 30.97 -25.29 -35.00
CA ARG C 574 32.08 -24.71 -35.73
C ARG C 574 32.26 -25.39 -37.09
N ASP C 575 32.27 -26.71 -37.12
CA ASP C 575 32.52 -27.41 -38.36
C ASP C 575 31.43 -27.10 -39.37
N MET C 576 30.20 -26.95 -38.89
CA MET C 576 29.10 -26.71 -39.76
C MET C 576 29.26 -25.34 -40.39
N TYR C 577 29.65 -24.37 -39.57
CA TYR C 577 29.80 -23.00 -40.07
C TYR C 577 31.03 -22.89 -41.00
N GLN C 578 32.15 -23.54 -40.67
CA GLN C 578 33.30 -23.59 -41.54
C GLN C 578 32.96 -24.21 -42.91
N LYS C 579 32.20 -25.30 -42.89
CA LYS C 579 31.77 -25.98 -44.11
C LYS C 579 30.81 -25.10 -44.93
N ASP C 580 30.04 -24.24 -44.28
CA ASP C 580 29.11 -23.32 -44.95
C ASP C 580 29.87 -22.02 -45.34
N GLY C 581 31.20 -22.00 -45.26
CA GLY C 581 32.00 -20.83 -45.55
C GLY C 581 31.73 -19.60 -44.68
N LYS C 582 31.33 -19.74 -43.42
CA LYS C 582 30.98 -18.59 -42.61
C LYS C 582 32.01 -18.43 -41.50
N ALA C 583 33.11 -17.76 -41.84
CA ALA C 583 34.29 -17.67 -41.02
C ALA C 583 33.97 -16.98 -39.70
N GLU C 584 33.17 -15.91 -39.77
CA GLU C 584 32.89 -15.12 -38.59
C GLU C 584 32.04 -15.95 -37.61
N MET C 585 31.03 -16.66 -38.09
CA MET C 585 30.23 -17.51 -37.20
C MET C 585 31.09 -18.66 -36.64
N ALA C 586 31.90 -19.27 -37.49
CA ALA C 586 32.78 -20.35 -37.05
C ALA C 586 33.63 -19.88 -35.87
N ALA C 587 34.18 -18.66 -35.96
CA ALA C 587 35.09 -18.18 -34.94
C ALA C 587 34.40 -18.01 -33.59
N GLN C 588 33.08 -17.77 -33.55
CA GLN C 588 32.35 -17.71 -32.28
C GLN C 588 32.47 -19.04 -31.51
N PHE C 589 32.75 -20.15 -32.22
CA PHE C 589 32.80 -21.51 -31.66
C PHE C 589 34.20 -21.99 -31.36
N GLU C 590 35.18 -21.10 -31.49
CA GLU C 590 36.53 -21.46 -31.09
C GLU C 590 36.65 -21.48 -29.55
N GLY C 591 37.73 -22.12 -29.11
CA GLY C 591 38.08 -22.18 -27.70
C GLY C 591 37.54 -23.41 -26.98
N PHE C 592 37.19 -24.50 -27.71
CA PHE C 592 36.75 -25.72 -27.10
C PHE C 592 37.59 -26.92 -27.52
N ASP C 593 38.88 -26.68 -27.71
CA ASP C 593 39.78 -27.78 -28.03
C ASP C 593 40.15 -28.51 -26.74
N TRP C 594 39.20 -29.20 -26.13
CA TRP C 594 39.36 -29.78 -24.81
C TRP C 594 39.35 -31.28 -24.90
N LYS C 595 40.32 -31.91 -24.29
CA LYS C 595 40.43 -33.36 -24.29
C LYS C 595 40.00 -33.91 -22.91
N THR C 596 40.26 -33.15 -21.83
CA THR C 596 39.86 -33.60 -20.52
C THR C 596 39.21 -32.45 -19.75
N GLU C 597 38.54 -32.76 -18.63
CA GLU C 597 37.85 -31.76 -17.85
C GLU C 597 38.83 -30.71 -17.31
N GLU C 598 40.06 -31.12 -16.97
CA GLU C 598 41.09 -30.18 -16.48
C GLU C 598 41.33 -29.02 -17.45
N ASP C 599 41.18 -29.26 -18.77
CA ASP C 599 41.27 -28.23 -19.80
C ASP C 599 40.25 -27.13 -19.54
N ALA C 600 39.00 -27.51 -19.14
CA ALA C 600 37.95 -26.53 -18.84
C ALA C 600 38.28 -25.76 -17.54
N PHE C 601 38.95 -26.41 -16.58
CA PHE C 601 39.40 -25.71 -15.37
C PHE C 601 40.42 -24.64 -15.72
N ASN C 602 41.38 -24.99 -16.57
CA ASN C 602 42.42 -24.07 -17.01
C ASN C 602 41.83 -22.92 -17.81
N ASP C 603 40.83 -23.19 -18.65
CA ASP C 603 40.33 -22.20 -19.59
C ASP C 603 39.40 -21.20 -18.89
N GLY C 604 38.86 -21.58 -17.71
CA GLY C 604 37.81 -20.83 -17.06
C GLY C 604 38.30 -20.29 -15.71
N PHE C 605 38.15 -21.13 -14.68
CA PHE C 605 38.51 -20.73 -13.34
C PHE C 605 39.92 -20.11 -13.29
N ARG C 606 40.87 -20.75 -13.98
CA ARG C 606 42.24 -20.31 -13.85
C ARG C 606 42.61 -19.09 -14.74
N ARG C 607 41.71 -18.64 -15.62
CA ARG C 607 41.98 -17.48 -16.44
C ARG C 607 41.27 -16.27 -15.87
N ALA C 608 40.44 -16.45 -14.85
CA ALA C 608 39.61 -15.31 -14.44
C ALA C 608 40.53 -14.17 -13.98
N GLY C 609 40.28 -12.96 -14.51
CA GLY C 609 40.99 -11.75 -14.14
C GLY C 609 42.43 -11.72 -14.65
N GLN C 610 42.80 -12.66 -15.54
CA GLN C 610 44.20 -12.74 -15.99
C GLN C 610 44.36 -11.85 -17.22
N PRO C 611 45.60 -11.40 -17.54
CA PRO C 611 45.86 -10.64 -18.78
C PRO C 611 45.45 -11.33 -20.08
N GLY C 612 44.70 -10.63 -20.94
CA GLY C 612 44.28 -11.20 -22.20
C GLY C 612 43.06 -12.13 -22.07
N ALA C 613 42.53 -12.26 -20.84
CA ALA C 613 41.37 -13.08 -20.59
C ALA C 613 40.09 -12.32 -20.95
N PRO C 614 39.04 -13.00 -21.46
CA PRO C 614 37.75 -12.33 -21.58
C PRO C 614 37.12 -12.08 -20.19
N ALA C 615 36.00 -11.38 -20.16
CA ALA C 615 35.29 -11.15 -18.91
C ALA C 615 34.79 -12.50 -18.38
N ILE C 616 35.09 -12.81 -17.10
CA ILE C 616 34.74 -14.10 -16.53
C ILE C 616 34.26 -13.85 -15.11
N ASP C 617 33.03 -14.26 -14.77
CA ASP C 617 32.55 -14.25 -13.39
C ASP C 617 32.87 -15.60 -12.73
N SER C 618 33.69 -15.62 -11.69
CA SER C 618 34.23 -16.81 -11.05
C SER C 618 34.23 -16.63 -9.56
N GLN C 619 33.66 -17.62 -8.84
CA GLN C 619 33.74 -17.69 -7.37
C GLN C 619 35.20 -17.81 -6.93
N GLY C 620 36.11 -18.19 -7.81
CA GLY C 620 37.53 -18.23 -7.44
C GLY C 620 38.20 -16.84 -7.38
N GLY C 621 37.60 -15.85 -8.04
CA GLY C 621 38.19 -14.52 -8.11
C GLY C 621 39.40 -14.52 -9.04
N SER C 622 40.21 -13.44 -8.91
CA SER C 622 41.33 -13.29 -9.84
C SER C 622 42.56 -14.03 -9.37
N THR C 623 42.53 -14.67 -8.16
CA THR C 623 43.64 -15.53 -7.77
C THR C 623 43.36 -17.01 -8.06
N GLY C 624 42.33 -17.26 -8.84
CA GLY C 624 41.98 -18.62 -9.25
C GLY C 624 43.10 -19.39 -9.90
N HIS C 625 43.97 -18.68 -10.64
CA HIS C 625 45.11 -19.33 -11.32
C HIS C 625 46.10 -19.98 -10.37
N LEU C 626 46.06 -19.62 -9.09
CA LEU C 626 46.95 -20.22 -8.11
C LEU C 626 46.53 -21.65 -7.80
N VAL C 627 45.26 -22.00 -8.08
CA VAL C 627 44.76 -23.35 -7.84
C VAL C 627 45.07 -24.19 -9.08
N THR C 628 45.68 -25.36 -8.89
CA THR C 628 45.76 -26.39 -9.94
C THR C 628 45.26 -27.72 -9.35
N TYR C 629 44.95 -28.68 -10.22
CA TYR C 629 44.55 -30.00 -9.76
C TYR C 629 45.58 -30.53 -8.79
N ASP C 630 46.85 -30.54 -9.18
CA ASP C 630 47.92 -31.12 -8.35
C ASP C 630 47.97 -30.47 -6.97
N ARG C 631 47.81 -29.16 -6.90
CA ARG C 631 47.87 -28.46 -5.62
C ARG C 631 46.68 -28.82 -4.74
N LEU C 632 45.50 -29.00 -5.34
CA LEU C 632 44.31 -29.47 -4.65
C LEU C 632 44.48 -30.89 -4.13
N ARG C 633 45.03 -31.77 -4.96
CA ARG C 633 45.37 -33.10 -4.47
C ARG C 633 46.22 -33.05 -3.19
N LYS C 634 47.27 -32.20 -3.17
CA LYS C 634 48.17 -32.07 -2.01
C LYS C 634 47.47 -31.48 -0.81
N SER C 635 46.54 -30.58 -1.03
CA SER C 635 45.69 -30.09 0.05
C SER C 635 44.79 -31.17 0.66
N GLY C 636 44.39 -32.18 -0.10
CA GLY C 636 43.46 -33.18 0.39
C GLY C 636 42.03 -32.66 0.48
N ASN C 637 41.25 -33.35 1.31
CA ASN C 637 39.84 -33.01 1.45
C ASN C 637 39.65 -31.71 2.23
N ASN C 638 40.73 -31.19 2.85
CA ASN C 638 40.66 -29.88 3.48
C ASN C 638 40.69 -28.74 2.48
N GLY C 639 41.30 -28.95 1.30
CA GLY C 639 41.24 -27.96 0.24
C GLY C 639 41.83 -26.61 0.71
N VAL C 640 41.13 -25.56 0.31
CA VAL C 640 41.46 -24.20 0.65
C VAL C 640 40.16 -23.40 0.55
N GLN C 641 39.91 -22.53 1.53
CA GLN C 641 38.85 -21.56 1.48
C GLN C 641 39.21 -20.43 0.53
N LEU C 642 38.36 -20.20 -0.46
CA LEU C 642 38.55 -19.16 -1.46
C LEU C 642 38.09 -17.81 -0.87
N PRO C 643 38.67 -16.65 -1.30
CA PRO C 643 39.76 -16.62 -2.28
C PRO C 643 41.11 -17.00 -1.75
N VAL C 644 41.93 -17.57 -2.63
CA VAL C 644 43.32 -17.88 -2.29
C VAL C 644 44.08 -16.56 -2.18
N VAL C 645 44.90 -16.40 -1.15
CA VAL C 645 45.66 -15.19 -0.85
C VAL C 645 47.13 -15.39 -1.25
N SER C 646 47.64 -16.60 -1.16
CA SER C 646 48.98 -16.92 -1.63
C SER C 646 49.16 -18.43 -1.84
N TRP C 647 50.26 -18.74 -2.54
CA TRP C 647 50.74 -20.10 -2.75
C TRP C 647 52.26 -20.11 -2.85
N ASP C 648 52.89 -21.11 -2.21
CA ASP C 648 54.24 -21.49 -2.55
C ASP C 648 54.41 -22.97 -2.20
N GLU C 649 55.50 -23.56 -2.69
CA GLU C 649 55.66 -25.02 -2.58
C GLU C 649 55.77 -25.41 -1.10
N SER C 650 56.25 -24.51 -0.22
CA SER C 650 56.48 -24.89 1.17
C SER C 650 55.20 -24.73 2.00
N LYS C 651 54.39 -23.72 1.70
CA LYS C 651 53.21 -23.49 2.53
C LYS C 651 51.87 -23.89 1.87
N GLY C 652 51.88 -24.31 0.59
CA GLY C 652 50.64 -24.76 -0.06
C GLY C 652 49.74 -23.57 -0.29
N LEU C 653 48.47 -23.87 -0.62
CA LEU C 653 47.49 -22.84 -0.79
C LEU C 653 47.12 -22.25 0.57
N VAL C 654 47.07 -20.92 0.64
CA VAL C 654 46.61 -20.25 1.86
C VAL C 654 45.44 -19.37 1.46
N GLY C 655 44.31 -19.48 2.18
CA GLY C 655 43.09 -18.87 1.67
C GLY C 655 42.45 -17.92 2.70
N THR C 656 41.14 -17.75 2.63
CA THR C 656 40.43 -16.70 3.37
C THR C 656 39.37 -17.33 4.26
N GLU C 657 39.43 -17.04 5.58
CA GLU C 657 38.49 -17.69 6.48
C GLU C 657 37.13 -16.98 6.52
N MET C 658 37.16 -15.64 6.75
CA MET C 658 35.92 -14.89 6.88
C MET C 658 35.97 -13.64 6.02
N LEU C 659 34.84 -13.22 5.42
CA LEU C 659 34.88 -12.02 4.59
C LEU C 659 34.46 -10.80 5.43
N TYR C 660 34.91 -9.61 5.04
CA TYR C 660 34.42 -8.33 5.55
C TYR C 660 34.96 -8.04 6.96
N THR C 661 36.01 -8.69 7.41
CA THR C 661 36.53 -8.44 8.77
C THR C 661 37.22 -7.07 8.89
N GLU C 662 37.41 -6.32 7.83
CA GLU C 662 38.03 -5.01 7.90
C GLU C 662 36.96 -3.95 7.72
N GLY C 663 35.72 -4.36 7.57
CA GLY C 663 34.70 -3.36 7.34
C GLY C 663 34.64 -2.82 5.91
N LYS C 664 35.36 -3.42 4.96
CA LYS C 664 35.26 -3.06 3.55
C LYS C 664 34.31 -4.02 2.82
N PHE C 665 33.14 -3.53 2.40
CA PHE C 665 32.12 -4.30 1.68
C PHE C 665 32.25 -4.17 0.15
N ASP C 666 31.56 -5.05 -0.58
CA ASP C 666 31.56 -5.07 -2.03
C ASP C 666 30.56 -4.09 -2.59
N THR C 667 30.78 -2.80 -2.34
CA THR C 667 30.08 -1.70 -2.96
C THR C 667 31.08 -0.67 -3.49
N ASP C 668 30.53 0.32 -4.18
CA ASP C 668 31.30 1.36 -4.84
C ASP C 668 32.16 2.09 -3.79
N ASP C 669 31.60 2.31 -2.59
CA ASP C 669 32.23 3.13 -1.57
C ASP C 669 32.86 2.28 -0.48
N GLY C 670 32.74 0.93 -0.55
CA GLY C 670 33.27 0.06 0.49
C GLY C 670 32.39 -0.04 1.75
N LYS C 671 31.28 0.67 1.79
CA LYS C 671 30.40 0.58 2.93
C LYS C 671 29.28 -0.42 2.63
N ALA C 672 28.65 -0.92 3.69
CA ALA C 672 27.45 -1.72 3.56
C ALA C 672 26.29 -0.75 3.45
N HIS C 673 25.35 -1.09 2.59
CA HIS C 673 24.22 -0.21 2.39
C HIS C 673 22.94 -0.84 2.92
N PHE C 674 22.26 -0.10 3.82
CA PHE C 674 20.91 -0.45 4.25
C PHE C 674 19.91 -0.18 3.13
N LYS C 675 18.82 -0.92 3.16
CA LYS C 675 17.76 -0.84 2.17
C LYS C 675 16.38 -0.79 2.81
N PRO C 676 15.44 -0.07 2.19
CA PRO C 676 14.05 -0.09 2.64
C PRO C 676 13.45 -1.48 2.47
N ALA C 677 12.55 -1.86 3.36
CA ALA C 677 11.90 -3.15 3.28
C ALA C 677 10.42 -3.00 3.57
N PRO C 678 9.59 -2.72 2.56
CA PRO C 678 8.16 -2.54 2.79
C PRO C 678 7.44 -3.84 3.10
N TRP C 679 6.46 -3.77 3.99
CA TRP C 679 5.55 -4.85 4.24
C TRP C 679 4.30 -4.62 3.42
N ASN C 680 4.04 -5.47 2.43
CA ASN C 680 2.87 -5.40 1.59
C ASN C 680 1.97 -6.63 1.69
N GLY C 681 2.12 -7.47 2.74
CA GLY C 681 1.33 -8.67 2.82
C GLY C 681 1.78 -9.74 1.81
N LEU C 682 0.90 -10.72 1.58
CA LEU C 682 1.15 -11.77 0.60
C LEU C 682 0.91 -11.20 -0.79
N PRO C 683 1.56 -11.73 -1.83
CA PRO C 683 1.20 -11.35 -3.19
C PRO C 683 -0.25 -11.68 -3.49
N ALA C 684 -0.88 -10.82 -4.30
CA ALA C 684 -2.30 -11.00 -4.60
C ALA C 684 -2.58 -12.40 -5.11
N THR C 685 -1.75 -12.89 -6.03
CA THR C 685 -1.98 -14.20 -6.64
C THR C 685 -2.07 -15.30 -5.58
N VAL C 686 -1.18 -15.20 -4.59
CA VAL C 686 -1.09 -16.16 -3.50
C VAL C 686 -2.24 -15.94 -2.51
N GLN C 687 -2.55 -14.67 -2.21
CA GLN C 687 -3.65 -14.35 -1.31
C GLN C 687 -4.97 -14.88 -1.88
N GLN C 688 -5.15 -14.79 -3.19
CA GLN C 688 -6.37 -15.33 -3.80
C GLN C 688 -6.51 -16.83 -3.59
N GLN C 689 -5.40 -17.59 -3.67
CA GLN C 689 -5.49 -19.03 -3.40
C GLN C 689 -5.81 -19.26 -1.91
N LYS C 690 -5.19 -18.48 -1.04
CA LYS C 690 -5.47 -18.54 0.39
C LYS C 690 -6.93 -18.26 0.72
N ASP C 691 -7.54 -17.34 -0.04
CA ASP C 691 -8.91 -16.94 0.19
C ASP C 691 -9.87 -18.02 -0.29
N LYS C 692 -9.50 -18.77 -1.31
CA LYS C 692 -10.35 -19.78 -1.93
C LYS C 692 -10.19 -21.16 -1.28
N TYR C 693 -9.01 -21.47 -0.71
CA TYR C 693 -8.72 -22.83 -0.33
C TYR C 693 -8.23 -22.90 1.09
N ARG C 694 -8.17 -24.12 1.64
CA ARG C 694 -8.09 -24.31 3.07
C ARG C 694 -6.63 -24.38 3.56
N PHE C 695 -5.74 -25.11 2.84
CA PHE C 695 -4.51 -25.52 3.44
C PHE C 695 -3.32 -24.75 2.87
N TRP C 696 -2.45 -24.29 3.78
CA TRP C 696 -1.14 -23.85 3.33
C TRP C 696 -0.33 -25.05 2.87
N LEU C 697 0.12 -25.03 1.60
CA LEU C 697 0.82 -26.14 0.96
C LEU C 697 2.35 -25.85 1.02
N ASN C 698 2.90 -25.80 2.23
CA ASN C 698 4.32 -25.80 2.46
C ASN C 698 4.94 -27.05 1.83
N ASN C 699 6.23 -26.94 1.54
CA ASN C 699 6.93 -27.92 0.72
C ASN C 699 8.43 -27.80 0.97
N GLY C 700 9.17 -28.89 0.71
CA GLY C 700 10.64 -28.89 0.79
C GLY C 700 11.22 -30.30 0.98
N ARG C 701 12.30 -30.32 1.75
CA ARG C 701 13.16 -31.47 1.81
C ARG C 701 12.75 -32.51 2.87
N ASN C 702 13.15 -33.74 2.57
CA ASN C 702 13.22 -34.84 3.48
C ASN C 702 14.69 -35.24 3.56
N ASN C 703 15.14 -35.57 4.77
CA ASN C 703 16.52 -35.95 5.05
C ASN C 703 17.01 -37.08 4.14
N GLU C 704 16.19 -38.10 3.93
CA GLU C 704 16.69 -39.30 3.25
C GLU C 704 16.67 -39.11 1.74
N VAL C 705 15.81 -38.24 1.21
CA VAL C 705 15.59 -38.16 -0.22
C VAL C 705 16.44 -37.02 -0.80
N TRP C 706 17.22 -37.31 -1.86
CA TRP C 706 17.99 -36.30 -2.55
C TRP C 706 17.22 -35.79 -3.76
N GLN C 707 16.76 -34.54 -3.65
CA GLN C 707 16.34 -33.75 -4.79
C GLN C 707 15.23 -34.48 -5.55
N THR C 708 15.35 -34.60 -6.89
CA THR C 708 14.28 -35.24 -7.69
C THR C 708 14.40 -36.76 -7.68
N ALA C 709 15.24 -37.28 -6.78
CA ALA C 709 15.28 -38.73 -6.51
C ALA C 709 15.75 -39.48 -7.75
N TYR C 710 16.71 -38.88 -8.49
CA TYR C 710 17.12 -39.47 -9.74
C TYR C 710 17.82 -40.80 -9.50
N HIS C 711 18.69 -40.84 -8.46
CA HIS C 711 19.17 -42.12 -7.94
C HIS C 711 18.14 -42.89 -7.10
N ASP C 712 17.48 -42.21 -6.18
CA ASP C 712 16.74 -42.87 -5.12
C ASP C 712 15.55 -43.65 -5.68
N GLN C 713 15.01 -43.23 -6.81
CA GLN C 713 13.91 -43.94 -7.45
C GLN C 713 14.30 -45.37 -7.82
N TYR C 714 15.59 -45.68 -7.94
CA TYR C 714 16.06 -47.04 -8.25
C TYR C 714 16.50 -47.83 -7.03
N ASN C 715 16.41 -47.23 -5.85
CA ASN C 715 16.92 -47.81 -4.62
C ASN C 715 15.78 -48.47 -3.87
N SER C 716 15.86 -49.79 -3.64
CA SER C 716 14.68 -50.52 -3.14
C SER C 716 14.39 -50.11 -1.71
N LEU C 717 15.40 -49.78 -0.87
CA LEU C 717 15.13 -49.28 0.49
C LEU C 717 14.44 -47.93 0.46
N MET C 718 14.87 -47.03 -0.42
CA MET C 718 14.25 -45.71 -0.53
C MET C 718 12.78 -45.84 -0.97
N GLN C 719 12.54 -46.71 -1.95
CA GLN C 719 11.22 -46.89 -2.50
C GLN C 719 10.28 -47.58 -1.51
N GLU C 720 10.82 -48.45 -0.63
CA GLU C 720 10.00 -49.08 0.37
C GLU C 720 9.58 -48.03 1.39
N ARG C 721 10.51 -47.10 1.75
CA ARG C 721 10.23 -46.15 2.80
C ARG C 721 9.34 -44.98 2.33
N TYR C 722 9.56 -44.49 1.12
CA TYR C 722 8.87 -43.34 0.49
C TYR C 722 8.42 -43.74 -0.91
N PRO C 723 7.44 -44.66 -1.07
CA PRO C 723 7.03 -45.08 -2.41
C PRO C 723 6.36 -43.93 -3.16
N MET C 724 5.79 -42.96 -2.42
CA MET C 724 5.03 -41.85 -2.99
C MET C 724 5.40 -40.63 -2.19
N ALA C 725 5.35 -39.45 -2.84
CA ALA C 725 5.54 -38.22 -2.12
C ALA C 725 4.57 -38.18 -0.96
N TYR C 726 5.01 -37.71 0.22
CA TYR C 726 4.10 -37.61 1.33
C TYR C 726 3.77 -36.16 1.67
N ILE C 727 2.66 -35.99 2.41
CA ILE C 727 2.14 -34.72 2.85
C ILE C 727 1.83 -34.87 4.34
N GLU C 728 2.62 -34.13 5.13
CA GLU C 728 2.41 -33.99 6.56
C GLU C 728 1.15 -33.18 6.77
N MET C 729 0.22 -33.75 7.56
CA MET C 729 -1.03 -33.13 7.89
C MET C 729 -1.26 -33.20 9.39
N ASN C 730 -1.93 -32.18 9.89
CA ASN C 730 -2.35 -32.15 11.29
C ASN C 730 -3.34 -33.28 11.56
N PRO C 731 -3.23 -34.08 12.65
CA PRO C 731 -4.13 -35.21 12.85
C PRO C 731 -5.61 -34.82 12.95
N ASP C 732 -5.89 -33.61 13.48
CA ASP C 732 -7.28 -33.19 13.57
C ASP C 732 -7.85 -32.90 12.19
N ASP C 733 -7.01 -32.33 11.34
CA ASP C 733 -7.36 -32.11 9.93
C ASP C 733 -7.59 -33.45 9.24
N CYS C 734 -6.73 -34.45 9.56
CA CYS C 734 -6.86 -35.77 9.01
C CYS C 734 -8.22 -36.39 9.34
N LYS C 735 -8.62 -36.32 10.61
CA LYS C 735 -9.89 -36.90 11.05
C LYS C 735 -11.03 -36.23 10.33
N GLN C 736 -10.92 -34.93 10.12
CA GLN C 736 -12.01 -34.21 9.45
C GLN C 736 -12.12 -34.71 8.01
N LEU C 737 -11.03 -35.05 7.37
CA LEU C 737 -11.05 -35.55 6.00
C LEU C 737 -11.16 -37.07 5.94
N ASP C 738 -11.29 -37.76 7.09
CA ASP C 738 -11.30 -39.21 7.15
C ASP C 738 -10.10 -39.82 6.43
N VAL C 739 -8.89 -39.30 6.71
CA VAL C 739 -7.67 -39.87 6.17
C VAL C 739 -6.74 -40.22 7.33
N THR C 740 -5.93 -41.26 7.08
CA THR C 740 -4.82 -41.59 7.97
C THR C 740 -3.55 -41.93 7.16
N GLY C 741 -2.47 -42.27 7.86
CA GLY C 741 -1.21 -42.60 7.20
C GLY C 741 -1.38 -43.70 6.15
N GLY C 742 -0.93 -43.42 4.93
CA GLY C 742 -0.97 -44.38 3.85
C GLY C 742 -2.19 -44.22 2.97
N ASP C 743 -3.09 -43.28 3.27
CA ASP C 743 -4.14 -42.93 2.34
C ASP C 743 -3.53 -42.07 1.24
N ILE C 744 -4.22 -42.00 0.12
CA ILE C 744 -3.77 -41.18 -0.99
C ILE C 744 -4.76 -40.04 -1.14
N VAL C 745 -4.24 -38.81 -1.24
CA VAL C 745 -5.05 -37.62 -1.38
C VAL C 745 -4.69 -36.92 -2.70
N GLU C 746 -5.68 -36.23 -3.32
CA GLU C 746 -5.39 -35.20 -4.30
C GLU C 746 -5.27 -33.84 -3.61
N VAL C 747 -4.22 -33.11 -4.01
CA VAL C 747 -3.97 -31.76 -3.60
C VAL C 747 -4.15 -30.86 -4.81
N TYR C 748 -5.02 -29.80 -4.71
CA TYR C 748 -5.29 -29.00 -5.89
C TYR C 748 -5.70 -27.59 -5.54
N ASN C 749 -5.60 -26.75 -6.56
CA ASN C 749 -5.98 -25.34 -6.49
C ASN C 749 -6.16 -24.84 -7.92
N ASP C 750 -6.17 -23.52 -8.14
CA ASP C 750 -6.36 -22.96 -9.47
C ASP C 750 -5.18 -23.27 -10.39
N PHE C 751 -3.98 -23.53 -9.85
CA PHE C 751 -2.79 -23.77 -10.64
C PHE C 751 -2.65 -25.23 -11.10
N GLY C 752 -3.16 -26.18 -10.33
CA GLY C 752 -2.96 -27.57 -10.74
C GLY C 752 -3.50 -28.57 -9.72
N SER C 753 -3.15 -29.81 -10.01
CA SER C 753 -3.59 -30.95 -9.22
C SER C 753 -2.43 -31.96 -9.13
N THR C 754 -2.22 -32.51 -7.95
CA THR C 754 -1.28 -33.61 -7.80
C THR C 754 -1.73 -34.48 -6.66
N PHE C 755 -0.92 -35.49 -6.31
CA PHE C 755 -1.29 -36.52 -5.37
C PHE C 755 -0.14 -36.72 -4.37
N ALA C 756 -0.51 -37.21 -3.18
CA ALA C 756 0.43 -37.49 -2.11
C ALA C 756 -0.13 -38.58 -1.20
N MET C 757 0.78 -39.28 -0.48
CA MET C 757 0.34 -40.12 0.60
C MET C 757 0.35 -39.35 1.91
N VAL C 758 -0.69 -39.59 2.70
CA VAL C 758 -0.97 -38.81 3.93
C VAL C 758 -0.03 -39.31 5.02
N TYR C 759 0.60 -38.35 5.72
CA TYR C 759 1.55 -38.62 6.78
C TYR C 759 1.12 -37.79 7.98
N PRO C 760 0.25 -38.32 8.88
CA PRO C 760 -0.17 -37.53 10.02
C PRO C 760 1.01 -37.15 10.91
N VAL C 761 1.10 -35.87 11.25
CA VAL C 761 2.18 -35.27 12.02
C VAL C 761 1.55 -34.36 13.05
N ALA C 762 1.75 -34.73 14.32
CA ALA C 762 1.14 -33.96 15.42
C ALA C 762 1.62 -32.50 15.45
N GLU C 763 2.86 -32.26 15.01
CA GLU C 763 3.50 -30.94 15.15
C GLU C 763 3.02 -29.98 14.06
N ILE C 764 2.31 -30.47 13.03
CA ILE C 764 1.77 -29.61 11.99
C ILE C 764 0.58 -28.83 12.54
N LYS C 765 0.54 -27.55 12.19
CA LYS C 765 -0.52 -26.67 12.64
C LYS C 765 -1.79 -26.91 11.82
N ARG C 766 -2.91 -26.67 12.48
CA ARG C 766 -4.20 -26.81 11.80
C ARG C 766 -4.21 -25.84 10.61
N GLY C 767 -4.67 -26.29 9.44
CA GLY C 767 -4.71 -25.47 8.27
C GLY C 767 -3.43 -25.45 7.48
N GLN C 768 -2.39 -26.15 7.98
CA GLN C 768 -1.09 -26.19 7.33
C GLN C 768 -0.74 -27.63 7.01
N THR C 769 0.16 -27.81 6.04
CA THR C 769 0.64 -29.09 5.58
C THR C 769 2.09 -28.91 5.15
N PHE C 770 2.77 -30.04 4.81
CA PHE C 770 4.12 -29.98 4.28
C PHE C 770 4.25 -31.14 3.33
N MET C 771 4.45 -30.85 2.05
CA MET C 771 4.64 -31.92 1.09
C MET C 771 6.07 -31.99 0.56
N LEU C 772 6.59 -33.21 0.44
CA LEU C 772 7.87 -33.44 -0.21
C LEU C 772 7.90 -32.89 -1.63
N PHE C 773 8.93 -32.11 -1.94
CA PHE C 773 8.99 -31.39 -3.22
C PHE C 773 9.70 -32.31 -4.21
N GLY C 774 9.48 -32.05 -5.47
CA GLY C 774 10.36 -32.51 -6.53
C GLY C 774 10.30 -34.02 -6.84
N TYR C 775 9.30 -34.77 -6.34
CA TYR C 775 9.50 -36.20 -6.30
C TYR C 775 8.96 -36.90 -7.56
N VAL C 776 9.36 -38.17 -7.70
CA VAL C 776 9.06 -38.99 -8.87
C VAL C 776 7.64 -39.55 -8.84
N ASN C 777 6.96 -39.50 -7.71
CA ASN C 777 5.60 -40.04 -7.60
C ASN C 777 4.73 -39.05 -6.82
N GLY C 778 4.14 -38.07 -7.54
CA GLY C 778 3.40 -37.00 -6.91
C GLY C 778 4.27 -35.76 -6.87
N ILE C 779 4.19 -34.94 -7.92
CA ILE C 779 5.00 -33.77 -8.08
C ILE C 779 4.29 -32.62 -7.35
N GLN C 780 4.97 -32.04 -6.35
CA GLN C 780 4.37 -30.99 -5.55
C GLN C 780 4.16 -29.69 -6.32
N GLY C 781 5.03 -29.41 -7.31
CA GLY C 781 5.10 -28.10 -7.92
C GLY C 781 3.92 -27.73 -8.78
N ASP C 782 3.07 -28.71 -9.08
CA ASP C 782 1.82 -28.50 -9.81
C ASP C 782 0.95 -27.44 -9.16
N VAL C 783 1.05 -27.30 -7.83
CA VAL C 783 0.16 -26.39 -7.15
C VAL C 783 0.86 -25.10 -6.72
N THR C 784 2.13 -24.91 -7.06
CA THR C 784 2.80 -23.64 -6.84
C THR C 784 2.38 -22.61 -7.90
N THR C 785 2.35 -21.34 -7.53
CA THR C 785 1.87 -20.28 -8.42
C THR C 785 2.99 -19.83 -9.34
N ASP C 786 2.59 -18.96 -10.28
CA ASP C 786 3.52 -18.36 -11.21
C ASP C 786 4.18 -17.11 -10.63
N TRP C 787 3.83 -16.73 -9.39
CA TRP C 787 4.28 -15.44 -8.88
C TRP C 787 5.76 -15.45 -8.55
N THR C 788 6.45 -14.36 -8.95
CA THR C 788 7.87 -14.14 -8.65
C THR C 788 8.15 -12.72 -8.17
N ASP C 789 9.27 -12.54 -7.47
CA ASP C 789 9.64 -11.20 -7.04
C ASP C 789 10.24 -10.39 -8.20
N ARG C 790 10.87 -9.25 -7.89
CA ARG C 790 11.23 -8.29 -8.91
C ARG C 790 12.23 -8.90 -9.87
N ASN C 791 13.03 -9.86 -9.38
CA ASN C 791 14.06 -10.48 -10.20
C ASN C 791 13.66 -11.88 -10.66
N ILE C 792 12.35 -12.20 -10.65
CA ILE C 792 11.83 -13.48 -11.13
C ILE C 792 12.31 -14.63 -10.22
N ILE C 793 12.28 -14.38 -8.89
CA ILE C 793 12.47 -15.40 -7.88
C ILE C 793 11.11 -15.85 -7.40
N PRO C 794 10.79 -17.15 -7.58
CA PRO C 794 9.47 -17.67 -7.20
C PRO C 794 9.24 -17.78 -5.70
N TYR C 795 8.00 -17.51 -5.30
CA TYR C 795 7.57 -17.81 -3.94
C TYR C 795 7.12 -19.28 -3.85
N TYR C 796 8.06 -20.22 -3.99
CA TYR C 796 7.73 -21.64 -4.01
C TYR C 796 7.03 -22.10 -2.74
N LYS C 797 7.30 -21.44 -1.61
CA LYS C 797 6.71 -21.81 -0.34
C LYS C 797 5.38 -21.13 -0.07
N GLY C 798 4.82 -20.45 -1.09
CA GLY C 798 3.66 -19.60 -0.98
C GLY C 798 2.57 -20.08 -1.93
N THR C 799 1.72 -20.99 -1.40
CA THR C 799 0.59 -21.52 -2.13
C THR C 799 -0.35 -22.20 -1.16
N TRP C 800 -1.64 -22.19 -1.52
CA TRP C 800 -2.72 -22.75 -0.74
C TRP C 800 -3.54 -23.64 -1.67
N GLY C 801 -4.22 -24.65 -1.12
CA GLY C 801 -5.02 -25.58 -1.89
C GLY C 801 -5.96 -26.39 -1.00
N ASP C 802 -6.78 -27.20 -1.65
CA ASP C 802 -7.67 -28.10 -0.97
C ASP C 802 -7.11 -29.51 -1.15
N ILE C 803 -7.65 -30.40 -0.39
CA ILE C 803 -7.22 -31.78 -0.23
C ILE C 803 -8.44 -32.68 -0.26
N ARG C 804 -8.38 -33.73 -1.07
CA ARG C 804 -9.52 -34.62 -1.28
C ARG C 804 -9.01 -36.06 -1.18
N LYS C 805 -9.70 -36.89 -0.40
CA LYS C 805 -9.33 -38.28 -0.27
C LYS C 805 -9.53 -39.02 -1.58
N VAL C 806 -8.49 -39.73 -2.06
CA VAL C 806 -8.63 -40.67 -3.14
C VAL C 806 -8.96 -42.07 -2.58
N GLY C 807 -8.20 -42.52 -1.59
CA GLY C 807 -8.44 -43.84 -1.03
C GLY C 807 -7.31 -44.33 -0.16
N SER C 808 -7.45 -45.54 0.38
CA SER C 808 -6.50 -46.16 1.27
C SER C 808 -5.59 -47.10 0.49
N MET C 809 -4.29 -46.85 0.53
CA MET C 809 -3.31 -47.74 -0.13
C MET C 809 -2.80 -48.78 0.84
N GLU C 810 -3.44 -49.95 0.83
CA GLU C 810 -3.22 -50.93 1.89
C GLU C 810 -1.76 -51.31 1.93
N GLU C 811 -1.14 -51.42 0.75
CA GLU C 811 0.28 -51.77 0.64
C GLU C 811 1.18 -50.77 1.38
N PHE C 812 0.85 -49.48 1.33
CA PHE C 812 1.63 -48.45 2.05
C PHE C 812 1.45 -48.66 3.54
N LYS C 813 0.21 -48.95 3.98
CA LYS C 813 -0.10 -49.23 5.37
C LYS C 813 0.70 -50.42 5.89
N ARG C 814 0.98 -51.39 5.02
CA ARG C 814 1.74 -52.58 5.42
C ARG C 814 3.27 -52.36 5.46
N THR C 815 3.78 -51.43 4.65
CA THR C 815 5.19 -51.39 4.37
C THR C 815 5.89 -50.10 4.83
N VAL C 816 5.15 -48.97 4.93
CA VAL C 816 5.70 -47.68 5.23
C VAL C 816 5.47 -47.33 6.70
N SER C 817 6.53 -46.86 7.41
CA SER C 817 6.34 -46.26 8.71
C SER C 817 5.76 -44.85 8.59
N PHE C 818 4.73 -44.58 9.40
CA PHE C 818 4.15 -43.25 9.53
C PHE C 818 4.43 -42.75 10.93
N LYS C 819 5.50 -43.25 11.54
CA LYS C 819 5.91 -42.81 12.86
C LYS C 819 6.65 -41.47 12.78
N SER C 820 6.80 -40.85 13.93
CA SER C 820 7.22 -39.47 14.01
C SER C 820 8.70 -39.32 13.61
N ARG C 821 8.97 -38.29 12.77
CA ARG C 821 10.33 -37.95 12.36
C ARG C 821 10.94 -36.84 13.20
N ARG C 822 10.24 -36.44 14.28
CA ARG C 822 10.73 -35.42 15.21
C ARG C 822 11.23 -36.12 16.46
N PHE C 823 12.54 -36.26 16.58
CA PHE C 823 13.14 -37.02 17.64
C PHE C 823 12.93 -36.38 19.01
N ALA C 824 12.50 -37.21 19.97
N ALA C 824 12.50 -37.20 19.99
CA ALA C 824 12.50 -36.86 21.38
CA ALA C 824 12.52 -36.82 21.39
C ALA C 824 12.73 -38.12 22.24
C ALA C 824 12.69 -38.03 22.31
N ALA D 1 35.61 -74.95 4.01
CA ALA D 1 34.67 -76.06 3.69
C ALA D 1 34.14 -75.93 2.26
N GLY D 2 34.41 -74.82 1.57
CA GLY D 2 33.67 -74.51 0.36
C GLY D 2 32.30 -73.85 0.66
N ARG D 3 32.29 -72.95 1.66
CA ARG D 3 31.07 -72.53 2.36
C ARG D 3 30.78 -71.06 2.09
N THR D 4 29.50 -70.75 1.84
CA THR D 4 29.09 -69.42 1.46
C THR D 4 28.35 -68.76 2.60
N THR D 5 27.95 -69.52 3.62
CA THR D 5 27.17 -68.98 4.73
C THR D 5 28.08 -68.85 5.93
N LEU D 6 27.70 -67.93 6.81
CA LEU D 6 28.34 -67.72 8.09
C LEU D 6 27.89 -68.80 9.06
N GLN D 7 28.75 -69.12 10.03
CA GLN D 7 28.50 -70.22 10.97
C GLN D 7 27.83 -69.64 12.19
N TYR D 8 26.50 -69.38 12.11
CA TYR D 8 25.87 -68.70 13.22
C TYR D 8 25.64 -69.68 14.35
N PRO D 9 25.80 -69.31 15.61
CA PRO D 9 25.45 -70.22 16.71
C PRO D 9 23.94 -70.27 16.89
N ALA D 10 23.45 -71.27 17.64
CA ALA D 10 22.05 -71.38 18.02
C ALA D 10 22.01 -71.02 19.51
N THR D 11 21.43 -69.88 19.85
CA THR D 11 21.36 -69.45 21.24
C THR D 11 19.90 -69.35 21.68
N GLN D 12 19.54 -70.10 22.72
CA GLN D 12 18.26 -69.95 23.38
C GLN D 12 18.13 -68.51 23.90
N VAL D 13 17.00 -67.84 23.66
CA VAL D 13 16.76 -66.53 24.28
C VAL D 13 15.91 -66.72 25.55
N SER D 14 14.72 -67.25 25.30
CA SER D 14 13.72 -67.52 26.34
C SER D 14 12.65 -68.46 25.77
N VAL D 15 11.60 -68.69 26.57
CA VAL D 15 10.37 -69.25 26.01
C VAL D 15 9.45 -68.05 25.70
N ALA D 16 8.69 -68.18 24.60
CA ALA D 16 7.84 -67.09 24.15
C ALA D 16 6.88 -66.63 25.23
N LYS D 17 6.30 -67.56 26.01
CA LYS D 17 5.20 -67.16 26.86
C LYS D 17 5.73 -66.38 28.07
N ASN D 18 7.03 -66.37 28.32
CA ASN D 18 7.55 -65.53 29.38
C ASN D 18 7.56 -64.07 28.93
N LEU D 19 7.48 -63.75 27.63
CA LEU D 19 7.60 -62.36 27.21
C LEU D 19 6.30 -61.61 27.46
N LYS D 20 6.36 -60.44 28.09
CA LYS D 20 5.15 -59.62 28.24
C LYS D 20 5.07 -58.61 27.10
N ALA D 21 3.85 -58.26 26.65
CA ALA D 21 3.68 -57.25 25.60
C ALA D 21 4.52 -56.00 25.89
N ASN D 22 5.37 -55.62 24.93
CA ASN D 22 6.08 -54.35 24.91
C ASN D 22 7.05 -54.18 26.07
N GLU D 23 7.54 -55.29 26.63
CA GLU D 23 8.59 -55.30 27.65
C GLU D 23 9.85 -56.00 27.10
N PRO D 24 10.85 -55.24 26.60
CA PRO D 24 11.95 -55.83 25.84
C PRO D 24 12.84 -56.72 26.71
N VAL D 25 13.31 -57.82 26.14
CA VAL D 25 14.33 -58.68 26.77
C VAL D 25 15.69 -58.43 26.14
N SER D 26 16.74 -58.27 26.95
CA SER D 26 18.09 -58.08 26.45
C SER D 26 18.80 -59.40 26.41
N PHE D 27 19.57 -59.61 25.33
CA PHE D 27 20.45 -60.78 25.25
C PHE D 27 21.62 -60.45 24.33
N THR D 28 22.62 -61.35 24.21
CA THR D 28 23.72 -61.17 23.28
C THR D 28 23.69 -62.25 22.20
N TYR D 29 24.00 -61.81 20.97
CA TYR D 29 23.95 -62.67 19.79
C TYR D 29 24.63 -61.96 18.63
N PRO D 30 25.57 -62.60 17.89
CA PRO D 30 26.01 -63.98 18.13
C PRO D 30 27.19 -64.20 19.06
N ASP D 31 27.54 -63.18 19.80
CA ASP D 31 28.57 -63.29 20.83
C ASP D 31 28.27 -62.22 21.87
N THR D 32 29.02 -62.22 22.98
CA THR D 32 28.71 -61.34 24.08
C THR D 32 29.03 -59.88 23.76
N SER D 33 29.69 -59.54 22.64
CA SER D 33 29.87 -58.12 22.33
C SER D 33 28.79 -57.56 21.39
N SER D 34 27.75 -58.34 21.13
CA SER D 34 26.68 -57.92 20.25
C SER D 34 25.36 -57.86 21.02
N PRO D 35 24.95 -56.69 21.56
CA PRO D 35 23.74 -56.60 22.35
C PRO D 35 22.52 -56.62 21.42
N CYS D 36 21.48 -57.30 21.88
CA CYS D 36 20.23 -57.44 21.13
C CYS D 36 19.02 -57.26 22.08
N VAL D 37 17.84 -57.03 21.48
CA VAL D 37 16.58 -57.03 22.21
C VAL D 37 15.58 -57.91 21.47
N ALA D 38 14.76 -58.63 22.22
CA ALA D 38 13.54 -59.22 21.66
C ALA D 38 12.35 -58.55 22.33
N VAL D 39 11.26 -58.36 21.57
CA VAL D 39 10.10 -57.77 22.17
C VAL D 39 8.86 -58.40 21.55
N LYS D 40 7.91 -58.71 22.43
CA LYS D 40 6.56 -59.05 21.99
C LYS D 40 5.80 -57.75 21.75
N LEU D 41 5.42 -57.49 20.52
CA LEU D 41 4.82 -56.21 20.16
C LEU D 41 3.36 -56.13 20.57
N GLY D 42 2.63 -57.27 20.62
CA GLY D 42 1.24 -57.23 21.10
C GLY D 42 0.25 -57.44 19.97
N SER D 43 0.70 -57.22 18.73
CA SER D 43 -0.15 -57.37 17.57
C SER D 43 0.71 -57.90 16.42
N PRO D 44 0.21 -58.81 15.59
CA PRO D 44 1.04 -59.44 14.54
C PRO D 44 1.71 -58.45 13.61
N VAL D 45 2.96 -58.76 13.23
CA VAL D 45 3.68 -58.06 12.20
C VAL D 45 4.32 -59.09 11.28
N PRO D 46 4.61 -58.71 10.03
CA PRO D 46 5.29 -59.54 9.05
C PRO D 46 6.57 -60.08 9.62
N GLY D 47 6.61 -61.42 9.53
CA GLY D 47 7.73 -62.22 9.98
C GLY D 47 7.90 -62.26 11.51
N GLY D 48 6.96 -61.68 12.28
CA GLY D 48 6.88 -61.89 13.71
C GLY D 48 6.79 -63.35 14.10
N VAL D 49 7.34 -63.76 15.24
CA VAL D 49 7.20 -65.14 15.61
C VAL D 49 6.49 -65.29 16.94
N GLY D 50 6.30 -66.54 17.31
CA GLY D 50 5.62 -66.89 18.54
C GLY D 50 4.13 -67.17 18.25
N PRO D 51 3.38 -67.47 19.34
CA PRO D 51 1.98 -67.81 19.21
C PRO D 51 1.16 -66.70 18.54
N ASN D 52 1.48 -65.42 18.80
CA ASN D 52 0.72 -64.30 18.23
C ASN D 52 1.49 -63.58 17.11
N ASN D 53 2.52 -64.21 16.57
CA ASN D 53 3.31 -63.71 15.42
C ASN D 53 3.77 -62.25 15.57
N ASP D 54 4.10 -61.94 16.77
CA ASP D 54 4.27 -60.54 17.13
C ASP D 54 5.60 -60.37 17.86
N ILE D 55 6.43 -61.45 17.95
CA ILE D 55 7.73 -61.30 18.59
C ILE D 55 8.78 -60.99 17.54
N VAL D 56 9.63 -59.98 17.82
CA VAL D 56 10.66 -59.56 16.88
C VAL D 56 11.91 -59.33 17.71
N ALA D 57 13.06 -59.46 17.05
CA ALA D 57 14.33 -59.19 17.70
C ALA D 57 15.27 -58.47 16.75
N TYR D 58 16.14 -57.67 17.36
CA TYR D 58 17.10 -56.80 16.67
C TYR D 58 18.45 -56.74 17.37
N SER D 59 19.50 -56.49 16.56
CA SER D 59 20.73 -55.86 17.07
C SER D 59 20.41 -54.43 17.51
N VAL D 60 20.91 -53.98 18.68
CA VAL D 60 20.59 -52.65 19.10
C VAL D 60 21.64 -51.62 18.71
N LEU D 61 22.78 -52.07 18.14
CA LEU D 61 23.80 -51.12 17.72
C LEU D 61 23.34 -50.34 16.48
N CYS D 62 23.29 -49.03 16.61
CA CYS D 62 22.95 -48.19 15.48
C CYS D 62 23.84 -48.53 14.30
N THR D 63 23.27 -48.66 13.12
CA THR D 63 24.00 -48.97 11.89
C THR D 63 24.65 -47.74 11.27
N HIS D 64 24.45 -46.54 11.86
CA HIS D 64 25.15 -45.34 11.43
C HIS D 64 26.61 -45.42 11.95
N MET D 65 26.80 -45.21 13.26
CA MET D 65 28.10 -45.23 13.87
C MET D 65 28.15 -45.94 15.23
N GLY D 66 27.18 -46.79 15.54
CA GLY D 66 27.39 -47.91 16.38
C GLY D 66 27.00 -47.66 17.82
N PHE D 67 26.36 -46.52 18.16
CA PHE D 67 25.97 -46.40 19.54
C PHE D 67 24.84 -47.38 19.83
N PRO D 68 24.73 -47.98 21.04
CA PRO D 68 23.56 -48.76 21.45
C PRO D 68 22.32 -47.90 21.49
N THR D 69 21.32 -48.33 20.73
CA THR D 69 20.05 -47.64 20.68
C THR D 69 19.17 -48.05 21.87
N SER D 70 18.19 -47.22 22.19
CA SER D 70 17.26 -47.56 23.25
C SER D 70 15.87 -47.76 22.67
N TYR D 71 15.25 -48.82 23.14
CA TYR D 71 13.88 -49.16 22.79
C TYR D 71 12.96 -48.20 23.53
N ASP D 72 12.08 -47.55 22.78
CA ASP D 72 11.08 -46.65 23.32
C ASP D 72 9.72 -47.34 23.26
N LYS D 73 9.20 -47.65 24.46
CA LYS D 73 7.96 -48.41 24.55
C LYS D 73 6.76 -47.63 24.02
N SER D 74 6.73 -46.32 24.17
CA SER D 74 5.57 -45.59 23.71
C SER D 74 5.48 -45.63 22.18
N SER D 75 6.60 -45.68 21.45
CA SER D 75 6.55 -45.56 19.99
C SER D 75 6.90 -46.88 19.27
N LYS D 76 7.38 -47.89 20.03
CA LYS D 76 7.90 -49.14 19.50
C LYS D 76 8.97 -48.87 18.42
N THR D 77 9.98 -48.10 18.83
CA THR D 77 11.10 -47.75 17.98
C THR D 77 12.38 -47.88 18.80
N PHE D 78 13.49 -47.94 18.07
CA PHE D 78 14.82 -47.83 18.64
C PHE D 78 15.41 -46.48 18.27
N LYS D 79 15.84 -45.70 19.26
CA LYS D 79 16.34 -44.35 19.06
C LYS D 79 17.82 -44.31 19.39
N CYS D 80 18.59 -43.69 18.51
CA CYS D 80 20.03 -43.57 18.70
C CYS D 80 20.36 -42.20 19.26
N PRO D 81 21.08 -42.14 20.40
CA PRO D 81 21.48 -40.83 20.95
C PRO D 81 22.62 -40.14 20.17
N GLY D 82 23.23 -40.82 19.19
CA GLY D 82 24.41 -40.32 18.52
C GLY D 82 24.11 -39.14 17.60
N HIS D 83 23.37 -39.41 16.55
CA HIS D 83 22.95 -38.42 15.56
C HIS D 83 21.46 -38.61 15.24
N PHE D 84 20.69 -39.19 16.17
CA PHE D 84 19.21 -39.05 16.23
C PHE D 84 18.49 -39.94 15.19
N THR D 85 19.18 -40.99 14.67
CA THR D 85 18.45 -41.99 13.89
C THR D 85 17.42 -42.69 14.74
N GLU D 86 16.33 -43.10 14.09
CA GLU D 86 15.24 -43.80 14.77
C GLU D 86 14.71 -44.89 13.82
N PHE D 87 14.62 -46.12 14.35
CA PHE D 87 14.24 -47.30 13.59
C PHE D 87 12.91 -47.89 14.08
N ASP D 88 12.12 -48.42 13.14
CA ASP D 88 10.77 -48.87 13.42
C ASP D 88 10.79 -50.39 13.75
N ALA D 89 10.48 -50.75 15.00
CA ALA D 89 10.51 -52.15 15.43
C ALA D 89 9.37 -52.93 14.77
N GLU D 90 8.35 -52.22 14.28
CA GLU D 90 7.18 -52.83 13.64
C GLU D 90 7.31 -52.87 12.11
N LYS D 91 8.44 -52.39 11.53
CA LYS D 91 8.65 -52.40 10.10
C LYS D 91 10.02 -52.97 9.73
N ALA D 92 10.42 -54.00 10.49
CA ALA D 92 11.64 -54.72 10.24
C ALA D 92 12.82 -53.76 10.28
N GLY D 93 12.79 -52.83 11.22
CA GLY D 93 13.96 -51.97 11.43
C GLY D 93 14.08 -50.85 10.43
N GLN D 94 12.99 -50.59 9.62
CA GLN D 94 12.96 -49.47 8.69
C GLN D 94 13.40 -48.18 9.40
N MET D 95 14.31 -47.44 8.79
CA MET D 95 14.69 -46.18 9.35
C MET D 95 13.57 -45.14 9.14
N ILE D 96 13.05 -44.54 10.23
CA ILE D 96 12.00 -43.55 10.17
C ILE D 96 12.57 -42.20 9.72
N CYS D 97 13.76 -41.88 10.28
CA CYS D 97 14.48 -40.63 10.01
C CYS D 97 15.90 -40.88 10.55
N GLY D 98 16.93 -40.45 9.82
CA GLY D 98 18.27 -40.53 10.38
C GLY D 98 19.34 -40.68 9.30
N GLN D 99 20.55 -40.98 9.78
CA GLN D 99 21.72 -40.88 8.96
C GLN D 99 22.29 -42.24 8.56
N ALA D 100 21.65 -43.32 9.03
CA ALA D 100 22.04 -44.66 8.61
C ALA D 100 21.64 -44.94 7.16
N THR D 101 22.35 -45.87 6.56
CA THR D 101 22.04 -46.35 5.23
C THR D 101 21.66 -47.84 5.27
N GLU D 102 21.44 -48.39 6.46
CA GLU D 102 21.01 -49.77 6.65
C GLU D 102 20.00 -49.82 7.76
N ASN D 103 19.00 -50.69 7.57
CA ASN D 103 17.95 -50.89 8.55
C ASN D 103 18.58 -51.52 9.78
N LEU D 104 17.90 -51.41 10.89
CA LEU D 104 18.40 -52.08 12.09
C LEU D 104 18.40 -53.59 11.85
N PRO D 105 19.53 -54.32 11.98
CA PRO D 105 19.55 -55.76 11.69
C PRO D 105 18.61 -56.59 12.57
N ARG D 106 17.89 -57.50 11.94
CA ARG D 106 16.96 -58.38 12.64
C ARG D 106 17.68 -59.64 13.09
N VAL D 107 17.55 -59.99 14.36
CA VAL D 107 17.95 -61.33 14.82
C VAL D 107 16.83 -62.33 14.44
N LEU D 108 17.16 -63.33 13.62
CA LEU D 108 16.27 -64.38 13.22
C LEU D 108 16.09 -65.39 14.37
N LEU D 109 14.85 -65.54 14.81
CA LEU D 109 14.41 -66.42 15.87
C LEU D 109 13.64 -67.60 15.28
N ARG D 110 14.02 -68.82 15.68
CA ARG D 110 13.17 -69.98 15.50
C ARG D 110 12.23 -70.04 16.70
N TYR D 111 10.90 -70.25 16.44
CA TYR D 111 9.94 -70.57 17.46
C TYR D 111 9.50 -72.02 17.33
N ASP D 112 9.81 -72.85 18.36
CA ASP D 112 9.39 -74.22 18.48
C ASP D 112 8.11 -74.30 19.32
N GLU D 113 6.99 -74.70 18.68
CA GLU D 113 5.71 -74.86 19.34
C GLU D 113 5.83 -75.94 20.39
N ALA D 114 6.61 -76.99 20.11
CA ALA D 114 6.70 -78.13 21.02
C ALA D 114 7.20 -77.75 22.42
N SER D 115 8.15 -76.80 22.50
CA SER D 115 8.89 -76.45 23.71
C SER D 115 8.61 -75.00 24.15
N ASP D 116 7.96 -74.23 23.27
CA ASP D 116 7.74 -72.80 23.42
C ASP D 116 8.99 -71.94 23.35
N ALA D 117 10.17 -72.53 23.02
CA ALA D 117 11.47 -71.91 22.84
C ALA D 117 11.58 -70.98 21.62
N LEU D 118 12.29 -69.91 21.93
CA LEU D 118 12.69 -68.90 20.99
C LEU D 118 14.20 -69.03 20.93
N THR D 119 14.73 -69.36 19.74
CA THR D 119 16.14 -69.53 19.61
C THR D 119 16.65 -68.59 18.49
N ALA D 120 17.72 -67.80 18.80
CA ALA D 120 18.41 -66.96 17.83
C ALA D 120 19.28 -67.87 16.96
N VAL D 121 19.06 -67.81 15.64
CA VAL D 121 19.73 -68.72 14.74
C VAL D 121 20.48 -67.99 13.63
N GLY D 122 20.23 -66.69 13.46
CA GLY D 122 20.94 -65.91 12.48
C GLY D 122 20.61 -64.43 12.58
N VAL D 123 21.13 -63.64 11.62
CA VAL D 123 20.98 -62.21 11.57
C VAL D 123 20.73 -61.83 10.12
N ASP D 124 19.70 -61.02 9.92
CA ASP D 124 19.37 -60.41 8.64
C ASP D 124 19.82 -58.93 8.68
N GLY D 125 20.90 -58.64 7.92
CA GLY D 125 21.56 -57.35 7.87
C GLY D 125 22.89 -57.50 8.60
N LEU D 126 23.72 -56.46 8.51
CA LEU D 126 25.08 -56.50 9.01
C LEU D 126 25.15 -55.64 10.27
N ILE D 127 25.56 -56.25 11.39
CA ILE D 127 25.73 -55.57 12.63
C ILE D 127 26.86 -54.53 12.55
N TYR D 128 26.63 -53.36 13.15
CA TYR D 128 27.59 -52.26 13.17
C TYR D 128 28.97 -52.81 13.56
N GLY D 129 30.02 -52.30 12.94
CA GLY D 129 31.36 -52.40 13.49
C GLY D 129 32.01 -53.77 13.33
N ARG D 130 31.55 -54.50 12.31
CA ARG D 130 31.98 -55.87 12.09
C ARG D 130 32.19 -56.10 10.58
N GLN D 131 33.17 -56.94 10.26
CA GLN D 131 33.40 -57.32 8.87
C GLN D 131 32.38 -58.38 8.46
N ALA D 132 31.99 -59.20 9.45
CA ALA D 132 30.96 -60.23 9.26
C ALA D 132 30.23 -60.32 10.59
N ASN D 133 28.98 -60.78 10.55
CA ASN D 133 28.21 -60.86 11.78
C ASN D 133 28.86 -61.81 12.79
N VAL D 134 29.54 -62.85 12.27
CA VAL D 134 30.23 -63.87 13.08
C VAL D 134 31.72 -63.52 13.05
N ILE D 135 32.29 -63.15 14.20
CA ILE D 135 33.70 -62.83 14.27
C ILE D 135 34.49 -64.13 14.55
N ALA E 1 -11.55 40.83 -31.53
CA ALA E 1 -10.50 41.85 -31.39
C ALA E 1 -11.18 43.12 -30.89
N PRO E 2 -11.99 43.84 -31.72
CA PRO E 2 -12.56 45.14 -31.34
C PRO E 2 -13.42 45.01 -30.07
N ASN E 3 -13.33 46.02 -29.20
CA ASN E 3 -13.88 45.94 -27.87
C ASN E 3 -15.24 46.63 -27.80
N ASP E 4 -15.78 47.15 -28.91
CA ASP E 4 -16.86 48.12 -28.83
C ASP E 4 -18.10 47.72 -29.65
N ARG E 5 -18.18 46.46 -30.04
CA ARG E 5 -19.37 45.93 -30.68
C ARG E 5 -19.41 44.42 -30.48
N ILE E 6 -20.56 43.81 -30.76
CA ILE E 6 -20.66 42.35 -30.79
C ILE E 6 -21.53 41.97 -31.99
N THR E 7 -21.36 40.75 -32.45
CA THR E 7 -22.12 40.22 -33.55
C THR E 7 -23.36 39.55 -32.96
N LEU E 8 -24.55 40.04 -33.36
CA LEU E 8 -25.79 39.44 -32.87
C LEU E 8 -26.09 38.10 -33.55
N PRO E 9 -26.69 37.17 -32.80
CA PRO E 9 -27.14 35.89 -33.38
C PRO E 9 -28.32 36.15 -34.31
N PRO E 10 -28.29 35.58 -35.51
CA PRO E 10 -29.44 35.67 -36.42
C PRO E 10 -30.66 35.00 -35.82
N ALA E 11 -31.82 35.49 -36.27
CA ALA E 11 -33.09 34.98 -35.80
C ALA E 11 -33.11 33.46 -35.87
N ASN E 12 -32.53 32.84 -36.91
CA ASN E 12 -32.58 31.38 -37.10
C ASN E 12 -31.36 30.65 -36.60
N ALA E 13 -30.46 31.31 -35.83
CA ALA E 13 -29.30 30.65 -35.28
C ALA E 13 -29.68 29.40 -34.49
N GLN E 14 -28.82 28.39 -34.54
CA GLN E 14 -29.00 27.19 -33.77
C GLN E 14 -28.91 27.57 -32.31
N ARG E 15 -29.75 27.00 -31.45
CA ARG E 15 -29.77 27.24 -30.02
C ARG E 15 -29.81 25.92 -29.27
N THR E 16 -28.85 25.71 -28.39
CA THR E 16 -28.80 24.52 -27.57
C THR E 16 -28.78 24.92 -26.09
N ASN E 17 -29.06 23.94 -25.25
CA ASN E 17 -29.10 24.14 -23.82
C ASN E 17 -27.74 23.84 -23.22
N MET E 18 -27.36 24.64 -22.22
CA MET E 18 -26.13 24.38 -21.48
C MET E 18 -26.30 24.75 -20.02
N THR E 19 -25.99 23.82 -19.12
CA THR E 19 -25.86 24.16 -17.72
C THR E 19 -24.50 24.78 -17.54
N CYS E 20 -24.39 25.76 -16.66
CA CYS E 20 -23.10 26.30 -16.31
C CYS E 20 -22.15 25.15 -15.99
N HIS E 21 -20.91 25.30 -16.49
CA HIS E 21 -19.84 24.35 -16.24
C HIS E 21 -19.45 24.21 -14.76
N PHE E 22 -19.67 25.25 -13.95
CA PHE E 22 -18.94 25.46 -12.71
C PHE E 22 -19.77 25.07 -11.48
N CYS E 23 -20.23 26.03 -10.69
CA CYS E 23 -20.64 25.75 -9.32
C CYS E 23 -21.98 25.02 -9.25
N ILE E 24 -22.24 24.50 -8.02
CA ILE E 24 -23.43 23.75 -7.66
C ILE E 24 -24.73 24.31 -8.21
N VAL E 25 -24.88 25.63 -8.23
CA VAL E 25 -26.21 26.16 -8.55
C VAL E 25 -26.73 25.65 -9.91
N GLY E 26 -25.86 25.51 -10.91
CA GLY E 26 -26.21 24.93 -12.19
C GLY E 26 -27.18 25.79 -13.00
N CYS E 27 -26.90 27.08 -13.06
CA CYS E 27 -27.67 28.07 -13.80
C CYS E 27 -27.82 27.60 -15.24
N GLY E 28 -28.99 27.85 -15.80
CA GLY E 28 -29.18 27.49 -17.19
C GLY E 28 -28.80 28.58 -18.17
N TYR E 29 -28.24 28.11 -19.28
CA TYR E 29 -27.76 28.95 -20.36
C TYR E 29 -28.21 28.39 -21.69
N HIS E 30 -28.28 29.27 -22.69
CA HIS E 30 -28.39 28.96 -24.09
C HIS E 30 -27.09 29.26 -24.82
N VAL E 31 -26.76 28.36 -25.77
CA VAL E 31 -25.64 28.54 -26.67
C VAL E 31 -26.24 28.75 -28.06
N TYR E 32 -26.04 29.96 -28.61
CA TYR E 32 -26.28 30.28 -29.99
C TYR E 32 -25.03 30.03 -30.80
N LYS E 33 -25.19 29.30 -31.92
CA LYS E 33 -24.11 28.97 -32.84
C LYS E 33 -24.54 29.29 -34.27
N TRP E 34 -23.70 29.98 -35.01
CA TRP E 34 -24.07 30.33 -36.38
C TRP E 34 -22.80 30.62 -37.17
N PRO E 35 -22.86 30.48 -38.51
CA PRO E 35 -21.67 30.76 -39.30
C PRO E 35 -21.11 32.14 -39.10
N GLU E 36 -19.77 32.19 -39.09
CA GLU E 36 -19.00 33.38 -38.77
C GLU E 36 -19.41 34.58 -39.61
N LEU E 37 -19.81 34.36 -40.85
CA LEU E 37 -20.05 35.51 -41.73
C LEU E 37 -21.53 35.85 -41.83
N GLN E 38 -22.39 35.30 -40.95
CA GLN E 38 -23.76 35.78 -40.79
C GLN E 38 -23.88 36.58 -39.49
N GLU E 39 -24.95 37.36 -39.39
CA GLU E 39 -25.30 38.02 -38.13
C GLU E 39 -26.78 38.42 -38.16
N GLY E 40 -27.28 38.67 -36.94
CA GLY E 40 -28.62 39.14 -36.71
C GLY E 40 -28.70 40.64 -36.94
N GLY E 41 -29.94 41.07 -37.14
CA GLY E 41 -30.32 42.46 -37.21
C GLY E 41 -30.67 43.00 -35.80
N ARG E 42 -30.65 44.32 -35.67
CA ARG E 42 -30.85 44.96 -34.38
C ARG E 42 -32.35 44.91 -34.03
N ALA E 43 -33.24 44.83 -35.05
CA ALA E 43 -34.66 44.77 -34.74
C ALA E 43 -34.90 43.49 -33.97
N PRO E 44 -35.84 43.47 -32.99
CA PRO E 44 -35.93 42.36 -32.06
C PRO E 44 -36.33 41.04 -32.74
N GLU E 45 -37.13 41.14 -33.81
CA GLU E 45 -37.54 39.92 -34.49
C GLU E 45 -36.52 39.50 -35.52
N GLN E 46 -35.40 40.22 -35.67
CA GLN E 46 -34.34 39.83 -36.60
C GLN E 46 -33.07 39.34 -35.88
N ASN E 47 -33.15 39.09 -34.58
CA ASN E 47 -32.08 38.40 -33.87
C ASN E 47 -32.64 37.34 -32.95
N ALA E 48 -31.83 36.34 -32.60
CA ALA E 48 -32.25 35.21 -31.82
C ALA E 48 -32.58 35.59 -30.39
N LEU E 49 -32.07 36.75 -29.89
CA LEU E 49 -32.33 37.14 -28.50
C LEU E 49 -33.73 37.73 -28.35
N GLY E 50 -34.33 38.15 -29.43
CA GLY E 50 -35.60 38.87 -29.41
C GLY E 50 -35.48 40.18 -28.66
N LEU E 51 -34.31 40.86 -28.73
CA LEU E 51 -34.15 42.11 -27.98
C LEU E 51 -33.95 43.23 -29.00
N ASP E 52 -34.39 44.45 -28.60
CA ASP E 52 -34.39 45.59 -29.51
C ASP E 52 -33.11 46.41 -29.36
N PHE E 53 -32.17 46.18 -30.28
CA PHE E 53 -30.87 46.85 -30.21
C PHE E 53 -30.86 48.11 -31.08
N ARG E 54 -32.04 48.59 -31.44
CA ARG E 54 -32.16 49.84 -32.17
C ARG E 54 -32.14 51.04 -31.22
N LYS E 55 -32.21 50.80 -29.91
CA LYS E 55 -32.00 51.85 -28.93
C LYS E 55 -31.55 51.24 -27.63
N GLN E 56 -31.11 52.08 -26.69
CA GLN E 56 -30.52 51.57 -25.47
C GLN E 56 -31.45 50.58 -24.77
N LEU E 57 -30.94 49.45 -24.31
CA LEU E 57 -31.69 48.56 -23.47
C LEU E 57 -31.73 49.06 -22.03
N PRO E 58 -32.90 48.87 -21.40
CA PRO E 58 -33.03 49.12 -19.97
C PRO E 58 -32.24 48.15 -19.09
N PRO E 59 -32.09 48.43 -17.79
CA PRO E 59 -31.51 47.49 -16.82
C PRO E 59 -32.24 46.17 -16.79
N LEU E 60 -31.52 45.04 -16.68
CA LEU E 60 -32.11 43.72 -16.49
C LEU E 60 -32.59 43.12 -17.82
N ALA E 61 -32.48 43.83 -18.94
CA ALA E 61 -32.97 43.29 -20.18
C ALA E 61 -32.07 42.19 -20.69
N VAL E 62 -30.77 42.24 -20.36
CA VAL E 62 -29.86 41.26 -20.96
C VAL E 62 -28.64 41.14 -20.07
N THR E 63 -27.95 40.00 -20.23
CA THR E 63 -26.57 39.89 -19.82
C THR E 63 -25.78 39.54 -21.08
N LEU E 64 -25.04 40.48 -21.58
CA LEU E 64 -24.27 40.27 -22.81
C LEU E 64 -23.03 41.17 -22.82
N THR E 65 -21.88 40.52 -22.96
CA THR E 65 -20.60 41.16 -23.07
C THR E 65 -19.76 40.37 -24.05
N PRO E 66 -18.63 40.95 -24.50
CA PRO E 66 -17.72 40.24 -25.39
C PRO E 66 -17.21 38.93 -24.78
N ALA E 67 -17.08 38.86 -23.46
CA ALA E 67 -16.60 37.66 -22.82
C ALA E 67 -17.59 36.50 -23.00
N MET E 68 -18.84 36.83 -23.38
CA MET E 68 -19.89 35.83 -23.55
C MET E 68 -20.01 35.40 -25.01
N THR E 69 -19.00 35.81 -25.82
CA THR E 69 -18.98 35.50 -27.25
C THR E 69 -17.68 34.85 -27.64
N ASN E 70 -17.71 34.16 -28.77
CA ASN E 70 -16.44 33.60 -29.27
C ASN E 70 -16.67 33.18 -30.72
N VAL E 71 -15.55 32.80 -31.35
CA VAL E 71 -15.59 32.22 -32.67
C VAL E 71 -14.78 30.91 -32.59
N VAL E 72 -15.45 29.78 -32.83
CA VAL E 72 -14.84 28.46 -32.76
C VAL E 72 -14.47 28.00 -34.19
N THR E 73 -13.49 27.10 -34.25
CA THR E 73 -13.08 26.53 -35.52
C THR E 73 -13.22 25.02 -35.38
N GLU E 74 -14.15 24.44 -36.14
CA GLU E 74 -14.50 23.06 -35.94
C GLU E 74 -13.55 22.14 -36.70
N HIS E 75 -13.82 20.83 -36.60
CA HIS E 75 -12.92 19.85 -37.22
C HIS E 75 -12.95 19.93 -38.72
N ASP E 76 -14.09 20.39 -39.29
CA ASP E 76 -14.18 20.65 -40.74
C ASP E 76 -13.52 21.96 -41.19
N GLY E 77 -12.83 22.66 -40.27
CA GLY E 77 -12.14 23.91 -40.53
C GLY E 77 -13.08 25.11 -40.58
N ARG E 78 -14.40 24.95 -40.53
CA ARG E 78 -15.30 26.09 -40.64
C ARG E 78 -15.45 26.77 -39.28
N ARG E 79 -15.62 28.07 -39.36
CA ARG E 79 -15.64 28.99 -38.25
C ARG E 79 -17.10 29.38 -37.91
N TYR E 80 -17.44 29.37 -36.62
CA TYR E 80 -18.78 29.69 -36.14
C TYR E 80 -18.74 30.63 -34.94
N ASP E 81 -19.49 31.72 -35.02
CA ASP E 81 -19.81 32.49 -33.84
C ASP E 81 -20.55 31.63 -32.83
N ILE E 82 -20.21 31.83 -31.56
CA ILE E 82 -21.01 31.31 -30.47
C ILE E 82 -21.32 32.47 -29.53
N MET E 83 -22.42 32.35 -28.79
CA MET E 83 -22.82 33.28 -27.76
C MET E 83 -23.45 32.40 -26.70
N VAL E 84 -22.93 32.52 -25.48
CA VAL E 84 -23.40 31.72 -24.37
C VAL E 84 -23.96 32.64 -23.30
N VAL E 85 -25.31 32.62 -23.17
CA VAL E 85 -25.93 33.63 -22.34
C VAL E 85 -26.94 32.97 -21.44
N PRO E 86 -27.26 33.57 -20.29
CA PRO E 86 -28.20 32.93 -19.35
C PRO E 86 -29.64 32.90 -19.86
N ASP E 87 -30.32 31.84 -19.51
CA ASP E 87 -31.72 31.56 -19.89
C ASP E 87 -32.64 32.28 -18.91
N LYS E 88 -33.33 33.33 -19.39
CA LYS E 88 -34.28 34.07 -18.58
C LYS E 88 -35.43 33.23 -18.01
N ALA E 89 -35.77 32.12 -18.65
CA ALA E 89 -36.91 31.35 -18.17
C ALA E 89 -36.48 30.13 -17.34
N CYS E 90 -35.18 29.98 -17.07
CA CYS E 90 -34.73 28.93 -16.20
C CYS E 90 -35.07 29.28 -14.76
N VAL E 91 -35.77 28.38 -14.06
CA VAL E 91 -36.19 28.62 -12.67
C VAL E 91 -34.97 28.80 -11.74
N VAL E 92 -33.86 28.21 -12.06
CA VAL E 92 -32.73 28.26 -11.12
C VAL E 92 -32.23 29.71 -10.99
N ASN E 93 -31.98 30.32 -12.15
CA ASN E 93 -31.24 31.60 -12.22
C ASN E 93 -32.07 32.73 -12.77
N SER E 94 -33.23 32.44 -13.40
CA SER E 94 -34.07 33.49 -13.94
C SER E 94 -33.26 34.51 -14.74
N GLY E 95 -32.35 34.08 -15.60
CA GLY E 95 -31.58 34.93 -16.48
C GLY E 95 -30.30 35.56 -15.84
N LEU E 96 -30.01 35.21 -14.61
CA LEU E 96 -28.75 35.63 -13.96
C LEU E 96 -27.56 34.79 -14.46
N SER E 97 -26.40 35.45 -14.47
CA SER E 97 -25.11 34.86 -14.79
C SER E 97 -24.08 35.33 -13.75
N SER E 98 -23.31 34.39 -13.15
CA SER E 98 -22.23 34.83 -12.30
C SER E 98 -21.08 35.28 -13.22
N THR E 99 -20.09 35.93 -12.62
CA THR E 99 -18.90 36.32 -13.35
C THR E 99 -18.15 35.08 -13.86
N ARG E 100 -18.34 33.95 -13.18
CA ARG E 100 -17.68 32.69 -13.56
C ARG E 100 -18.40 32.02 -14.75
N GLY E 101 -19.70 31.77 -14.63
CA GLY E 101 -20.53 31.25 -15.76
C GLY E 101 -20.52 32.17 -16.96
N GLY E 102 -20.45 33.48 -16.70
CA GLY E 102 -20.44 34.48 -17.73
C GLY E 102 -19.26 34.32 -18.68
N LYS E 103 -18.19 33.70 -18.23
CA LYS E 103 -17.03 33.55 -19.09
C LYS E 103 -16.99 32.25 -19.88
N MET E 104 -18.06 31.47 -19.84
CA MET E 104 -18.05 30.20 -20.55
C MET E 104 -17.66 30.33 -22.02
N ALA E 105 -18.20 31.29 -22.74
CA ALA E 105 -17.86 31.38 -24.15
C ALA E 105 -16.34 31.57 -24.35
N SER E 106 -15.71 32.39 -23.49
CA SER E 106 -14.32 32.71 -23.56
C SER E 106 -13.47 31.49 -23.22
N TYR E 107 -14.03 30.55 -22.45
CA TYR E 107 -13.26 29.40 -22.02
C TYR E 107 -13.64 28.17 -22.86
N MET E 108 -14.51 28.33 -23.87
CA MET E 108 -14.61 27.30 -24.90
C MET E 108 -13.26 27.28 -25.66
N TYR E 109 -12.91 26.10 -26.18
CA TYR E 109 -11.66 25.94 -26.91
C TYR E 109 -11.73 26.70 -28.23
N THR E 110 -10.70 27.52 -28.47
CA THR E 110 -10.43 28.07 -29.79
C THR E 110 -8.94 28.05 -29.98
N PRO E 111 -8.43 27.95 -31.23
CA PRO E 111 -6.99 27.94 -31.45
C PRO E 111 -6.25 29.19 -30.99
N THR E 112 -6.91 30.35 -30.81
CA THR E 112 -6.23 31.57 -30.50
C THR E 112 -6.70 32.24 -29.22
N GLY E 113 -7.77 31.72 -28.60
CA GLY E 113 -8.34 32.31 -27.39
C GLY E 113 -7.70 31.82 -26.09
N ASP E 114 -8.46 31.98 -24.99
CA ASP E 114 -8.04 31.60 -23.66
C ASP E 114 -7.83 30.09 -23.57
N GLY E 115 -8.47 29.30 -24.47
CA GLY E 115 -8.37 27.86 -24.49
C GLY E 115 -7.24 27.33 -25.35
N LYS E 116 -6.38 28.24 -25.79
CA LYS E 116 -5.35 27.96 -26.79
C LYS E 116 -4.46 26.79 -26.34
N GLN E 117 -4.21 26.61 -25.04
CA GLN E 117 -3.26 25.60 -24.60
C GLN E 117 -3.96 24.36 -24.11
N ARG E 118 -5.21 24.15 -24.53
CA ARG E 118 -5.91 22.90 -24.31
C ARG E 118 -5.06 21.73 -24.82
N LEU E 119 -5.08 20.63 -24.06
CA LEU E 119 -4.49 19.39 -24.49
C LEU E 119 -5.22 18.89 -25.72
N LYS E 120 -4.47 18.63 -26.81
CA LYS E 120 -5.05 18.23 -28.09
C LYS E 120 -4.66 16.81 -28.53
N ALA E 121 -3.74 16.22 -27.82
CA ALA E 121 -3.19 14.93 -28.15
C ALA E 121 -2.48 14.42 -26.91
N PRO E 122 -2.21 13.09 -26.84
CA PRO E 122 -1.39 12.51 -25.78
C PRO E 122 -0.03 13.21 -25.75
N ARG E 123 0.46 13.50 -24.54
CA ARG E 123 1.77 14.08 -24.26
C ARG E 123 2.52 13.06 -23.39
N LEU E 124 3.79 12.86 -23.78
CA LEU E 124 4.69 11.92 -23.14
C LEU E 124 5.93 12.66 -22.69
N TYR E 125 6.38 12.46 -21.44
CA TYR E 125 7.68 12.89 -21.02
C TYR E 125 8.64 11.73 -21.30
N ALA E 126 9.29 11.79 -22.45
CA ALA E 126 10.19 10.73 -22.86
C ALA E 126 11.57 10.93 -22.24
N ALA E 127 11.58 10.76 -20.90
CA ALA E 127 12.78 10.79 -20.07
C ALA E 127 13.35 12.17 -19.79
N ASP E 128 13.49 13.02 -20.83
CA ASP E 128 14.17 14.30 -20.71
C ASP E 128 13.48 15.40 -21.53
N GLN E 129 12.23 15.17 -22.03
CA GLN E 129 11.56 16.20 -22.83
C GLN E 129 10.13 15.77 -23.01
N TRP E 130 9.26 16.77 -23.10
CA TRP E 130 7.88 16.60 -23.52
C TRP E 130 7.79 16.46 -25.04
N VAL E 131 7.04 15.40 -25.44
CA VAL E 131 6.73 15.18 -26.86
C VAL E 131 5.27 14.77 -26.98
N ASP E 132 4.74 14.84 -28.21
CA ASP E 132 3.48 14.23 -28.52
C ASP E 132 3.70 12.72 -28.65
N THR E 133 2.65 11.95 -28.42
CA THR E 133 2.63 10.56 -28.81
C THR E 133 1.21 10.20 -29.27
N THR E 134 1.05 9.03 -29.88
CA THR E 134 -0.21 8.56 -30.39
C THR E 134 -1.04 8.03 -29.25
N TRP E 135 -2.36 7.96 -29.47
CA TRP E 135 -3.26 7.36 -28.51
C TRP E 135 -2.94 5.87 -28.35
N ASP E 136 -2.61 5.18 -29.45
CA ASP E 136 -2.33 3.76 -29.37
C ASP E 136 -1.10 3.53 -28.52
N HIS E 137 -0.04 4.31 -28.71
CA HIS E 137 1.17 4.19 -27.93
C HIS E 137 0.86 4.50 -26.47
N ALA E 138 0.13 5.61 -26.23
CA ALA E 138 -0.22 5.97 -24.87
C ALA E 138 -0.96 4.83 -24.18
N MET E 139 -1.94 4.22 -24.85
CA MET E 139 -2.71 3.13 -24.26
C MET E 139 -1.81 1.89 -24.08
N ALA E 140 -0.89 1.63 -25.03
CA ALA E 140 0.06 0.52 -24.89
C ALA E 140 0.90 0.68 -23.63
N LEU E 141 1.36 1.90 -23.37
CA LEU E 141 2.20 2.20 -22.22
C LEU E 141 1.38 2.19 -20.92
N TYR E 142 0.19 2.83 -20.95
CA TYR E 142 -0.62 3.01 -19.75
C TYR E 142 -1.32 1.70 -19.36
N ALA E 143 -2.08 1.12 -20.28
CA ALA E 143 -2.69 -0.18 -20.06
C ALA E 143 -1.60 -1.23 -19.83
N GLY E 144 -0.45 -1.14 -20.49
CA GLY E 144 0.61 -2.12 -20.31
C GLY E 144 1.14 -2.15 -18.88
N LEU E 145 1.32 -0.97 -18.29
CA LEU E 145 1.72 -0.83 -16.92
C LEU E 145 0.66 -1.30 -15.92
N ILE E 146 -0.61 -0.97 -16.23
CA ILE E 146 -1.69 -1.40 -15.36
C ILE E 146 -1.73 -2.93 -15.39
N LYS E 147 -1.59 -3.50 -16.58
CA LYS E 147 -1.68 -4.94 -16.75
C LYS E 147 -0.55 -5.62 -16.03
N LYS E 148 0.65 -5.08 -16.17
CA LYS E 148 1.80 -5.64 -15.51
C LYS E 148 1.60 -5.58 -13.99
N THR E 149 1.10 -4.44 -13.50
CA THR E 149 0.84 -4.28 -12.06
C THR E 149 -0.26 -5.27 -11.59
N LEU E 150 -1.32 -5.39 -12.33
CA LEU E 150 -2.40 -6.33 -11.96
C LEU E 150 -1.84 -7.76 -11.92
N ASP E 151 -1.05 -8.11 -12.95
CA ASP E 151 -0.52 -9.46 -13.08
C ASP E 151 0.44 -9.80 -11.95
N LYS E 152 1.22 -8.86 -11.45
CA LYS E 152 2.27 -9.14 -10.49
C LYS E 152 1.93 -8.66 -9.09
N ASP E 153 1.21 -7.55 -8.96
CA ASP E 153 0.95 -7.00 -7.63
C ASP E 153 -0.52 -7.05 -7.28
N GLY E 154 -1.38 -7.23 -8.27
CA GLY E 154 -2.81 -7.06 -8.07
C GLY E 154 -3.19 -5.57 -8.04
N PRO E 155 -4.48 -5.29 -7.82
CA PRO E 155 -5.03 -3.94 -7.91
C PRO E 155 -4.42 -2.90 -6.97
N GLN E 156 -3.90 -3.36 -5.86
CA GLN E 156 -3.35 -2.50 -4.83
C GLN E 156 -2.16 -1.71 -5.37
N GLY E 157 -1.63 -2.07 -6.57
CA GLY E 157 -0.54 -1.33 -7.17
C GLY E 157 -0.96 -0.13 -8.07
N VAL E 158 -2.27 -0.02 -8.34
CA VAL E 158 -2.79 0.98 -9.27
C VAL E 158 -3.59 2.02 -8.51
N PHE E 159 -3.13 3.28 -8.52
CA PHE E 159 -3.68 4.36 -7.75
C PHE E 159 -4.39 5.39 -8.64
N PHE E 160 -5.45 6.00 -8.08
CA PHE E 160 -6.12 7.07 -8.76
C PHE E 160 -6.48 8.16 -7.74
N SER E 161 -6.45 9.43 -8.19
CA SER E 161 -7.26 10.46 -7.58
C SER E 161 -8.21 10.95 -8.69
N CYS E 162 -9.52 10.85 -8.48
CA CYS E 162 -10.47 11.08 -9.55
C CYS E 162 -11.61 11.97 -9.03
N PHE E 163 -12.13 12.85 -9.91
CA PHE E 163 -13.35 13.59 -9.63
C PHE E 163 -14.43 12.57 -9.20
N ASP E 164 -15.35 12.98 -8.30
CA ASP E 164 -16.60 12.26 -8.12
C ASP E 164 -17.82 13.16 -8.36
N HIS E 165 -17.57 14.37 -8.93
CA HIS E 165 -18.56 15.45 -8.92
C HIS E 165 -19.32 15.48 -10.20
N GLY E 166 -20.19 16.51 -10.28
CA GLY E 166 -20.93 16.81 -11.51
C GLY E 166 -20.33 17.96 -12.31
N GLY E 167 -21.12 18.47 -13.25
CA GLY E 167 -20.73 19.55 -14.15
C GLY E 167 -19.49 19.14 -14.99
N ALA E 168 -18.79 20.16 -15.46
CA ALA E 168 -17.61 19.98 -16.30
C ALA E 168 -16.58 19.21 -15.49
N GLY E 169 -16.03 18.18 -16.13
CA GLY E 169 -15.02 17.38 -15.45
C GLY E 169 -15.68 16.43 -14.45
N GLY E 170 -16.97 16.14 -14.70
CA GLY E 170 -17.72 15.19 -13.91
C GLY E 170 -18.98 14.76 -14.61
N GLY E 171 -20.00 14.44 -13.79
CA GLY E 171 -21.33 14.10 -14.31
C GLY E 171 -21.57 12.60 -14.45
N PHE E 172 -22.83 12.26 -14.72
CA PHE E 172 -23.30 10.89 -14.58
C PHE E 172 -22.62 9.93 -15.56
N GLU E 173 -22.37 10.38 -16.79
CA GLU E 173 -21.63 9.58 -17.77
C GLU E 173 -20.23 9.33 -17.28
N ASN E 174 -19.56 10.43 -16.86
CA ASN E 174 -18.16 10.41 -16.50
C ASN E 174 -17.87 9.70 -15.20
N THR E 175 -18.70 9.91 -14.16
CA THR E 175 -18.47 9.23 -12.89
C THR E 175 -18.70 7.72 -13.07
N TRP E 176 -19.65 7.32 -13.91
CA TRP E 176 -19.90 5.91 -14.17
C TRP E 176 -18.70 5.31 -14.91
N GLY E 177 -18.24 5.98 -15.97
CA GLY E 177 -17.16 5.45 -16.79
C GLY E 177 -15.95 5.17 -15.96
N THR E 178 -15.55 6.19 -15.17
CA THR E 178 -14.37 6.09 -14.34
C THR E 178 -14.61 5.06 -13.23
N GLY E 179 -15.79 5.08 -12.59
CA GLY E 179 -16.06 4.18 -11.47
C GLY E 179 -16.05 2.70 -11.89
N LYS E 180 -16.65 2.43 -13.04
CA LYS E 180 -16.71 1.09 -13.63
C LYS E 180 -15.32 0.59 -13.94
N LEU E 181 -14.47 1.50 -14.49
CA LEU E 181 -13.10 1.20 -14.81
C LEU E 181 -12.30 0.89 -13.55
N MET E 182 -12.40 1.75 -12.56
CA MET E 182 -11.55 1.64 -11.38
C MET E 182 -12.03 0.48 -10.47
N PHE E 183 -13.32 0.36 -10.30
CA PHE E 183 -13.92 -0.48 -9.27
C PHE E 183 -14.37 -1.85 -9.83
N SER E 184 -15.00 -1.92 -11.01
CA SER E 184 -15.51 -3.18 -11.47
C SER E 184 -14.46 -3.91 -12.34
N ALA E 185 -13.63 -3.16 -13.08
CA ALA E 185 -12.71 -3.74 -14.05
C ALA E 185 -11.33 -3.96 -13.45
N ILE E 186 -10.62 -2.88 -13.12
CA ILE E 186 -9.34 -2.95 -12.48
C ILE E 186 -9.52 -3.52 -11.07
N GLN E 187 -10.61 -3.11 -10.40
CA GLN E 187 -10.95 -3.49 -9.03
C GLN E 187 -9.93 -2.97 -8.02
N THR E 188 -9.46 -1.73 -8.17
CA THR E 188 -8.52 -1.15 -7.20
C THR E 188 -9.29 -0.39 -6.12
N PRO E 189 -8.91 -0.59 -4.84
CA PRO E 189 -9.34 0.25 -3.72
C PRO E 189 -8.46 1.46 -3.49
N MET E 190 -7.39 1.63 -4.31
CA MET E 190 -6.41 2.67 -4.04
C MET E 190 -6.86 3.93 -4.80
N VAL E 191 -8.01 4.48 -4.34
CA VAL E 191 -8.64 5.59 -5.04
C VAL E 191 -9.02 6.64 -4.03
N ARG E 192 -8.62 7.86 -4.32
CA ARG E 192 -9.13 9.00 -3.58
C ARG E 192 -9.97 9.87 -4.51
N ILE E 193 -10.51 10.93 -3.90
CA ILE E 193 -11.49 11.79 -4.55
C ILE E 193 -10.80 13.14 -4.78
N HIS E 194 -11.34 13.96 -5.67
CA HIS E 194 -10.67 15.19 -6.14
C HIS E 194 -10.37 16.09 -4.96
N ASN E 195 -11.28 16.16 -3.96
CA ASN E 195 -11.12 17.13 -2.87
C ASN E 195 -10.81 16.54 -1.49
N ARG E 196 -10.56 15.20 -1.43
CA ARG E 196 -10.37 14.55 -0.16
C ARG E 196 -9.60 13.23 -0.35
N PRO E 197 -8.64 12.95 0.57
CA PRO E 197 -7.58 11.96 0.31
C PRO E 197 -7.93 10.49 0.62
N ALA E 198 -9.21 10.17 0.57
CA ALA E 198 -9.67 8.80 0.70
C ALA E 198 -10.97 8.64 -0.06
N TYR E 199 -11.48 7.38 -0.13
CA TYR E 199 -12.79 7.14 -0.73
C TYR E 199 -13.85 7.23 0.36
N ASN E 200 -14.35 8.42 0.58
CA ASN E 200 -15.21 8.72 1.73
C ASN E 200 -16.23 9.77 1.31
N SER E 201 -16.99 10.25 2.28
CA SER E 201 -18.03 11.25 2.06
C SER E 201 -17.77 12.45 2.96
N GLU E 202 -18.26 13.62 2.50
CA GLU E 202 -18.28 14.86 3.25
C GLU E 202 -19.35 14.82 4.32
N CYS E 203 -20.31 13.91 4.20
CA CYS E 203 -21.55 13.93 4.92
C CYS E 203 -21.87 12.56 5.58
N HIS E 204 -20.86 11.88 6.15
CA HIS E 204 -21.08 10.62 6.86
C HIS E 204 -22.11 10.71 7.99
N ALA E 205 -21.99 11.73 8.83
CA ALA E 205 -22.85 11.85 10.00
C ALA E 205 -24.31 12.11 9.57
N THR E 206 -24.55 13.18 8.78
CA THR E 206 -25.93 13.50 8.42
C THR E 206 -26.54 12.29 7.71
N ARG E 207 -25.76 11.60 6.88
CA ARG E 207 -26.35 10.48 6.16
C ARG E 207 -26.69 9.34 7.13
N GLU E 208 -25.78 9.05 8.04
CA GLU E 208 -25.99 8.01 9.02
C GLU E 208 -27.16 8.38 9.94
N MET E 209 -27.44 9.68 10.12
CA MET E 209 -28.53 10.08 10.98
C MET E 209 -29.86 9.99 10.22
N GLY E 210 -29.75 9.71 8.91
CA GLY E 210 -30.88 9.42 8.02
C GLY E 210 -31.26 10.59 7.09
N ILE E 211 -30.39 11.61 7.05
CA ILE E 211 -30.64 12.85 6.31
C ILE E 211 -29.55 13.06 5.26
N GLY E 212 -29.89 12.64 4.03
CA GLY E 212 -29.08 13.00 2.88
C GLY E 212 -28.98 14.54 2.75
N GLU E 213 -27.78 15.02 2.34
CA GLU E 213 -27.40 16.42 2.46
C GLU E 213 -28.10 17.32 1.44
N LEU E 214 -28.75 16.78 0.40
CA LEU E 214 -29.45 17.65 -0.52
C LEU E 214 -30.94 17.31 -0.43
N ASN E 215 -31.63 17.82 0.60
CA ASN E 215 -32.95 17.39 0.96
C ASN E 215 -34.02 18.42 0.64
N ASN E 216 -33.72 19.56 0.03
CA ASN E 216 -34.77 20.55 -0.25
C ASN E 216 -34.73 21.06 -1.67
N ALA E 217 -35.49 22.12 -1.92
CA ALA E 217 -35.52 22.83 -3.17
C ALA E 217 -34.97 24.23 -2.93
N TYR E 218 -34.58 24.90 -4.02
CA TYR E 218 -34.19 26.30 -3.95
C TYR E 218 -35.38 27.13 -3.54
N GLU E 219 -36.61 26.72 -3.93
CA GLU E 219 -37.81 27.42 -3.49
C GLU E 219 -37.92 27.46 -1.95
N ASP E 220 -37.43 26.45 -1.21
CA ASP E 220 -37.45 26.50 0.22
C ASP E 220 -36.72 27.73 0.77
N ALA E 221 -35.64 28.21 0.08
CA ALA E 221 -34.96 29.40 0.55
C ALA E 221 -35.86 30.62 0.40
N GLN E 222 -36.82 30.53 -0.53
CA GLN E 222 -37.78 31.62 -0.67
C GLN E 222 -38.91 31.58 0.38
N LEU E 223 -39.14 30.41 1.00
CA LEU E 223 -40.25 30.19 1.93
C LEU E 223 -39.79 30.31 3.39
N ALA E 224 -38.46 30.35 3.61
CA ALA E 224 -37.93 30.35 4.98
C ALA E 224 -38.28 31.62 5.77
N ASP E 225 -38.42 31.48 7.10
CA ASP E 225 -38.39 32.66 7.98
C ASP E 225 -36.95 33.12 8.23
N VAL E 226 -36.05 32.15 8.42
CA VAL E 226 -34.68 32.41 8.79
C VAL E 226 -33.83 31.48 7.93
N ILE E 227 -32.71 32.02 7.43
CA ILE E 227 -31.69 31.22 6.78
C ILE E 227 -30.43 31.27 7.62
N TRP E 228 -29.88 30.07 7.97
CA TRP E 228 -28.54 29.96 8.50
C TRP E 228 -27.59 29.67 7.34
N SER E 229 -26.46 30.37 7.30
CA SER E 229 -25.37 30.07 6.39
C SER E 229 -24.16 29.74 7.28
N ILE E 230 -23.81 28.45 7.32
CA ILE E 230 -22.83 27.95 8.25
C ILE E 230 -21.58 27.49 7.50
N GLY E 231 -20.42 28.15 7.79
CA GLY E 231 -19.16 27.81 7.11
C GLY E 231 -19.27 28.00 5.60
N ASN E 232 -19.77 29.19 5.23
CA ASN E 232 -20.31 29.38 3.88
C ASN E 232 -20.29 30.86 3.51
N ASN E 233 -19.83 31.15 2.29
CA ASN E 233 -19.78 32.50 1.76
C ASN E 233 -20.53 32.58 0.44
N PRO E 234 -21.89 32.45 0.49
CA PRO E 234 -22.66 32.11 -0.70
C PRO E 234 -22.73 33.15 -1.80
N TYR E 235 -22.65 34.44 -1.49
CA TYR E 235 -22.62 35.42 -2.57
C TYR E 235 -21.46 35.09 -3.52
N GLU E 236 -20.32 34.71 -2.93
CA GLU E 236 -19.14 34.40 -3.71
C GLU E 236 -19.11 32.96 -4.25
N SER E 237 -19.68 31.99 -3.52
CA SER E 237 -19.52 30.55 -3.76
C SER E 237 -20.76 29.86 -4.32
N GLN E 238 -21.97 30.42 -4.14
CA GLN E 238 -23.22 29.90 -4.71
C GLN E 238 -24.07 31.10 -5.20
N THR E 239 -23.39 31.98 -5.94
CA THR E 239 -23.86 33.33 -6.27
C THR E 239 -25.36 33.37 -6.58
N ASN E 240 -25.79 32.66 -7.59
CA ASN E 240 -27.13 32.89 -8.09
C ASN E 240 -28.22 32.21 -7.26
N TYR E 241 -27.88 31.25 -6.38
CA TYR E 241 -28.82 30.78 -5.39
C TYR E 241 -29.08 31.93 -4.43
N PHE E 242 -27.98 32.51 -3.93
CA PHE E 242 -28.11 33.65 -3.04
C PHE E 242 -28.85 34.81 -3.71
N LEU E 243 -28.55 35.17 -4.97
CA LEU E 243 -29.12 36.36 -5.59
C LEU E 243 -30.58 36.11 -5.98
N ASN E 244 -30.91 34.94 -6.48
CA ASN E 244 -32.20 34.70 -7.11
C ASN E 244 -33.24 34.14 -6.11
N HIS E 245 -32.82 33.58 -4.99
CA HIS E 245 -33.70 32.91 -4.03
C HIS E 245 -33.57 33.53 -2.65
N TRP E 246 -32.35 33.69 -2.14
CA TRP E 246 -32.18 34.22 -0.79
C TRP E 246 -32.57 35.69 -0.65
N LEU E 247 -32.07 36.49 -1.58
CA LEU E 247 -32.25 37.93 -1.49
C LEU E 247 -33.72 38.29 -1.69
N PRO E 248 -34.45 37.70 -2.64
CA PRO E 248 -35.86 38.04 -2.79
C PRO E 248 -36.65 37.82 -1.49
N ASN E 249 -36.26 36.80 -0.72
CA ASN E 249 -36.86 36.52 0.57
C ASN E 249 -36.54 37.66 1.51
N LEU E 250 -35.26 38.00 1.67
CA LEU E 250 -34.89 39.11 2.55
C LEU E 250 -35.58 40.41 2.15
N GLN E 251 -35.77 40.62 0.85
CA GLN E 251 -36.40 41.85 0.38
C GLN E 251 -37.92 41.88 0.55
N GLY E 252 -38.57 40.74 0.88
CA GLY E 252 -39.98 40.71 1.11
C GLY E 252 -40.75 40.30 -0.16
N ALA E 253 -40.06 39.93 -1.24
CA ALA E 253 -40.77 39.69 -2.49
C ALA E 253 -41.47 38.32 -2.47
N THR E 254 -41.14 37.43 -1.51
CA THR E 254 -41.75 36.13 -1.44
C THR E 254 -42.82 36.05 -0.34
N THR E 255 -43.13 37.15 0.37
CA THR E 255 -44.05 37.10 1.51
C THR E 255 -45.43 36.61 1.06
N SER E 256 -45.91 37.08 -0.10
CA SER E 256 -47.18 36.66 -0.67
C SER E 256 -47.26 35.16 -0.76
N LYS E 257 -46.22 34.57 -1.30
CA LYS E 257 -46.24 33.15 -1.59
C LYS E 257 -46.27 32.35 -0.28
N LYS E 258 -45.51 32.74 0.76
CA LYS E 258 -45.59 32.08 2.05
C LYS E 258 -47.04 32.10 2.56
N LYS E 259 -47.66 33.29 2.53
CA LYS E 259 -48.99 33.46 3.09
C LYS E 259 -50.04 32.72 2.27
N GLU E 260 -49.83 32.57 0.99
CA GLU E 260 -50.71 31.76 0.16
C GLU E 260 -50.62 30.27 0.49
N ARG E 261 -49.42 29.78 0.74
CA ARG E 261 -49.26 28.38 1.10
C ARG E 261 -49.74 28.07 2.51
N PHE E 262 -49.58 29.06 3.43
CA PHE E 262 -49.85 28.86 4.84
C PHE E 262 -50.73 29.98 5.36
N PRO E 263 -52.06 29.85 5.14
CA PRO E 263 -53.00 30.93 5.48
C PRO E 263 -53.04 31.39 6.94
N ASN E 264 -52.66 30.48 7.86
CA ASN E 264 -52.86 30.75 9.27
C ASN E 264 -51.54 30.83 10.03
N GLU E 265 -50.53 31.33 9.31
CA GLU E 265 -49.19 31.42 9.86
C GLU E 265 -48.61 32.81 9.64
N ASN E 266 -48.09 33.40 10.74
CA ASN E 266 -47.34 34.65 10.68
C ASN E 266 -46.03 34.47 9.93
N PHE E 267 -45.73 35.42 9.08
CA PHE E 267 -44.45 35.46 8.38
C PHE E 267 -43.78 36.80 8.65
N PRO E 268 -42.90 36.91 9.67
CA PRO E 268 -42.16 38.15 9.90
C PRO E 268 -41.19 38.43 8.76
N GLN E 269 -40.59 39.61 8.76
CA GLN E 269 -39.49 39.86 7.84
C GLN E 269 -38.45 38.75 8.00
N ALA E 270 -37.95 38.28 6.84
CA ALA E 270 -36.98 37.20 6.93
C ALA E 270 -35.66 37.73 7.50
N ARG E 271 -34.92 36.81 8.16
CA ARG E 271 -33.65 37.15 8.75
C ARG E 271 -32.64 36.09 8.37
N ILE E 272 -31.35 36.42 8.56
CA ILE E 272 -30.26 35.60 8.11
C ILE E 272 -29.17 35.60 9.18
N ILE E 273 -28.63 34.39 9.44
CA ILE E 273 -27.61 34.20 10.45
C ILE E 273 -26.40 33.52 9.76
N PHE E 274 -25.21 34.11 9.93
CA PHE E 274 -24.01 33.55 9.39
C PHE E 274 -23.10 33.04 10.52
N VAL E 275 -22.68 31.76 10.44
CA VAL E 275 -21.68 31.26 11.36
C VAL E 275 -20.39 31.14 10.56
N ASP E 276 -19.51 32.09 10.82
CA ASP E 276 -18.28 32.24 10.09
C ASP E 276 -17.34 33.09 10.95
N PRO E 277 -16.13 32.55 11.25
CA PRO E 277 -15.11 33.37 11.92
C PRO E 277 -14.87 34.71 11.24
N ARG E 278 -14.98 34.74 9.91
CA ARG E 278 -14.60 35.87 9.09
C ARG E 278 -15.82 36.64 8.65
N GLU E 279 -15.69 37.97 8.67
CA GLU E 279 -16.68 38.86 8.06
C GLU E 279 -16.48 38.93 6.56
N THR E 280 -17.39 38.29 5.83
CA THR E 280 -17.25 38.10 4.38
C THR E 280 -18.09 39.10 3.58
N PRO E 281 -17.86 39.12 2.26
CA PRO E 281 -18.73 39.84 1.33
C PRO E 281 -20.19 39.45 1.54
N SER E 282 -20.49 38.16 1.83
CA SER E 282 -21.89 37.73 2.00
C SER E 282 -22.52 38.42 3.23
N VAL E 283 -21.76 38.54 4.33
CA VAL E 283 -22.25 39.25 5.50
C VAL E 283 -22.56 40.71 5.15
N ALA E 284 -21.57 41.38 4.50
CA ALA E 284 -21.75 42.76 4.11
C ALA E 284 -23.01 42.94 3.24
N ILE E 285 -23.17 42.11 2.22
CA ILE E 285 -24.26 42.27 1.27
C ILE E 285 -25.60 41.98 1.97
N ALA E 286 -25.66 40.96 2.81
CA ALA E 286 -26.88 40.70 3.57
C ALA E 286 -27.28 41.95 4.38
N ARG E 287 -26.30 42.62 5.02
CA ARG E 287 -26.61 43.80 5.82
C ARG E 287 -27.08 44.97 4.96
N HIS E 288 -26.51 45.13 3.75
CA HIS E 288 -26.92 46.19 2.84
C HIS E 288 -28.38 45.95 2.42
N VAL E 289 -28.76 44.70 2.20
CA VAL E 289 -30.07 44.39 1.67
C VAL E 289 -31.10 44.42 2.80
N ALA E 290 -30.82 43.77 3.92
CA ALA E 290 -31.86 43.51 4.92
C ALA E 290 -31.77 44.50 6.10
N GLY E 291 -30.62 45.20 6.23
CA GLY E 291 -30.35 46.04 7.38
C GLY E 291 -29.59 45.26 8.46
N ASN E 292 -28.91 46.00 9.31
CA ASN E 292 -28.13 45.37 10.36
C ASN E 292 -29.00 44.57 11.32
N ASP E 293 -30.23 45.00 11.55
CA ASP E 293 -31.08 44.35 12.54
C ASP E 293 -31.62 42.99 12.12
N ARG E 294 -31.53 42.64 10.82
CA ARG E 294 -32.02 41.38 10.33
C ARG E 294 -30.90 40.39 9.97
N VAL E 295 -29.64 40.77 10.28
CA VAL E 295 -28.51 39.92 10.06
C VAL E 295 -27.82 39.71 11.39
N LEU E 296 -27.49 38.43 11.68
CA LEU E 296 -26.66 38.09 12.82
C LEU E 296 -25.40 37.37 12.33
N HIS E 297 -24.23 38.01 12.50
CA HIS E 297 -22.96 37.39 12.24
C HIS E 297 -22.41 36.83 13.53
N LEU E 298 -22.46 35.49 13.64
CA LEU E 298 -21.80 34.78 14.75
C LEU E 298 -20.38 34.50 14.30
N ALA E 299 -19.50 35.43 14.71
CA ALA E 299 -18.11 35.41 14.33
C ALA E 299 -17.37 34.54 15.31
N ILE E 300 -17.61 33.26 15.22
CA ILE E 300 -17.04 32.31 16.14
C ILE E 300 -15.51 32.21 16.00
N GLU E 301 -14.89 31.81 17.09
CA GLU E 301 -13.50 31.36 17.08
C GLU E 301 -13.38 30.19 16.14
N PRO E 302 -12.29 30.16 15.33
CA PRO E 302 -12.08 29.04 14.41
C PRO E 302 -12.25 27.70 15.11
N GLY E 303 -13.00 26.79 14.47
CA GLY E 303 -13.09 25.40 14.88
C GLY E 303 -14.03 25.17 16.08
N THR E 304 -14.83 26.19 16.48
CA THR E 304 -15.70 26.07 17.64
C THR E 304 -17.17 25.75 17.30
N ASP E 305 -17.50 25.43 16.04
CA ASP E 305 -18.83 25.11 15.59
C ASP E 305 -19.57 24.11 16.51
N THR E 306 -18.89 23.02 16.89
CA THR E 306 -19.51 22.00 17.71
C THR E 306 -20.02 22.59 19.02
N ALA E 307 -19.20 23.43 19.65
CA ALA E 307 -19.59 24.08 20.89
C ALA E 307 -20.76 25.03 20.68
N LEU E 308 -20.74 25.78 19.56
CA LEU E 308 -21.88 26.62 19.22
C LEU E 308 -23.17 25.79 19.16
N PHE E 309 -23.20 24.69 18.37
CA PHE E 309 -24.45 23.97 18.13
C PHE E 309 -24.89 23.23 19.40
N ASN E 310 -23.96 22.78 20.23
CA ASN E 310 -24.29 22.13 21.48
C ASN E 310 -24.91 23.14 22.44
N GLY E 311 -24.40 24.36 22.47
CA GLY E 311 -24.97 25.40 23.35
C GLY E 311 -26.36 25.79 22.88
N LEU E 312 -26.56 25.88 21.56
CA LEU E 312 -27.88 26.20 21.00
C LEU E 312 -28.87 25.08 21.23
N PHE E 313 -28.43 23.86 21.00
CA PHE E 313 -29.28 22.71 21.22
C PHE E 313 -29.69 22.63 22.69
N THR E 314 -28.75 22.84 23.58
CA THR E 314 -29.04 22.78 25.01
C THR E 314 -30.11 23.81 25.36
N TYR E 315 -29.94 25.00 24.81
CA TYR E 315 -30.82 26.12 25.14
C TYR E 315 -32.23 25.89 24.59
N VAL E 316 -32.38 25.49 23.32
CA VAL E 316 -33.73 25.29 22.80
C VAL E 316 -34.43 24.17 23.57
N VAL E 317 -33.73 23.09 23.93
CA VAL E 317 -34.30 22.08 24.81
C VAL E 317 -34.71 22.65 26.17
N GLU E 318 -33.87 23.43 26.85
CA GLU E 318 -34.24 24.02 28.14
C GLU E 318 -35.43 24.96 27.96
N GLN E 319 -35.54 25.71 26.84
CA GLN E 319 -36.64 26.64 26.67
C GLN E 319 -37.92 25.90 26.24
N GLY E 320 -37.79 24.65 25.78
CA GLY E 320 -38.87 23.91 25.17
C GLY E 320 -39.18 24.36 23.74
N TRP E 321 -38.24 24.99 23.04
CA TRP E 321 -38.40 25.41 21.66
C TRP E 321 -37.98 24.28 20.73
N ILE E 322 -38.69 23.15 20.89
CA ILE E 322 -38.44 21.94 20.14
C ILE E 322 -39.82 21.37 19.81
N ASP E 323 -39.85 20.40 18.93
CA ASP E 323 -41.06 19.76 18.49
C ASP E 323 -41.14 18.35 19.11
N LYS E 324 -41.72 18.28 20.30
CA LYS E 324 -41.78 17.03 21.06
C LYS E 324 -42.56 15.93 20.34
N PRO E 325 -43.72 16.22 19.71
CA PRO E 325 -44.43 15.19 18.94
C PRO E 325 -43.60 14.61 17.79
N PHE E 326 -42.90 15.50 17.09
CA PHE E 326 -42.02 15.10 16.03
C PHE E 326 -40.94 14.18 16.58
N ILE E 327 -40.24 14.58 17.66
CA ILE E 327 -39.16 13.79 18.23
C ILE E 327 -39.69 12.43 18.65
N GLU E 328 -40.86 12.43 19.28
CA GLU E 328 -41.42 11.19 19.81
C GLU E 328 -41.78 10.23 18.68
N ALA E 329 -42.38 10.73 17.59
CA ALA E 329 -42.84 9.85 16.52
C ALA E 329 -41.73 9.44 15.53
N HIS E 330 -40.68 10.24 15.33
CA HIS E 330 -39.85 10.10 14.14
C HIS E 330 -38.35 10.14 14.43
N THR E 331 -37.94 10.10 15.71
CA THR E 331 -36.53 10.16 16.03
C THR E 331 -36.15 9.11 17.05
N LYS E 332 -34.86 8.83 17.14
CA LYS E 332 -34.29 7.99 18.16
C LYS E 332 -33.04 8.69 18.66
N GLY E 333 -32.86 8.65 19.98
CA GLY E 333 -31.66 9.02 20.66
C GLY E 333 -31.71 10.41 21.28
N PHE E 334 -32.88 11.07 21.31
CA PHE E 334 -32.89 12.47 21.72
C PHE E 334 -32.38 12.64 23.16
N ASP E 335 -32.93 11.84 24.10
CA ASP E 335 -32.68 11.93 25.53
C ASP E 335 -31.19 11.76 25.77
N ASP E 336 -30.56 10.84 25.03
CA ASP E 336 -29.11 10.64 25.15
C ASP E 336 -28.32 11.85 24.67
N ALA E 337 -28.76 12.46 23.55
CA ALA E 337 -28.04 13.61 23.00
C ALA E 337 -28.14 14.83 23.91
N VAL E 338 -29.29 15.00 24.55
CA VAL E 338 -29.44 16.08 25.52
C VAL E 338 -28.34 15.97 26.58
N LYS E 339 -28.06 14.75 27.05
CA LYS E 339 -27.05 14.59 28.09
C LYS E 339 -25.65 14.72 27.55
N THR E 340 -25.35 14.04 26.43
CA THR E 340 -23.99 14.07 25.95
C THR E 340 -23.60 15.46 25.50
N ASN E 341 -24.54 16.26 24.98
CA ASN E 341 -24.19 17.49 24.31
C ASN E 341 -24.42 18.70 25.20
N ARG E 342 -24.74 18.47 26.49
CA ARG E 342 -25.11 19.57 27.37
C ARG E 342 -23.99 20.58 27.46
N LEU E 343 -24.33 21.88 27.25
CA LEU E 343 -23.37 22.96 27.40
C LEU E 343 -24.12 24.24 27.64
N SER E 344 -23.76 24.97 28.71
CA SER E 344 -24.47 26.18 29.10
C SER E 344 -24.12 27.28 28.11
N LEU E 345 -24.93 28.36 28.08
CA LEU E 345 -24.62 29.50 27.23
C LEU E 345 -23.31 30.17 27.64
N ASP E 346 -23.06 30.26 28.93
CA ASP E 346 -21.85 30.88 29.42
C ASP E 346 -20.64 30.12 28.93
N GLU E 347 -20.66 28.78 29.03
CA GLU E 347 -19.55 27.98 28.52
C GLU E 347 -19.44 28.12 26.99
N CYS E 348 -20.58 28.00 26.29
CA CYS E 348 -20.67 28.23 24.84
C CYS E 348 -20.01 29.55 24.45
N SER E 349 -20.37 30.64 25.14
CA SER E 349 -19.83 31.96 24.90
C SER E 349 -18.32 32.01 25.11
N ASN E 350 -17.84 31.45 26.20
CA ASN E 350 -16.42 31.39 26.46
C ASN E 350 -15.66 30.63 25.35
N ILE E 351 -16.21 29.53 24.83
CA ILE E 351 -15.50 28.76 23.81
C ILE E 351 -15.55 29.48 22.46
N THR E 352 -16.76 29.93 22.06
CA THR E 352 -16.97 30.48 20.72
C THR E 352 -16.50 31.94 20.59
N GLY E 353 -16.55 32.62 21.75
CA GLY E 353 -16.33 34.06 21.81
C GLY E 353 -17.58 34.86 21.49
N VAL E 354 -18.71 34.22 21.22
CA VAL E 354 -19.88 34.98 20.84
C VAL E 354 -20.58 35.34 22.16
N PRO E 355 -21.00 36.60 22.36
CA PRO E 355 -21.71 36.96 23.60
C PRO E 355 -23.06 36.23 23.77
N VAL E 356 -23.46 36.03 25.01
CA VAL E 356 -24.65 35.29 25.33
C VAL E 356 -25.89 35.90 24.69
N ASP E 357 -25.99 37.25 24.67
CA ASP E 357 -27.15 37.90 24.09
C ASP E 357 -27.34 37.50 22.61
N MET E 358 -26.23 37.37 21.86
N MET E 358 -26.24 37.36 21.86
CA MET E 358 -26.27 36.99 20.46
CA MET E 358 -26.28 36.97 20.47
C MET E 358 -26.64 35.50 20.30
C MET E 358 -26.65 35.49 20.30
N LEU E 359 -26.12 34.61 21.16
CA LEU E 359 -26.56 33.22 21.15
C LEU E 359 -28.07 33.09 21.41
N LYS E 360 -28.59 33.82 22.40
CA LYS E 360 -30.01 33.83 22.69
C LYS E 360 -30.83 34.40 21.53
N ARG E 361 -30.35 35.49 20.93
CA ARG E 361 -31.09 36.08 19.83
C ARG E 361 -31.20 35.12 18.62
N ALA E 362 -30.10 34.45 18.28
CA ALA E 362 -30.10 33.49 17.18
C ALA E 362 -31.18 32.41 17.41
N ALA E 363 -31.27 31.92 18.65
CA ALA E 363 -32.25 30.93 19.06
C ALA E 363 -33.66 31.48 19.03
N GLU E 364 -33.81 32.73 19.49
CA GLU E 364 -35.10 33.42 19.48
C GLU E 364 -35.60 33.56 18.06
N TRP E 365 -34.76 34.07 17.16
CA TRP E 365 -35.19 34.25 15.76
C TRP E 365 -35.59 32.94 15.12
N SER E 366 -34.88 31.88 15.47
CA SER E 366 -34.80 30.65 14.66
C SER E 366 -35.73 29.56 15.15
N TYR E 367 -36.01 29.50 16.47
CA TYR E 367 -36.62 28.32 17.05
C TYR E 367 -37.80 28.64 17.97
N LYS E 368 -37.81 29.83 18.56
CA LYS E 368 -38.93 30.21 19.43
C LYS E 368 -40.21 30.28 18.61
N PRO E 369 -41.33 29.67 19.06
CA PRO E 369 -42.57 29.67 18.27
C PRO E 369 -42.99 31.07 17.88
N LYS E 370 -43.49 31.17 16.65
CA LYS E 370 -44.13 32.39 16.16
C LYS E 370 -45.43 32.63 16.93
N ALA E 371 -45.97 33.85 16.75
CA ALA E 371 -47.16 34.23 17.49
C ALA E 371 -48.33 33.32 17.11
N SER E 372 -48.40 32.88 15.84
CA SER E 372 -49.44 32.01 15.34
C SER E 372 -49.26 30.56 15.78
N GLY E 373 -48.14 30.25 16.46
CA GLY E 373 -47.98 28.99 17.13
C GLY E 373 -46.97 28.07 16.47
N GLN E 374 -46.71 28.25 15.18
CA GLN E 374 -45.80 27.36 14.49
C GLN E 374 -44.35 27.76 14.77
N ALA E 375 -43.44 26.80 14.73
CA ALA E 375 -42.01 27.10 14.82
C ALA E 375 -41.58 27.82 13.56
N PRO E 376 -40.57 28.73 13.62
CA PRO E 376 -40.06 29.39 12.41
C PRO E 376 -39.62 28.29 11.44
N ARG E 377 -39.73 28.60 10.18
CA ARG E 377 -39.13 27.76 9.12
C ARG E 377 -37.69 28.21 8.91
N THR E 378 -36.76 27.41 9.42
CA THR E 378 -35.37 27.78 9.50
C THR E 378 -34.58 26.80 8.64
N MET E 379 -34.10 27.30 7.50
CA MET E 379 -33.28 26.51 6.59
C MET E 379 -31.82 26.66 7.03
N HIS E 380 -31.17 25.53 7.32
CA HIS E 380 -29.81 25.47 7.80
C HIS E 380 -28.92 25.01 6.64
N ALA E 381 -28.18 25.93 6.04
CA ALA E 381 -27.32 25.71 4.90
C ALA E 381 -25.88 25.68 5.41
N TYR E 382 -25.08 24.70 5.01
CA TYR E 382 -23.69 24.68 5.45
C TYR E 382 -22.77 24.25 4.30
N GLU E 383 -21.50 24.59 4.40
CA GLU E 383 -20.50 24.19 3.39
C GLU E 383 -19.15 24.00 4.08
N LYS E 384 -18.07 24.44 3.47
CA LYS E 384 -16.72 23.97 3.74
C LYS E 384 -16.12 24.52 5.02
N GLY E 385 -16.63 25.61 5.59
CA GLY E 385 -16.23 26.06 6.90
C GLY E 385 -16.44 25.00 7.96
N ILE E 386 -17.48 24.13 7.77
CA ILE E 386 -17.62 23.00 8.70
C ILE E 386 -17.33 21.63 8.05
N ILE E 387 -17.52 21.45 6.73
CA ILE E 387 -17.14 20.19 6.12
C ILE E 387 -15.63 19.96 6.20
N TRP E 388 -14.84 21.02 6.00
CA TRP E 388 -13.41 21.02 6.26
C TRP E 388 -13.08 21.68 7.58
N GLY E 389 -13.97 21.54 8.54
CA GLY E 389 -13.84 22.16 9.84
C GLY E 389 -13.19 21.22 10.87
N ASN E 390 -13.32 21.64 12.15
CA ASN E 390 -12.74 20.91 13.26
C ASN E 390 -13.53 19.66 13.63
N ASP E 391 -13.27 18.56 12.92
CA ASP E 391 -13.90 17.28 13.13
C ASP E 391 -15.24 17.23 12.39
N ASN E 392 -15.17 17.01 11.08
CA ASN E 392 -16.31 16.96 10.19
C ASN E 392 -17.46 16.19 10.80
N TYR E 393 -17.14 14.97 11.29
CA TYR E 393 -18.18 14.06 11.73
C TYR E 393 -18.93 14.63 12.94
N VAL E 394 -18.18 15.20 13.89
CA VAL E 394 -18.76 15.69 15.13
C VAL E 394 -19.58 16.96 14.88
N ILE E 395 -19.10 17.82 13.99
CA ILE E 395 -19.83 19.07 13.80
C ILE E 395 -21.21 18.75 13.23
N GLN E 396 -21.23 17.90 12.20
CA GLN E 396 -22.50 17.53 11.63
C GLN E 396 -23.40 16.82 12.65
N SER E 397 -22.81 16.06 13.57
CA SER E 397 -23.60 15.43 14.62
C SER E 397 -24.34 16.51 15.40
N ALA E 398 -23.58 17.54 15.83
CA ALA E 398 -24.06 18.62 16.68
C ALA E 398 -25.17 19.41 15.97
N LEU E 399 -24.90 19.78 14.71
CA LEU E 399 -25.85 20.58 13.95
C LEU E 399 -27.14 19.82 13.67
N LEU E 400 -27.01 18.58 13.19
CA LEU E 400 -28.19 17.80 12.81
C LEU E 400 -29.08 17.55 14.05
N ASP E 401 -28.44 17.45 15.22
CA ASP E 401 -29.22 17.29 16.47
C ASP E 401 -30.15 18.49 16.66
N LEU E 402 -29.63 19.67 16.50
CA LEU E 402 -30.39 20.88 16.65
C LEU E 402 -31.46 20.92 15.60
N VAL E 403 -31.15 20.53 14.38
CA VAL E 403 -32.11 20.60 13.32
C VAL E 403 -33.27 19.63 13.57
N ILE E 404 -32.95 18.39 13.92
CA ILE E 404 -33.99 17.36 14.06
C ILE E 404 -34.94 17.73 15.22
N ALA E 405 -34.36 18.23 16.32
CA ALA E 405 -35.18 18.52 17.48
C ALA E 405 -36.15 19.68 17.21
N THR E 406 -35.78 20.54 16.26
CA THR E 406 -36.56 21.72 15.94
C THR E 406 -37.34 21.48 14.68
N HIS E 407 -37.35 20.26 14.15
CA HIS E 407 -38.21 19.88 13.04
C HIS E 407 -37.92 20.74 11.80
N ASN E 408 -36.63 20.99 11.55
CA ASN E 408 -36.22 21.84 10.44
C ASN E 408 -35.66 20.96 9.31
N VAL E 409 -36.34 19.82 9.06
CA VAL E 409 -36.18 19.03 7.88
C VAL E 409 -37.58 18.61 7.51
N GLY E 410 -37.87 18.55 6.23
CA GLY E 410 -39.10 17.91 5.81
C GLY E 410 -40.28 18.90 5.85
N ARG E 411 -40.08 20.12 6.36
CA ARG E 411 -41.10 21.16 6.28
C ARG E 411 -40.66 22.14 5.18
N ARG E 412 -41.61 22.67 4.42
CA ARG E 412 -41.26 23.66 3.39
C ARG E 412 -40.64 24.88 4.08
N GLY E 413 -39.62 25.46 3.43
CA GLY E 413 -38.93 26.61 3.94
C GLY E 413 -37.91 26.20 4.98
N THR E 414 -37.57 24.88 5.05
CA THR E 414 -36.55 24.39 5.96
C THR E 414 -35.61 23.50 5.12
N GLY E 415 -34.93 22.62 5.82
CA GLY E 415 -33.84 21.83 5.26
C GLY E 415 -32.56 22.04 6.07
N CYS E 416 -31.75 20.96 6.24
CA CYS E 416 -30.39 21.10 6.71
C CYS E 416 -29.52 20.57 5.57
N VAL E 417 -28.97 21.50 4.75
CA VAL E 417 -28.49 21.14 3.44
C VAL E 417 -27.06 21.64 3.29
N ARG E 418 -26.32 20.87 2.50
CA ARG E 418 -25.13 21.37 1.86
C ARG E 418 -25.56 22.41 0.83
N MET E 419 -24.76 23.48 0.79
CA MET E 419 -24.82 24.48 -0.28
C MET E 419 -24.17 23.97 -1.53
N GLY E 420 -23.22 23.05 -1.41
CA GLY E 420 -22.61 22.37 -2.54
C GLY E 420 -21.38 23.14 -3.03
N GLY E 421 -20.61 22.45 -3.86
CA GLY E 421 -19.39 22.95 -4.44
C GLY E 421 -19.45 22.97 -5.93
N HIS E 422 -19.06 21.87 -6.52
CA HIS E 422 -19.41 21.54 -7.88
C HIS E 422 -20.88 21.10 -7.92
N GLN E 423 -21.39 20.97 -9.10
CA GLN E 423 -22.63 20.24 -9.31
C GLN E 423 -22.38 18.78 -8.96
N GLU E 424 -23.46 18.01 -8.84
CA GLU E 424 -23.49 16.61 -8.48
C GLU E 424 -23.79 15.78 -9.73
N GLY E 425 -23.18 14.62 -9.82
CA GLY E 425 -23.53 13.74 -10.93
C GLY E 425 -22.92 12.35 -10.71
N TYR E 426 -23.25 11.70 -9.60
CA TYR E 426 -22.59 10.46 -9.18
C TYR E 426 -23.43 9.21 -9.54
N THR E 427 -22.85 8.34 -10.36
CA THR E 427 -23.32 6.98 -10.56
C THR E 427 -22.10 6.06 -10.67
N ARG E 428 -21.91 5.21 -9.62
CA ARG E 428 -20.72 4.36 -9.53
C ARG E 428 -21.05 2.98 -8.96
N PRO E 429 -20.21 1.96 -9.29
CA PRO E 429 -20.23 0.70 -8.55
C PRO E 429 -19.85 1.00 -7.12
N PRO E 430 -20.12 0.09 -6.14
CA PRO E 430 -19.61 0.24 -4.78
C PRO E 430 -18.08 0.31 -4.76
N TYR E 431 -17.53 1.07 -3.82
CA TYR E 431 -16.10 0.98 -3.59
C TYR E 431 -15.71 -0.46 -3.24
N PRO E 432 -14.61 -1.05 -3.82
CA PRO E 432 -14.33 -2.48 -3.61
C PRO E 432 -13.52 -2.88 -2.37
N GLY E 433 -13.13 -1.93 -1.55
CA GLY E 433 -12.37 -2.24 -0.34
C GLY E 433 -13.26 -2.17 0.89
N ASP E 434 -12.67 -2.53 2.02
CA ASP E 434 -13.42 -2.64 3.25
C ASP E 434 -12.87 -1.69 4.29
N LYS E 435 -11.93 -0.80 3.91
CA LYS E 435 -11.31 0.15 4.82
C LYS E 435 -11.05 1.47 4.09
N LYS E 436 -10.90 2.55 4.88
CA LYS E 436 -10.55 3.85 4.36
C LYS E 436 -9.04 3.92 4.35
N ILE E 437 -8.53 4.42 3.24
CA ILE E 437 -7.10 4.48 3.03
C ILE E 437 -6.76 5.93 2.72
N TYR E 438 -5.80 6.50 3.44
CA TYR E 438 -5.28 7.82 3.23
C TYR E 438 -4.30 7.80 2.06
N ILE E 439 -4.84 7.98 0.86
CA ILE E 439 -4.07 7.77 -0.37
C ILE E 439 -2.80 8.60 -0.40
N ASP E 440 -2.88 9.91 -0.09
CA ASP E 440 -1.70 10.74 -0.15
C ASP E 440 -0.57 10.20 0.72
N GLN E 441 -0.90 9.79 1.97
CA GLN E 441 0.11 9.19 2.88
C GLN E 441 0.73 7.94 2.26
N GLU E 442 -0.05 7.12 1.61
CA GLU E 442 0.45 5.91 0.95
C GLU E 442 1.43 6.24 -0.18
N LEU E 443 1.12 7.29 -0.96
CA LEU E 443 2.01 7.70 -2.02
C LEU E 443 3.29 8.27 -1.43
N ILE E 444 3.15 9.09 -0.40
CA ILE E 444 4.29 9.70 0.26
C ILE E 444 5.17 8.58 0.84
N LYS E 445 4.57 7.47 1.21
CA LYS E 445 5.27 6.38 1.89
C LYS E 445 5.85 5.43 0.87
N GLY E 446 5.57 5.66 -0.40
CA GLY E 446 6.29 4.99 -1.47
C GLY E 446 5.50 3.87 -2.07
N LYS E 447 4.20 3.81 -1.82
CA LYS E 447 3.39 2.75 -2.36
C LYS E 447 2.90 3.12 -3.76
N GLY E 448 2.49 2.07 -4.47
CA GLY E 448 1.86 2.18 -5.77
C GLY E 448 2.91 2.27 -6.87
N ARG E 449 2.54 1.78 -8.03
CA ARG E 449 3.39 1.79 -9.21
C ARG E 449 2.97 2.88 -10.22
N ILE E 450 1.66 3.05 -10.38
CA ILE E 450 1.10 4.04 -11.30
C ILE E 450 0.00 4.85 -10.57
N MET E 451 0.03 6.19 -10.73
CA MET E 451 -0.94 7.10 -10.14
C MET E 451 -1.52 7.94 -11.27
N THR E 452 -2.85 7.90 -11.40
CA THR E 452 -3.57 8.76 -12.33
C THR E 452 -4.34 9.86 -11.60
N TRP E 453 -4.01 11.14 -11.86
CA TRP E 453 -4.90 12.26 -11.51
C TRP E 453 -5.82 12.45 -12.65
N TRP E 454 -7.14 12.37 -12.35
CA TRP E 454 -8.14 12.38 -13.40
C TRP E 454 -9.10 13.52 -13.09
N GLY E 455 -9.01 14.62 -13.85
CA GLY E 455 -9.92 15.75 -13.61
C GLY E 455 -9.71 16.38 -12.22
N CYS E 456 -8.47 16.26 -11.69
CA CYS E 456 -8.10 17.04 -10.53
C CYS E 456 -6.60 17.36 -10.49
N ASN E 457 -6.20 18.20 -9.53
CA ASN E 457 -4.82 18.68 -9.47
C ASN E 457 -4.47 18.87 -8.00
N ASN E 458 -4.05 17.77 -7.35
CA ASN E 458 -3.82 17.82 -5.91
C ASN E 458 -2.53 18.51 -5.59
N PHE E 459 -1.70 18.81 -6.61
CA PHE E 459 -0.53 19.66 -6.39
C PHE E 459 -0.98 21.00 -5.82
N GLN E 460 -2.13 21.48 -6.28
CA GLN E 460 -2.63 22.76 -5.81
C GLN E 460 -3.64 22.61 -4.66
N THR E 461 -4.24 21.42 -4.44
CA THR E 461 -5.46 21.30 -3.64
C THR E 461 -5.45 20.22 -2.57
N SER E 462 -4.42 19.35 -2.53
CA SER E 462 -4.22 18.49 -1.38
C SER E 462 -4.06 19.29 -0.09
N ASN E 463 -4.48 18.66 1.03
CA ASN E 463 -4.01 19.08 2.34
C ASN E 463 -2.56 18.63 2.45
N ASN E 464 -1.77 19.35 3.25
CA ASN E 464 -0.34 19.04 3.43
C ASN E 464 0.33 18.92 2.06
N ALA E 465 0.05 19.89 1.19
CA ALA E 465 0.35 19.79 -0.25
C ALA E 465 1.84 19.78 -0.52
N GLN E 466 2.61 20.44 0.31
CA GLN E 466 4.05 20.50 0.11
C GLN E 466 4.64 19.09 0.30
N ALA E 467 4.27 18.35 1.37
CA ALA E 467 4.73 16.96 1.52
C ALA E 467 4.37 16.14 0.28
N LEU E 468 3.15 16.32 -0.25
CA LEU E 468 2.73 15.54 -1.40
C LEU E 468 3.62 15.86 -2.58
N ARG E 469 3.80 17.15 -2.88
CA ARG E 469 4.54 17.52 -4.08
C ARG E 469 5.99 17.02 -3.98
N GLU E 470 6.63 17.27 -2.86
CA GLU E 470 7.97 16.80 -2.64
C GLU E 470 8.07 15.34 -3.07
N ALA E 471 7.18 14.50 -2.52
CA ALA E 471 7.30 13.07 -2.71
C ALA E 471 7.04 12.72 -4.17
N ILE E 472 5.97 13.28 -4.73
CA ILE E 472 5.63 12.93 -6.10
C ILE E 472 6.71 13.35 -7.10
N LEU E 473 7.27 14.55 -6.93
CA LEU E 473 8.31 15.04 -7.84
C LEU E 473 9.51 14.09 -7.79
N GLN E 474 9.93 13.69 -6.57
CA GLN E 474 11.03 12.75 -6.39
C GLN E 474 10.77 11.41 -7.04
N ARG E 475 9.60 10.85 -6.79
CA ARG E 475 9.23 9.53 -7.29
C ARG E 475 9.15 9.59 -8.81
N SER E 476 8.67 10.73 -9.32
CA SER E 476 8.57 10.93 -10.75
C SER E 476 9.95 10.97 -11.40
N ALA E 477 10.89 11.63 -10.72
CA ALA E 477 12.25 11.77 -11.19
C ALA E 477 12.94 10.41 -11.32
N ILE E 478 12.71 9.49 -10.38
CA ILE E 478 13.27 8.15 -10.47
C ILE E 478 12.86 7.47 -11.77
N VAL E 479 11.59 7.60 -12.15
CA VAL E 479 11.10 7.05 -13.39
C VAL E 479 11.75 7.74 -14.58
N LYS E 480 11.81 9.09 -14.56
CA LYS E 480 12.46 9.82 -15.65
C LYS E 480 13.89 9.33 -15.85
N GLN E 481 14.62 9.12 -14.75
CA GLN E 481 16.02 8.73 -14.86
C GLN E 481 16.10 7.32 -15.46
N ALA E 482 15.18 6.43 -15.09
CA ALA E 482 15.18 5.05 -15.58
C ALA E 482 14.91 5.04 -17.07
N MET E 483 14.00 5.89 -17.55
CA MET E 483 13.58 5.87 -18.94
C MET E 483 14.78 6.28 -19.81
N GLN E 484 15.70 7.03 -19.18
CA GLN E 484 16.75 7.78 -19.82
C GLN E 484 17.76 6.86 -20.46
N LYS E 485 17.83 5.62 -19.97
CA LYS E 485 18.89 4.70 -20.32
C LYS E 485 18.45 4.05 -21.62
N ALA E 486 17.14 4.04 -21.86
CA ALA E 486 16.57 3.31 -22.97
C ALA E 486 16.92 4.03 -24.29
N ARG E 487 16.99 3.22 -25.33
CA ARG E 487 17.28 3.65 -26.67
C ARG E 487 16.66 2.58 -27.54
N GLY E 488 15.75 2.93 -28.39
CA GLY E 488 15.25 1.97 -29.36
C GLY E 488 14.40 0.86 -28.75
N ALA E 489 13.88 1.04 -27.52
CA ALA E 489 13.09 0.02 -26.84
C ALA E 489 11.70 -0.08 -27.47
N THR E 490 11.13 -1.29 -27.45
CA THR E 490 9.72 -1.49 -27.78
C THR E 490 8.92 -0.92 -26.62
N THR E 491 7.62 -0.74 -26.85
CA THR E 491 6.70 -0.25 -25.85
C THR E 491 6.74 -1.21 -24.66
N GLU E 492 6.75 -2.52 -24.95
CA GLU E 492 6.73 -3.55 -23.91
C GLU E 492 8.03 -3.47 -23.11
N GLU E 493 9.19 -3.24 -23.75
CA GLU E 493 10.40 -3.09 -22.96
C GLU E 493 10.37 -1.84 -22.07
N MET E 494 9.75 -0.75 -22.59
CA MET E 494 9.67 0.48 -21.84
C MET E 494 8.81 0.29 -20.58
N VAL E 495 7.66 -0.38 -20.76
CA VAL E 495 6.82 -0.78 -19.63
C VAL E 495 7.61 -1.49 -18.56
N ASP E 496 8.48 -2.45 -18.99
CA ASP E 496 9.36 -3.17 -18.05
C ASP E 496 10.36 -2.22 -17.39
N VAL E 497 10.92 -1.25 -18.14
CA VAL E 497 11.89 -0.33 -17.56
C VAL E 497 11.24 0.50 -16.44
N ILE E 498 10.05 0.97 -16.74
CA ILE E 498 9.33 1.86 -15.84
C ILE E 498 8.87 1.08 -14.62
N TYR E 499 8.26 -0.10 -14.84
CA TYR E 499 7.91 -1.01 -13.74
C TYR E 499 9.09 -1.22 -12.78
N GLU E 500 10.25 -1.54 -13.31
CA GLU E 500 11.44 -1.72 -12.47
C GLU E 500 11.83 -0.47 -11.68
N ALA E 501 11.71 0.72 -12.28
CA ALA E 501 12.01 1.95 -11.57
C ALA E 501 11.02 2.18 -10.40
N THR E 502 9.79 1.69 -10.56
CA THR E 502 8.80 1.78 -9.51
C THR E 502 9.11 0.77 -8.41
N GLN E 503 9.95 -0.24 -8.62
CA GLN E 503 10.33 -1.14 -7.53
C GLN E 503 11.43 -0.46 -6.76
N ASN E 504 11.97 0.60 -7.32
CA ASN E 504 13.05 1.32 -6.72
C ASN E 504 12.60 2.71 -6.28
N GLY E 505 11.32 2.85 -5.89
CA GLY E 505 10.87 4.05 -5.28
C GLY E 505 10.14 4.93 -6.28
N GLY E 506 10.17 4.59 -7.56
CA GLY E 506 9.58 5.39 -8.64
C GLY E 506 8.06 5.38 -8.60
N LEU E 507 7.43 6.27 -9.38
CA LEU E 507 6.00 6.26 -9.59
C LEU E 507 5.71 6.82 -10.98
N PHE E 508 4.95 6.08 -11.78
CA PHE E 508 4.57 6.56 -13.09
C PHE E 508 3.34 7.42 -12.85
N VAL E 509 3.31 8.61 -13.43
CA VAL E 509 2.22 9.58 -13.15
C VAL E 509 1.54 9.91 -14.47
N THR E 510 0.22 9.73 -14.51
CA THR E 510 -0.58 10.13 -15.64
C THR E 510 -1.52 11.23 -15.15
N SER E 511 -1.82 12.20 -16.05
CA SER E 511 -2.88 13.17 -15.82
C SER E 511 -3.86 13.13 -16.99
N ILE E 512 -5.15 13.05 -16.68
CA ILE E 512 -6.19 13.17 -17.70
C ILE E 512 -6.91 14.48 -17.45
N ASN E 513 -6.79 15.40 -18.43
CA ASN E 513 -7.09 16.78 -18.13
C ASN E 513 -7.43 17.57 -19.38
N LEU E 514 -7.87 18.82 -19.18
CA LEU E 514 -8.02 19.81 -20.23
C LEU E 514 -6.67 20.49 -20.55
N TYR E 515 -5.79 20.59 -19.59
CA TYR E 515 -4.62 21.46 -19.67
C TYR E 515 -3.43 20.74 -19.03
N PRO E 516 -2.19 21.18 -19.34
CA PRO E 516 -1.01 20.62 -18.65
C PRO E 516 -1.01 20.71 -17.12
N THR E 517 -1.29 21.92 -16.61
CA THR E 517 -1.37 22.25 -15.21
C THR E 517 0.00 22.08 -14.57
N LYS E 518 0.09 22.41 -13.29
CA LYS E 518 1.30 22.14 -12.51
C LYS E 518 1.63 20.65 -12.42
N LEU E 519 0.66 19.77 -12.61
CA LEU E 519 0.95 18.33 -12.67
C LEU E 519 2.01 17.99 -13.73
N ALA E 520 2.09 18.80 -14.77
CA ALA E 520 3.09 18.55 -15.82
C ALA E 520 4.53 18.56 -15.28
N GLU E 521 4.76 19.13 -14.11
CA GLU E 521 6.06 19.09 -13.50
C GLU E 521 6.46 17.67 -13.08
N ALA E 522 5.52 16.76 -12.93
CA ALA E 522 5.79 15.40 -12.47
C ALA E 522 5.20 14.34 -13.40
N ALA E 523 4.27 14.74 -14.28
CA ALA E 523 3.59 13.74 -15.08
C ALA E 523 4.54 13.17 -16.13
N HIS E 524 4.29 11.89 -16.51
CA HIS E 524 4.99 11.22 -17.60
C HIS E 524 4.11 11.14 -18.81
N LEU E 525 2.79 11.19 -18.57
CA LEU E 525 1.76 10.92 -19.59
C LEU E 525 0.59 11.83 -19.25
N MET E 526 0.12 12.59 -20.27
CA MET E 526 -1.09 13.41 -20.17
C MET E 526 -2.03 13.09 -21.33
N LEU E 527 -3.31 12.88 -20.98
CA LEU E 527 -4.34 12.55 -21.97
C LEU E 527 -5.39 13.65 -22.04
N PRO E 528 -5.76 14.05 -23.27
CA PRO E 528 -6.69 15.17 -23.47
C PRO E 528 -8.17 14.80 -23.30
N ALA E 529 -8.84 15.60 -22.46
CA ALA E 529 -10.27 15.41 -22.18
C ALA E 529 -11.09 16.56 -22.75
N ALA E 530 -12.43 16.31 -22.82
CA ALA E 530 -13.45 17.17 -23.39
C ALA E 530 -14.43 17.61 -22.30
N HIS E 531 -14.92 18.85 -22.44
CA HIS E 531 -15.77 19.42 -21.44
C HIS E 531 -17.16 19.64 -22.06
N PRO E 532 -18.16 20.04 -21.25
CA PRO E 532 -19.53 20.13 -21.74
C PRO E 532 -19.66 21.13 -22.90
N GLY E 533 -20.45 20.75 -23.91
CA GLY E 533 -20.49 21.50 -25.14
C GLY E 533 -19.64 20.85 -26.22
N GLU E 534 -18.50 20.27 -25.86
CA GLU E 534 -17.72 19.41 -26.73
C GLU E 534 -18.23 17.97 -26.62
N MET E 535 -19.08 17.72 -25.63
CA MET E 535 -19.74 16.47 -25.36
C MET E 535 -21.11 16.80 -24.74
N ASN E 536 -22.05 15.89 -24.89
CA ASN E 536 -23.21 15.80 -23.99
C ASN E 536 -22.80 15.47 -22.55
N LEU E 537 -23.53 16.07 -21.58
CA LEU E 537 -23.21 15.77 -20.18
C LEU E 537 -24.44 16.02 -19.31
N THR E 538 -24.64 15.17 -18.32
CA THR E 538 -25.78 15.28 -17.42
C THR E 538 -25.20 15.49 -16.04
N SER E 539 -25.95 16.26 -15.24
CA SER E 539 -25.58 16.60 -13.89
C SER E 539 -26.80 17.22 -13.20
N MET E 540 -26.73 17.39 -11.90
CA MET E 540 -27.78 18.02 -11.10
C MET E 540 -27.17 19.06 -10.19
N ASN E 541 -28.01 19.97 -9.74
CA ASN E 541 -27.50 21.07 -8.89
C ASN E 541 -27.85 20.81 -7.42
N GLY E 542 -27.84 21.85 -6.59
CA GLY E 542 -28.01 21.67 -5.15
C GLY E 542 -29.44 21.36 -4.69
N GLU E 543 -30.41 21.29 -5.61
CA GLU E 543 -31.79 20.88 -5.34
C GLU E 543 -32.12 19.63 -6.17
N ARG E 544 -31.04 18.96 -6.65
CA ARG E 544 -31.13 17.67 -7.34
C ARG E 544 -31.74 17.81 -8.72
N ARG E 545 -31.70 19.02 -9.30
CA ARG E 545 -32.31 19.24 -10.60
C ARG E 545 -31.38 18.78 -11.72
N ILE E 546 -31.73 17.67 -12.37
CA ILE E 546 -30.90 17.08 -13.46
C ILE E 546 -31.20 17.76 -14.77
N ARG E 547 -30.11 18.14 -15.48
CA ARG E 547 -30.22 18.72 -16.81
C ARG E 547 -29.19 18.06 -17.74
N LEU E 548 -29.54 18.07 -19.03
CA LEU E 548 -28.63 17.77 -20.13
C LEU E 548 -28.00 19.06 -20.65
N SER E 549 -26.68 19.11 -20.62
CA SER E 549 -25.89 20.06 -21.40
C SER E 549 -25.61 19.45 -22.78
N GLU E 550 -26.08 20.10 -23.85
CA GLU E 550 -25.99 19.56 -25.20
C GLU E 550 -24.65 19.86 -25.88
N LYS E 551 -24.11 18.86 -26.58
CA LYS E 551 -22.97 19.06 -27.45
C LYS E 551 -23.29 20.06 -28.53
N PHE E 552 -22.38 21.01 -28.83
CA PHE E 552 -22.60 21.98 -29.90
C PHE E 552 -21.36 22.26 -30.75
N MET E 553 -20.21 21.68 -30.42
CA MET E 553 -18.94 21.91 -31.09
C MET E 553 -18.02 20.71 -30.90
N ASP E 554 -16.90 20.69 -31.63
CA ASP E 554 -15.99 19.60 -31.55
C ASP E 554 -14.99 19.93 -30.44
N PRO E 555 -14.41 18.91 -29.77
CA PRO E 555 -13.27 19.10 -28.85
C PRO E 555 -12.01 19.51 -29.61
N PRO E 556 -11.00 20.11 -28.94
CA PRO E 556 -9.70 20.32 -29.57
C PRO E 556 -9.05 19.01 -29.96
N GLY E 557 -8.50 18.94 -31.19
CA GLY E 557 -7.70 17.79 -31.60
C GLY E 557 -8.42 16.46 -31.35
N THR E 558 -7.78 15.54 -30.60
CA THR E 558 -8.34 14.21 -30.35
C THR E 558 -8.73 14.11 -28.87
N ALA E 559 -9.07 15.24 -28.25
CA ALA E 559 -9.65 15.26 -26.92
C ALA E 559 -10.92 14.43 -26.87
N MET E 560 -11.18 13.78 -25.76
CA MET E 560 -12.30 12.87 -25.67
C MET E 560 -12.98 13.04 -24.31
N ALA E 561 -14.30 12.73 -24.32
CA ALA E 561 -15.06 12.65 -23.10
C ALA E 561 -14.43 11.65 -22.16
N ASP E 562 -14.39 11.95 -20.85
CA ASP E 562 -13.71 11.13 -19.87
C ASP E 562 -14.27 9.69 -19.80
N CYS E 563 -15.62 9.57 -20.00
CA CYS E 563 -16.19 8.22 -19.99
C CYS E 563 -15.65 7.39 -21.14
N LEU E 564 -15.36 8.04 -22.29
CA LEU E 564 -14.81 7.35 -23.47
C LEU E 564 -13.32 7.12 -23.34
N ILE E 565 -12.60 7.98 -22.61
CA ILE E 565 -11.25 7.64 -22.22
C ILE E 565 -11.27 6.38 -21.35
N ALA E 566 -12.20 6.29 -20.40
CA ALA E 566 -12.28 5.09 -19.57
C ALA E 566 -12.59 3.85 -20.42
N ALA E 567 -13.48 3.95 -21.42
CA ALA E 567 -13.78 2.82 -22.28
C ALA E 567 -12.57 2.45 -23.13
N ARG E 568 -11.87 3.46 -23.62
CA ARG E 568 -10.64 3.19 -24.37
C ARG E 568 -9.63 2.40 -23.55
N ILE E 569 -9.37 2.79 -22.28
CA ILE E 569 -8.47 2.10 -21.40
C ILE E 569 -8.92 0.65 -21.16
N ALA E 570 -10.19 0.49 -20.83
CA ALA E 570 -10.77 -0.82 -20.56
C ALA E 570 -10.59 -1.77 -21.74
N ASN E 571 -10.84 -1.25 -22.93
CA ASN E 571 -10.77 -2.04 -24.18
C ASN E 571 -9.32 -2.36 -24.53
N ALA E 572 -8.41 -1.45 -24.20
CA ALA E 572 -7.00 -1.77 -24.38
C ALA E 572 -6.64 -2.94 -23.48
N LEU E 573 -7.04 -2.85 -22.21
CA LEU E 573 -6.67 -3.86 -21.21
C LEU E 573 -7.32 -5.20 -21.58
N ARG E 574 -8.56 -5.15 -22.06
CA ARG E 574 -9.21 -6.35 -22.49
C ARG E 574 -8.43 -7.02 -23.64
N ASP E 575 -8.04 -6.25 -24.63
CA ASP E 575 -7.39 -6.79 -25.80
C ASP E 575 -6.09 -7.46 -25.36
N MET E 576 -5.42 -6.84 -24.38
CA MET E 576 -4.15 -7.32 -23.95
C MET E 576 -4.35 -8.67 -23.30
N TYR E 577 -5.36 -8.79 -22.47
CA TYR E 577 -5.61 -10.02 -21.76
C TYR E 577 -6.12 -11.11 -22.70
N GLN E 578 -6.98 -10.80 -23.68
CA GLN E 578 -7.38 -11.75 -24.69
C GLN E 578 -6.18 -12.31 -25.47
N LYS E 579 -5.27 -11.40 -25.85
CA LYS E 579 -4.06 -11.77 -26.56
C LYS E 579 -3.12 -12.61 -25.69
N ASP E 580 -3.15 -12.45 -24.37
CA ASP E 580 -2.33 -13.20 -23.44
C ASP E 580 -3.04 -14.51 -23.03
N GLY E 581 -4.15 -14.87 -23.70
CA GLY E 581 -4.95 -16.03 -23.35
C GLY E 581 -5.50 -16.03 -21.91
N LYS E 582 -5.85 -14.88 -21.33
CA LYS E 582 -6.43 -14.87 -20.00
C LYS E 582 -7.89 -14.46 -20.09
N ALA E 583 -8.75 -15.44 -20.38
CA ALA E 583 -10.17 -15.18 -20.62
C ALA E 583 -10.83 -14.58 -19.39
N GLU E 584 -10.46 -15.05 -18.19
CA GLU E 584 -11.12 -14.59 -16.98
C GLU E 584 -10.75 -13.11 -16.76
N MET E 585 -9.48 -12.74 -16.92
CA MET E 585 -9.11 -11.34 -16.77
C MET E 585 -9.73 -10.47 -17.86
N ALA E 586 -9.72 -10.95 -19.11
CA ALA E 586 -10.38 -10.24 -20.20
C ALA E 586 -11.81 -9.89 -19.83
N ALA E 587 -12.55 -10.84 -19.25
CA ALA E 587 -13.96 -10.63 -18.98
C ALA E 587 -14.19 -9.52 -17.95
N GLN E 588 -13.24 -9.26 -17.06
CA GLN E 588 -13.38 -8.16 -16.12
C GLN E 588 -13.46 -6.80 -16.87
N PHE E 589 -12.98 -6.74 -18.13
CA PHE E 589 -12.92 -5.50 -18.92
C PHE E 589 -14.02 -5.43 -19.95
N GLU E 590 -14.99 -6.36 -19.89
CA GLU E 590 -16.18 -6.22 -20.72
C GLU E 590 -17.06 -5.06 -20.26
N GLY E 591 -17.96 -4.67 -21.15
CA GLY E 591 -19.03 -3.73 -20.90
C GLY E 591 -18.61 -2.26 -21.15
N PHE E 592 -17.61 -2.04 -22.03
CA PHE E 592 -17.22 -0.70 -22.42
C PHE E 592 -17.29 -0.52 -23.92
N ASP E 593 -18.30 -1.13 -24.52
CA ASP E 593 -18.45 -1.02 -25.96
C ASP E 593 -19.21 0.26 -26.22
N TRP E 594 -18.60 1.43 -25.94
CA TRP E 594 -19.32 2.69 -25.98
C TRP E 594 -18.83 3.51 -27.18
N LYS E 595 -19.76 4.06 -27.95
CA LYS E 595 -19.45 4.90 -29.10
C LYS E 595 -19.68 6.38 -28.77
N THR E 596 -20.58 6.67 -27.81
CA THR E 596 -20.87 8.04 -27.42
C THR E 596 -21.11 8.07 -25.92
N GLU E 597 -21.12 9.28 -25.35
CA GLU E 597 -21.33 9.46 -23.94
C GLU E 597 -22.69 8.93 -23.49
N GLU E 598 -23.71 9.04 -24.34
CA GLU E 598 -25.05 8.58 -24.04
C GLU E 598 -25.05 7.08 -23.70
N ASP E 599 -24.13 6.32 -24.30
CA ASP E 599 -23.94 4.89 -23.99
C ASP E 599 -23.64 4.73 -22.52
N ALA E 600 -22.73 5.61 -21.95
CA ALA E 600 -22.38 5.56 -20.56
C ALA E 600 -23.57 5.94 -19.64
N PHE E 601 -24.44 6.84 -20.10
CA PHE E 601 -25.65 7.19 -19.38
C PHE E 601 -26.59 5.98 -19.29
N ASN E 602 -26.78 5.31 -20.43
CA ASN E 602 -27.62 4.11 -20.52
C ASN E 602 -27.07 2.96 -19.69
N ASP E 603 -25.74 2.84 -19.61
CA ASP E 603 -25.14 1.70 -18.94
C ASP E 603 -25.12 1.87 -17.41
N GLY E 604 -25.19 3.15 -16.95
CA GLY E 604 -24.94 3.50 -15.56
C GLY E 604 -26.20 4.01 -14.86
N PHE E 605 -26.44 5.30 -15.03
CA PHE E 605 -27.58 5.96 -14.42
C PHE E 605 -28.88 5.21 -14.73
N ARG E 606 -29.02 4.81 -15.99
CA ARG E 606 -30.29 4.24 -16.41
C ARG E 606 -30.46 2.76 -16.05
N ARG E 607 -29.41 2.09 -15.53
CA ARG E 607 -29.53 0.70 -15.13
C ARG E 607 -29.67 0.60 -13.63
N ALA E 608 -29.48 1.69 -12.91
CA ALA E 608 -29.42 1.55 -11.46
C ALA E 608 -30.72 0.94 -10.93
N GLY E 609 -30.60 -0.11 -10.10
CA GLY E 609 -31.72 -0.78 -9.44
C GLY E 609 -32.55 -1.60 -10.41
N GLN E 610 -32.09 -1.80 -11.65
CA GLN E 610 -32.90 -2.49 -12.65
C GLN E 610 -32.61 -3.99 -12.55
N PRO E 611 -33.57 -4.86 -12.98
CA PRO E 611 -33.32 -6.31 -13.06
C PRO E 611 -32.11 -6.73 -13.91
N GLY E 612 -31.25 -7.60 -13.37
CA GLY E 612 -30.11 -8.08 -14.11
C GLY E 612 -28.93 -7.09 -14.01
N ALA E 613 -29.12 -5.94 -13.34
CA ALA E 613 -28.12 -4.91 -13.23
C ALA E 613 -27.18 -5.28 -12.07
N PRO E 614 -25.89 -4.93 -12.16
CA PRO E 614 -25.05 -5.05 -10.97
C PRO E 614 -25.38 -3.96 -9.93
N ALA E 615 -24.70 -4.02 -8.79
CA ALA E 615 -24.89 -3.04 -7.74
C ALA E 615 -24.41 -1.68 -8.25
N ILE E 616 -25.23 -0.65 -8.12
CA ILE E 616 -24.90 0.68 -8.65
C ILE E 616 -25.40 1.71 -7.63
N ASP E 617 -24.52 2.57 -7.12
CA ASP E 617 -24.89 3.71 -6.28
C ASP E 617 -25.06 4.95 -7.18
N SER E 618 -26.27 5.49 -7.28
CA SER E 618 -26.66 6.54 -8.22
C SER E 618 -27.54 7.55 -7.50
N GLN E 619 -27.19 8.83 -7.66
CA GLN E 619 -28.07 9.93 -7.24
C GLN E 619 -29.42 9.91 -7.97
N GLY E 620 -29.52 9.22 -9.05
CA GLY E 620 -30.82 9.13 -9.72
C GLY E 620 -31.74 8.08 -9.08
N GLY E 621 -31.21 7.17 -8.24
CA GLY E 621 -31.99 6.12 -7.63
C GLY E 621 -32.49 5.10 -8.67
N SER E 622 -33.51 4.32 -8.29
CA SER E 622 -33.91 3.22 -9.15
C SER E 622 -34.90 3.65 -10.20
N THR E 623 -35.34 4.93 -10.22
CA THR E 623 -36.17 5.41 -11.32
C THR E 623 -35.35 6.16 -12.39
N GLY E 624 -34.03 6.06 -12.27
CA GLY E 624 -33.14 6.73 -13.23
C GLY E 624 -33.42 6.36 -14.70
N HIS E 625 -33.91 5.14 -14.93
CA HIS E 625 -34.23 4.67 -16.28
C HIS E 625 -35.32 5.47 -16.96
N LEU E 626 -36.09 6.22 -16.20
CA LEU E 626 -37.15 7.03 -16.75
C LEU E 626 -36.56 8.25 -17.47
N VAL E 627 -35.34 8.68 -17.07
CA VAL E 627 -34.65 9.78 -17.72
C VAL E 627 -33.96 9.29 -18.99
N THR E 628 -34.19 9.95 -20.13
CA THR E 628 -33.38 9.80 -21.33
C THR E 628 -32.87 11.17 -21.81
N TYR E 629 -31.91 11.20 -22.74
CA TYR E 629 -31.42 12.46 -23.30
C TYR E 629 -32.59 13.20 -23.87
N ASP E 630 -33.38 12.50 -24.71
CA ASP E 630 -34.49 13.14 -25.38
C ASP E 630 -35.46 13.81 -24.41
N ARG E 631 -35.77 13.12 -23.32
CA ARG E 631 -36.74 13.59 -22.35
C ARG E 631 -36.20 14.82 -21.62
N LEU E 632 -34.90 14.80 -21.30
CA LEU E 632 -34.23 15.96 -20.72
C LEU E 632 -34.25 17.15 -21.67
N ARG E 633 -33.94 16.93 -22.95
CA ARG E 633 -34.04 18.00 -23.91
C ARG E 633 -35.40 18.66 -23.86
N LYS E 634 -36.49 17.88 -23.81
CA LYS E 634 -37.85 18.44 -23.82
C LYS E 634 -38.13 19.17 -22.52
N SER E 635 -37.61 18.72 -21.41
CA SER E 635 -37.66 19.47 -20.18
C SER E 635 -36.96 20.84 -20.23
N GLY E 636 -35.93 20.99 -21.06
CA GLY E 636 -35.20 22.25 -21.08
C GLY E 636 -34.24 22.42 -19.88
N ASN E 637 -33.89 23.68 -19.64
CA ASN E 637 -32.99 23.99 -18.53
C ASN E 637 -33.64 23.81 -17.16
N ASN E 638 -34.97 23.61 -17.14
CA ASN E 638 -35.63 23.33 -15.88
C ASN E 638 -35.44 21.88 -15.46
N GLY E 639 -35.19 20.97 -16.42
CA GLY E 639 -34.93 19.59 -16.08
C GLY E 639 -36.04 19.00 -15.19
N VAL E 640 -35.61 18.21 -14.22
CA VAL E 640 -36.45 17.56 -13.25
C VAL E 640 -35.61 17.38 -11.97
N GLN E 641 -36.23 17.59 -10.83
CA GLN E 641 -35.64 17.32 -9.55
C GLN E 641 -35.75 15.81 -9.29
N LEU E 642 -34.61 15.21 -8.99
CA LEU E 642 -34.53 13.80 -8.68
C LEU E 642 -34.96 13.54 -7.25
N PRO E 643 -35.50 12.32 -6.93
CA PRO E 643 -35.80 11.29 -7.91
C PRO E 643 -37.05 11.54 -8.74
N VAL E 644 -37.03 11.01 -9.96
CA VAL E 644 -38.21 11.02 -10.82
C VAL E 644 -39.24 10.09 -10.19
N VAL E 645 -40.52 10.51 -10.17
CA VAL E 645 -41.62 9.75 -9.60
C VAL E 645 -42.48 9.15 -10.72
N SER E 646 -42.60 9.83 -11.83
CA SER E 646 -43.26 9.28 -13.01
C SER E 646 -42.82 9.99 -14.30
N TRP E 647 -43.20 9.34 -15.40
CA TRP E 647 -43.05 9.89 -16.75
C TRP E 647 -44.15 9.37 -17.66
N ASP E 648 -44.69 10.25 -18.51
CA ASP E 648 -45.40 9.84 -19.69
C ASP E 648 -45.27 10.93 -20.76
N GLU E 649 -45.63 10.60 -21.99
CA GLU E 649 -45.35 11.52 -23.10
C GLU E 649 -46.13 12.83 -22.90
N SER E 650 -47.26 12.79 -22.20
CA SER E 650 -48.10 13.99 -22.12
C SER E 650 -47.68 14.85 -20.96
N LYS E 651 -47.18 14.29 -19.86
CA LYS E 651 -46.81 15.11 -18.72
C LYS E 651 -45.29 15.27 -18.50
N GLY E 652 -44.45 14.55 -19.27
CA GLY E 652 -43.01 14.70 -19.12
C GLY E 652 -42.53 14.10 -17.80
N LEU E 653 -41.28 14.40 -17.43
CA LEU E 653 -40.72 13.91 -16.21
C LEU E 653 -41.31 14.65 -15.02
N VAL E 654 -41.70 13.91 -14.00
CA VAL E 654 -42.26 14.54 -12.79
C VAL E 654 -41.41 14.09 -11.63
N GLY E 655 -40.94 15.04 -10.81
CA GLY E 655 -39.88 14.69 -9.86
C GLY E 655 -40.23 15.04 -8.42
N THR E 656 -39.23 15.23 -7.56
CA THR E 656 -39.42 15.33 -6.12
C THR E 656 -38.86 16.67 -5.64
N GLU E 657 -39.68 17.45 -4.95
CA GLU E 657 -39.27 18.79 -4.56
C GLU E 657 -38.45 18.79 -3.27
N MET E 658 -38.99 18.14 -2.23
CA MET E 658 -38.34 18.15 -0.93
C MET E 658 -38.26 16.73 -0.38
N LEU E 659 -37.19 16.39 0.37
CA LEU E 659 -37.09 15.05 0.94
C LEU E 659 -37.62 15.08 2.37
N TYR E 660 -38.10 13.93 2.85
CA TYR E 660 -38.39 13.69 4.27
C TYR E 660 -39.68 14.38 4.71
N THR E 661 -40.55 14.78 3.79
CA THR E 661 -41.78 15.48 4.19
C THR E 661 -42.79 14.59 4.94
N GLU E 662 -42.62 13.28 4.98
CA GLU E 662 -43.57 12.39 5.63
C GLU E 662 -42.88 11.85 6.89
N GLY E 663 -41.71 12.33 7.23
CA GLY E 663 -41.10 11.85 8.45
C GLY E 663 -40.43 10.48 8.35
N LYS E 664 -40.27 9.91 7.15
CA LYS E 664 -39.52 8.69 6.94
C LYS E 664 -38.09 9.01 6.46
N PHE E 665 -37.10 8.75 7.32
CA PHE E 665 -35.69 8.98 7.04
C PHE E 665 -35.00 7.72 6.47
N ASP E 666 -33.81 7.91 5.91
CA ASP E 666 -33.01 6.83 5.37
C ASP E 666 -32.18 6.15 6.47
N THR E 667 -32.88 5.49 7.41
CA THR E 667 -32.27 4.59 8.38
C THR E 667 -33.05 3.26 8.41
N ASP E 668 -32.54 2.33 9.23
CA ASP E 668 -33.13 0.99 9.30
C ASP E 668 -34.60 1.10 9.74
N ASP E 669 -34.90 2.01 10.67
CA ASP E 669 -36.21 2.08 11.30
C ASP E 669 -37.01 3.25 10.74
N GLY E 670 -36.46 4.03 9.80
CA GLY E 670 -37.19 5.15 9.21
C GLY E 670 -37.19 6.39 10.09
N LYS E 671 -36.58 6.32 11.26
CA LYS E 671 -36.48 7.48 12.11
C LYS E 671 -35.16 8.21 11.86
N ALA E 672 -35.13 9.49 12.23
CA ALA E 672 -33.89 10.25 12.29
C ALA E 672 -33.19 9.92 13.58
N HIS E 673 -31.88 9.78 13.53
CA HIS E 673 -31.13 9.42 14.70
C HIS E 673 -30.26 10.58 15.20
N PHE E 674 -30.44 10.93 16.47
CA PHE E 674 -29.54 11.85 17.15
C PHE E 674 -28.23 11.18 17.47
N LYS E 675 -27.15 11.98 17.55
CA LYS E 675 -25.81 11.50 17.82
C LYS E 675 -25.13 12.35 18.86
N PRO E 676 -24.25 11.75 19.68
CA PRO E 676 -23.45 12.53 20.61
C PRO E 676 -22.48 13.40 19.83
N ALA E 677 -22.16 14.57 20.38
CA ALA E 677 -21.21 15.46 19.76
C ALA E 677 -20.25 16.02 20.81
N PRO E 678 -19.15 15.33 21.15
CA PRO E 678 -18.26 15.81 22.20
C PRO E 678 -17.42 16.99 21.72
N TRP E 679 -17.20 17.93 22.62
CA TRP E 679 -16.31 19.05 22.40
C TRP E 679 -14.94 18.67 22.97
N ASN E 680 -13.95 18.50 22.10
CA ASN E 680 -12.61 18.16 22.50
C ASN E 680 -11.60 19.22 22.11
N GLY E 681 -12.02 20.48 21.81
CA GLY E 681 -11.05 21.48 21.40
C GLY E 681 -10.52 21.22 20.00
N LEU E 682 -9.38 21.84 19.67
CA LEU E 682 -8.76 21.64 18.37
C LEU E 682 -7.97 20.33 18.41
N PRO E 683 -7.74 19.65 17.27
CA PRO E 683 -6.82 18.51 17.24
C PRO E 683 -5.43 18.95 17.70
N ALA E 684 -4.73 18.04 18.39
CA ALA E 684 -3.38 18.28 18.82
C ALA E 684 -2.49 18.78 17.68
N THR E 685 -2.51 18.15 16.52
CA THR E 685 -1.62 18.55 15.43
C THR E 685 -1.80 20.03 15.08
N VAL E 686 -3.07 20.46 15.05
CA VAL E 686 -3.44 21.84 14.73
C VAL E 686 -3.12 22.76 15.92
N GLN E 687 -3.42 22.31 17.15
CA GLN E 687 -3.18 23.09 18.34
C GLN E 687 -1.69 23.37 18.47
N GLN E 688 -0.84 22.38 18.13
CA GLN E 688 0.59 22.63 18.12
C GLN E 688 1.03 23.77 17.20
N GLN E 689 0.42 23.86 15.99
CA GLN E 689 0.73 24.96 15.09
C GLN E 689 0.27 26.28 15.71
N LYS E 690 -0.91 26.28 16.29
CA LYS E 690 -1.47 27.45 16.94
C LYS E 690 -0.61 27.91 18.12
N ASP E 691 -0.01 26.96 18.86
CA ASP E 691 0.83 27.28 20.00
C ASP E 691 2.16 27.89 19.55
N LYS E 692 2.65 27.53 18.37
CA LYS E 692 3.96 27.95 17.88
C LYS E 692 3.87 29.21 17.03
N TYR E 693 2.75 29.48 16.37
CA TYR E 693 2.73 30.51 15.35
C TYR E 693 1.55 31.44 15.57
N ARG E 694 1.60 32.58 14.88
CA ARG E 694 0.82 33.76 15.27
C ARG E 694 -0.56 33.76 14.59
N PHE E 695 -0.64 33.42 13.30
CA PHE E 695 -1.79 33.76 12.50
C PHE E 695 -2.62 32.53 12.17
N TRP E 696 -3.93 32.65 12.39
CA TRP E 696 -4.86 31.69 11.84
C TRP E 696 -4.90 31.82 10.30
N LEU E 697 -4.55 30.74 9.58
CA LEU E 697 -4.41 30.75 8.12
C LEU E 697 -5.71 30.19 7.48
N ASN E 698 -6.79 30.91 7.66
CA ASN E 698 -8.05 30.66 6.98
C ASN E 698 -7.81 30.77 5.47
N ASN E 699 -8.70 30.11 4.73
CA ASN E 699 -8.49 29.90 3.31
C ASN E 699 -9.84 29.58 2.67
N GLY E 700 -9.95 29.80 1.35
CA GLY E 700 -11.15 29.46 0.60
C GLY E 700 -11.25 30.32 -0.68
N ARG E 701 -12.50 30.57 -1.05
CA ARG E 701 -12.85 31.02 -2.38
C ARG E 701 -12.86 32.54 -2.52
N ASN E 702 -12.64 32.97 -3.75
CA ASN E 702 -12.85 34.31 -4.23
C ASN E 702 -13.91 34.19 -5.31
N ASN E 703 -14.85 35.15 -5.33
CA ASN E 703 -15.94 35.21 -6.27
C ASN E 703 -15.49 35.07 -7.74
N GLU E 704 -14.45 35.75 -8.13
CA GLU E 704 -14.08 35.85 -9.53
C GLU E 704 -13.31 34.61 -9.96
N VAL E 705 -12.60 33.96 -9.06
CA VAL E 705 -11.67 32.89 -9.42
C VAL E 705 -12.33 31.51 -9.25
N TRP E 706 -12.29 30.69 -10.30
CA TRP E 706 -12.83 29.34 -10.25
C TRP E 706 -11.70 28.33 -9.94
N GLN E 707 -11.79 27.77 -8.75
CA GLN E 707 -11.05 26.55 -8.38
C GLN E 707 -9.55 26.76 -8.55
N THR E 708 -8.86 25.80 -9.23
CA THR E 708 -7.42 25.89 -9.46
C THR E 708 -7.04 26.83 -10.61
N ALA E 709 -7.99 27.65 -11.06
CA ALA E 709 -7.74 28.66 -12.07
C ALA E 709 -7.25 28.05 -13.38
N TYR E 710 -7.75 26.86 -13.74
CA TYR E 710 -7.21 26.17 -14.89
C TYR E 710 -7.52 26.96 -16.15
N HIS E 711 -8.73 27.53 -16.27
CA HIS E 711 -9.03 28.51 -17.30
C HIS E 711 -8.50 29.91 -16.94
N ASP E 712 -8.71 30.36 -15.70
CA ASP E 712 -8.50 31.77 -15.37
C ASP E 712 -7.03 32.19 -15.53
N GLN E 713 -6.13 31.20 -15.41
CA GLN E 713 -4.70 31.50 -15.53
C GLN E 713 -4.35 31.97 -16.92
N TYR E 714 -5.21 31.73 -17.92
CA TYR E 714 -4.97 32.16 -19.27
C TYR E 714 -5.78 33.41 -19.64
N ASN E 715 -6.49 33.95 -18.69
CA ASN E 715 -7.40 35.08 -18.94
C ASN E 715 -6.69 36.37 -18.51
N SER E 716 -6.48 37.32 -19.45
CA SER E 716 -5.66 38.48 -19.15
C SER E 716 -6.34 39.38 -18.11
N LEU E 717 -7.67 39.51 -18.13
CA LEU E 717 -8.39 40.27 -17.10
C LEU E 717 -8.25 39.64 -15.72
N MET E 718 -8.36 38.32 -15.64
CA MET E 718 -8.18 37.62 -14.36
C MET E 718 -6.77 37.81 -13.80
N GLN E 719 -5.79 37.68 -14.67
CA GLN E 719 -4.39 37.78 -14.32
C GLN E 719 -3.99 39.20 -13.90
N GLU E 720 -4.66 40.21 -14.49
CA GLU E 720 -4.39 41.57 -14.11
C GLU E 720 -4.95 41.83 -12.70
N ARG E 721 -6.12 41.25 -12.39
CA ARG E 721 -6.80 41.52 -11.15
C ARG E 721 -6.18 40.74 -9.98
N TYR E 722 -5.79 39.46 -10.22
CA TYR E 722 -5.26 38.52 -9.24
C TYR E 722 -4.02 37.85 -9.82
N PRO E 723 -2.88 38.58 -10.01
CA PRO E 723 -1.69 37.96 -10.58
C PRO E 723 -1.10 36.91 -9.64
N MET E 724 -1.36 37.05 -8.33
CA MET E 724 -0.82 36.17 -7.32
C MET E 724 -1.92 35.92 -6.31
N ALA E 725 -1.89 34.75 -5.65
CA ALA E 725 -2.80 34.45 -4.58
C ALA E 725 -2.65 35.51 -3.53
N TYR E 726 -3.78 35.97 -2.99
CA TYR E 726 -3.72 37.05 -2.02
C TYR E 726 -4.10 36.52 -0.64
N ILE E 727 -3.67 37.27 0.38
CA ILE E 727 -3.91 37.02 1.78
C ILE E 727 -4.47 38.30 2.40
N GLU E 728 -5.74 38.19 2.84
CA GLU E 728 -6.40 39.22 3.61
C GLU E 728 -5.78 39.27 4.98
N MET E 729 -5.34 40.46 5.38
CA MET E 729 -4.71 40.72 6.66
C MET E 729 -5.32 41.95 7.33
N ASN E 730 -5.37 41.91 8.66
CA ASN E 730 -5.83 43.03 9.45
C ASN E 730 -4.86 44.21 9.25
N PRO E 731 -5.29 45.47 9.01
CA PRO E 731 -4.35 46.57 8.77
C PRO E 731 -3.38 46.82 9.91
N ASP E 732 -3.80 46.55 11.15
CA ASP E 732 -2.93 46.78 12.28
C ASP E 732 -1.79 45.75 12.27
N ASP E 733 -2.15 44.53 11.90
CA ASP E 733 -1.17 43.47 11.74
C ASP E 733 -0.22 43.84 10.58
N CYS E 734 -0.77 44.42 9.49
CA CYS E 734 0.04 44.84 8.36
C CYS E 734 1.10 45.85 8.79
N LYS E 735 0.71 46.87 9.56
CA LYS E 735 1.62 47.93 9.99
C LYS E 735 2.69 47.32 10.86
N GLN E 736 2.34 46.35 11.66
CA GLN E 736 3.30 45.72 12.54
C GLN E 736 4.33 44.98 11.71
N LEU E 737 3.94 44.38 10.59
CA LEU E 737 4.88 43.69 9.73
C LEU E 737 5.47 44.59 8.65
N ASP E 738 5.12 45.87 8.64
CA ASP E 738 5.52 46.82 7.62
C ASP E 738 5.18 46.29 6.22
N VAL E 739 3.99 45.77 6.02
CA VAL E 739 3.47 45.41 4.71
C VAL E 739 2.21 46.23 4.41
N THR E 740 1.97 46.43 3.10
CA THR E 740 0.75 47.00 2.58
C THR E 740 0.30 46.22 1.31
N GLY E 741 -0.82 46.65 0.73
CA GLY E 741 -1.35 46.00 -0.47
C GLY E 741 -0.28 45.91 -1.57
N GLY E 742 -0.06 44.71 -2.09
CA GLY E 742 0.82 44.48 -3.21
C GLY E 742 2.22 44.08 -2.74
N ASP E 743 2.48 44.03 -1.42
CA ASP E 743 3.69 43.40 -0.92
C ASP E 743 3.55 41.88 -1.06
N ILE E 744 4.68 41.19 -1.14
CA ILE E 744 4.69 39.76 -1.15
C ILE E 744 5.18 39.28 0.23
N VAL E 745 4.51 38.27 0.78
CA VAL E 745 4.87 37.68 2.06
C VAL E 745 5.12 36.19 1.87
N GLU E 746 6.01 35.61 2.68
CA GLU E 746 6.05 34.17 2.90
C GLU E 746 5.16 33.82 4.09
N VAL E 747 4.33 32.80 3.90
CA VAL E 747 3.47 32.21 4.94
C VAL E 747 4.02 30.78 5.20
N TYR E 748 4.33 30.47 6.49
CA TYR E 748 4.98 29.19 6.76
C TYR E 748 4.70 28.68 8.16
N ASN E 749 4.96 27.39 8.33
CA ASN E 749 4.77 26.71 9.61
C ASN E 749 5.55 25.40 9.52
N ASP E 750 5.27 24.43 10.39
CA ASP E 750 6.01 23.17 10.38
C ASP E 750 5.69 22.34 9.14
N PHE E 751 4.54 22.55 8.52
CA PHE E 751 4.12 21.74 7.39
C PHE E 751 4.66 22.26 6.05
N GLY E 752 4.92 23.57 5.94
CA GLY E 752 5.41 24.07 4.68
C GLY E 752 5.54 25.58 4.62
N SER E 753 5.83 26.04 3.41
CA SER E 753 6.10 27.42 3.11
C SER E 753 5.44 27.76 1.76
N THR E 754 4.76 28.92 1.70
CA THR E 754 4.25 29.41 0.43
C THR E 754 4.23 30.92 0.46
N PHE E 755 3.73 31.53 -0.59
CA PHE E 755 3.81 32.98 -0.79
C PHE E 755 2.45 33.51 -1.17
N ALA E 756 2.22 34.77 -0.83
CA ALA E 756 0.99 35.46 -1.20
C ALA E 756 1.27 36.97 -1.34
N MET E 757 0.40 37.66 -2.06
CA MET E 757 0.40 39.11 -2.03
C MET E 757 -0.60 39.62 -0.98
N VAL E 758 -0.17 40.63 -0.24
CA VAL E 758 -0.87 41.17 0.92
C VAL E 758 -2.03 42.03 0.44
N TYR E 759 -3.20 41.78 1.04
CA TYR E 759 -4.45 42.46 0.74
C TYR E 759 -5.02 42.97 2.06
N PRO E 760 -4.63 44.15 2.55
CA PRO E 760 -5.18 44.66 3.81
C PRO E 760 -6.70 44.76 3.73
N VAL E 761 -7.35 44.23 4.77
CA VAL E 761 -8.79 44.11 4.88
C VAL E 761 -9.15 44.51 6.31
N ALA E 762 -9.89 45.62 6.42
CA ALA E 762 -10.27 46.16 7.73
C ALA E 762 -11.08 45.15 8.54
N GLU E 763 -11.91 44.30 7.85
CA GLU E 763 -12.86 43.44 8.52
C GLU E 763 -12.17 42.17 9.09
N ILE E 764 -10.88 41.94 8.78
CA ILE E 764 -10.15 40.79 9.27
C ILE E 764 -9.77 41.06 10.71
N LYS E 765 -9.95 40.04 11.56
CA LYS E 765 -9.62 40.17 12.97
C LYS E 765 -8.11 40.09 13.18
N ARG E 766 -7.65 40.75 14.25
CA ARG E 766 -6.21 40.70 14.56
C ARG E 766 -5.81 39.24 14.84
N GLY E 767 -4.69 38.79 14.26
CA GLY E 767 -4.21 37.43 14.44
C GLY E 767 -4.87 36.45 13.48
N GLN E 768 -5.73 36.95 12.59
CA GLN E 768 -6.41 36.10 11.61
C GLN E 768 -6.08 36.60 10.20
N THR E 769 -6.15 35.70 9.22
CA THR E 769 -5.88 35.98 7.82
C THR E 769 -6.83 35.13 6.97
N PHE E 770 -6.83 35.38 5.66
CA PHE E 770 -7.64 34.61 4.73
C PHE E 770 -6.87 34.57 3.41
N MET E 771 -6.47 33.39 2.99
CA MET E 771 -5.74 33.29 1.74
C MET E 771 -6.57 32.50 0.72
N LEU E 772 -6.55 32.98 -0.52
CA LEU E 772 -7.09 32.24 -1.64
C LEU E 772 -6.49 30.85 -1.76
N PHE E 773 -7.33 29.83 -1.86
CA PHE E 773 -6.91 28.44 -1.90
C PHE E 773 -6.62 28.07 -3.36
N GLY E 774 -5.85 27.00 -3.53
CA GLY E 774 -5.86 26.31 -4.82
C GLY E 774 -5.18 27.03 -5.99
N TYR E 775 -4.45 28.16 -5.77
CA TYR E 775 -4.16 28.99 -6.92
C TYR E 775 -2.85 28.63 -7.61
N VAL E 776 -2.70 29.21 -8.83
CA VAL E 776 -1.58 28.93 -9.70
C VAL E 776 -0.33 29.68 -9.31
N ASN E 777 -0.40 30.66 -8.45
CA ASN E 777 0.77 31.45 -8.06
C ASN E 777 0.69 31.69 -6.55
N GLY E 778 1.27 30.76 -5.79
CA GLY E 778 1.17 30.79 -4.32
C GLY E 778 0.09 29.80 -3.87
N ILE E 779 0.49 28.55 -3.65
CA ILE E 779 -0.41 27.47 -3.30
C ILE E 779 -0.62 27.50 -1.80
N GLN E 780 -1.84 27.70 -1.36
CA GLN E 780 -2.14 27.86 0.06
C GLN E 780 -1.92 26.54 0.83
N GLY E 781 -2.19 25.41 0.19
CA GLY E 781 -2.31 24.13 0.85
C GLY E 781 -1.01 23.60 1.44
N ASP E 782 0.12 24.17 1.06
CA ASP E 782 1.44 23.91 1.62
C ASP E 782 1.44 24.03 3.15
N VAL E 783 0.57 24.88 3.69
CA VAL E 783 0.61 25.11 5.12
C VAL E 783 -0.57 24.46 5.85
N THR E 784 -1.41 23.71 5.16
CA THR E 784 -2.41 22.88 5.83
C THR E 784 -1.75 21.60 6.41
N THR E 785 -2.32 21.06 7.49
CA THR E 785 -1.77 19.90 8.17
C THR E 785 -2.27 18.64 7.53
N ASP E 786 -1.71 17.52 8.02
CA ASP E 786 -2.15 16.20 7.59
C ASP E 786 -3.35 15.69 8.36
N TRP E 787 -3.88 16.48 9.30
CA TRP E 787 -4.88 15.95 10.24
C TRP E 787 -6.23 15.82 9.55
N THR E 788 -6.86 14.67 9.79
CA THR E 788 -8.18 14.33 9.28
C THR E 788 -9.06 13.74 10.37
N ASP E 789 -10.37 13.77 10.17
CA ASP E 789 -11.31 13.19 11.12
C ASP E 789 -11.35 11.67 10.97
N ARG E 790 -12.30 11.03 11.62
CA ARG E 790 -12.28 9.58 11.73
C ARG E 790 -12.42 8.96 10.34
N ASN E 791 -13.03 9.70 9.41
CA ASN E 791 -13.29 9.21 8.07
C ASN E 791 -12.27 9.77 7.05
N ILE E 792 -11.14 10.35 7.51
CA ILE E 792 -10.12 10.92 6.66
C ILE E 792 -10.66 12.15 5.88
N ILE E 793 -11.37 12.99 6.63
CA ILE E 793 -11.81 14.32 6.17
C ILE E 793 -10.89 15.35 6.76
N PRO E 794 -10.13 16.08 5.90
CA PRO E 794 -9.18 17.09 6.38
C PRO E 794 -9.80 18.32 7.04
N TYR E 795 -9.13 18.82 8.09
CA TYR E 795 -9.40 20.14 8.62
C TYR E 795 -8.67 21.21 7.81
N TYR E 796 -9.03 21.40 6.55
CA TYR E 796 -8.37 22.36 5.69
C TYR E 796 -8.41 23.78 6.22
N LYS E 797 -9.46 24.12 7.00
CA LYS E 797 -9.59 25.46 7.57
C LYS E 797 -8.87 25.62 8.90
N GLY E 798 -8.09 24.59 9.31
CA GLY E 798 -7.49 24.51 10.62
C GLY E 798 -5.98 24.45 10.53
N THR E 799 -5.34 25.61 10.49
CA THR E 799 -3.90 25.73 10.45
C THR E 799 -3.49 27.14 10.86
N TRP E 800 -2.32 27.20 11.47
CA TRP E 800 -1.72 28.46 11.94
C TRP E 800 -0.29 28.55 11.37
N GLY E 801 0.24 29.74 11.20
CA GLY E 801 1.56 29.99 10.65
C GLY E 801 2.06 31.39 10.98
N ASP E 802 3.28 31.64 10.58
CA ASP E 802 3.89 32.95 10.68
C ASP E 802 3.96 33.56 9.28
N ILE E 803 4.19 34.86 9.28
CA ILE E 803 4.21 35.64 8.06
C ILE E 803 5.45 36.53 8.03
N ARG E 804 6.13 36.55 6.89
CA ARG E 804 7.41 37.25 6.78
C ARG E 804 7.37 38.05 5.48
N LYS E 805 7.77 39.34 5.58
CA LYS E 805 7.79 40.20 4.40
C LYS E 805 8.86 39.69 3.44
N VAL E 806 8.49 39.50 2.16
CA VAL E 806 9.47 39.28 1.11
C VAL E 806 9.88 40.62 0.51
N GLY E 807 8.88 41.41 0.11
CA GLY E 807 9.15 42.73 -0.42
C GLY E 807 7.93 43.34 -1.13
N SER E 808 8.15 44.47 -1.76
CA SER E 808 7.14 45.30 -2.40
C SER E 808 7.13 44.99 -3.89
N MET E 809 6.00 44.49 -4.42
CA MET E 809 5.91 44.27 -5.86
C MET E 809 5.26 45.49 -6.50
N GLU E 810 6.08 46.44 -6.96
CA GLU E 810 5.62 47.71 -7.47
C GLU E 810 4.62 47.49 -8.61
N GLU E 811 4.83 46.46 -9.43
CA GLU E 811 3.93 46.21 -10.55
C GLU E 811 2.50 45.90 -10.04
N PHE E 812 2.40 45.15 -8.92
CA PHE E 812 1.08 44.82 -8.35
C PHE E 812 0.43 46.11 -7.81
N LYS E 813 1.25 46.97 -7.17
CA LYS E 813 0.76 48.25 -6.65
C LYS E 813 0.23 49.13 -7.78
N ARG E 814 0.82 49.03 -8.99
CA ARG E 814 0.36 49.84 -10.13
C ARG E 814 -0.91 49.25 -10.84
N THR E 815 -1.17 47.95 -10.68
CA THR E 815 -2.11 47.30 -11.56
C THR E 815 -3.30 46.67 -10.83
N VAL E 816 -3.13 46.29 -9.57
CA VAL E 816 -4.09 45.56 -8.80
C VAL E 816 -4.81 46.52 -7.85
N SER E 817 -6.16 46.48 -7.84
CA SER E 817 -6.92 47.12 -6.78
C SER E 817 -6.84 46.34 -5.47
N PHE E 818 -6.61 47.06 -4.40
CA PHE E 818 -6.60 46.57 -3.04
C PHE E 818 -7.73 47.22 -2.29
N LYS E 819 -8.74 47.66 -3.02
CA LYS E 819 -9.95 48.23 -2.44
C LYS E 819 -10.85 47.14 -1.86
N SER E 820 -11.78 47.54 -1.02
CA SER E 820 -12.56 46.64 -0.21
C SER E 820 -13.55 45.86 -1.10
N ARG E 821 -13.60 44.55 -0.86
CA ARG E 821 -14.52 43.65 -1.56
C ARG E 821 -15.80 43.41 -0.75
N ARG E 822 -15.98 44.14 0.36
CA ARG E 822 -17.18 44.05 1.20
C ARG E 822 -18.06 45.27 0.88
N PHE E 823 -19.09 45.06 0.10
CA PHE E 823 -19.94 46.14 -0.35
C PHE E 823 -20.69 46.83 0.77
N ALA E 824 -20.61 48.19 0.77
N ALA E 824 -20.60 48.18 0.78
CA ALA E 824 -21.48 49.02 1.59
CA ALA E 824 -21.55 49.03 1.52
C ALA E 824 -21.80 50.33 0.84
C ALA E 824 -21.94 50.27 0.68
N ALA F 1 -18.73 51.17 -46.79
CA ALA F 1 -17.87 50.03 -46.41
C ALA F 1 -16.48 50.63 -46.29
N GLY F 2 -15.51 49.73 -46.17
CA GLY F 2 -14.13 50.13 -45.97
C GLY F 2 -13.84 50.42 -44.49
N ARG F 3 -14.89 50.53 -43.64
CA ARG F 3 -14.70 51.14 -42.33
C ARG F 3 -14.80 50.11 -41.22
N THR F 4 -13.79 50.11 -40.35
CA THR F 4 -13.70 49.12 -39.31
C THR F 4 -13.99 49.75 -37.96
N THR F 5 -13.99 51.09 -37.91
CA THR F 5 -14.17 51.79 -36.64
C THR F 5 -15.57 52.36 -36.61
N LEU F 6 -16.06 52.56 -35.39
CA LEU F 6 -17.31 53.22 -35.12
C LEU F 6 -17.12 54.74 -35.28
N GLN F 7 -18.21 55.42 -35.65
CA GLN F 7 -18.19 56.87 -35.91
C GLN F 7 -18.57 57.58 -34.62
N TYR F 8 -17.59 57.77 -33.70
CA TYR F 8 -17.91 58.37 -32.44
C TYR F 8 -18.06 59.86 -32.63
N PRO F 9 -19.00 60.54 -31.97
CA PRO F 9 -19.03 62.00 -32.02
C PRO F 9 -17.92 62.59 -31.15
N ALA F 10 -17.67 63.89 -31.29
CA ALA F 10 -16.79 64.64 -30.41
C ALA F 10 -17.70 65.54 -29.59
N THR F 11 -17.78 65.30 -28.28
CA THR F 11 -18.64 66.07 -27.40
C THR F 11 -17.82 66.77 -26.34
N GLN F 12 -17.95 68.11 -26.27
CA GLN F 12 -17.35 68.87 -25.19
C GLN F 12 -17.97 68.47 -23.88
N VAL F 13 -17.18 68.23 -22.85
CA VAL F 13 -17.70 67.95 -21.51
C VAL F 13 -17.68 69.24 -20.70
N SER F 14 -16.44 69.74 -20.52
CA SER F 14 -16.18 70.98 -19.80
C SER F 14 -14.73 71.42 -20.07
N VAL F 15 -14.30 72.46 -19.38
CA VAL F 15 -12.89 72.78 -19.29
C VAL F 15 -12.33 72.14 -18.02
N ALA F 16 -11.11 71.62 -18.11
CA ALA F 16 -10.50 70.86 -17.03
C ALA F 16 -10.46 71.64 -15.72
N LYS F 17 -10.13 72.93 -15.78
CA LYS F 17 -9.91 73.66 -14.55
C LYS F 17 -11.24 73.92 -13.84
N ASN F 18 -12.40 73.69 -14.47
CA ASN F 18 -13.62 73.83 -13.73
C ASN F 18 -13.78 72.65 -12.75
N LEU F 19 -13.11 71.51 -12.98
CA LEU F 19 -13.43 70.32 -12.21
C LEU F 19 -12.78 70.39 -10.84
N LYS F 20 -13.53 70.08 -9.77
CA LYS F 20 -12.91 70.06 -8.44
C LYS F 20 -12.49 68.63 -8.11
N ALA F 21 -11.39 68.46 -7.36
CA ALA F 21 -10.96 67.15 -6.89
C ALA F 21 -12.12 66.34 -6.32
N ASN F 22 -12.33 65.14 -6.90
CA ASN F 22 -13.25 64.11 -6.39
C ASN F 22 -14.70 64.55 -6.40
N GLU F 23 -15.08 65.52 -7.25
CA GLU F 23 -16.44 65.96 -7.46
C GLU F 23 -16.88 65.62 -8.89
N PRO F 24 -17.66 64.52 -9.06
CA PRO F 24 -17.95 63.99 -10.40
C PRO F 24 -18.83 64.94 -11.19
N VAL F 25 -18.59 65.01 -12.51
CA VAL F 25 -19.48 65.70 -13.44
C VAL F 25 -20.26 64.67 -14.27
N SER F 26 -21.54 64.92 -14.50
CA SER F 26 -22.40 64.05 -15.28
C SER F 26 -22.50 64.57 -16.67
N PHE F 27 -22.47 63.67 -17.66
CA PHE F 27 -22.75 64.07 -19.03
C PHE F 27 -23.22 62.84 -19.80
N THR F 28 -23.69 63.01 -21.05
CA THR F 28 -24.04 61.89 -21.88
C THR F 28 -23.09 61.76 -23.06
N TYR F 29 -22.77 60.48 -23.36
CA TYR F 29 -21.86 60.14 -24.46
C TYR F 29 -21.97 58.65 -24.75
N PRO F 30 -22.10 58.21 -26.02
CA PRO F 30 -22.14 59.07 -27.21
C PRO F 30 -23.51 59.57 -27.68
N ASP F 31 -24.50 59.42 -26.81
CA ASP F 31 -25.81 59.92 -27.06
C ASP F 31 -26.48 60.13 -25.70
N THR F 32 -27.68 60.75 -25.72
CA THR F 32 -28.34 61.11 -24.48
C THR F 32 -28.83 59.90 -23.71
N SER F 33 -28.82 58.67 -24.24
CA SER F 33 -29.22 57.51 -23.42
C SER F 33 -28.04 56.80 -22.74
N SER F 34 -26.86 57.36 -22.86
CA SER F 34 -25.66 56.78 -22.28
C SER F 34 -25.08 57.72 -21.22
N PRO F 35 -25.43 57.55 -19.93
CA PRO F 35 -24.91 58.41 -18.90
C PRO F 35 -23.45 58.09 -18.59
N CYS F 36 -22.70 59.17 -18.31
CA CYS F 36 -21.30 59.10 -17.99
C CYS F 36 -20.92 60.04 -16.84
N VAL F 37 -19.74 59.81 -16.28
CA VAL F 37 -19.17 60.67 -15.25
C VAL F 37 -17.74 60.93 -15.65
N ALA F 38 -17.31 62.18 -15.42
CA ALA F 38 -15.90 62.52 -15.41
C ALA F 38 -15.53 62.93 -14.00
N VAL F 39 -14.30 62.59 -13.55
CA VAL F 39 -13.89 63.03 -12.23
C VAL F 39 -12.41 63.31 -12.22
N LYS F 40 -12.04 64.42 -11.55
CA LYS F 40 -10.66 64.70 -11.22
C LYS F 40 -10.30 63.96 -9.94
N LEU F 41 -9.37 63.01 -10.03
CA LEU F 41 -9.11 62.16 -8.87
C LEU F 41 -8.21 62.84 -7.83
N GLY F 42 -7.33 63.74 -8.24
CA GLY F 42 -6.51 64.49 -7.26
C GLY F 42 -5.07 64.04 -7.27
N SER F 43 -4.80 62.87 -7.85
CA SER F 43 -3.44 62.37 -8.00
C SER F 43 -3.39 61.64 -9.32
N PRO F 44 -2.27 61.70 -10.03
CA PRO F 44 -2.13 61.03 -11.34
C PRO F 44 -2.46 59.54 -11.32
N VAL F 45 -3.18 59.08 -12.36
CA VAL F 45 -3.31 57.66 -12.65
C VAL F 45 -2.96 57.45 -14.12
N PRO F 46 -2.57 56.22 -14.47
CA PRO F 46 -2.29 55.86 -15.85
C PRO F 46 -3.46 56.22 -16.75
N GLY F 47 -3.09 56.96 -17.77
CA GLY F 47 -4.01 57.39 -18.79
C GLY F 47 -4.93 58.54 -18.35
N GLY F 48 -4.78 59.02 -17.10
CA GLY F 48 -5.45 60.22 -16.65
C GLY F 48 -5.14 61.42 -17.52
N VAL F 49 -6.09 62.35 -17.67
CA VAL F 49 -5.79 63.50 -18.50
C VAL F 49 -6.00 64.78 -17.71
N GLY F 50 -5.66 65.87 -18.40
CA GLY F 50 -5.69 67.19 -17.83
C GLY F 50 -4.30 67.60 -17.29
N PRO F 51 -4.24 68.81 -16.69
CA PRO F 51 -3.00 69.34 -16.17
C PRO F 51 -2.35 68.41 -15.14
N ASN F 52 -3.12 67.74 -14.29
CA ASN F 52 -2.54 66.84 -13.26
C ASN F 52 -2.72 65.36 -13.60
N ASN F 53 -3.00 65.06 -14.85
CA ASN F 53 -3.10 63.68 -15.36
C ASN F 53 -3.95 62.76 -14.49
N ASP F 54 -5.00 63.35 -13.93
CA ASP F 54 -5.71 62.68 -12.92
C ASP F 54 -7.20 62.69 -13.26
N ILE F 55 -7.61 63.22 -14.43
CA ILE F 55 -9.02 63.20 -14.79
C ILE F 55 -9.34 61.93 -15.58
N VAL F 56 -10.46 61.27 -15.19
CA VAL F 56 -10.85 60.01 -15.82
C VAL F 56 -12.33 60.09 -16.05
N ALA F 57 -12.80 59.29 -17.02
CA ALA F 57 -14.22 59.28 -17.29
C ALA F 57 -14.69 57.89 -17.67
N TYR F 58 -15.93 57.58 -17.31
CA TYR F 58 -16.55 56.28 -17.46
C TYR F 58 -18.02 56.37 -17.91
N SER F 59 -18.47 55.35 -18.62
CA SER F 59 -19.88 54.94 -18.68
C SER F 59 -20.29 54.47 -17.27
N VAL F 60 -21.43 54.94 -16.75
CA VAL F 60 -21.82 54.54 -15.42
C VAL F 60 -22.76 53.35 -15.43
N LEU F 61 -23.15 52.84 -16.61
CA LEU F 61 -24.04 51.67 -16.65
C LEU F 61 -23.27 50.38 -16.31
N CYS F 62 -23.72 49.69 -15.26
CA CYS F 62 -23.04 48.48 -14.85
C CYS F 62 -22.99 47.51 -16.04
N THR F 63 -21.83 46.89 -16.30
CA THR F 63 -21.65 45.97 -17.42
C THR F 63 -22.18 44.58 -17.13
N HIS F 64 -22.74 44.35 -15.94
CA HIS F 64 -23.42 43.14 -15.57
C HIS F 64 -24.79 43.08 -16.26
N MET F 65 -25.74 43.87 -15.72
CA MET F 65 -27.08 43.95 -16.22
C MET F 65 -27.63 45.38 -16.21
N GLY F 66 -26.79 46.39 -16.16
CA GLY F 66 -27.06 47.67 -16.80
C GLY F 66 -27.65 48.68 -15.85
N PHE F 67 -27.69 48.43 -14.51
CA PHE F 67 -28.20 49.49 -13.67
C PHE F 67 -27.17 50.63 -13.67
N PRO F 68 -27.59 51.90 -13.55
CA PRO F 68 -26.69 53.03 -13.31
C PRO F 68 -26.00 52.92 -11.98
N THR F 69 -24.69 52.92 -12.05
CA THR F 69 -23.86 52.83 -10.87
C THR F 69 -23.70 54.20 -10.22
N SER F 70 -23.35 54.22 -8.95
CA SER F 70 -23.10 55.50 -8.31
C SER F 70 -21.62 55.61 -7.91
N TYR F 71 -21.12 56.83 -8.09
CA TYR F 71 -19.75 57.12 -7.73
C TYR F 71 -19.68 57.34 -6.23
N ASP F 72 -18.75 56.63 -5.57
CA ASP F 72 -18.53 56.79 -4.14
C ASP F 72 -17.23 57.57 -3.91
N LYS F 73 -17.39 58.79 -3.40
CA LYS F 73 -16.25 59.68 -3.23
C LYS F 73 -15.28 59.16 -2.19
N SER F 74 -15.74 58.47 -1.16
CA SER F 74 -14.82 58.01 -0.14
C SER F 74 -13.88 56.95 -0.71
N SER F 75 -14.33 56.11 -1.65
CA SER F 75 -13.49 55.01 -2.10
C SER F 75 -12.99 55.16 -3.55
N LYS F 76 -13.48 56.17 -4.26
CA LYS F 76 -13.23 56.40 -5.67
C LYS F 76 -13.58 55.15 -6.46
N THR F 77 -14.80 54.67 -6.27
CA THR F 77 -15.33 53.52 -6.99
C THR F 77 -16.72 53.83 -7.49
N PHE F 78 -17.17 52.99 -8.41
CA PHE F 78 -18.55 52.98 -8.86
C PHE F 78 -19.21 51.70 -8.35
N LYS F 79 -20.35 51.84 -7.66
CA LYS F 79 -21.04 50.75 -6.99
C LYS F 79 -22.34 50.49 -7.71
N CYS F 80 -22.65 49.22 -7.97
CA CYS F 80 -23.89 48.87 -8.63
C CYS F 80 -24.85 48.37 -7.56
N PRO F 81 -26.07 48.95 -7.50
CA PRO F 81 -27.06 48.46 -6.55
C PRO F 81 -27.72 47.14 -6.94
N GLY F 82 -27.45 46.65 -8.17
CA GLY F 82 -28.18 45.52 -8.71
C GLY F 82 -27.77 44.23 -8.02
N HIS F 83 -26.52 43.82 -8.25
CA HIS F 83 -25.96 42.63 -7.65
C HIS F 83 -24.57 42.89 -7.06
N PHE F 84 -24.31 44.16 -6.70
CA PHE F 84 -23.22 44.55 -5.79
C PHE F 84 -21.84 44.55 -6.46
N THR F 85 -21.78 44.60 -7.79
CA THR F 85 -20.50 44.85 -8.45
C THR F 85 -19.94 46.22 -8.02
N GLU F 86 -18.64 46.28 -7.89
CA GLU F 86 -17.93 47.51 -7.58
C GLU F 86 -16.69 47.64 -8.49
N PHE F 87 -16.52 48.82 -9.11
CA PHE F 87 -15.48 49.08 -10.09
C PHE F 87 -14.53 50.18 -9.58
N ASP F 88 -13.24 50.02 -9.90
CA ASP F 88 -12.22 50.91 -9.38
C ASP F 88 -11.96 52.04 -10.38
N ALA F 89 -12.31 53.29 -10.01
CA ALA F 89 -12.14 54.44 -10.90
C ALA F 89 -10.65 54.77 -11.08
N GLU F 90 -9.79 54.30 -10.16
CA GLU F 90 -8.35 54.53 -10.23
C GLU F 90 -7.58 53.40 -10.95
N LYS F 91 -8.27 52.36 -11.41
CA LYS F 91 -7.66 51.22 -12.09
C LYS F 91 -8.35 50.90 -13.41
N ALA F 92 -8.76 51.97 -14.10
CA ALA F 92 -9.42 51.88 -15.38
C ALA F 92 -10.60 50.95 -15.32
N GLY F 93 -11.40 51.10 -14.25
CA GLY F 93 -12.68 50.40 -14.15
C GLY F 93 -12.54 48.91 -13.83
N GLN F 94 -11.36 48.49 -13.32
CA GLN F 94 -11.12 47.16 -12.83
C GLN F 94 -12.21 46.74 -11.84
N MET F 95 -12.82 45.59 -12.05
CA MET F 95 -13.85 45.10 -11.14
C MET F 95 -13.21 44.64 -9.83
N ILE F 96 -13.56 45.25 -8.72
CA ILE F 96 -12.98 44.88 -7.41
C ILE F 96 -13.57 43.56 -6.92
N CYS F 97 -14.88 43.43 -7.10
CA CYS F 97 -15.68 42.27 -6.70
C CYS F 97 -16.99 42.44 -7.46
N GLY F 98 -17.55 41.34 -7.99
CA GLY F 98 -18.88 41.44 -8.59
C GLY F 98 -19.10 40.41 -9.67
N GLN F 99 -20.18 40.60 -10.41
CA GLN F 99 -20.65 39.56 -11.29
C GLN F 99 -20.48 39.93 -12.78
N ALA F 100 -19.95 41.12 -13.07
CA ALA F 100 -19.62 41.50 -14.43
C ALA F 100 -18.42 40.70 -14.98
N THR F 101 -18.41 40.58 -16.29
CA THR F 101 -17.29 39.98 -17.01
C THR F 101 -16.57 41.02 -17.88
N GLU F 102 -16.83 42.33 -17.66
CA GLU F 102 -16.18 43.40 -18.37
C GLU F 102 -15.92 44.55 -17.41
N ASN F 103 -14.81 45.24 -17.59
CA ASN F 103 -14.49 46.39 -16.78
C ASN F 103 -15.46 47.51 -17.12
N LEU F 104 -15.59 48.48 -16.22
CA LEU F 104 -16.46 49.60 -16.51
C LEU F 104 -15.89 50.37 -17.72
N PRO F 105 -16.60 50.58 -18.85
CA PRO F 105 -16.04 51.25 -20.03
C PRO F 105 -15.54 52.68 -19.74
N ARG F 106 -14.35 52.97 -20.24
CA ARG F 106 -13.77 54.29 -20.13
C ARG F 106 -14.20 55.17 -21.27
N VAL F 107 -14.63 56.38 -20.95
CA VAL F 107 -14.84 57.39 -22.00
C VAL F 107 -13.49 58.07 -22.25
N LEU F 108 -12.99 57.98 -23.47
CA LEU F 108 -11.75 58.59 -23.90
C LEU F 108 -11.95 60.11 -24.12
N LEU F 109 -11.16 60.89 -23.36
CA LEU F 109 -11.13 62.32 -23.38
C LEU F 109 -9.88 62.81 -24.07
N ARG F 110 -10.03 63.73 -25.02
CA ARG F 110 -8.93 64.60 -25.41
C ARG F 110 -8.89 65.81 -24.46
N TYR F 111 -7.68 66.15 -23.97
CA TYR F 111 -7.42 67.39 -23.26
C TYR F 111 -6.55 68.31 -24.14
N ASP F 112 -7.09 69.45 -24.53
CA ASP F 112 -6.46 70.52 -25.30
C ASP F 112 -5.94 71.60 -24.35
N GLU F 113 -4.62 71.70 -24.26
CA GLU F 113 -3.95 72.67 -23.40
C GLU F 113 -4.32 74.07 -23.90
N ALA F 114 -4.45 74.24 -25.22
CA ALA F 114 -4.70 75.57 -25.77
C ALA F 114 -5.95 76.27 -25.20
N SER F 115 -7.03 75.49 -24.99
CA SER F 115 -8.36 75.94 -24.63
C SER F 115 -8.77 75.48 -23.24
N ASP F 116 -8.02 74.53 -22.65
CA ASP F 116 -8.37 73.83 -21.43
C ASP F 116 -9.54 72.87 -21.53
N ALA F 117 -10.11 72.64 -22.75
CA ALA F 117 -11.17 71.74 -23.08
C ALA F 117 -10.85 70.24 -22.93
N LEU F 118 -11.89 69.59 -22.41
CA LEU F 118 -11.98 68.17 -22.28
C LEU F 118 -13.10 67.78 -23.24
N THR F 119 -12.77 66.97 -24.22
CA THR F 119 -13.71 66.49 -25.21
C THR F 119 -13.75 64.95 -25.19
N ALA F 120 -14.98 64.38 -25.09
CA ALA F 120 -15.20 62.94 -25.21
C ALA F 120 -15.13 62.57 -26.69
N VAL F 121 -14.23 61.65 -27.03
CA VAL F 121 -13.99 61.33 -28.44
C VAL F 121 -14.17 59.85 -28.77
N GLY F 122 -14.28 58.99 -27.74
CA GLY F 122 -14.48 57.58 -27.93
C GLY F 122 -14.75 56.85 -26.62
N VAL F 123 -14.86 55.52 -26.70
CA VAL F 123 -15.18 54.64 -25.57
C VAL F 123 -14.30 53.40 -25.71
N ASP F 124 -13.62 53.06 -24.62
CA ASP F 124 -12.85 51.83 -24.47
C ASP F 124 -13.66 50.84 -23.61
N GLY F 125 -14.20 49.82 -24.27
CA GLY F 125 -15.06 48.81 -23.66
C GLY F 125 -16.43 48.99 -24.34
N LEU F 126 -17.33 48.04 -24.09
CA LEU F 126 -18.67 48.06 -24.66
C LEU F 126 -19.69 48.46 -23.58
N ILE F 127 -20.40 49.56 -23.81
CA ILE F 127 -21.44 50.02 -22.92
C ILE F 127 -22.58 49.01 -22.81
N TYR F 128 -23.11 48.85 -21.60
CA TYR F 128 -24.17 47.89 -21.35
C TYR F 128 -25.30 48.09 -22.37
N GLY F 129 -25.92 47.00 -22.80
CA GLY F 129 -27.25 47.10 -23.43
C GLY F 129 -27.24 47.57 -24.86
N ARG F 130 -26.08 47.36 -25.51
CA ARG F 130 -25.85 47.91 -26.83
C ARG F 130 -25.18 46.87 -27.71
N GLN F 131 -25.55 46.89 -29.00
CA GLN F 131 -24.88 46.02 -29.98
C GLN F 131 -23.54 46.65 -30.35
N ALA F 132 -23.51 48.00 -30.34
CA ALA F 132 -22.27 48.76 -30.59
C ALA F 132 -22.34 50.04 -29.77
N ASN F 133 -21.19 50.62 -29.40
CA ASN F 133 -21.24 51.82 -28.57
C ASN F 133 -22.04 52.94 -29.23
N VAL F 134 -21.96 53.02 -30.58
CA VAL F 134 -22.65 54.01 -31.38
C VAL F 134 -23.88 53.32 -31.98
N ILE F 135 -25.08 53.76 -31.61
CA ILE F 135 -26.32 53.19 -32.13
C ILE F 135 -26.71 53.96 -33.42
N ALA G 1 -2.38 -18.85 69.30
CA ALA G 1 -3.01 -20.03 68.64
C ALA G 1 -1.90 -20.95 68.15
N PRO G 2 -1.24 -21.77 69.02
CA PRO G 2 -0.01 -22.50 68.64
C PRO G 2 -0.27 -23.43 67.45
N ASN G 3 0.66 -23.44 66.47
CA ASN G 3 0.40 -24.13 65.21
C ASN G 3 1.12 -25.48 65.17
N ASP G 4 1.73 -25.93 66.27
CA ASP G 4 2.64 -27.06 66.23
C ASP G 4 2.25 -28.17 67.22
N ARG G 5 1.02 -28.12 67.74
CA ARG G 5 0.52 -29.23 68.51
C ARG G 5 -1.01 -29.18 68.47
N ILE G 6 -1.63 -30.27 68.91
CA ILE G 6 -3.08 -30.29 69.07
C ILE G 6 -3.39 -31.00 70.40
N THR G 7 -4.56 -30.67 70.95
CA THR G 7 -5.03 -31.27 72.19
C THR G 7 -5.84 -32.49 71.79
N LEU G 8 -5.38 -33.69 72.21
CA LEU G 8 -6.13 -34.89 71.91
C LEU G 8 -7.39 -35.04 72.74
N PRO G 9 -8.45 -35.61 72.14
CA PRO G 9 -9.64 -35.94 72.90
C PRO G 9 -9.35 -37.03 73.93
N PRO G 10 -9.81 -36.83 75.17
CA PRO G 10 -9.72 -37.87 76.19
C PRO G 10 -10.47 -39.12 75.77
N ALA G 11 -10.00 -40.26 76.31
CA ALA G 11 -10.61 -41.53 76.00
C ALA G 11 -12.11 -41.48 76.22
N ASN G 12 -12.56 -40.80 77.29
CA ASN G 12 -13.97 -40.75 77.63
C ASN G 12 -14.71 -39.53 77.06
N ALA G 13 -14.10 -38.75 76.14
CA ALA G 13 -14.75 -37.58 75.55
C ALA G 13 -16.12 -37.94 74.94
N GLN G 14 -17.09 -37.03 75.05
CA GLN G 14 -18.37 -37.21 74.36
C GLN G 14 -18.12 -37.26 72.86
N ARG G 15 -18.89 -38.09 72.13
CA ARG G 15 -18.76 -38.27 70.70
C ARG G 15 -20.17 -38.28 70.10
N THR G 16 -20.42 -37.38 69.13
CA THR G 16 -21.68 -37.36 68.43
C THR G 16 -21.45 -37.52 66.94
N ASN G 17 -22.56 -37.82 66.22
CA ASN G 17 -22.49 -37.99 64.78
C ASN G 17 -22.80 -36.66 64.07
N MET G 18 -22.08 -36.39 63.00
CA MET G 18 -22.34 -35.23 62.16
C MET G 18 -22.09 -35.58 60.70
N THR G 19 -23.09 -35.34 59.87
CA THR G 19 -22.91 -35.39 58.44
C THR G 19 -22.24 -34.08 58.04
N CYS G 20 -21.36 -34.13 57.04
CA CYS G 20 -20.76 -32.92 56.52
C CYS G 20 -21.86 -31.90 56.24
N HIS G 21 -21.56 -30.65 56.59
CA HIS G 21 -22.46 -29.54 56.31
C HIS G 21 -22.75 -29.33 54.80
N PHE G 22 -21.82 -29.69 53.91
CA PHE G 22 -21.68 -29.05 52.59
C PHE G 22 -22.22 -29.97 51.47
N CYS G 23 -21.35 -30.59 50.68
CA CYS G 23 -21.79 -31.15 49.39
C CYS G 23 -22.66 -32.42 49.56
N ILE G 24 -23.32 -32.74 48.44
CA ILE G 24 -24.19 -33.91 48.29
C ILE G 24 -23.67 -35.21 48.90
N VAL G 25 -22.37 -35.45 48.80
CA VAL G 25 -21.87 -36.76 49.19
C VAL G 25 -22.27 -37.12 50.64
N GLY G 26 -22.27 -36.16 51.56
CA GLY G 26 -22.73 -36.35 52.92
C GLY G 26 -21.84 -37.29 53.70
N CYS G 27 -20.53 -37.06 53.62
CA CYS G 27 -19.52 -37.81 54.34
C CYS G 27 -19.86 -37.79 55.83
N GLY G 28 -19.64 -38.96 56.47
CA GLY G 28 -19.85 -39.00 57.89
C GLY G 28 -18.64 -38.55 58.71
N TYR G 29 -18.97 -37.88 59.81
CA TYR G 29 -17.99 -37.38 60.75
C TYR G 29 -18.43 -37.66 62.18
N HIS G 30 -17.45 -37.63 63.08
CA HIS G 30 -17.63 -37.62 64.51
C HIS G 30 -17.17 -36.28 65.09
N VAL G 31 -17.96 -35.78 66.06
CA VAL G 31 -17.62 -34.61 66.86
C VAL G 31 -17.27 -35.06 68.26
N TYR G 32 -16.00 -34.83 68.65
CA TYR G 32 -15.54 -35.03 70.02
C TYR G 32 -15.58 -33.69 70.76
N LYS G 33 -16.18 -33.71 71.96
CA LYS G 33 -16.40 -32.53 72.78
C LYS G 33 -15.95 -32.83 74.21
N TRP G 34 -15.15 -31.95 74.79
CA TRP G 34 -14.65 -32.19 76.12
C TRP G 34 -14.20 -30.90 76.74
N PRO G 35 -14.19 -30.81 78.08
CA PRO G 35 -13.78 -29.58 78.73
C PRO G 35 -12.37 -29.14 78.32
N GLU G 36 -12.25 -27.81 78.19
CA GLU G 36 -11.08 -27.17 77.63
C GLU G 36 -9.83 -27.57 78.40
N LEU G 37 -9.93 -27.83 79.70
CA LEU G 37 -8.69 -28.05 80.45
C LEU G 37 -8.40 -29.52 80.64
N GLN G 38 -9.05 -30.40 79.88
CA GLN G 38 -8.72 -31.82 79.86
C GLN G 38 -8.08 -32.14 78.51
N GLU G 39 -7.40 -33.29 78.47
CA GLU G 39 -6.89 -33.80 77.21
C GLU G 39 -6.60 -35.29 77.36
N GLY G 40 -6.52 -35.93 76.18
CA GLY G 40 -6.18 -37.33 76.08
C GLY G 40 -4.68 -37.52 76.11
N GLY G 41 -4.30 -38.78 76.35
CA GLY G 41 -2.92 -39.22 76.37
C GLY G 41 -2.53 -39.74 74.99
N ARG G 42 -1.21 -39.83 74.75
CA ARG G 42 -0.74 -40.21 73.42
C ARG G 42 -0.94 -41.70 73.19
N ALA G 43 -0.97 -42.49 74.28
CA ALA G 43 -1.15 -43.94 74.14
C ALA G 43 -2.51 -44.17 73.53
N PRO G 44 -2.67 -45.18 72.65
CA PRO G 44 -3.89 -45.30 71.86
C PRO G 44 -5.15 -45.53 72.70
N GLU G 45 -4.97 -46.23 73.84
CA GLU G 45 -6.15 -46.50 74.68
C GLU G 45 -6.42 -45.33 75.61
N GLN G 46 -5.58 -44.27 75.60
CA GLN G 46 -5.82 -43.09 76.43
C GLN G 46 -6.34 -41.88 75.65
N ASN G 47 -6.72 -42.05 74.39
CA ASN G 47 -7.39 -41.00 73.66
C ASN G 47 -8.58 -41.57 72.90
N ALA G 48 -9.53 -40.71 72.55
CA ALA G 48 -10.78 -41.14 71.95
C ALA G 48 -10.56 -41.57 70.50
N LEU G 49 -9.40 -41.23 69.88
CA LEU G 49 -9.16 -41.63 68.50
C LEU G 49 -8.70 -43.07 68.43
N GLY G 50 -8.27 -43.65 69.53
CA GLY G 50 -7.65 -44.97 69.52
C GLY G 50 -6.41 -45.00 68.64
N LEU G 51 -5.60 -43.91 68.61
CA LEU G 51 -4.44 -43.88 67.73
C LEU G 51 -3.21 -43.67 68.58
N ASP G 52 -2.07 -44.21 68.09
CA ASP G 52 -0.84 -44.22 68.86
C ASP G 52 0.05 -43.03 68.51
N PHE G 53 -0.04 -41.99 69.32
CA PHE G 53 0.70 -40.75 69.07
C PHE G 53 2.02 -40.74 69.85
N ARG G 54 2.47 -41.92 70.25
CA ARG G 54 3.76 -42.07 70.88
C ARG G 54 4.86 -42.25 69.83
N LYS G 55 4.51 -42.40 68.57
CA LYS G 55 5.41 -42.43 67.46
C LYS G 55 4.68 -42.01 66.19
N GLN G 56 5.45 -41.76 65.15
CA GLN G 56 4.86 -41.26 63.91
C GLN G 56 3.73 -42.19 63.42
N LEU G 57 2.64 -41.61 62.94
CA LEU G 57 1.60 -42.42 62.38
C LEU G 57 1.91 -42.66 60.90
N PRO G 58 1.58 -43.85 60.42
CA PRO G 58 1.66 -44.15 58.98
C PRO G 58 0.65 -43.39 58.13
N PRO G 59 0.78 -43.38 56.78
CA PRO G 59 -0.19 -42.73 55.91
C PRO G 59 -1.56 -43.40 56.05
N LEU G 60 -2.64 -42.61 55.97
CA LEU G 60 -4.02 -43.08 56.01
C LEU G 60 -4.47 -43.42 57.42
N ALA G 61 -3.66 -43.28 58.45
CA ALA G 61 -4.11 -43.61 59.78
C ALA G 61 -5.12 -42.61 60.30
N VAL G 62 -5.02 -41.36 59.83
CA VAL G 62 -5.87 -40.32 60.43
C VAL G 62 -5.97 -39.19 59.42
N THR G 63 -6.97 -38.35 59.64
CA THR G 63 -7.07 -37.05 59.04
C THR G 63 -7.28 -36.12 60.25
N LEU G 64 -6.23 -35.35 60.58
CA LEU G 64 -6.27 -34.52 61.75
C LEU G 64 -5.33 -33.33 61.58
N THR G 65 -5.90 -32.12 61.62
CA THR G 65 -5.13 -30.89 61.55
C THR G 65 -5.74 -29.90 62.51
N PRO G 66 -5.03 -28.80 62.83
CA PRO G 66 -5.63 -27.77 63.67
C PRO G 66 -6.93 -27.20 63.14
N ALA G 67 -7.09 -27.15 61.84
CA ALA G 67 -8.29 -26.63 61.25
C ALA G 67 -9.50 -27.53 61.59
N MET G 68 -9.25 -28.76 62.09
CA MET G 68 -10.30 -29.70 62.44
C MET G 68 -10.59 -29.66 63.95
N THR G 69 -10.00 -28.62 64.63
CA THR G 69 -10.23 -28.42 66.04
C THR G 69 -10.75 -27.02 66.35
N ASN G 70 -11.34 -26.87 67.54
CA ASN G 70 -11.72 -25.55 67.97
C ASN G 70 -12.00 -25.62 69.46
N VAL G 71 -12.25 -24.45 70.01
CA VAL G 71 -12.69 -24.28 71.39
C VAL G 71 -13.92 -23.41 71.35
N VAL G 72 -15.07 -23.98 71.78
CA VAL G 72 -16.33 -23.26 71.76
C VAL G 72 -16.62 -22.72 73.17
N THR G 73 -17.31 -21.59 73.21
CA THR G 73 -17.79 -21.04 74.47
C THR G 73 -19.33 -21.10 74.48
N GLU G 74 -19.89 -21.86 75.39
CA GLU G 74 -21.33 -22.16 75.36
C GLU G 74 -22.07 -21.04 76.13
N HIS G 75 -23.38 -21.17 76.14
CA HIS G 75 -24.25 -20.16 76.74
C HIS G 75 -24.08 -20.10 78.23
N ASP G 76 -23.62 -21.17 78.89
CA ASP G 76 -23.23 -21.12 80.30
C ASP G 76 -21.83 -20.52 80.57
N GLY G 77 -21.15 -20.03 79.53
CA GLY G 77 -19.83 -19.45 79.63
C GLY G 77 -18.68 -20.47 79.63
N ARG G 78 -18.95 -21.77 79.69
CA ARG G 78 -17.87 -22.75 79.80
C ARG G 78 -17.34 -23.08 78.42
N ARG G 79 -16.03 -23.34 78.41
CA ARG G 79 -15.26 -23.57 77.22
C ARG G 79 -15.03 -25.07 77.01
N TYR G 80 -15.18 -25.53 75.75
CA TYR G 80 -15.01 -26.93 75.42
C TYR G 80 -14.19 -27.09 74.13
N ASP G 81 -13.23 -27.99 74.16
CA ASP G 81 -12.54 -28.41 72.97
C ASP G 81 -13.55 -29.19 72.11
N ILE G 82 -13.45 -29.00 70.81
CA ILE G 82 -14.16 -29.84 69.87
C ILE G 82 -13.15 -30.27 68.81
N MET G 83 -13.41 -31.47 68.22
CA MET G 83 -12.58 -32.04 67.18
C MET G 83 -13.59 -32.70 66.26
N VAL G 84 -13.58 -32.30 65.00
CA VAL G 84 -14.55 -32.82 64.01
C VAL G 84 -13.81 -33.57 62.92
N VAL G 85 -13.88 -34.92 62.97
CA VAL G 85 -12.98 -35.69 62.09
C VAL G 85 -13.81 -36.76 61.39
N PRO G 86 -13.39 -37.22 60.22
CA PRO G 86 -14.20 -38.17 59.43
C PRO G 86 -14.23 -39.57 60.06
N ASP G 87 -15.35 -40.25 59.89
CA ASP G 87 -15.66 -41.53 60.45
C ASP G 87 -15.12 -42.61 59.51
N LYS G 88 -14.08 -43.34 59.96
CA LYS G 88 -13.50 -44.43 59.17
C LYS G 88 -14.50 -45.53 58.79
N ALA G 89 -15.55 -45.71 59.58
CA ALA G 89 -16.45 -46.84 59.33
C ALA G 89 -17.70 -46.43 58.56
N CYS G 90 -17.83 -45.14 58.20
CA CYS G 90 -18.94 -44.73 57.37
C CYS G 90 -18.71 -45.19 55.94
N VAL G 91 -19.71 -45.91 55.40
CA VAL G 91 -19.63 -46.41 54.05
C VAL G 91 -19.46 -45.34 52.98
N VAL G 92 -19.93 -44.13 53.22
CA VAL G 92 -19.92 -43.13 52.19
C VAL G 92 -18.50 -42.76 51.83
N ASN G 93 -17.70 -42.42 52.88
CA ASN G 93 -16.40 -41.80 52.74
C ASN G 93 -15.27 -42.65 53.33
N SER G 94 -15.55 -43.72 54.09
CA SER G 94 -14.51 -44.59 54.62
C SER G 94 -13.37 -43.80 55.25
N GLY G 95 -13.70 -42.77 56.06
CA GLY G 95 -12.74 -41.94 56.73
C GLY G 95 -12.10 -40.80 55.92
N LEU G 96 -12.45 -40.63 54.63
CA LEU G 96 -12.04 -39.45 53.88
C LEU G 96 -12.75 -38.17 54.35
N SER G 97 -12.00 -37.07 54.27
CA SER G 97 -12.53 -35.72 54.45
C SER G 97 -12.09 -34.85 53.30
N SER G 98 -13.01 -34.09 52.65
CA SER G 98 -12.62 -33.09 51.70
C SER G 98 -12.01 -31.89 52.45
N THR G 99 -11.36 -31.02 51.69
CA THR G 99 -10.86 -29.75 52.19
C THR G 99 -11.98 -28.88 52.75
N ARG G 100 -13.19 -29.07 52.20
CA ARG G 100 -14.35 -28.29 52.61
C ARG G 100 -14.93 -28.81 53.94
N GLY G 101 -15.22 -30.12 53.99
CA GLY G 101 -15.72 -30.74 55.24
C GLY G 101 -14.72 -30.67 56.36
N GLY G 102 -13.44 -30.76 55.97
CA GLY G 102 -12.35 -30.73 56.94
C GLY G 102 -12.34 -29.47 57.74
N LYS G 103 -12.83 -28.35 57.18
CA LYS G 103 -12.87 -27.12 57.95
C LYS G 103 -14.04 -26.94 58.90
N MET G 104 -14.95 -27.91 59.01
CA MET G 104 -16.13 -27.73 59.84
C MET G 104 -15.78 -27.20 61.23
N ALA G 105 -14.84 -27.80 61.92
CA ALA G 105 -14.54 -27.33 63.26
C ALA G 105 -14.24 -25.81 63.29
N SER G 106 -13.50 -25.34 62.28
CA SER G 106 -13.06 -23.95 62.21
C SER G 106 -14.26 -23.04 61.94
N TYR G 107 -15.32 -23.60 61.31
CA TYR G 107 -16.45 -22.84 60.89
C TYR G 107 -17.61 -23.02 61.86
N MET G 108 -17.41 -23.79 62.95
CA MET G 108 -18.33 -23.71 64.07
C MET G 108 -18.20 -22.30 64.68
N TYR G 109 -19.27 -21.87 65.35
CA TYR G 109 -19.29 -20.55 65.94
C TYR G 109 -18.39 -20.51 67.17
N THR G 110 -17.46 -19.55 67.20
CA THR G 110 -16.77 -19.17 68.43
C THR G 110 -16.65 -17.65 68.42
N PRO G 111 -16.61 -16.99 69.59
CA PRO G 111 -16.51 -15.52 69.65
C PRO G 111 -15.25 -14.91 69.02
N THR G 112 -14.16 -15.68 68.81
CA THR G 112 -12.94 -15.09 68.31
C THR G 112 -12.42 -15.74 67.03
N GLY G 113 -13.09 -16.79 66.53
CA GLY G 113 -12.63 -17.52 65.39
C GLY G 113 -13.25 -17.02 64.08
N ASP G 114 -13.24 -17.91 63.09
CA ASP G 114 -13.74 -17.60 61.75
C ASP G 114 -15.22 -17.28 61.78
N GLY G 115 -15.94 -17.73 62.82
CA GLY G 115 -17.35 -17.57 62.93
C GLY G 115 -17.75 -16.32 63.72
N LYS G 116 -16.74 -15.49 64.04
CA LYS G 116 -16.89 -14.36 64.95
C LYS G 116 -18.07 -13.46 64.50
N GLN G 117 -18.34 -13.34 63.20
CA GLN G 117 -19.27 -12.32 62.74
C GLN G 117 -20.66 -12.98 62.49
N ARG G 118 -20.89 -14.15 63.05
CA ARG G 118 -22.19 -14.79 62.98
C ARG G 118 -23.25 -13.80 63.49
N LEU G 119 -24.41 -13.83 62.84
CA LEU G 119 -25.57 -13.10 63.32
C LEU G 119 -26.00 -13.70 64.66
N LYS G 120 -26.12 -12.84 65.67
CA LYS G 120 -26.40 -13.23 67.06
C LYS G 120 -27.74 -12.70 67.58
N ALA G 121 -28.31 -11.77 66.84
CA ALA G 121 -29.53 -11.11 67.25
C ALA G 121 -30.10 -10.47 65.99
N PRO G 122 -31.40 -10.12 66.01
CA PRO G 122 -32.02 -9.35 64.92
C PRO G 122 -31.25 -8.05 64.70
N ARG G 123 -30.97 -7.74 63.42
CA ARG G 123 -30.41 -6.48 62.95
C ARG G 123 -31.46 -5.74 62.11
N LEU G 124 -31.55 -4.44 62.38
CA LEU G 124 -32.49 -3.54 61.76
C LEU G 124 -31.71 -2.39 61.13
N TYR G 125 -32.01 -2.05 59.88
CA TYR G 125 -31.53 -0.84 59.27
C TYR G 125 -32.59 0.22 59.55
N ALA G 126 -32.35 0.98 60.62
CA ALA G 126 -33.32 1.96 61.05
C ALA G 126 -33.09 3.25 60.26
N ALA G 127 -33.40 3.15 58.95
CA ALA G 127 -33.41 4.26 58.01
C ALA G 127 -32.02 4.70 57.53
N ASP G 128 -31.07 4.88 58.47
CA ASP G 128 -29.77 5.45 58.15
C ASP G 128 -28.61 4.81 58.95
N GLN G 129 -28.85 3.63 59.58
CA GLN G 129 -27.80 2.98 60.35
C GLN G 129 -28.30 1.59 60.75
N TRP G 130 -27.35 0.64 60.81
CA TRP G 130 -27.55 -0.68 61.39
C TRP G 130 -27.58 -0.64 62.91
N VAL G 131 -28.65 -1.24 63.46
CA VAL G 131 -28.72 -1.43 64.92
C VAL G 131 -29.21 -2.84 65.25
N ASP G 132 -29.06 -3.20 66.54
CA ASP G 132 -29.70 -4.39 67.05
C ASP G 132 -31.17 -4.09 67.29
N THR G 133 -32.02 -5.10 67.19
CA THR G 133 -33.38 -4.96 67.71
C THR G 133 -33.81 -6.29 68.35
N THR G 134 -34.95 -6.29 69.04
CA THR G 134 -35.45 -7.47 69.74
C THR G 134 -36.16 -8.36 68.73
N TRP G 135 -36.23 -9.63 69.06
CA TRP G 135 -37.05 -10.55 68.29
C TRP G 135 -38.51 -10.15 68.21
N ASP G 136 -39.09 -9.67 69.32
CA ASP G 136 -40.48 -9.29 69.34
C ASP G 136 -40.69 -8.11 68.41
N HIS G 137 -39.82 -7.09 68.46
CA HIS G 137 -39.95 -5.95 67.54
C HIS G 137 -39.81 -6.42 66.07
N ALA G 138 -38.78 -7.25 65.82
CA ALA G 138 -38.56 -7.75 64.47
C ALA G 138 -39.81 -8.48 63.93
N MET G 139 -40.43 -9.32 64.76
CA MET G 139 -41.62 -10.05 64.36
C MET G 139 -42.80 -9.07 64.18
N ALA G 140 -42.90 -8.05 65.04
CA ALA G 140 -43.97 -7.06 64.92
C ALA G 140 -43.88 -6.33 63.59
N LEU G 141 -42.65 -5.97 63.17
CA LEU G 141 -42.44 -5.31 61.90
C LEU G 141 -42.65 -6.25 60.70
N TYR G 142 -42.06 -7.46 60.80
CA TYR G 142 -42.06 -8.38 59.66
C TYR G 142 -43.45 -9.01 59.45
N ALA G 143 -44.00 -9.62 60.51
CA ALA G 143 -45.36 -10.16 60.46
C ALA G 143 -46.33 -9.00 60.20
N GLY G 144 -46.12 -7.81 60.76
CA GLY G 144 -47.01 -6.67 60.55
C GLY G 144 -47.17 -6.30 59.08
N LEU G 145 -46.05 -6.28 58.37
CA LEU G 145 -46.04 -6.01 56.95
C LEU G 145 -46.63 -7.13 56.11
N ILE G 146 -46.37 -8.37 56.49
CA ILE G 146 -46.94 -9.50 55.77
C ILE G 146 -48.44 -9.40 55.95
N LYS G 147 -48.88 -9.15 57.19
CA LYS G 147 -50.31 -9.10 57.45
C LYS G 147 -50.97 -7.97 56.65
N LYS G 148 -50.33 -6.80 56.65
CA LYS G 148 -50.88 -5.68 55.92
C LYS G 148 -50.93 -6.01 54.43
N THR G 149 -49.90 -6.70 53.89
CA THR G 149 -49.88 -7.06 52.47
C THR G 149 -50.99 -8.09 52.19
N LEU G 150 -51.14 -9.10 53.05
CA LEU G 150 -52.19 -10.08 52.89
C LEU G 150 -53.55 -9.38 52.86
N ASP G 151 -53.74 -8.48 53.82
CA ASP G 151 -55.04 -7.83 54.01
C ASP G 151 -55.40 -6.96 52.82
N LYS G 152 -54.42 -6.31 52.18
CA LYS G 152 -54.70 -5.35 51.11
C LYS G 152 -54.39 -5.90 49.72
N ASP G 153 -53.33 -6.71 49.56
CA ASP G 153 -52.96 -7.16 48.23
C ASP G 153 -53.16 -8.67 48.07
N GLY G 154 -53.30 -9.40 49.17
CA GLY G 154 -53.27 -10.84 49.14
C GLY G 154 -51.85 -11.39 49.04
N PRO G 155 -51.73 -12.73 48.97
CA PRO G 155 -50.41 -13.39 49.00
C PRO G 155 -49.42 -12.97 47.93
N GLN G 156 -49.95 -12.51 46.81
CA GLN G 156 -49.15 -12.15 45.64
C GLN G 156 -48.16 -11.02 46.01
N GLY G 157 -48.38 -10.33 47.14
CA GLY G 157 -47.54 -9.21 47.52
C GLY G 157 -46.30 -9.62 48.37
N VAL G 158 -46.25 -10.88 48.81
CA VAL G 158 -45.23 -11.41 49.69
C VAL G 158 -44.36 -12.38 48.91
N PHE G 159 -43.08 -12.04 48.76
CA PHE G 159 -42.10 -12.78 47.97
C PHE G 159 -41.06 -13.43 48.86
N PHE G 160 -40.57 -14.59 48.39
CA PHE G 160 -39.49 -15.27 49.05
C PHE G 160 -38.56 -15.82 47.97
N SER G 161 -37.28 -15.82 48.29
CA SER G 161 -36.37 -16.79 47.70
C SER G 161 -35.81 -17.64 48.86
N CYS G 162 -35.99 -18.98 48.80
CA CYS G 162 -35.69 -19.83 49.93
C CYS G 162 -34.94 -21.07 49.45
N PHE G 163 -34.04 -21.58 50.29
CA PHE G 163 -33.45 -22.90 50.10
C PHE G 163 -34.58 -23.93 49.87
N ASP G 164 -34.27 -24.96 49.07
CA ASP G 164 -35.08 -26.19 49.04
C ASP G 164 -34.23 -27.46 49.31
N HIS G 165 -32.99 -27.25 49.75
CA HIS G 165 -31.99 -28.30 49.78
C HIS G 165 -31.87 -28.92 51.14
N GLY G 166 -30.92 -29.89 51.21
CA GLY G 166 -30.52 -30.55 52.44
C GLY G 166 -29.25 -29.94 53.07
N GLY G 167 -28.69 -30.69 54.03
CA GLY G 167 -27.54 -30.27 54.79
C GLY G 167 -27.75 -28.92 55.51
N ALA G 168 -26.63 -28.22 55.80
CA ALA G 168 -26.67 -26.99 56.54
C ALA G 168 -27.41 -25.96 55.72
N GLY G 169 -28.32 -25.24 56.40
CA GLY G 169 -29.14 -24.26 55.72
C GLY G 169 -30.23 -24.96 54.88
N GLY G 170 -30.57 -26.20 55.29
CA GLY G 170 -31.65 -26.94 54.64
C GLY G 170 -32.07 -28.11 55.52
N GLY G 171 -32.54 -29.19 54.86
CA GLY G 171 -32.90 -30.42 55.52
C GLY G 171 -34.39 -30.53 55.79
N PHE G 172 -34.77 -31.73 56.24
CA PHE G 172 -36.19 -32.10 56.26
C PHE G 172 -37.01 -31.26 57.24
N GLU G 173 -36.40 -30.89 58.40
CA GLU G 173 -37.10 -30.04 59.37
C GLU G 173 -37.31 -28.66 58.75
N ASN G 174 -36.25 -28.13 58.14
CA ASN G 174 -36.18 -26.76 57.70
C ASN G 174 -37.00 -26.53 56.43
N THR G 175 -36.95 -27.44 55.47
CA THR G 175 -37.72 -27.28 54.23
C THR G 175 -39.20 -27.42 54.58
N TRP G 176 -39.58 -28.27 55.55
CA TRP G 176 -40.97 -28.40 55.96
C TRP G 176 -41.43 -27.10 56.64
N GLY G 177 -40.62 -26.57 57.56
CA GLY G 177 -41.01 -25.40 58.33
C GLY G 177 -41.28 -24.23 57.39
N THR G 178 -40.32 -24.01 56.47
CA THR G 178 -40.41 -22.90 55.54
C THR G 178 -41.56 -23.15 54.56
N GLY G 179 -41.68 -24.38 54.06
CA GLY G 179 -42.71 -24.68 53.06
C GLY G 179 -44.14 -24.55 53.61
N LYS G 180 -44.31 -25.03 54.85
CA LYS G 180 -45.57 -24.90 55.57
C LYS G 180 -45.95 -23.44 55.73
N LEU G 181 -44.94 -22.60 56.13
CA LEU G 181 -45.18 -21.18 56.32
C LEU G 181 -45.56 -20.51 55.00
N MET G 182 -44.81 -20.79 53.93
CA MET G 182 -44.94 -20.05 52.69
C MET G 182 -46.20 -20.52 51.95
N PHE G 183 -46.40 -21.84 51.94
CA PHE G 183 -47.40 -22.45 51.07
C PHE G 183 -48.75 -22.70 51.77
N SER G 184 -48.76 -23.16 53.03
CA SER G 184 -50.01 -23.55 53.65
C SER G 184 -50.55 -22.38 54.48
N ALA G 185 -49.68 -21.55 55.04
CA ALA G 185 -50.12 -20.50 55.95
C ALA G 185 -50.30 -19.16 55.23
N ILE G 186 -49.20 -18.53 54.78
CA ILE G 186 -49.26 -17.32 53.98
C ILE G 186 -49.97 -17.61 52.66
N GLN G 187 -49.69 -18.79 52.09
CA GLN G 187 -50.20 -19.24 50.80
C GLN G 187 -49.73 -18.35 49.65
N THR G 188 -48.44 -18.00 49.62
CA THR G 188 -47.92 -17.23 48.51
C THR G 188 -47.35 -18.16 47.44
N PRO G 189 -47.69 -17.89 46.16
CA PRO G 189 -47.00 -18.47 45.00
C PRO G 189 -45.74 -17.69 44.58
N MET G 190 -45.42 -16.57 45.26
CA MET G 190 -44.36 -15.70 44.80
C MET G 190 -43.07 -16.17 45.47
N VAL G 191 -42.62 -17.37 45.08
CA VAL G 191 -41.56 -18.08 45.77
C VAL G 191 -40.63 -18.65 44.69
N ARG G 192 -39.36 -18.30 44.82
CA ARG G 192 -38.35 -18.99 44.08
C ARG G 192 -37.44 -19.79 45.01
N ILE G 193 -36.47 -20.48 44.37
CA ILE G 193 -35.62 -21.44 45.03
C ILE G 193 -34.21 -20.83 45.05
N HIS G 194 -33.36 -21.32 45.94
CA HIS G 194 -32.05 -20.70 46.21
C HIS G 194 -31.23 -20.61 44.91
N ASN G 195 -31.32 -21.61 44.02
CA ASN G 195 -30.45 -21.67 42.84
C ASN G 195 -31.21 -21.46 41.51
N ARG G 196 -32.52 -21.15 41.55
CA ARG G 196 -33.26 -20.98 40.31
C ARG G 196 -34.48 -20.08 40.51
N PRO G 197 -34.78 -19.22 39.54
CA PRO G 197 -35.68 -18.07 39.78
C PRO G 197 -37.20 -18.31 39.67
N ALA G 198 -37.59 -19.55 39.87
CA ALA G 198 -39.00 -19.90 39.95
C ALA G 198 -39.14 -21.14 40.84
N TYR G 199 -40.39 -21.56 41.07
CA TYR G 199 -40.69 -22.75 41.81
C TYR G 199 -40.79 -23.92 40.83
N ASN G 200 -39.67 -24.57 40.63
CA ASN G 200 -39.54 -25.57 39.60
C ASN G 200 -38.58 -26.67 40.02
N SER G 201 -38.26 -27.53 39.07
CA SER G 201 -37.30 -28.62 39.28
C SER G 201 -36.16 -28.51 38.29
N GLU G 202 -34.99 -29.02 38.70
CA GLU G 202 -33.84 -29.19 37.81
C GLU G 202 -34.03 -30.35 36.85
N CYS G 203 -35.04 -31.21 37.12
CA CYS G 203 -35.12 -32.54 36.54
C CYS G 203 -36.55 -32.82 36.07
N HIS G 204 -37.21 -31.84 35.46
CA HIS G 204 -38.55 -32.04 34.94
C HIS G 204 -38.62 -33.20 33.94
N ALA G 205 -37.72 -33.20 32.96
CA ALA G 205 -37.78 -34.19 31.89
C ALA G 205 -37.57 -35.62 32.41
N THR G 206 -36.48 -35.86 33.18
CA THR G 206 -36.19 -37.21 33.64
C THR G 206 -37.35 -37.68 34.50
N ARG G 207 -37.90 -36.76 35.30
CA ARG G 207 -38.99 -37.18 36.17
C ARG G 207 -40.23 -37.56 35.34
N GLU G 208 -40.56 -36.72 34.36
CA GLU G 208 -41.71 -36.94 33.50
C GLU G 208 -41.49 -38.20 32.68
N MET G 209 -40.24 -38.60 32.41
CA MET G 209 -40.00 -39.80 31.63
C MET G 209 -40.12 -41.06 32.49
N GLY G 210 -40.21 -40.82 33.82
CA GLY G 210 -40.44 -41.86 34.79
C GLY G 210 -39.25 -42.18 35.67
N ILE G 211 -38.19 -41.37 35.56
CA ILE G 211 -36.92 -41.68 36.22
C ILE G 211 -36.52 -40.51 37.13
N GLY G 212 -36.80 -40.70 38.43
CA GLY G 212 -36.28 -39.79 39.43
C GLY G 212 -34.74 -39.79 39.40
N GLU G 213 -34.15 -38.63 39.63
CA GLU G 213 -32.75 -38.34 39.34
C GLU G 213 -31.79 -38.98 40.35
N LEU G 214 -32.27 -39.47 41.49
CA LEU G 214 -31.38 -40.15 42.39
C LEU G 214 -31.81 -41.60 42.50
N ASN G 215 -31.42 -42.44 41.53
CA ASN G 215 -32.00 -43.75 41.35
C ASN G 215 -31.03 -44.88 41.64
N ASN G 216 -29.79 -44.61 42.13
CA ASN G 216 -28.87 -45.74 42.38
C ASN G 216 -28.21 -45.59 43.73
N ALA G 217 -27.19 -46.44 43.95
CA ALA G 217 -26.37 -46.38 45.14
C ALA G 217 -24.97 -45.93 44.71
N TYR G 218 -24.19 -45.46 45.69
CA TYR G 218 -22.79 -45.19 45.43
C TYR G 218 -22.04 -46.46 45.04
N GLU G 219 -22.47 -47.59 45.60
CA GLU G 219 -21.94 -48.91 45.22
C GLU G 219 -22.03 -49.18 43.71
N ASP G 220 -23.05 -48.67 43.02
CA ASP G 220 -23.16 -48.82 41.58
C ASP G 220 -21.93 -48.24 40.87
N ALA G 221 -21.31 -47.16 41.40
CA ALA G 221 -20.10 -46.63 40.79
C ALA G 221 -18.97 -47.62 40.90
N GLN G 222 -19.00 -48.45 41.94
CA GLN G 222 -18.02 -49.51 42.06
C GLN G 222 -18.23 -50.70 41.12
N LEU G 223 -19.48 -50.93 40.68
CA LEU G 223 -19.81 -52.11 39.90
C LEU G 223 -19.79 -51.80 38.40
N ALA G 224 -19.76 -50.50 38.03
CA ALA G 224 -19.86 -50.10 36.62
C ALA G 224 -18.68 -50.61 35.77
N ASP G 225 -18.96 -50.91 34.50
CA ASP G 225 -17.92 -51.03 33.50
C ASP G 225 -17.42 -49.64 33.04
N VAL G 226 -18.37 -48.69 32.89
CA VAL G 226 -18.03 -47.39 32.34
C VAL G 226 -18.79 -46.38 33.18
N ILE G 227 -18.12 -45.29 33.53
CA ILE G 227 -18.81 -44.15 34.14
C ILE G 227 -18.74 -42.97 33.16
N TRP G 228 -19.91 -42.38 32.86
CA TRP G 228 -20.00 -41.07 32.23
C TRP G 228 -20.11 -39.99 33.30
N SER G 229 -19.32 -38.93 33.17
CA SER G 229 -19.48 -37.72 33.94
C SER G 229 -19.81 -36.57 32.98
N ILE G 230 -21.06 -36.13 32.98
CA ILE G 230 -21.62 -35.22 32.00
C ILE G 230 -21.94 -33.86 32.63
N GLY G 231 -21.23 -32.81 32.20
CA GLY G 231 -21.45 -31.48 32.79
C GLY G 231 -21.10 -31.47 34.27
N ASN G 232 -19.90 -32.05 34.58
CA ASN G 232 -19.61 -32.44 35.95
C ASN G 232 -18.08 -32.43 36.19
N ASN G 233 -17.68 -31.87 37.33
CA ASN G 233 -16.28 -31.85 37.73
C ASN G 233 -16.07 -32.52 39.10
N PRO G 234 -16.30 -33.86 39.18
CA PRO G 234 -16.52 -34.53 40.48
C PRO G 234 -15.39 -34.53 41.48
N TYR G 235 -14.14 -34.54 41.02
CA TYR G 235 -13.05 -34.45 41.99
C TYR G 235 -13.23 -33.20 42.86
N GLU G 236 -13.60 -32.09 42.21
CA GLU G 236 -13.77 -30.83 42.90
C GLU G 236 -15.14 -30.67 43.57
N SER G 237 -16.22 -31.19 42.96
CA SER G 237 -17.59 -30.92 43.39
C SER G 237 -18.30 -32.07 44.12
N GLN G 238 -17.81 -33.32 44.02
CA GLN G 238 -18.34 -34.47 44.75
C GLN G 238 -17.17 -35.36 45.18
N THR G 239 -16.18 -34.71 45.81
CA THR G 239 -14.83 -35.24 46.00
C THR G 239 -14.85 -36.68 46.44
N ASN G 240 -15.46 -37.00 47.57
CA ASN G 240 -15.24 -38.29 48.18
C ASN G 240 -16.15 -39.37 47.55
N TYR G 241 -17.15 -39.01 46.73
CA TYR G 241 -17.81 -40.00 45.87
C TYR G 241 -16.79 -40.45 44.85
N PHE G 242 -16.20 -39.47 44.19
CA PHE G 242 -15.12 -39.75 43.23
C PHE G 242 -13.98 -40.54 43.88
N LEU G 243 -13.46 -40.11 45.04
CA LEU G 243 -12.26 -40.71 45.59
C LEU G 243 -12.52 -42.10 46.16
N ASN G 244 -13.67 -42.31 46.82
CA ASN G 244 -13.90 -43.50 47.61
C ASN G 244 -14.68 -44.56 46.79
N HIS G 245 -15.30 -44.20 45.67
CA HIS G 245 -16.14 -45.14 44.89
C HIS G 245 -15.66 -45.24 43.44
N TRP G 246 -15.43 -44.09 42.78
CA TRP G 246 -15.09 -44.12 41.37
C TRP G 246 -13.67 -44.62 41.17
N LEU G 247 -12.74 -44.06 41.93
CA LEU G 247 -11.34 -44.32 41.67
C LEU G 247 -11.02 -45.80 41.99
N PRO G 248 -11.53 -46.40 43.09
CA PRO G 248 -11.25 -47.80 43.34
C PRO G 248 -11.71 -48.72 42.21
N ASN G 249 -12.75 -48.31 41.51
CA ASN G 249 -13.21 -49.04 40.33
C ASN G 249 -12.15 -48.91 39.24
N LEU G 250 -11.80 -47.67 38.88
CA LEU G 250 -10.77 -47.45 37.88
C LEU G 250 -9.47 -48.19 38.23
N GLN G 251 -9.12 -48.29 39.51
CA GLN G 251 -7.89 -48.96 39.92
C GLN G 251 -7.96 -50.49 39.93
N GLY G 252 -9.14 -51.11 39.72
CA GLY G 252 -9.28 -52.55 39.71
C GLY G 252 -9.60 -53.13 41.08
N ALA G 253 -9.86 -52.32 42.09
CA ALA G 253 -10.00 -52.84 43.44
C ALA G 253 -11.41 -53.44 43.64
N THR G 254 -12.34 -53.20 42.72
CA THR G 254 -13.70 -53.72 42.84
C THR G 254 -13.96 -54.85 41.84
N THR G 255 -12.97 -55.26 41.04
CA THR G 255 -13.18 -56.29 40.04
C THR G 255 -13.67 -57.60 40.67
N SER G 256 -13.10 -58.01 41.80
CA SER G 256 -13.52 -59.21 42.51
C SER G 256 -15.00 -59.19 42.81
N LYS G 257 -15.46 -58.06 43.29
CA LYS G 257 -16.83 -57.97 43.74
C LYS G 257 -17.80 -58.06 42.52
N LYS G 258 -17.48 -57.42 41.38
CA LYS G 258 -18.27 -57.57 40.18
C LYS G 258 -18.39 -59.07 39.81
N LYS G 259 -17.24 -59.75 39.77
CA LYS G 259 -17.19 -61.14 39.35
C LYS G 259 -17.90 -62.05 40.33
N GLU G 260 -17.92 -61.71 41.60
CA GLU G 260 -18.66 -62.47 42.59
C GLU G 260 -20.17 -62.34 42.38
N ARG G 261 -20.63 -61.13 42.04
CA ARG G 261 -22.04 -60.93 41.82
C ARG G 261 -22.52 -61.55 40.51
N PHE G 262 -21.65 -61.53 39.48
CA PHE G 262 -22.00 -61.94 38.13
C PHE G 262 -20.97 -62.94 37.63
N PRO G 263 -21.12 -64.23 38.00
CA PRO G 263 -20.14 -65.24 37.67
C PRO G 263 -19.86 -65.48 36.19
N ASN G 264 -20.83 -65.17 35.32
CA ASN G 264 -20.72 -65.49 33.91
C ASN G 264 -20.69 -64.23 33.02
N GLU G 265 -20.11 -63.17 33.59
CA GLU G 265 -19.99 -61.89 32.90
C GLU G 265 -18.53 -61.39 32.90
N ASN G 266 -18.04 -61.00 31.72
CA ASN G 266 -16.74 -60.38 31.58
C ASN G 266 -16.78 -58.97 32.16
N PHE G 267 -15.70 -58.63 32.86
CA PHE G 267 -15.54 -57.29 33.41
C PHE G 267 -14.19 -56.77 32.94
N PRO G 268 -14.10 -55.98 31.85
CA PRO G 268 -12.84 -55.36 31.46
C PRO G 268 -12.45 -54.29 32.48
N GLN G 269 -11.24 -53.79 32.34
CA GLN G 269 -10.85 -52.63 33.10
C GLN G 269 -11.87 -51.53 32.94
N ALA G 270 -12.21 -50.86 34.06
CA ALA G 270 -13.20 -49.81 33.94
C ALA G 270 -12.66 -48.62 33.16
N ARG G 271 -13.59 -47.90 32.51
CA ARG G 271 -13.24 -46.69 31.79
C ARG G 271 -14.17 -45.56 32.18
N ILE G 272 -13.81 -44.33 31.80
CA ILE G 272 -14.52 -43.14 32.22
C ILE G 272 -14.56 -42.17 31.05
N ILE G 273 -15.75 -41.57 30.84
CA ILE G 273 -15.99 -40.64 29.78
C ILE G 273 -16.48 -39.33 30.41
N PHE G 274 -15.83 -38.22 30.05
CA PHE G 274 -16.27 -36.92 30.47
C PHE G 274 -16.84 -36.12 29.32
N VAL G 275 -18.05 -35.58 29.48
CA VAL G 275 -18.59 -34.65 28.51
C VAL G 275 -18.58 -33.27 29.14
N ASP G 276 -17.62 -32.47 28.67
CA ASP G 276 -17.34 -31.20 29.31
C ASP G 276 -16.53 -30.41 28.31
N PRO G 277 -16.97 -29.21 27.92
CA PRO G 277 -16.17 -28.36 27.06
C PRO G 277 -14.78 -28.10 27.63
N ARG G 278 -14.63 -28.11 28.94
CA ARG G 278 -13.38 -27.73 29.58
C ARG G 278 -12.65 -28.99 30.09
N GLU G 279 -11.31 -28.94 29.98
CA GLU G 279 -10.44 -29.94 30.55
C GLU G 279 -10.20 -29.59 32.02
N THR G 280 -10.81 -30.37 32.91
CA THR G 280 -10.82 -30.09 34.34
C THR G 280 -9.83 -30.92 35.11
N PRO G 281 -9.62 -30.54 36.39
CA PRO G 281 -8.89 -31.39 37.34
C PRO G 281 -9.41 -32.83 37.31
N SER G 282 -10.73 -33.04 37.16
CA SER G 282 -11.27 -34.40 37.17
C SER G 282 -10.72 -35.20 35.97
N VAL G 283 -10.72 -34.59 34.77
CA VAL G 283 -10.12 -35.23 33.61
C VAL G 283 -8.67 -35.61 33.86
N ALA G 284 -7.87 -34.64 34.37
CA ALA G 284 -6.46 -34.86 34.61
C ALA G 284 -6.25 -36.01 35.58
N ILE G 285 -7.02 -36.03 36.68
CA ILE G 285 -6.79 -37.03 37.71
C ILE G 285 -7.23 -38.39 37.18
N ALA G 286 -8.34 -38.45 36.44
CA ALA G 286 -8.76 -39.71 35.85
C ALA G 286 -7.62 -40.28 34.98
N ARG G 287 -6.98 -39.43 34.18
CA ARG G 287 -5.90 -39.92 33.31
C ARG G 287 -4.67 -40.38 34.10
N HIS G 288 -4.33 -39.68 35.18
CA HIS G 288 -3.27 -40.12 36.06
C HIS G 288 -3.55 -41.49 36.66
N VAL G 289 -4.80 -41.75 37.04
CA VAL G 289 -5.17 -42.99 37.74
C VAL G 289 -5.29 -44.12 36.73
N ALA G 290 -6.02 -43.91 35.64
CA ALA G 290 -6.47 -45.02 34.81
C ALA G 290 -5.63 -45.13 33.55
N GLY G 291 -4.87 -44.08 33.20
CA GLY G 291 -4.14 -44.02 31.95
C GLY G 291 -4.94 -43.27 30.90
N ASN G 292 -4.27 -42.70 29.91
CA ASN G 292 -4.94 -41.94 28.88
C ASN G 292 -5.87 -42.85 28.10
N ASP G 293 -5.56 -44.15 27.99
CA ASP G 293 -6.32 -45.05 27.12
C ASP G 293 -7.69 -45.46 27.66
N ARG G 294 -7.91 -45.24 28.96
CA ARG G 294 -9.14 -45.60 29.66
C ARG G 294 -9.98 -44.35 30.00
N VAL G 295 -9.55 -43.18 29.54
CA VAL G 295 -10.31 -41.95 29.69
C VAL G 295 -10.62 -41.38 28.32
N LEU G 296 -11.89 -41.00 28.13
CA LEU G 296 -12.28 -40.26 26.94
C LEU G 296 -12.89 -38.91 27.36
N HIS G 297 -12.22 -37.81 27.00
CA HIS G 297 -12.73 -36.46 27.20
C HIS G 297 -13.37 -35.97 25.92
N LEU G 298 -14.74 -35.97 25.91
CA LEU G 298 -15.52 -35.36 24.85
C LEU G 298 -15.67 -33.89 25.14
N ALA G 299 -14.74 -33.12 24.57
CA ALA G 299 -14.59 -31.71 24.81
C ALA G 299 -15.51 -31.00 23.82
N ILE G 300 -16.80 -31.14 24.07
CA ILE G 300 -17.81 -30.60 23.17
C ILE G 300 -17.77 -29.07 23.20
N GLU G 301 -18.25 -28.51 22.11
CA GLU G 301 -18.58 -27.11 22.00
C GLU G 301 -19.62 -26.81 23.06
N PRO G 302 -19.49 -25.63 23.71
CA PRO G 302 -20.50 -25.21 24.68
C PRO G 302 -21.92 -25.36 24.14
N GLY G 303 -22.82 -25.93 24.95
CA GLY G 303 -24.24 -25.97 24.66
C GLY G 303 -24.65 -27.03 23.63
N THR G 304 -23.76 -27.96 23.27
CA THR G 304 -24.07 -28.94 22.23
C THR G 304 -24.41 -30.35 22.74
N ASP G 305 -24.70 -30.52 24.04
CA ASP G 305 -25.01 -31.81 24.61
C ASP G 305 -26.15 -32.54 23.89
N THR G 306 -27.19 -31.82 23.53
CA THR G 306 -28.36 -32.43 22.90
C THR G 306 -27.93 -33.09 21.59
N ALA G 307 -27.08 -32.39 20.82
CA ALA G 307 -26.60 -32.95 19.56
C ALA G 307 -25.75 -34.19 19.81
N LEU G 308 -24.89 -34.13 20.83
CA LEU G 308 -24.11 -35.29 21.20
C LEU G 308 -24.99 -36.51 21.49
N PHE G 309 -25.98 -36.39 22.40
CA PHE G 309 -26.73 -37.55 22.82
C PHE G 309 -27.64 -38.06 21.68
N ASN G 310 -28.15 -37.15 20.84
CA ASN G 310 -28.95 -37.57 19.69
C ASN G 310 -28.09 -38.35 18.71
N GLY G 311 -26.84 -37.93 18.49
CA GLY G 311 -25.96 -38.64 17.57
C GLY G 311 -25.61 -40.03 18.14
N LEU G 312 -25.36 -40.10 19.45
CA LEU G 312 -25.06 -41.39 20.08
C LEU G 312 -26.26 -42.32 20.08
N PHE G 313 -27.41 -41.76 20.39
CA PHE G 313 -28.64 -42.54 20.38
C PHE G 313 -28.92 -43.08 18.98
N THR G 314 -28.76 -42.23 17.98
CA THR G 314 -28.95 -42.65 16.61
C THR G 314 -28.05 -43.85 16.29
N TYR G 315 -26.79 -43.71 16.68
CA TYR G 315 -25.80 -44.71 16.33
C TYR G 315 -26.07 -46.05 17.02
N VAL G 316 -26.31 -46.07 18.36
CA VAL G 316 -26.51 -47.32 19.06
C VAL G 316 -27.78 -48.02 18.47
N VAL G 317 -28.80 -47.25 18.14
CA VAL G 317 -29.95 -47.81 17.45
C VAL G 317 -29.56 -48.42 16.09
N GLU G 318 -28.84 -47.70 15.23
CA GLU G 318 -28.43 -48.24 13.94
C GLU G 318 -27.55 -49.49 14.13
N GLN G 319 -26.69 -49.56 15.15
CA GLN G 319 -25.80 -50.72 15.35
C GLN G 319 -26.55 -51.87 16.00
N GLY G 320 -27.76 -51.61 16.56
CA GLY G 320 -28.48 -52.58 17.36
C GLY G 320 -27.90 -52.77 18.77
N TRP G 321 -27.13 -51.80 19.28
CA TRP G 321 -26.56 -51.83 20.62
C TRP G 321 -27.56 -51.27 21.63
N ILE G 322 -28.75 -51.92 21.62
CA ILE G 322 -29.89 -51.52 22.43
C ILE G 322 -30.51 -52.79 22.97
N ASP G 323 -31.36 -52.64 23.98
CA ASP G 323 -32.01 -53.74 24.63
C ASP G 323 -33.47 -53.83 24.15
N LYS G 324 -33.70 -54.53 23.05
CA LYS G 324 -35.03 -54.54 22.42
C LYS G 324 -36.10 -55.17 23.31
N PRO G 325 -35.84 -56.29 24.02
CA PRO G 325 -36.87 -56.84 24.93
C PRO G 325 -37.23 -55.86 26.05
N PHE G 326 -36.21 -55.14 26.58
CA PHE G 326 -36.45 -54.13 27.59
C PHE G 326 -37.33 -53.05 27.01
N ILE G 327 -36.99 -52.50 25.85
CA ILE G 327 -37.79 -51.43 25.22
C ILE G 327 -39.24 -51.90 25.00
N GLU G 328 -39.35 -53.14 24.51
CA GLU G 328 -40.69 -53.65 24.19
C GLU G 328 -41.53 -53.79 25.46
N ALA G 329 -40.97 -54.28 26.58
CA ALA G 329 -41.74 -54.58 27.77
C ALA G 329 -41.98 -53.36 28.66
N HIS G 330 -41.09 -52.36 28.66
CA HIS G 330 -41.05 -51.42 29.77
C HIS G 330 -40.93 -49.97 29.28
N THR G 331 -41.10 -49.69 27.97
CA THR G 331 -40.95 -48.32 27.48
C THR G 331 -42.03 -47.96 26.50
N LYS G 332 -42.22 -46.67 26.29
CA LYS G 332 -43.16 -46.13 25.34
C LYS G 332 -42.49 -44.98 24.64
N GLY G 333 -42.66 -44.90 23.33
CA GLY G 333 -42.25 -43.75 22.56
C GLY G 333 -40.98 -43.98 21.75
N PHE G 334 -40.46 -45.19 21.72
CA PHE G 334 -39.11 -45.39 21.21
C PHE G 334 -39.04 -45.04 19.71
N ASP G 335 -39.97 -45.59 18.93
CA ASP G 335 -39.97 -45.51 17.47
C ASP G 335 -40.06 -44.03 17.10
N ASP G 336 -40.86 -43.26 17.85
CA ASP G 336 -40.99 -41.83 17.62
C ASP G 336 -39.68 -41.07 17.92
N ALA G 337 -38.96 -41.46 18.97
CA ALA G 337 -37.72 -40.78 19.33
C ALA G 337 -36.60 -41.07 18.32
N VAL G 338 -36.59 -42.30 17.80
CA VAL G 338 -35.65 -42.60 16.72
C VAL G 338 -35.82 -41.63 15.55
N LYS G 339 -37.08 -41.28 15.21
CA LYS G 339 -37.33 -40.38 14.10
C LYS G 339 -37.00 -38.95 14.46
N THR G 340 -37.53 -38.48 15.60
CA THR G 340 -37.37 -37.07 15.92
C THR G 340 -35.92 -36.76 16.20
N ASN G 341 -35.15 -37.70 16.74
CA ASN G 341 -33.83 -37.37 17.27
C ASN G 341 -32.73 -37.79 16.29
N ARG G 342 -33.10 -38.23 15.07
CA ARG G 342 -32.13 -38.76 14.13
C ARG G 342 -31.04 -37.74 13.80
N LEU G 343 -29.78 -38.14 13.96
CA LEU G 343 -28.65 -37.30 13.64
C LEU G 343 -27.45 -38.18 13.34
N SER G 344 -26.80 -37.97 12.19
CA SER G 344 -25.71 -38.80 11.75
C SER G 344 -24.49 -38.45 12.60
N LEU G 345 -23.48 -39.34 12.62
CA LEU G 345 -22.23 -39.03 13.33
C LEU G 345 -21.53 -37.82 12.71
N ASP G 346 -21.57 -37.71 11.36
CA ASP G 346 -20.92 -36.61 10.69
C ASP G 346 -21.54 -35.29 11.12
N GLU G 347 -22.87 -35.22 11.17
CA GLU G 347 -23.55 -34.01 11.61
C GLU G 347 -23.29 -33.76 13.11
N CYS G 348 -23.39 -34.81 13.94
CA CYS G 348 -23.04 -34.76 15.36
C CYS G 348 -21.65 -34.16 15.55
N SER G 349 -20.66 -34.67 14.79
CA SER G 349 -19.30 -34.21 14.89
C SER G 349 -19.18 -32.74 14.50
N ASN G 350 -19.81 -32.34 13.40
CA ASN G 350 -19.79 -30.95 13.00
C ASN G 350 -20.37 -30.03 14.08
N ILE G 351 -21.46 -30.42 14.74
CA ILE G 351 -22.06 -29.54 15.74
C ILE G 351 -21.21 -29.52 17.02
N THR G 352 -20.80 -30.71 17.49
CA THR G 352 -20.15 -30.81 18.79
C THR G 352 -18.67 -30.46 18.72
N GLY G 353 -18.10 -30.67 17.52
CA GLY G 353 -16.67 -30.61 17.31
C GLY G 353 -15.94 -31.89 17.72
N VAL G 354 -16.61 -32.93 18.19
CA VAL G 354 -15.89 -34.11 18.61
C VAL G 354 -15.68 -34.95 17.34
N PRO G 355 -14.45 -35.47 17.08
CA PRO G 355 -14.25 -36.34 15.90
C PRO G 355 -15.10 -37.63 15.93
N VAL G 356 -15.43 -38.10 14.76
CA VAL G 356 -16.32 -39.24 14.63
C VAL G 356 -15.74 -40.46 15.35
N ASP G 357 -14.41 -40.67 15.28
CA ASP G 357 -13.79 -41.84 15.87
C ASP G 357 -14.03 -41.85 17.39
N MET G 358 -14.00 -40.67 18.03
N MET G 358 -14.04 -40.66 18.01
CA MET G 358 -14.23 -40.55 19.46
CA MET G 358 -14.27 -40.58 19.45
C MET G 358 -15.70 -40.78 19.81
C MET G 358 -15.73 -40.84 19.80
N LEU G 359 -16.65 -40.30 19.00
CA LEU G 359 -18.06 -40.64 19.17
C LEU G 359 -18.27 -42.16 19.07
N LYS G 360 -17.68 -42.82 18.06
CA LYS G 360 -17.77 -44.27 17.93
C LYS G 360 -17.15 -45.00 19.11
N ARG G 361 -15.99 -44.52 19.57
CA ARG G 361 -15.33 -45.19 20.68
C ARG G 361 -16.15 -45.09 21.97
N ALA G 362 -16.70 -43.93 22.27
CA ALA G 362 -17.55 -43.75 23.45
C ALA G 362 -18.69 -44.78 23.42
N ALA G 363 -19.33 -44.93 22.25
CA ALA G 363 -20.41 -45.89 22.05
C ALA G 363 -19.95 -47.35 22.17
N GLU G 364 -18.77 -47.63 21.63
CA GLU G 364 -18.19 -48.97 21.69
C GLU G 364 -17.93 -49.34 23.15
N TRP G 365 -17.26 -48.46 23.89
CA TRP G 365 -16.99 -48.73 25.29
C TRP G 365 -18.24 -48.94 26.12
N SER G 366 -19.29 -48.18 25.80
CA SER G 366 -20.41 -47.98 26.69
C SER G 366 -21.58 -48.91 26.42
N TYR G 367 -21.80 -49.30 25.15
CA TYR G 367 -23.09 -49.88 24.78
C TYR G 367 -22.92 -51.13 23.92
N LYS G 368 -21.82 -51.28 23.18
CA LYS G 368 -21.60 -52.51 22.44
C LYS G 368 -21.50 -53.70 23.39
N PRO G 369 -22.24 -54.83 23.16
CA PRO G 369 -22.19 -56.01 24.03
C PRO G 369 -20.80 -56.51 24.34
N LYS G 370 -20.60 -56.87 25.58
CA LYS G 370 -19.36 -57.53 26.00
C LYS G 370 -19.29 -58.94 25.38
N ALA G 371 -18.11 -59.53 25.50
CA ALA G 371 -17.88 -60.84 24.87
C ALA G 371 -18.82 -61.90 25.45
N SER G 372 -19.11 -61.78 26.76
CA SER G 372 -19.98 -62.72 27.46
C SER G 372 -21.46 -62.50 27.12
N GLY G 373 -21.77 -61.42 26.38
CA GLY G 373 -23.11 -61.28 25.83
C GLY G 373 -23.85 -60.11 26.45
N GLN G 374 -23.56 -59.74 27.70
CA GLN G 374 -24.32 -58.70 28.35
C GLN G 374 -23.84 -57.31 27.89
N ALA G 375 -24.73 -56.32 27.98
CA ALA G 375 -24.41 -54.95 27.73
C ALA G 375 -23.48 -54.47 28.83
N PRO G 376 -22.54 -53.54 28.51
CA PRO G 376 -21.74 -52.92 29.59
C PRO G 376 -22.70 -52.27 30.61
N ARG G 377 -22.27 -52.29 31.86
CA ARG G 377 -22.95 -51.54 32.90
C ARG G 377 -22.40 -50.11 32.93
N THR G 378 -23.18 -49.19 32.38
CA THR G 378 -22.75 -47.82 32.13
C THR G 378 -23.58 -46.89 32.98
N MET G 379 -22.95 -46.32 33.98
CA MET G 379 -23.59 -45.34 34.88
C MET G 379 -23.37 -43.95 34.31
N HIS G 380 -24.48 -43.26 34.02
CA HIS G 380 -24.52 -41.93 33.43
C HIS G 380 -24.77 -40.89 34.54
N ALA G 381 -23.71 -40.21 35.04
CA ALA G 381 -23.78 -39.18 36.03
C ALA G 381 -23.80 -37.83 35.33
N TYR G 382 -24.65 -36.89 35.78
CA TYR G 382 -24.64 -35.55 35.20
C TYR G 382 -24.85 -34.51 36.30
N GLU G 383 -24.49 -33.25 36.01
CA GLU G 383 -24.71 -32.16 36.98
C GLU G 383 -24.88 -30.85 36.19
N LYS G 384 -24.29 -29.75 36.67
CA LYS G 384 -24.75 -28.42 36.27
C LYS G 384 -24.32 -28.00 34.85
N GLY G 385 -23.29 -28.63 34.25
CA GLY G 385 -22.96 -28.42 32.86
C GLY G 385 -24.16 -28.65 31.95
N ILE G 386 -25.06 -29.57 32.33
CA ILE G 386 -26.28 -29.74 31.55
C ILE G 386 -27.55 -29.26 32.28
N ILE G 387 -27.60 -29.29 33.63
CA ILE G 387 -28.76 -28.75 34.31
C ILE G 387 -28.93 -27.27 34.05
N TRP G 388 -27.82 -26.52 34.09
CA TRP G 388 -27.72 -25.13 33.69
C TRP G 388 -27.18 -24.99 32.28
N GLY G 389 -27.47 -25.96 31.44
CA GLY G 389 -26.95 -26.00 30.09
C GLY G 389 -27.95 -25.43 29.09
N ASN G 390 -27.69 -25.69 27.82
CA ASN G 390 -28.51 -25.17 26.73
C ASN G 390 -29.83 -25.94 26.58
N ASP G 391 -30.83 -25.50 27.35
CA ASP G 391 -32.19 -26.03 27.36
C ASP G 391 -32.23 -27.30 28.18
N ASN G 392 -32.28 -27.10 29.50
CA ASN G 392 -32.28 -28.15 30.48
C ASN G 392 -33.20 -29.31 30.08
N TYR G 393 -34.43 -28.98 29.71
CA TYR G 393 -35.47 -29.97 29.44
C TYR G 393 -35.08 -30.85 28.27
N VAL G 394 -34.56 -30.23 27.19
CA VAL G 394 -34.27 -30.99 25.97
C VAL G 394 -33.02 -31.84 26.15
N ILE G 395 -32.03 -31.34 26.90
CA ILE G 395 -30.83 -32.13 27.06
C ILE G 395 -31.17 -33.41 27.80
N GLN G 396 -31.90 -33.28 28.90
CA GLN G 396 -32.30 -34.46 29.66
C GLN G 396 -33.15 -35.41 28.79
N SER G 397 -33.96 -34.84 27.89
CA SER G 397 -34.77 -35.69 27.04
C SER G 397 -33.84 -36.58 26.21
N ALA G 398 -32.80 -35.92 25.62
CA ALA G 398 -31.87 -36.59 24.70
C ALA G 398 -31.10 -37.67 25.45
N LEU G 399 -30.56 -37.32 26.63
CA LEU G 399 -29.76 -38.23 27.42
C LEU G 399 -30.55 -39.45 27.87
N LEU G 400 -31.72 -39.19 28.50
CA LEU G 400 -32.51 -40.27 29.07
C LEU G 400 -32.97 -41.22 27.95
N ASP G 401 -33.14 -40.72 26.72
CA ASP G 401 -33.48 -41.60 25.59
C ASP G 401 -32.37 -42.61 25.34
N LEU G 402 -31.12 -42.14 25.35
CA LEU G 402 -30.00 -43.03 25.17
C LEU G 402 -29.93 -44.02 26.32
N VAL G 403 -30.16 -43.54 27.54
CA VAL G 403 -30.05 -44.40 28.68
C VAL G 403 -31.13 -45.49 28.67
N ILE G 404 -32.34 -45.14 28.33
CA ILE G 404 -33.44 -46.09 28.41
C ILE G 404 -33.23 -47.17 27.35
N ALA G 405 -32.86 -46.77 26.14
CA ALA G 405 -32.71 -47.71 25.06
C ALA G 405 -31.61 -48.73 25.33
N THR G 406 -30.62 -48.31 26.15
CA THR G 406 -29.49 -49.19 26.44
C THR G 406 -29.69 -49.83 27.79
N HIS G 407 -30.85 -49.66 28.44
CA HIS G 407 -31.16 -50.36 29.69
C HIS G 407 -30.16 -50.01 30.80
N ASN G 408 -29.80 -48.73 30.84
CA ASN G 408 -28.81 -48.28 31.84
C ASN G 408 -29.51 -47.56 32.99
N VAL G 409 -30.67 -48.07 33.39
CA VAL G 409 -31.29 -47.81 34.68
C VAL G 409 -31.74 -49.16 35.17
N GLY G 410 -31.73 -49.32 36.48
CA GLY G 410 -32.38 -50.48 37.05
C GLY G 410 -31.44 -51.68 37.09
N ARG G 411 -30.27 -51.63 36.45
CA ARG G 411 -29.32 -52.72 36.58
C ARG G 411 -28.19 -52.24 37.49
N ARG G 412 -27.65 -53.14 38.31
CA ARG G 412 -26.55 -52.75 39.18
C ARG G 412 -25.36 -52.29 38.31
N GLY G 413 -24.59 -51.30 38.83
CA GLY G 413 -23.50 -50.72 38.10
C GLY G 413 -23.98 -49.75 37.03
N THR G 414 -25.28 -49.35 37.04
CA THR G 414 -25.80 -48.39 36.09
C THR G 414 -26.53 -47.30 36.86
N GLY G 415 -27.40 -46.57 36.15
CA GLY G 415 -28.09 -45.41 36.69
C GLY G 415 -27.92 -44.24 35.73
N CYS G 416 -28.92 -43.37 35.65
CA CYS G 416 -28.76 -42.07 35.02
C CYS G 416 -29.09 -41.04 36.09
N VAL G 417 -28.04 -40.50 36.75
CA VAL G 417 -28.23 -39.86 38.04
C VAL G 417 -27.61 -38.48 38.01
N ARG G 418 -28.24 -37.60 38.79
CA ARG G 418 -27.61 -36.37 39.23
C ARG G 418 -26.51 -36.78 40.19
N MET G 419 -25.39 -36.05 40.04
CA MET G 419 -24.31 -36.10 41.03
C MET G 419 -24.69 -35.33 42.28
N GLY G 420 -25.51 -34.27 42.11
CA GLY G 420 -26.06 -33.54 43.23
C GLY G 420 -25.13 -32.34 43.53
N GLY G 421 -25.69 -31.43 44.32
CA GLY G 421 -25.03 -30.19 44.72
C GLY G 421 -24.87 -30.11 46.20
N HIS G 422 -25.90 -29.57 46.84
CA HIS G 422 -26.12 -29.76 48.25
C HIS G 422 -26.57 -31.16 48.54
N GLN G 423 -26.64 -31.52 49.81
CA GLN G 423 -27.43 -32.70 50.17
C GLN G 423 -28.90 -32.39 49.89
N GLU G 424 -29.72 -33.44 49.92
CA GLU G 424 -31.17 -33.37 49.74
C GLU G 424 -31.86 -33.47 51.10
N GLY G 425 -32.94 -32.71 51.25
CA GLY G 425 -33.77 -32.88 52.40
C GLY G 425 -35.11 -32.20 52.26
N TYR G 426 -35.92 -32.63 51.25
CA TYR G 426 -37.13 -31.91 50.87
C TYR G 426 -38.37 -32.60 51.44
N THR G 427 -39.09 -31.86 52.30
CA THR G 427 -40.45 -32.21 52.69
C THR G 427 -41.26 -30.92 52.72
N ARG G 428 -42.26 -30.79 51.81
CA ARG G 428 -43.05 -29.57 51.66
C ARG G 428 -44.51 -29.87 51.26
N PRO G 429 -45.41 -28.92 51.57
CA PRO G 429 -46.73 -28.87 50.93
C PRO G 429 -46.55 -28.64 49.44
N PRO G 430 -47.54 -28.94 48.58
CA PRO G 430 -47.46 -28.55 47.17
C PRO G 430 -47.35 -27.04 47.00
N TYR G 431 -46.65 -26.62 45.97
CA TYR G 431 -46.67 -25.23 45.54
C TYR G 431 -48.10 -24.78 45.29
N PRO G 432 -48.57 -23.60 45.80
CA PRO G 432 -49.99 -23.24 45.72
C PRO G 432 -50.47 -22.53 44.46
N GLY G 433 -49.58 -22.31 43.50
CA GLY G 433 -49.98 -21.67 42.26
C GLY G 433 -50.10 -22.68 41.15
N ASP G 434 -50.54 -22.18 39.99
CA ASP G 434 -50.78 -23.05 38.85
C ASP G 434 -49.85 -22.67 37.70
N LYS G 435 -48.87 -21.77 37.93
CA LYS G 435 -48.01 -21.27 36.87
C LYS G 435 -46.60 -21.06 37.43
N LYS G 436 -45.60 -21.10 36.54
CA LYS G 436 -44.23 -20.80 36.91
C LYS G 436 -44.06 -19.29 36.74
N ILE G 437 -43.45 -18.71 37.76
CA ILE G 437 -43.31 -17.28 37.81
C ILE G 437 -41.83 -17.00 37.92
N TYR G 438 -41.32 -16.14 37.03
CA TYR G 438 -39.95 -15.70 37.04
C TYR G 438 -39.78 -14.59 38.09
N ILE G 439 -39.50 -15.01 39.33
CA ILE G 439 -39.54 -14.11 40.46
C ILE G 439 -38.61 -12.91 40.28
N ASP G 440 -37.37 -13.12 39.84
CA ASP G 440 -36.42 -12.02 39.72
C ASP G 440 -36.98 -10.96 38.75
N GLN G 441 -37.57 -11.38 37.61
CA GLN G 441 -38.17 -10.46 36.66
C GLN G 441 -39.27 -9.65 37.31
N GLU G 442 -40.11 -10.30 38.13
CA GLU G 442 -41.19 -9.63 38.82
C GLU G 442 -40.64 -8.55 39.76
N LEU G 443 -39.57 -8.85 40.47
CA LEU G 443 -38.96 -7.91 41.40
C LEU G 443 -38.38 -6.74 40.64
N ILE G 444 -37.64 -7.04 39.58
CA ILE G 444 -37.02 -6.05 38.74
C ILE G 444 -38.11 -5.13 38.18
N LYS G 445 -39.30 -5.68 37.93
CA LYS G 445 -40.39 -4.93 37.28
C LYS G 445 -41.20 -4.18 38.32
N GLY G 446 -40.88 -4.35 39.59
CA GLY G 446 -41.40 -3.48 40.63
C GLY G 446 -42.55 -4.14 41.38
N LYS G 447 -42.71 -5.47 41.26
CA LYS G 447 -43.75 -6.16 42.00
C LYS G 447 -43.30 -6.53 43.41
N GLY G 448 -44.28 -6.79 44.28
CA GLY G 448 -44.02 -7.26 45.63
C GLY G 448 -43.84 -6.08 46.60
N ARG G 449 -44.28 -6.26 47.86
CA ARG G 449 -44.06 -5.33 48.94
C ARG G 449 -42.90 -5.74 49.86
N ILE G 450 -42.76 -7.06 50.09
CA ILE G 450 -41.75 -7.62 50.99
C ILE G 450 -41.10 -8.83 50.29
N MET G 451 -39.78 -8.89 50.35
CA MET G 451 -38.98 -9.98 49.80
C MET G 451 -38.12 -10.49 50.94
N THR G 452 -38.22 -11.79 51.18
CA THR G 452 -37.32 -12.45 52.13
C THR G 452 -36.35 -13.39 51.40
N TRP G 453 -35.01 -13.17 51.51
CA TRP G 453 -34.03 -14.18 51.17
C TRP G 453 -33.80 -15.04 52.41
N TRP G 454 -33.99 -16.34 52.24
CA TRP G 454 -33.88 -17.26 53.37
C TRP G 454 -32.86 -18.33 53.06
N GLY G 455 -31.69 -18.25 53.70
CA GLY G 455 -30.63 -19.23 53.46
C GLY G 455 -30.14 -19.25 52.02
N CYS G 456 -30.20 -18.08 51.36
CA CYS G 456 -29.53 -17.89 50.10
C CYS G 456 -29.10 -16.43 49.92
N ASN G 457 -28.31 -16.21 48.86
CA ASN G 457 -27.81 -14.89 48.58
C ASN G 457 -27.79 -14.66 47.07
N ASN G 458 -28.92 -14.26 46.48
CA ASN G 458 -29.00 -14.18 45.02
C ASN G 458 -28.27 -12.96 44.49
N PHE G 459 -27.83 -12.04 45.39
CA PHE G 459 -26.93 -11.00 44.99
C PHE G 459 -25.66 -11.57 44.37
N GLN G 460 -25.20 -12.69 44.96
CA GLN G 460 -24.03 -13.35 44.39
C GLN G 460 -24.36 -14.45 43.38
N THR G 461 -25.61 -14.98 43.32
CA THR G 461 -25.86 -16.25 42.65
C THR G 461 -27.07 -16.26 41.67
N SER G 462 -27.85 -15.19 41.60
CA SER G 462 -28.81 -15.04 40.52
C SER G 462 -28.12 -15.08 39.15
N ASN G 463 -28.89 -15.57 38.15
CA ASN G 463 -28.59 -15.27 36.78
C ASN G 463 -28.99 -13.80 36.55
N ASN G 464 -28.31 -13.15 35.61
CA ASN G 464 -28.51 -11.73 35.30
C ASN G 464 -28.45 -10.93 36.59
N ALA G 465 -27.43 -11.22 37.42
CA ALA G 465 -27.38 -10.77 38.80
C ALA G 465 -27.26 -9.25 38.90
N GLN G 466 -26.61 -8.63 37.92
CA GLN G 466 -26.42 -7.19 37.96
C GLN G 466 -27.79 -6.49 37.86
N ALA G 467 -28.66 -6.91 36.93
CA ALA G 467 -30.00 -6.34 36.86
C ALA G 467 -30.73 -6.47 38.19
N LEU G 468 -30.59 -7.62 38.86
CA LEU G 468 -31.31 -7.89 40.09
C LEU G 468 -30.81 -6.92 41.12
N ARG G 469 -29.47 -6.83 41.29
CA ARG G 469 -28.97 -6.05 42.39
C ARG G 469 -29.33 -4.58 42.16
N GLU G 470 -29.12 -4.07 40.94
CA GLU G 470 -29.51 -2.72 40.58
C GLU G 470 -30.89 -2.46 41.16
N ALA G 471 -31.86 -3.30 40.76
CA ALA G 471 -33.24 -3.04 41.09
C ALA G 471 -33.49 -3.13 42.58
N ILE G 472 -32.97 -4.18 43.22
CA ILE G 472 -33.22 -4.36 44.64
C ILE G 472 -32.59 -3.22 45.45
N LEU G 473 -31.39 -2.80 45.12
CA LEU G 473 -30.74 -1.71 45.88
C LEU G 473 -31.57 -0.41 45.76
N GLN G 474 -32.07 -0.12 44.56
CA GLN G 474 -32.93 1.05 44.33
C GLN G 474 -34.22 0.98 45.15
N ARG G 475 -34.91 -0.15 45.03
CA ARG G 475 -36.16 -0.37 45.73
C ARG G 475 -35.94 -0.34 47.23
N SER G 476 -34.78 -0.82 47.67
CA SER G 476 -34.45 -0.80 49.09
C SER G 476 -34.26 0.63 49.60
N ALA G 477 -33.59 1.43 48.77
CA ALA G 477 -33.34 2.85 49.04
C ALA G 477 -34.64 3.66 49.24
N ILE G 478 -35.67 3.36 48.43
CA ILE G 478 -36.95 4.03 48.59
C ILE G 478 -37.50 3.84 50.00
N VAL G 479 -37.45 2.60 50.49
CA VAL G 479 -37.94 2.30 51.82
C VAL G 479 -37.07 3.03 52.88
N LYS G 480 -35.72 2.93 52.74
CA LYS G 480 -34.85 3.62 53.68
C LYS G 480 -35.22 5.12 53.78
N GLN G 481 -35.45 5.77 52.64
CA GLN G 481 -35.71 7.20 52.63
C GLN G 481 -37.04 7.47 53.34
N ALA G 482 -38.05 6.64 53.10
CA ALA G 482 -39.34 6.79 53.75
C ALA G 482 -39.25 6.63 55.28
N MET G 483 -38.46 5.68 55.76
CA MET G 483 -38.32 5.41 57.19
C MET G 483 -37.72 6.64 57.87
N GLN G 484 -36.98 7.41 57.08
CA GLN G 484 -36.08 8.47 57.55
C GLN G 484 -36.83 9.62 58.19
N LYS G 485 -38.11 9.74 57.85
CA LYS G 485 -38.93 10.87 58.23
C LYS G 485 -39.41 10.61 59.65
N ALA G 486 -39.42 9.33 60.03
CA ALA G 486 -40.04 8.91 61.28
C ALA G 486 -39.21 9.40 62.46
N ARG G 487 -39.90 9.66 63.57
CA ARG G 487 -39.29 9.98 64.83
C ARG G 487 -40.35 9.53 65.83
N GLY G 488 -40.06 8.58 66.69
CA GLY G 488 -40.99 8.35 67.80
C GLY G 488 -42.23 7.57 67.36
N ALA G 489 -42.21 6.97 66.17
CA ALA G 489 -43.31 6.18 65.64
C ALA G 489 -43.45 4.86 66.39
N THR G 490 -44.68 4.39 66.50
CA THR G 490 -44.96 3.04 66.94
C THR G 490 -44.57 2.10 65.78
N THR G 491 -44.46 0.82 66.13
CA THR G 491 -44.19 -0.24 65.20
C THR G 491 -45.29 -0.23 64.13
N GLU G 492 -46.55 -0.06 64.58
CA GLU G 492 -47.68 -0.08 63.66
C GLU G 492 -47.59 1.10 62.71
N GLU G 493 -47.20 2.29 63.20
CA GLU G 493 -47.03 3.40 62.25
C GLU G 493 -45.91 3.14 61.25
N MET G 494 -44.84 2.47 61.71
CA MET G 494 -43.67 2.25 60.85
C MET G 494 -44.05 1.26 59.73
N VAL G 495 -44.81 0.21 60.09
CA VAL G 495 -45.42 -0.69 59.10
C VAL G 495 -46.13 0.11 58.01
N ASP G 496 -46.97 1.08 58.41
CA ASP G 496 -47.70 1.94 57.47
C ASP G 496 -46.74 2.78 56.62
N VAL G 497 -45.65 3.31 57.22
CA VAL G 497 -44.75 4.15 56.45
C VAL G 497 -44.07 3.31 55.36
N ILE G 498 -43.66 2.10 55.74
CA ILE G 498 -42.95 1.21 54.86
C ILE G 498 -43.88 0.72 53.76
N TYR G 499 -45.08 0.28 54.14
CA TYR G 499 -46.09 -0.14 53.16
C TYR G 499 -46.35 0.96 52.12
N GLU G 500 -46.55 2.19 52.56
CA GLU G 500 -46.71 3.29 51.61
C GLU G 500 -45.49 3.48 50.69
N ALA G 501 -44.25 3.33 51.22
CA ALA G 501 -43.07 3.44 50.37
C ALA G 501 -43.04 2.33 49.30
N THR G 502 -43.63 1.15 49.64
CA THR G 502 -43.71 0.05 48.68
C THR G 502 -44.78 0.35 47.63
N GLN G 503 -45.70 1.28 47.86
CA GLN G 503 -46.65 1.65 46.82
C GLN G 503 -45.99 2.63 45.88
N ASN G 504 -44.84 3.14 46.30
CA ASN G 504 -44.09 4.09 45.52
C ASN G 504 -42.80 3.46 45.00
N GLY G 505 -42.82 2.15 44.74
CA GLY G 505 -41.70 1.54 44.07
C GLY G 505 -40.78 0.80 45.06
N GLY G 506 -40.98 1.00 46.35
CA GLY G 506 -40.13 0.43 47.40
C GLY G 506 -40.25 -1.10 47.53
N LEU G 507 -39.32 -1.67 48.30
CA LEU G 507 -39.39 -3.10 48.66
C LEU G 507 -38.74 -3.27 50.02
N PHE G 508 -39.43 -3.86 50.96
CA PHE G 508 -38.86 -4.19 52.24
C PHE G 508 -38.12 -5.51 52.06
N VAL G 509 -36.88 -5.57 52.49
CA VAL G 509 -36.03 -6.73 52.29
C VAL G 509 -35.64 -7.32 53.65
N THR G 510 -35.84 -8.64 53.78
CA THR G 510 -35.44 -9.36 54.97
C THR G 510 -34.45 -10.45 54.53
N SER G 511 -33.42 -10.72 55.34
CA SER G 511 -32.51 -11.84 55.17
C SER G 511 -32.49 -12.68 56.44
N ILE G 512 -32.63 -13.98 56.25
CA ILE G 512 -32.55 -14.93 57.35
C ILE G 512 -31.35 -15.81 57.06
N ASN G 513 -30.28 -15.65 57.88
CA ASN G 513 -28.99 -16.12 57.44
C ASN G 513 -28.14 -16.44 58.66
N LEU G 514 -26.95 -16.98 58.39
CA LEU G 514 -25.86 -17.09 59.39
C LEU G 514 -25.08 -15.77 59.55
N TYR G 515 -24.98 -15.00 58.46
CA TYR G 515 -24.01 -13.91 58.41
C TYR G 515 -24.69 -12.72 57.73
N PRO G 516 -24.17 -11.49 57.87
CA PRO G 516 -24.72 -10.35 57.09
C PRO G 516 -24.78 -10.52 55.59
N THR G 517 -23.66 -10.96 55.00
CA THR G 517 -23.46 -11.16 53.56
C THR G 517 -23.65 -9.84 52.82
N LYS G 518 -23.43 -9.88 51.50
CA LYS G 518 -23.74 -8.77 50.61
C LYS G 518 -25.19 -8.32 50.65
N LEU G 519 -26.09 -9.19 51.06
CA LEU G 519 -27.51 -8.79 51.25
C LEU G 519 -27.65 -7.61 52.22
N ALA G 520 -26.68 -7.47 53.16
CA ALA G 520 -26.71 -6.35 54.09
C ALA G 520 -26.68 -5.00 53.37
N GLU G 521 -26.25 -4.95 52.10
CA GLU G 521 -26.25 -3.69 51.35
C GLU G 521 -27.68 -3.24 51.04
N ALA G 522 -28.66 -4.15 51.04
CA ALA G 522 -30.03 -3.76 50.74
C ALA G 522 -31.01 -4.08 51.87
N ALA G 523 -30.66 -5.01 52.77
CA ALA G 523 -31.64 -5.50 53.71
C ALA G 523 -32.02 -4.41 54.72
N HIS G 524 -33.28 -4.48 55.17
CA HIS G 524 -33.78 -3.64 56.28
C HIS G 524 -33.84 -4.43 57.56
N LEU G 525 -33.84 -5.78 57.46
CA LEU G 525 -34.02 -6.68 58.58
C LEU G 525 -33.28 -7.99 58.28
N MET G 526 -32.47 -8.40 59.25
CA MET G 526 -31.74 -9.66 59.23
C MET G 526 -31.97 -10.42 60.54
N LEU G 527 -32.28 -11.71 60.38
CA LEU G 527 -32.53 -12.59 61.50
C LEU G 527 -31.52 -13.74 61.53
N PRO G 528 -31.04 -14.05 62.74
CA PRO G 528 -30.02 -15.07 62.93
C PRO G 528 -30.53 -16.51 62.95
N ALA G 529 -29.85 -17.34 62.13
CA ALA G 529 -30.14 -18.75 62.04
C ALA G 529 -29.01 -19.61 62.59
N ALA G 530 -29.33 -20.89 62.78
CA ALA G 530 -28.47 -21.93 63.39
C ALA G 530 -28.21 -23.05 62.38
N HIS G 531 -26.99 -23.56 62.42
CA HIS G 531 -26.55 -24.57 61.47
C HIS G 531 -26.31 -25.89 62.22
N PRO G 532 -26.08 -27.01 61.51
CA PRO G 532 -26.00 -28.35 62.13
C PRO G 532 -24.92 -28.41 63.19
N GLY G 533 -25.25 -29.05 64.31
CA GLY G 533 -24.39 -29.05 65.47
C GLY G 533 -24.89 -28.04 66.51
N GLU G 534 -25.44 -26.89 66.07
CA GLU G 534 -26.18 -25.99 66.91
C GLU G 534 -27.66 -26.44 67.00
N MET G 535 -28.03 -27.37 66.08
CA MET G 535 -29.33 -27.96 66.03
C MET G 535 -29.14 -29.40 65.52
N ASN G 536 -30.11 -30.22 65.83
CA ASN G 536 -30.37 -31.49 65.12
C ASN G 536 -30.81 -31.19 63.68
N LEU G 537 -30.37 -32.04 62.75
CA LEU G 537 -30.79 -31.87 61.35
C LEU G 537 -30.72 -33.20 60.61
N THR G 538 -31.69 -33.44 59.71
CA THR G 538 -31.72 -34.66 58.94
C THR G 538 -31.59 -34.25 57.48
N SER G 539 -30.93 -35.12 56.72
CA SER G 539 -30.71 -34.94 55.31
C SER G 539 -30.19 -36.24 54.72
N MET G 540 -30.22 -36.33 53.39
CA MET G 540 -29.79 -37.51 52.67
C MET G 540 -28.86 -37.06 51.57
N ASN G 541 -28.06 -38.01 51.10
CA ASN G 541 -26.99 -37.72 50.17
C ASN G 541 -27.44 -38.15 48.78
N GLY G 542 -26.51 -38.26 47.86
CA GLY G 542 -26.82 -38.55 46.48
C GLY G 542 -27.28 -39.98 46.18
N GLU G 543 -27.30 -40.88 47.20
CA GLU G 543 -27.82 -42.24 47.09
C GLU G 543 -29.01 -42.40 48.07
N ARG G 544 -29.59 -41.27 48.45
CA ARG G 544 -30.74 -41.18 49.33
C ARG G 544 -30.48 -41.68 50.77
N ARG G 545 -29.24 -41.65 51.20
CA ARG G 545 -28.89 -42.11 52.52
C ARG G 545 -29.18 -41.05 53.57
N ILE G 546 -30.24 -41.23 54.36
CA ILE G 546 -30.66 -40.28 55.38
C ILE G 546 -29.88 -40.52 56.67
N ARG G 547 -29.36 -39.41 57.21
CA ARG G 547 -28.63 -39.41 58.47
C ARG G 547 -29.11 -38.25 59.37
N LEU G 548 -29.01 -38.47 60.69
CA LEU G 548 -29.16 -37.42 61.68
C LEU G 548 -27.78 -36.82 62.03
N SER G 549 -27.70 -35.51 61.86
CA SER G 549 -26.59 -34.71 62.45
C SER G 549 -27.04 -34.25 63.85
N GLU G 550 -26.29 -34.61 64.89
CA GLU G 550 -26.67 -34.37 66.27
C GLU G 550 -26.22 -33.00 66.77
N LYS G 551 -27.11 -32.32 67.51
CA LYS G 551 -26.75 -31.09 68.18
C LYS G 551 -25.67 -31.38 69.22
N PHE G 552 -24.65 -30.52 69.36
CA PHE G 552 -23.60 -30.71 70.36
C PHE G 552 -23.13 -29.41 71.01
N MET G 553 -23.69 -28.24 70.61
CA MET G 553 -23.26 -26.96 71.15
C MET G 553 -24.42 -25.96 70.98
N ASP G 554 -24.29 -24.81 71.63
CA ASP G 554 -25.33 -23.80 71.52
C ASP G 554 -25.05 -22.96 70.26
N PRO G 555 -26.09 -22.41 69.62
CA PRO G 555 -25.94 -21.35 68.62
C PRO G 555 -25.40 -20.04 69.20
N PRO G 556 -24.87 -19.14 68.37
CA PRO G 556 -24.47 -17.80 68.81
C PRO G 556 -25.72 -17.04 69.23
N GLY G 557 -25.65 -16.37 70.39
CA GLY G 557 -26.71 -15.46 70.84
C GLY G 557 -28.07 -16.15 70.80
N THR G 558 -29.02 -15.50 70.10
CA THR G 558 -30.39 -15.95 70.02
C THR G 558 -30.68 -16.48 68.62
N ALA G 559 -29.64 -16.93 67.91
CA ALA G 559 -29.79 -17.62 66.65
C ALA G 559 -30.67 -18.86 66.80
N MET G 560 -31.44 -19.18 65.78
CA MET G 560 -32.44 -20.22 65.87
C MET G 560 -32.45 -21.06 64.60
N ALA G 561 -32.86 -22.31 64.78
CA ALA G 561 -33.15 -23.21 63.68
C ALA G 561 -34.17 -22.58 62.74
N ASP G 562 -33.98 -22.73 61.43
CA ASP G 562 -34.84 -22.10 60.44
C ASP G 562 -36.33 -22.52 60.60
N CYS G 563 -36.54 -23.79 60.94
CA CYS G 563 -37.91 -24.30 61.14
C CYS G 563 -38.60 -23.59 62.30
N LEU G 564 -37.82 -23.22 63.33
CA LEU G 564 -38.31 -22.50 64.50
C LEU G 564 -38.46 -21.01 64.24
N ILE G 565 -37.63 -20.44 63.35
CA ILE G 565 -37.90 -19.11 62.82
C ILE G 565 -39.24 -19.12 62.06
N ALA G 566 -39.49 -20.13 61.27
CA ALA G 566 -40.77 -20.23 60.55
C ALA G 566 -41.94 -20.33 61.54
N ALA G 567 -41.80 -21.10 62.64
CA ALA G 567 -42.86 -21.20 63.63
C ALA G 567 -43.06 -19.85 64.28
N ARG G 568 -41.96 -19.16 64.56
CA ARG G 568 -42.07 -17.88 65.22
C ARG G 568 -42.88 -16.90 64.37
N ILE G 569 -42.62 -16.83 63.07
CA ILE G 569 -43.33 -15.95 62.16
C ILE G 569 -44.81 -16.30 62.13
N ALA G 570 -45.10 -17.59 61.98
CA ALA G 570 -46.45 -18.11 61.92
C ALA G 570 -47.27 -17.73 63.15
N ASN G 571 -46.65 -17.89 64.30
CA ASN G 571 -47.23 -17.62 65.61
C ASN G 571 -47.45 -16.12 65.81
N ALA G 572 -46.55 -15.32 65.28
CA ALA G 572 -46.75 -13.88 65.33
C ALA G 572 -47.99 -13.50 64.51
N LEU G 573 -48.06 -14.06 63.31
CA LEU G 573 -49.14 -13.78 62.38
C LEU G 573 -50.47 -14.24 62.96
N ARG G 574 -50.44 -15.41 63.60
CA ARG G 574 -51.64 -15.95 64.18
C ARG G 574 -52.13 -14.97 65.25
N ASP G 575 -51.23 -14.56 66.16
CA ASP G 575 -51.65 -13.73 67.25
C ASP G 575 -52.24 -12.41 66.70
N MET G 576 -51.68 -11.90 65.61
CA MET G 576 -52.10 -10.62 65.11
C MET G 576 -53.48 -10.73 64.54
N TYR G 577 -53.73 -11.85 63.85
CA TYR G 577 -55.04 -12.06 63.26
C TYR G 577 -56.07 -12.32 64.35
N GLN G 578 -55.73 -13.12 65.37
CA GLN G 578 -56.61 -13.33 66.52
C GLN G 578 -57.01 -12.01 67.18
N LYS G 579 -56.02 -11.15 67.40
CA LYS G 579 -56.22 -9.84 68.03
C LYS G 579 -57.10 -8.92 67.16
N ASP G 580 -57.04 -9.06 65.83
CA ASP G 580 -57.83 -8.28 64.91
C ASP G 580 -59.20 -8.96 64.66
N GLY G 581 -59.57 -9.95 65.50
CA GLY G 581 -60.81 -10.70 65.38
C GLY G 581 -60.98 -11.46 64.07
N LYS G 582 -59.92 -11.94 63.40
CA LYS G 582 -60.07 -12.63 62.15
C LYS G 582 -59.75 -14.12 62.29
N ALA G 583 -60.76 -14.87 62.78
CA ALA G 583 -60.56 -16.25 63.19
C ALA G 583 -60.18 -17.12 62.01
N GLU G 584 -60.77 -16.86 60.82
CA GLU G 584 -60.48 -17.67 59.66
C GLU G 584 -59.01 -17.48 59.23
N MET G 585 -58.53 -16.24 59.18
CA MET G 585 -57.11 -16.01 58.84
C MET G 585 -56.19 -16.59 59.95
N ALA G 586 -56.55 -16.40 61.22
CA ALA G 586 -55.79 -16.99 62.30
C ALA G 586 -55.58 -18.48 62.10
N ALA G 587 -56.63 -19.20 61.72
CA ALA G 587 -56.54 -20.64 61.60
C ALA G 587 -55.55 -21.07 60.50
N GLN G 588 -55.31 -20.25 59.47
CA GLN G 588 -54.32 -20.59 58.45
C GLN G 588 -52.92 -20.72 59.07
N PHE G 589 -52.70 -20.11 60.25
CA PHE G 589 -51.40 -20.03 60.93
C PHE G 589 -51.32 -21.03 62.07
N GLU G 590 -52.30 -21.96 62.15
CA GLU G 590 -52.15 -23.05 63.11
C GLU G 590 -51.08 -24.05 62.63
N GLY G 591 -50.63 -24.85 63.59
CA GLY G 591 -49.81 -26.01 63.36
C GLY G 591 -48.32 -25.71 63.43
N PHE G 592 -47.94 -24.66 64.20
CA PHE G 592 -46.53 -24.36 64.45
C PHE G 592 -46.25 -24.27 65.92
N ASP G 593 -46.94 -25.14 66.70
CA ASP G 593 -46.67 -25.17 68.13
C ASP G 593 -45.39 -25.97 68.36
N TRP G 594 -44.23 -25.51 67.90
CA TRP G 594 -43.02 -26.33 67.90
C TRP G 594 -42.00 -25.78 68.90
N LYS G 595 -41.40 -26.68 69.66
CA LYS G 595 -40.43 -26.33 70.69
C LYS G 595 -39.02 -26.71 70.23
N THR G 596 -38.90 -27.75 69.39
CA THR G 596 -37.60 -28.16 68.91
C THR G 596 -37.71 -28.57 67.44
N GLU G 597 -36.57 -28.71 66.76
CA GLU G 597 -36.56 -29.08 65.37
C GLU G 597 -37.23 -30.46 65.15
N GLU G 598 -37.09 -31.41 66.09
CA GLU G 598 -37.66 -32.74 65.98
C GLU G 598 -39.17 -32.66 65.80
N ASP G 599 -39.84 -31.64 66.36
CA ASP G 599 -41.25 -31.35 66.16
C ASP G 599 -41.57 -31.16 64.69
N ALA G 600 -40.67 -30.46 63.94
CA ALA G 600 -40.85 -30.24 62.51
C ALA G 600 -40.65 -31.55 61.72
N PHE G 601 -39.75 -32.41 62.19
CA PHE G 601 -39.54 -33.71 61.57
C PHE G 601 -40.81 -34.57 61.71
N ASN G 602 -41.38 -34.58 62.93
CA ASN G 602 -42.63 -35.31 63.21
C ASN G 602 -43.78 -34.77 62.40
N ASP G 603 -43.86 -33.45 62.23
CA ASP G 603 -45.03 -32.81 61.62
C ASP G 603 -45.01 -32.94 60.10
N GLY G 604 -43.81 -33.18 59.52
CA GLY G 604 -43.57 -33.10 58.08
C GLY G 604 -43.21 -34.47 57.53
N PHE G 605 -41.93 -34.77 57.55
CA PHE G 605 -41.42 -36.03 57.00
C PHE G 605 -42.21 -37.24 57.52
N ARG G 606 -42.49 -37.22 58.84
CA ARG G 606 -43.06 -38.42 59.42
C ARG G 606 -44.60 -38.48 59.27
N ARG G 607 -45.23 -37.43 58.73
CA ARG G 607 -46.66 -37.49 58.46
C ARG G 607 -46.94 -37.74 57.00
N ALA G 608 -45.93 -37.68 56.16
CA ALA G 608 -46.26 -37.76 54.73
C ALA G 608 -46.94 -39.10 54.44
N GLY G 609 -48.05 -38.99 53.71
CA GLY G 609 -48.82 -40.14 53.23
C GLY G 609 -49.64 -40.79 54.34
N GLN G 610 -49.67 -40.21 55.56
CA GLN G 610 -50.30 -40.86 56.70
C GLN G 610 -51.78 -40.48 56.71
N PRO G 611 -52.64 -41.29 57.39
CA PRO G 611 -54.07 -40.94 57.54
C PRO G 611 -54.38 -39.60 58.23
N GLY G 612 -55.22 -38.78 57.59
CA GLY G 612 -55.53 -37.47 58.10
C GLY G 612 -54.45 -36.43 57.89
N ALA G 613 -53.36 -36.78 57.21
CA ALA G 613 -52.29 -35.84 56.89
C ALA G 613 -52.69 -34.97 55.68
N PRO G 614 -52.26 -33.70 55.61
CA PRO G 614 -52.48 -32.95 54.38
C PRO G 614 -51.57 -33.47 53.27
N ALA G 615 -51.72 -32.92 52.07
CA ALA G 615 -50.85 -33.28 50.96
C ALA G 615 -49.43 -32.80 51.30
N ILE G 616 -48.46 -33.71 51.14
CA ILE G 616 -47.07 -33.48 51.50
C ILE G 616 -46.23 -34.17 50.44
N ASP G 617 -45.31 -33.45 49.77
CA ASP G 617 -44.27 -33.99 48.92
C ASP G 617 -42.99 -34.15 49.74
N SER G 618 -42.51 -35.38 49.93
CA SER G 618 -41.37 -35.73 50.78
C SER G 618 -40.54 -36.77 50.06
N GLN G 619 -39.24 -36.51 49.98
CA GLN G 619 -38.25 -37.50 49.56
C GLN G 619 -38.24 -38.75 50.46
N GLY G 620 -38.83 -38.70 51.65
CA GLY G 620 -38.92 -39.91 52.48
C GLY G 620 -40.10 -40.81 52.03
N GLY G 621 -41.02 -40.27 51.25
CA GLY G 621 -42.21 -41.04 50.84
C GLY G 621 -43.12 -41.34 52.02
N SER G 622 -44.02 -42.31 51.78
CA SER G 622 -45.03 -42.59 52.78
C SER G 622 -44.54 -43.51 53.89
N THR G 623 -43.29 -44.06 53.81
CA THR G 623 -42.76 -44.83 54.91
C THR G 623 -41.84 -43.98 55.79
N GLY G 624 -41.87 -42.67 55.57
CA GLY G 624 -41.06 -41.75 56.36
C GLY G 624 -41.31 -41.84 57.86
N HIS G 625 -42.55 -42.22 58.24
CA HIS G 625 -42.89 -42.34 59.67
C HIS G 625 -42.09 -43.44 60.38
N LEU G 626 -41.49 -44.35 59.65
CA LEU G 626 -40.68 -45.40 60.26
C LEU G 626 -39.34 -44.83 60.78
N VAL G 627 -38.92 -43.67 60.25
CA VAL G 627 -37.68 -43.02 60.69
C VAL G 627 -38.02 -42.17 61.91
N THR G 628 -37.25 -42.30 62.99
CA THR G 628 -37.24 -41.36 64.11
C THR G 628 -35.77 -40.95 64.38
N TYR G 629 -35.59 -39.87 65.15
CA TYR G 629 -34.21 -39.49 65.51
C TYR G 629 -33.53 -40.65 66.19
N ASP G 630 -34.17 -41.31 67.18
CA ASP G 630 -33.53 -42.38 67.93
C ASP G 630 -33.06 -43.50 67.03
N ARG G 631 -33.87 -43.86 66.04
CA ARG G 631 -33.51 -44.94 65.14
C ARG G 631 -32.34 -44.55 64.25
N LEU G 632 -32.31 -43.27 63.82
CA LEU G 632 -31.20 -42.75 63.04
C LEU G 632 -29.93 -42.73 63.87
N ARG G 633 -30.01 -42.30 65.12
CA ARG G 633 -28.86 -42.43 66.00
C ARG G 633 -28.30 -43.85 66.01
N LYS G 634 -29.14 -44.88 66.12
CA LYS G 634 -28.73 -46.29 66.21
C LYS G 634 -28.14 -46.74 64.88
N SER G 635 -28.60 -46.20 63.78
CA SER G 635 -28.02 -46.49 62.50
C SER G 635 -26.59 -45.92 62.37
N GLY G 636 -26.31 -44.81 63.06
CA GLY G 636 -25.01 -44.17 62.90
C GLY G 636 -24.92 -43.37 61.60
N ASN G 637 -23.68 -43.09 61.19
CA ASN G 637 -23.45 -42.35 59.98
C ASN G 637 -23.78 -43.16 58.71
N ASN G 638 -24.01 -44.48 58.86
CA ASN G 638 -24.47 -45.24 57.71
C ASN G 638 -25.96 -45.02 57.42
N GLY G 639 -26.76 -44.63 58.43
CA GLY G 639 -28.15 -44.23 58.18
C GLY G 639 -28.90 -45.36 57.46
N VAL G 640 -29.74 -44.95 56.51
CA VAL G 640 -30.56 -45.83 55.72
C VAL G 640 -30.79 -45.14 54.37
N GLN G 641 -30.70 -45.95 53.29
CA GLN G 641 -31.12 -45.47 51.99
C GLN G 641 -32.64 -45.49 51.88
N LEU G 642 -33.22 -44.34 51.53
CA LEU G 642 -34.63 -44.16 51.39
C LEU G 642 -35.05 -44.70 50.04
N PRO G 643 -36.32 -45.18 49.87
CA PRO G 643 -37.27 -45.30 50.96
C PRO G 643 -37.03 -46.48 51.89
N VAL G 644 -37.44 -46.30 53.14
CA VAL G 644 -37.43 -47.36 54.12
C VAL G 644 -38.50 -48.41 53.70
N VAL G 645 -38.12 -49.69 53.75
CA VAL G 645 -38.97 -50.81 53.37
C VAL G 645 -39.47 -51.53 54.62
N SER G 646 -38.71 -51.56 55.69
CA SER G 646 -39.19 -52.06 56.97
C SER G 646 -38.32 -51.54 58.14
N TRP G 647 -38.88 -51.72 59.35
CA TRP G 647 -38.19 -51.49 60.60
C TRP G 647 -38.66 -52.49 61.65
N ASP G 648 -37.72 -53.00 62.46
CA ASP G 648 -38.07 -53.58 63.74
C ASP G 648 -36.88 -53.45 64.67
N GLU G 649 -37.11 -53.73 65.96
CA GLU G 649 -36.06 -53.46 66.93
C GLU G 649 -34.82 -54.35 66.65
N SER G 650 -35.03 -55.52 66.07
CA SER G 650 -33.92 -56.46 65.93
C SER G 650 -33.15 -56.20 64.62
N LYS G 651 -33.82 -55.72 63.55
CA LYS G 651 -33.12 -55.53 62.29
C LYS G 651 -32.88 -54.07 61.92
N GLY G 652 -33.44 -53.11 62.70
CA GLY G 652 -33.17 -51.71 62.44
C GLY G 652 -33.84 -51.26 61.16
N LEU G 653 -33.49 -50.08 60.68
CA LEU G 653 -34.02 -49.58 59.45
C LEU G 653 -33.48 -50.36 58.26
N VAL G 654 -34.35 -50.85 57.37
CA VAL G 654 -33.85 -51.49 56.14
C VAL G 654 -34.44 -50.68 54.98
N GLY G 655 -33.61 -50.34 53.99
CA GLY G 655 -34.08 -49.42 52.96
C GLY G 655 -33.85 -49.95 51.54
N THR G 656 -33.68 -49.05 50.58
CA THR G 656 -33.71 -49.37 49.15
C THR G 656 -32.37 -48.98 48.52
N GLU G 657 -31.71 -49.94 47.85
CA GLU G 657 -30.39 -49.66 47.29
C GLU G 657 -30.46 -48.94 45.94
N MET G 658 -31.22 -49.50 45.01
CA MET G 658 -31.35 -48.98 43.67
C MET G 658 -32.81 -48.93 43.26
N LEU G 659 -33.21 -47.94 42.44
CA LEU G 659 -34.59 -47.80 42.04
C LEU G 659 -34.74 -48.42 40.64
N TYR G 660 -35.94 -48.85 40.30
CA TYR G 660 -36.32 -49.26 38.96
C TYR G 660 -35.75 -50.64 38.62
N THR G 661 -35.30 -51.46 39.58
CA THR G 661 -34.77 -52.76 39.24
C THR G 661 -35.87 -53.75 38.74
N GLU G 662 -37.16 -53.46 38.86
CA GLU G 662 -38.17 -54.37 38.32
C GLU G 662 -38.72 -53.82 37.02
N GLY G 663 -38.22 -52.68 36.57
CA GLY G 663 -38.73 -52.19 35.30
C GLY G 663 -40.07 -51.43 35.44
N LYS G 664 -40.46 -51.08 36.67
CA LYS G 664 -41.63 -50.24 36.90
C LYS G 664 -41.13 -48.81 37.19
N PHE G 665 -41.45 -47.90 36.27
CA PHE G 665 -41.10 -46.50 36.38
C PHE G 665 -42.23 -45.65 36.96
N ASP G 666 -41.88 -44.42 37.34
CA ASP G 666 -42.83 -43.47 37.91
C ASP G 666 -43.58 -42.75 36.81
N THR G 667 -44.40 -43.49 36.06
CA THR G 667 -45.38 -42.93 35.13
C THR G 667 -46.74 -43.64 35.35
N ASP G 668 -47.73 -43.18 34.59
CA ASP G 668 -49.10 -43.63 34.75
C ASP G 668 -49.13 -45.13 34.46
N ASP G 669 -48.35 -45.56 33.45
CA ASP G 669 -48.45 -46.94 32.96
C ASP G 669 -47.30 -47.79 33.48
N GLY G 670 -46.38 -47.20 34.27
CA GLY G 670 -45.24 -47.94 34.79
C GLY G 670 -44.11 -48.09 33.78
N LYS G 671 -44.28 -47.61 32.56
CA LYS G 671 -43.22 -47.66 31.58
C LYS G 671 -42.36 -46.39 31.63
N ALA G 672 -41.15 -46.48 31.09
CA ALA G 672 -40.32 -45.30 30.88
C ALA G 672 -40.71 -44.73 29.54
N HIS G 673 -40.82 -43.41 29.48
CA HIS G 673 -41.23 -42.76 28.26
C HIS G 673 -40.09 -41.99 27.59
N PHE G 674 -39.81 -42.36 26.33
CA PHE G 674 -38.93 -41.59 25.47
C PHE G 674 -39.59 -40.28 25.07
N LYS G 675 -38.75 -39.28 24.80
CA LYS G 675 -39.20 -37.95 24.42
C LYS G 675 -38.40 -37.42 23.24
N PRO G 676 -39.04 -36.57 22.40
CA PRO G 676 -38.35 -35.91 21.32
C PRO G 676 -37.35 -34.91 21.89
N ALA G 677 -36.24 -34.74 21.22
CA ALA G 677 -35.19 -33.82 21.67
C ALA G 677 -34.68 -33.06 20.47
N PRO G 678 -35.31 -31.92 20.10
CA PRO G 678 -34.85 -31.19 18.93
C PRO G 678 -33.56 -30.42 19.18
N TRP G 679 -32.72 -30.35 18.19
CA TRP G 679 -31.55 -29.50 18.21
C TRP G 679 -31.90 -28.16 17.55
N ASN G 680 -31.93 -27.08 18.31
CA ASN G 680 -32.20 -25.74 17.79
C ASN G 680 -31.04 -24.76 17.99
N GLY G 681 -29.80 -25.24 18.18
CA GLY G 681 -28.70 -24.34 18.42
C GLY G 681 -28.79 -23.66 19.79
N LEU G 682 -28.04 -22.57 19.96
CA LEU G 682 -28.08 -21.77 21.18
C LEU G 682 -29.33 -20.90 21.18
N PRO G 683 -29.86 -20.50 22.36
CA PRO G 683 -30.92 -19.50 22.42
C PRO G 683 -30.46 -18.20 21.79
N ALA G 684 -31.39 -17.51 21.13
CA ALA G 684 -31.07 -16.25 20.48
C ALA G 684 -30.42 -15.28 21.46
N THR G 685 -30.92 -15.15 22.69
CA THR G 685 -30.34 -14.17 23.61
C THR G 685 -28.85 -14.44 23.83
N VAL G 686 -28.53 -15.74 23.98
CA VAL G 686 -27.15 -16.17 24.16
C VAL G 686 -26.33 -16.00 22.88
N GLN G 687 -26.92 -16.45 21.73
CA GLN G 687 -26.22 -16.36 20.44
C GLN G 687 -25.84 -14.90 20.14
N GLN G 688 -26.72 -13.96 20.50
CA GLN G 688 -26.41 -12.55 20.29
C GLN G 688 -25.17 -12.11 21.06
N GLN G 689 -25.01 -12.58 22.30
CA GLN G 689 -23.80 -12.24 23.07
C GLN G 689 -22.58 -12.87 22.38
N LYS G 690 -22.73 -14.13 21.97
CA LYS G 690 -21.66 -14.82 21.25
C LYS G 690 -21.22 -14.10 19.97
N ASP G 691 -22.20 -13.52 19.27
CA ASP G 691 -21.94 -12.81 18.03
C ASP G 691 -21.20 -11.49 18.28
N LYS G 692 -21.44 -10.84 19.42
CA LYS G 692 -20.89 -9.53 19.73
C LYS G 692 -19.55 -9.63 20.47
N TYR G 693 -19.29 -10.71 21.20
CA TYR G 693 -18.16 -10.72 22.13
C TYR G 693 -17.34 -11.99 21.96
N ARG G 694 -16.11 -11.95 22.46
CA ARG G 694 -15.04 -12.86 22.06
C ARG G 694 -15.05 -14.14 22.90
N PHE G 695 -15.28 -14.07 24.23
CA PHE G 695 -14.98 -15.19 25.09
C PHE G 695 -16.22 -15.89 25.62
N TRP G 696 -16.20 -17.21 25.56
CA TRP G 696 -17.16 -18.01 26.29
C TRP G 696 -16.85 -17.90 27.79
N LEU G 697 -17.82 -17.39 28.57
CA LEU G 697 -17.67 -17.15 30.01
C LEU G 697 -18.24 -18.33 30.81
N ASN G 698 -17.63 -19.50 30.66
CA ASN G 698 -17.85 -20.65 31.52
C ASN G 698 -17.58 -20.26 32.97
N ASN G 699 -18.23 -21.00 33.87
CA ASN G 699 -18.29 -20.65 35.29
C ASN G 699 -18.64 -21.90 36.10
N GLY G 700 -18.27 -21.88 37.38
CA GLY G 700 -18.59 -22.96 38.30
C GLY G 700 -17.62 -23.01 39.48
N ARG G 701 -17.40 -24.24 39.92
CA ARG G 701 -16.83 -24.53 41.21
C ARG G 701 -15.29 -24.57 41.21
N ASN G 702 -14.77 -24.21 42.37
CA ASN G 702 -13.42 -24.51 42.78
C ASN G 702 -13.50 -25.46 43.96
N ASN G 703 -12.61 -26.46 43.98
CA ASN G 703 -12.55 -27.47 45.02
C ASN G 703 -12.50 -26.87 46.41
N GLU G 704 -11.65 -25.87 46.61
CA GLU G 704 -11.40 -25.36 47.97
C GLU G 704 -12.54 -24.45 48.45
N VAL G 705 -13.23 -23.75 47.53
CA VAL G 705 -14.19 -22.73 47.88
C VAL G 705 -15.62 -23.35 47.95
N TRP G 706 -16.33 -23.13 49.05
CA TRP G 706 -17.73 -23.58 49.18
C TRP G 706 -18.66 -22.40 48.83
N GLN G 707 -19.36 -22.55 47.71
CA GLN G 707 -20.51 -21.75 47.36
C GLN G 707 -20.18 -20.26 47.37
N THR G 708 -21.00 -19.44 48.08
CA THR G 708 -20.82 -18.00 48.14
C THR G 708 -19.77 -17.60 49.16
N ALA G 709 -19.02 -18.58 49.68
CA ALA G 709 -17.88 -18.33 50.54
C ALA G 709 -18.30 -17.61 51.82
N TYR G 710 -19.46 -17.95 52.34
CA TYR G 710 -19.96 -17.23 53.51
C TYR G 710 -19.07 -17.46 54.73
N HIS G 711 -18.60 -18.70 54.95
CA HIS G 711 -17.56 -18.99 55.88
C HIS G 711 -16.16 -18.61 55.34
N ASP G 712 -15.88 -18.99 54.09
CA ASP G 712 -14.50 -18.91 53.60
C ASP G 712 -13.99 -17.47 53.55
N GLN G 713 -14.90 -16.51 53.41
CA GLN G 713 -14.49 -15.12 53.38
C GLN G 713 -13.86 -14.66 54.68
N TYR G 714 -14.08 -15.38 55.79
CA TYR G 714 -13.45 -15.04 57.07
C TYR G 714 -12.24 -15.91 57.40
N ASN G 715 -11.82 -16.75 56.47
CA ASN G 715 -10.74 -17.70 56.69
C ASN G 715 -9.46 -17.17 56.06
N SER G 716 -8.41 -16.92 56.87
CA SER G 716 -7.26 -16.19 56.36
C SER G 716 -6.51 -17.06 55.34
N LEU G 717 -6.45 -18.39 55.51
CA LEU G 717 -5.85 -19.25 54.48
C LEU G 717 -6.62 -19.16 53.18
N MET G 718 -7.96 -19.20 53.23
CA MET G 718 -8.77 -19.11 52.00
C MET G 718 -8.56 -17.78 51.28
N GLN G 719 -8.53 -16.70 52.06
CA GLN G 719 -8.40 -15.35 51.50
C GLN G 719 -6.98 -15.11 50.94
N GLU G 720 -5.98 -15.78 51.53
CA GLU G 720 -4.63 -15.67 51.01
C GLU G 720 -4.56 -16.41 49.65
N ARG G 721 -5.27 -17.56 49.53
CA ARG G 721 -5.16 -18.36 48.33
C ARG G 721 -6.01 -17.79 47.16
N TYR G 722 -7.24 -17.33 47.49
CA TYR G 722 -8.24 -16.84 46.55
C TYR G 722 -8.76 -15.49 47.03
N PRO G 723 -7.93 -14.42 47.03
CA PRO G 723 -8.39 -13.13 47.52
C PRO G 723 -9.48 -12.55 46.60
N MET G 724 -9.49 -12.96 45.32
CA MET G 724 -10.44 -12.44 44.34
C MET G 724 -10.89 -13.63 43.51
N ALA G 725 -12.11 -13.56 43.01
CA ALA G 725 -12.58 -14.58 42.08
C ALA G 725 -11.63 -14.62 40.90
N TYR G 726 -11.28 -15.82 40.45
CA TYR G 726 -10.32 -15.93 39.36
C TYR G 726 -11.00 -16.38 38.09
N ILE G 727 -10.32 -16.10 36.96
CA ILE G 727 -10.79 -16.46 35.64
C ILE G 727 -9.63 -17.16 34.93
N GLU G 728 -9.85 -18.46 34.68
CA GLU G 728 -8.91 -19.26 33.89
C GLU G 728 -8.99 -18.76 32.46
N MET G 729 -7.82 -18.47 31.88
CA MET G 729 -7.69 -18.02 30.51
C MET G 729 -6.57 -18.79 29.83
N ASN G 730 -6.77 -19.01 28.53
CA ASN G 730 -5.76 -19.59 27.69
C ASN G 730 -4.49 -18.70 27.68
N PRO G 731 -3.25 -19.23 27.82
CA PRO G 731 -2.07 -18.39 27.87
C PRO G 731 -1.87 -17.53 26.60
N ASP G 732 -2.29 -18.04 25.45
CA ASP G 732 -2.10 -17.26 24.22
C ASP G 732 -3.04 -16.05 24.21
N ASP G 733 -4.25 -16.27 24.74
CA ASP G 733 -5.21 -15.21 24.90
C ASP G 733 -4.66 -14.18 25.88
N CYS G 734 -4.04 -14.66 26.98
CA CYS G 734 -3.44 -13.79 27.97
C CYS G 734 -2.40 -12.86 27.33
N LYS G 735 -1.49 -13.42 26.54
CA LYS G 735 -0.40 -12.65 25.95
C LYS G 735 -0.98 -11.60 25.01
N GLN G 736 -2.06 -11.96 24.32
CA GLN G 736 -2.68 -11.03 23.41
C GLN G 736 -3.28 -9.86 24.17
N LEU G 737 -3.79 -10.09 25.36
CA LEU G 737 -4.37 -9.03 26.15
C LEU G 737 -3.34 -8.40 27.10
N ASP G 738 -2.07 -8.84 27.04
CA ASP G 738 -1.03 -8.38 27.91
C ASP G 738 -1.41 -8.57 29.39
N VAL G 739 -1.93 -9.75 29.75
CA VAL G 739 -2.21 -10.07 31.15
C VAL G 739 -1.48 -11.35 31.53
N THR G 740 -1.18 -11.45 32.83
CA THR G 740 -0.68 -12.67 33.43
C THR G 740 -1.35 -12.91 34.80
N GLY G 741 -0.99 -14.01 35.43
CA GLY G 741 -1.54 -14.35 36.74
C GLY G 741 -1.39 -13.20 37.73
N GLY G 742 -2.52 -12.83 38.35
CA GLY G 742 -2.52 -11.79 39.36
C GLY G 742 -2.86 -10.42 38.78
N ASP G 743 -3.08 -10.34 37.44
CA ASP G 743 -3.68 -9.12 36.89
C ASP G 743 -5.16 -9.10 37.21
N ILE G 744 -5.76 -7.90 37.24
CA ILE G 744 -7.18 -7.78 37.36
C ILE G 744 -7.77 -7.41 35.99
N VAL G 745 -8.84 -8.11 35.60
CA VAL G 745 -9.56 -7.82 34.37
C VAL G 745 -10.99 -7.47 34.68
N GLU G 746 -11.60 -6.61 33.82
CA GLU G 746 -13.07 -6.50 33.75
C GLU G 746 -13.58 -7.50 32.71
N VAL G 747 -14.64 -8.20 33.07
CA VAL G 747 -15.39 -9.08 32.20
C VAL G 747 -16.77 -8.47 31.99
N TYR G 748 -17.19 -8.27 30.72
CA TYR G 748 -18.44 -7.55 30.50
C TYR G 748 -19.11 -7.94 29.17
N ASN G 749 -20.39 -7.66 29.12
CA ASN G 749 -21.22 -7.86 27.95
C ASN G 749 -22.42 -6.94 28.07
N ASP G 750 -23.50 -7.24 27.33
CA ASP G 750 -24.68 -6.40 27.39
C ASP G 750 -25.42 -6.59 28.70
N PHE G 751 -25.20 -7.69 29.44
CA PHE G 751 -25.94 -7.95 30.68
C PHE G 751 -25.27 -7.31 31.91
N GLY G 752 -23.95 -7.10 31.86
CA GLY G 752 -23.32 -6.55 33.04
C GLY G 752 -21.79 -6.53 32.92
N SER G 753 -21.18 -6.11 34.04
CA SER G 753 -19.76 -5.93 34.17
C SER G 753 -19.31 -6.48 35.53
N THR G 754 -18.24 -7.27 35.55
CA THR G 754 -17.62 -7.68 36.82
C THR G 754 -16.13 -7.83 36.65
N PHE G 755 -15.44 -8.29 37.73
CA PHE G 755 -14.01 -8.27 37.81
C PHE G 755 -13.51 -9.63 38.29
N ALA G 756 -12.30 -9.99 37.90
CA ALA G 756 -11.64 -11.25 38.22
C ALA G 756 -10.12 -11.05 38.20
N MET G 757 -9.41 -11.88 38.99
CA MET G 757 -7.99 -11.99 38.79
C MET G 757 -7.70 -13.09 37.76
N VAL G 758 -6.75 -12.81 36.87
CA VAL G 758 -6.39 -13.67 35.75
C VAL G 758 -5.58 -14.85 36.27
N TYR G 759 -5.97 -16.04 35.81
CA TYR G 759 -5.31 -17.29 36.18
C TYR G 759 -4.97 -18.04 34.90
N PRO G 760 -3.80 -17.82 34.29
CA PRO G 760 -3.47 -18.52 33.07
C PRO G 760 -3.44 -20.04 33.28
N VAL G 761 -4.14 -20.73 32.36
CA VAL G 761 -4.35 -22.15 32.40
C VAL G 761 -4.15 -22.69 30.99
N ALA G 762 -3.13 -23.54 30.85
CA ALA G 762 -2.72 -24.08 29.56
C ALA G 762 -3.85 -24.88 28.92
N GLU G 763 -4.67 -25.56 29.74
CA GLU G 763 -5.70 -26.49 29.24
C GLU G 763 -6.93 -25.77 28.72
N ILE G 764 -7.08 -24.47 28.98
CA ILE G 764 -8.24 -23.71 28.49
C ILE G 764 -8.08 -23.45 26.99
N LYS G 765 -9.14 -23.66 26.24
CA LYS G 765 -9.14 -23.49 24.79
C LYS G 765 -9.21 -22.00 24.47
N ARG G 766 -8.62 -21.66 23.34
CA ARG G 766 -8.61 -20.27 22.88
C ARG G 766 -10.05 -19.82 22.73
N GLY G 767 -10.38 -18.60 23.22
CA GLY G 767 -11.75 -18.09 23.07
C GLY G 767 -12.66 -18.58 24.17
N GLN G 768 -12.15 -19.41 25.11
CA GLN G 768 -12.93 -19.88 26.25
C GLN G 768 -12.21 -19.42 27.53
N THR G 769 -12.99 -19.33 28.60
CA THR G 769 -12.49 -18.97 29.94
C THR G 769 -13.30 -19.77 30.96
N PHE G 770 -12.96 -19.66 32.24
CA PHE G 770 -13.69 -20.30 33.31
C PHE G 770 -13.56 -19.40 34.53
N MET G 771 -14.66 -18.85 35.01
CA MET G 771 -14.60 -18.01 36.20
C MET G 771 -15.31 -18.65 37.38
N LEU G 772 -14.68 -18.51 38.57
CA LEU G 772 -15.32 -18.94 39.81
C LEU G 772 -16.63 -18.25 40.04
N PHE G 773 -17.69 -19.02 40.33
CA PHE G 773 -19.03 -18.46 40.45
C PHE G 773 -19.26 -18.01 41.89
N GLY G 774 -20.22 -17.10 42.05
CA GLY G 774 -20.84 -16.87 43.35
C GLY G 774 -19.96 -16.19 44.41
N TYR G 775 -18.81 -15.61 44.02
CA TYR G 775 -17.86 -15.23 45.05
C TYR G 775 -18.06 -13.84 45.65
N VAL G 776 -17.35 -13.62 46.77
CA VAL G 776 -17.47 -12.40 47.56
C VAL G 776 -16.65 -11.26 46.98
N ASN G 777 -15.75 -11.50 46.04
CA ASN G 777 -14.93 -10.45 45.44
C ASN G 777 -14.86 -10.70 43.94
N GLY G 778 -15.87 -10.15 43.20
CA GLY G 778 -15.97 -10.36 41.77
C GLY G 778 -17.05 -11.39 41.48
N ILE G 779 -18.29 -10.92 41.36
CA ILE G 779 -19.46 -11.76 41.21
C ILE G 779 -19.56 -12.14 39.72
N GLN G 780 -19.50 -13.43 39.43
CA GLN G 780 -19.58 -13.90 38.04
C GLN G 780 -20.93 -13.65 37.38
N GLY G 781 -22.01 -13.71 38.16
CA GLY G 781 -23.34 -13.80 37.60
C GLY G 781 -23.82 -12.53 36.90
N ASP G 782 -23.12 -11.43 37.11
CA ASP G 782 -23.35 -10.16 36.42
C ASP G 782 -23.39 -10.33 34.91
N VAL G 783 -22.67 -11.34 34.39
CA VAL G 783 -22.59 -11.46 32.94
C VAL G 783 -23.42 -12.63 32.39
N THR G 784 -24.16 -13.33 33.24
CA THR G 784 -25.13 -14.32 32.77
C THR G 784 -26.41 -13.63 32.27
N THR G 785 -27.10 -14.27 31.33
CA THR G 785 -28.27 -13.68 30.70
C THR G 785 -29.50 -14.03 31.51
N ASP G 786 -30.61 -13.46 31.07
CA ASP G 786 -31.91 -13.72 31.64
C ASP G 786 -32.54 -14.95 31.03
N TRP G 787 -31.87 -15.61 30.09
CA TRP G 787 -32.54 -16.69 29.35
C TRP G 787 -32.70 -17.94 30.22
N THR G 788 -33.92 -18.52 30.15
CA THR G 788 -34.31 -19.74 30.80
C THR G 788 -35.09 -20.65 29.87
N ASP G 789 -35.13 -21.94 30.19
CA ASP G 789 -35.83 -22.92 29.36
C ASP G 789 -37.31 -22.85 29.66
N ARG G 790 -38.08 -23.82 29.15
CA ARG G 790 -39.52 -23.70 29.19
C ARG G 790 -40.00 -23.68 30.64
N ASN G 791 -39.23 -24.28 31.56
CA ASN G 791 -39.62 -24.34 32.95
C ASN G 791 -38.86 -23.30 33.81
N ILE G 792 -38.28 -22.25 33.21
CA ILE G 792 -37.56 -21.20 33.88
C ILE G 792 -36.30 -21.73 34.57
N ILE G 793 -35.59 -22.62 33.85
CA ILE G 793 -34.27 -23.07 34.23
C ILE G 793 -33.23 -22.27 33.46
N PRO G 794 -32.37 -21.50 34.17
CA PRO G 794 -31.36 -20.69 33.50
C PRO G 794 -30.20 -21.46 32.84
N TYR G 795 -29.77 -20.92 31.71
CA TYR G 795 -28.57 -21.36 31.05
C TYR G 795 -27.37 -20.59 31.63
N TYR G 796 -27.04 -20.90 32.90
CA TYR G 796 -25.98 -20.19 33.60
C TYR G 796 -24.63 -20.40 32.92
N LYS G 797 -24.43 -21.53 32.26
CA LYS G 797 -23.21 -21.85 31.56
C LYS G 797 -23.15 -21.28 30.14
N GLY G 798 -24.13 -20.46 29.76
CA GLY G 798 -24.34 -19.96 28.41
C GLY G 798 -24.32 -18.43 28.39
N THR G 799 -23.11 -17.89 28.25
CA THR G 799 -22.87 -16.47 28.11
C THR G 799 -21.49 -16.22 27.52
N TRP G 800 -21.41 -15.12 26.78
CA TRP G 800 -20.18 -14.66 26.12
C TRP G 800 -19.93 -13.21 26.51
N GLY G 801 -18.69 -12.77 26.55
CA GLY G 801 -18.31 -11.40 26.89
C GLY G 801 -16.90 -11.06 26.44
N ASP G 802 -16.51 -9.83 26.68
CA ASP G 802 -15.19 -9.33 26.39
C ASP G 802 -14.46 -9.13 27.71
N ILE G 803 -13.16 -8.92 27.62
CA ILE G 803 -12.25 -8.88 28.75
C ILE G 803 -11.31 -7.73 28.52
N ARG G 804 -11.12 -6.92 29.55
CA ARG G 804 -10.29 -5.75 29.47
C ARG G 804 -9.39 -5.71 30.70
N LYS G 805 -8.10 -5.47 30.48
CA LYS G 805 -7.15 -5.36 31.55
C LYS G 805 -7.45 -4.13 32.40
N VAL G 806 -7.52 -4.30 33.73
CA VAL G 806 -7.56 -3.19 34.66
C VAL G 806 -6.14 -2.88 35.11
N GLY G 807 -5.37 -3.89 35.51
CA GLY G 807 -4.03 -3.65 35.95
C GLY G 807 -3.43 -4.80 36.74
N SER G 808 -2.18 -4.63 37.19
CA SER G 808 -1.42 -5.67 37.88
C SER G 808 -1.54 -5.49 39.38
N MET G 809 -2.08 -6.50 40.07
CA MET G 809 -2.12 -6.46 41.51
C MET G 809 -0.87 -7.14 42.06
N GLU G 810 0.15 -6.32 42.40
CA GLU G 810 1.43 -6.90 42.75
C GLU G 810 1.27 -7.76 44.00
N GLU G 811 0.36 -7.38 44.93
CA GLU G 811 0.17 -8.17 46.14
C GLU G 811 -0.30 -9.61 45.82
N PHE G 812 -1.15 -9.75 44.78
CA PHE G 812 -1.62 -11.07 44.39
C PHE G 812 -0.45 -11.86 43.79
N LYS G 813 0.38 -11.17 42.97
CA LYS G 813 1.59 -11.78 42.42
C LYS G 813 2.51 -12.33 43.49
N ARG G 814 2.59 -11.62 44.64
CA ARG G 814 3.48 -11.98 45.73
C ARG G 814 2.94 -13.12 46.61
N THR G 815 1.58 -13.34 46.61
CA THR G 815 1.00 -14.16 47.65
C THR G 815 0.17 -15.32 47.12
N VAL G 816 -0.32 -15.24 45.88
CA VAL G 816 -1.21 -16.23 45.29
C VAL G 816 -0.44 -17.12 44.35
N SER G 817 -0.58 -18.46 44.52
CA SER G 817 -0.11 -19.36 43.49
C SER G 817 -0.96 -19.33 42.22
N PHE G 818 -0.29 -19.23 41.06
CA PHE G 818 -0.99 -19.36 39.78
C PHE G 818 -0.52 -20.60 39.09
N LYS G 819 -0.10 -21.59 39.87
CA LYS G 819 0.38 -22.84 39.32
C LYS G 819 -0.82 -23.72 38.96
N SER G 820 -0.58 -24.74 38.15
CA SER G 820 -1.63 -25.56 37.56
C SER G 820 -2.37 -26.35 38.64
N ARG G 821 -3.71 -26.37 38.52
CA ARG G 821 -4.57 -27.16 39.38
C ARG G 821 -4.96 -28.50 38.73
N ARG G 822 -4.34 -28.84 37.60
CA ARG G 822 -4.58 -30.11 36.91
C ARG G 822 -3.42 -31.03 37.20
N PHE G 823 -3.63 -31.99 38.05
CA PHE G 823 -2.57 -32.85 38.53
C PHE G 823 -2.01 -33.75 37.45
N ALA G 824 -0.67 -33.77 37.32
N ALA G 824 -0.69 -33.71 37.33
CA ALA G 824 0.02 -34.78 36.52
CA ALA G 824 0.07 -34.82 36.78
C ALA G 824 1.33 -35.23 37.19
C ALA G 824 1.31 -35.03 37.65
N ALA H 1 7.65 -27.15 82.74
CA ALA H 1 6.96 -26.45 83.83
C ALA H 1 6.74 -25.02 83.35
N GLY H 2 5.49 -24.74 82.95
CA GLY H 2 5.19 -23.45 82.36
C GLY H 2 5.52 -23.42 80.87
N ARG H 3 6.70 -23.98 80.48
CA ARG H 3 7.22 -23.85 79.12
C ARG H 3 6.12 -24.00 78.06
N THR H 4 6.09 -23.07 77.09
CA THR H 4 4.97 -23.03 76.15
C THR H 4 5.42 -23.47 74.77
N THR H 5 6.73 -23.56 74.56
CA THR H 5 7.28 -23.94 73.26
C THR H 5 7.74 -25.39 73.35
N LEU H 6 7.76 -26.04 72.18
CA LEU H 6 8.31 -27.36 71.99
C LEU H 6 9.85 -27.29 71.99
N GLN H 7 10.50 -28.38 72.38
CA GLN H 7 11.94 -28.42 72.54
C GLN H 7 12.54 -28.97 71.26
N TYR H 8 12.66 -28.13 70.24
CA TYR H 8 13.12 -28.55 68.94
C TYR H 8 14.61 -28.78 69.01
N PRO H 9 15.16 -29.84 68.39
CA PRO H 9 16.62 -29.94 68.29
C PRO H 9 17.15 -28.95 67.25
N ALA H 10 18.47 -28.69 67.26
CA ALA H 10 19.18 -27.99 66.20
C ALA H 10 19.93 -29.05 65.39
N THR H 11 19.52 -29.23 64.14
CA THR H 11 20.15 -30.24 63.30
C THR H 11 20.80 -29.58 62.09
N GLN H 12 22.11 -29.77 61.93
CA GLN H 12 22.78 -29.33 60.72
C GLN H 12 22.20 -30.06 59.52
N VAL H 13 21.90 -29.34 58.43
CA VAL H 13 21.45 -29.97 57.20
C VAL H 13 22.64 -30.07 56.26
N SER H 14 23.12 -28.90 55.84
CA SER H 14 24.29 -28.76 54.98
C SER H 14 24.89 -27.36 55.09
N VAL H 15 25.87 -27.06 54.25
CA VAL H 15 26.22 -25.67 54.03
C VAL H 15 25.48 -25.23 52.77
N ALA H 16 25.09 -23.96 52.76
CA ALA H 16 24.27 -23.42 51.69
C ALA H 16 24.91 -23.58 50.33
N LYS H 17 26.22 -23.35 50.22
CA LYS H 17 26.80 -23.29 48.90
C LYS H 17 26.89 -24.68 48.28
N ASN H 18 26.73 -25.75 49.03
CA ASN H 18 26.70 -27.07 48.46
C ASN H 18 25.39 -27.26 47.67
N LEU H 19 24.33 -26.48 47.94
CA LEU H 19 23.05 -26.77 47.30
C LEU H 19 23.04 -26.25 45.86
N LYS H 20 22.61 -27.05 44.90
CA LYS H 20 22.45 -26.58 43.51
C LYS H 20 21.02 -26.12 43.28
N ALA H 21 20.82 -25.11 42.43
CA ALA H 21 19.52 -24.65 42.05
C ALA H 21 18.58 -25.81 41.67
N ASN H 22 17.44 -25.90 42.37
CA ASN H 22 16.34 -26.81 42.05
C ASN H 22 16.70 -28.29 42.16
N GLU H 23 17.76 -28.62 42.95
CA GLU H 23 18.13 -29.98 43.27
C GLU H 23 17.91 -30.26 44.75
N PRO H 24 16.78 -30.92 45.12
CA PRO H 24 16.35 -31.06 46.51
C PRO H 24 17.31 -31.93 47.30
N VAL H 25 17.55 -31.54 48.56
CA VAL H 25 18.19 -32.39 49.53
C VAL H 25 17.20 -33.03 50.48
N SER H 26 17.41 -34.30 50.83
CA SER H 26 16.61 -35.02 51.79
C SER H 26 17.29 -35.04 53.12
N PHE H 27 16.54 -34.80 54.18
CA PHE H 27 17.05 -34.98 55.55
C PHE H 27 15.88 -35.31 56.46
N THR H 28 16.15 -35.60 57.75
CA THR H 28 15.11 -35.86 58.73
C THR H 28 15.14 -34.80 59.82
N TYR H 29 13.93 -34.37 60.22
CA TYR H 29 13.74 -33.33 61.21
C TYR H 29 12.29 -33.29 61.67
N PRO H 30 11.99 -33.26 62.97
CA PRO H 30 12.99 -33.24 64.07
C PRO H 30 13.42 -34.61 64.61
N ASP H 31 13.07 -35.67 63.92
CA ASP H 31 13.58 -36.99 64.25
C ASP H 31 13.61 -37.80 62.97
N THR H 32 14.15 -39.02 63.04
CA THR H 32 14.38 -39.80 61.82
C THR H 32 13.08 -40.27 61.21
N SER H 33 11.91 -40.14 61.86
CA SER H 33 10.64 -40.55 61.22
C SER H 33 9.93 -39.39 60.51
N SER H 34 10.59 -38.23 60.43
CA SER H 34 10.00 -37.05 59.80
C SER H 34 10.84 -36.65 58.60
N PRO H 35 10.55 -37.16 57.38
CA PRO H 35 11.32 -36.79 56.19
C PRO H 35 11.01 -35.35 55.76
N CYS H 36 12.07 -34.68 55.32
CA CYS H 36 12.04 -33.30 54.87
C CYS H 36 12.90 -33.10 53.61
N VAL H 37 12.67 -31.99 52.93
CA VAL H 37 13.44 -31.56 51.78
C VAL H 37 13.84 -30.11 51.96
N ALA H 38 15.09 -29.78 51.62
CA ALA H 38 15.51 -28.41 51.40
C ALA H 38 15.80 -28.20 49.93
N VAL H 39 15.45 -27.06 49.39
CA VAL H 39 15.74 -26.79 48.00
C VAL H 39 16.10 -25.32 47.79
N LYS H 40 17.17 -25.10 47.02
CA LYS H 40 17.54 -23.80 46.52
C LYS H 40 16.69 -23.51 45.28
N LEU H 41 15.88 -22.47 45.36
CA LEU H 41 14.90 -22.27 44.29
C LEU H 41 15.53 -21.52 43.11
N GLY H 42 16.55 -20.67 43.32
CA GLY H 42 17.19 -19.99 42.20
C GLY H 42 16.85 -18.50 42.14
N SER H 43 15.76 -18.11 42.79
CA SER H 43 15.39 -16.70 42.87
C SER H 43 14.79 -16.43 44.23
N PRO H 44 14.98 -15.24 44.81
CA PRO H 44 14.46 -14.95 46.16
C PRO H 44 12.95 -15.16 46.30
N VAL H 45 12.55 -15.74 47.44
CA VAL H 45 11.18 -15.80 47.89
C VAL H 45 11.13 -15.29 49.33
N PRO H 46 9.97 -14.76 49.74
CA PRO H 46 9.74 -14.33 51.11
C PRO H 46 10.12 -15.45 52.07
N GLY H 47 11.00 -15.08 53.01
CA GLY H 47 11.37 -16.01 54.04
C GLY H 47 12.50 -16.96 53.65
N GLY H 48 12.88 -16.95 52.34
CA GLY H 48 13.98 -17.79 51.86
C GLY H 48 15.28 -17.47 52.56
N VAL H 49 16.16 -18.47 52.74
CA VAL H 49 17.42 -18.15 53.38
C VAL H 49 18.58 -18.52 52.45
N GLY H 50 19.78 -18.21 52.96
CA GLY H 50 21.00 -18.36 52.23
C GLY H 50 21.45 -17.07 51.57
N PRO H 51 22.60 -17.10 50.87
CA PRO H 51 23.14 -15.91 50.20
C PRO H 51 22.14 -15.26 49.24
N ASN H 52 21.39 -16.06 48.50
CA ASN H 52 20.37 -15.57 47.55
C ASN H 52 18.93 -15.69 48.04
N ASN H 53 18.72 -15.89 49.33
CA ASN H 53 17.38 -15.80 49.97
C ASN H 53 16.32 -16.65 49.28
N ASP H 54 16.74 -17.76 48.81
CA ASP H 54 15.98 -18.58 47.93
C ASP H 54 15.97 -20.01 48.40
N ILE H 55 16.54 -20.33 49.58
CA ILE H 55 16.50 -21.70 50.07
C ILE H 55 15.30 -21.86 51.01
N VAL H 56 14.50 -22.90 50.75
CA VAL H 56 13.32 -23.20 51.56
C VAL H 56 13.38 -24.67 51.92
N ALA H 57 12.70 -25.00 53.03
CA ALA H 57 12.66 -26.38 53.47
C ALA H 57 11.27 -26.71 54.02
N TYR H 58 10.85 -27.95 53.83
CA TYR H 58 9.53 -28.48 54.19
C TYR H 58 9.57 -29.87 54.76
N SER H 59 8.60 -30.19 55.61
CA SER H 59 8.11 -31.57 55.85
C SER H 59 7.50 -32.09 54.55
N VAL H 60 7.85 -33.31 54.10
CA VAL H 60 7.26 -33.77 52.87
C VAL H 60 6.05 -34.65 53.09
N LEU H 61 5.65 -34.88 54.34
CA LEU H 61 4.42 -35.65 54.56
C LEU H 61 3.17 -34.80 54.24
N CYS H 62 2.33 -35.33 53.36
CA CYS H 62 1.10 -34.67 53.00
C CYS H 62 0.30 -34.37 54.25
N THR H 63 -0.20 -33.13 54.37
CA THR H 63 -0.99 -32.75 55.54
C THR H 63 -2.42 -33.25 55.49
N HIS H 64 -2.83 -33.87 54.34
CA HIS H 64 -4.09 -34.57 54.25
C HIS H 64 -4.09 -35.85 55.08
N MET H 65 -3.43 -36.88 54.56
CA MET H 65 -3.40 -38.19 55.19
C MET H 65 -2.04 -38.85 55.09
N GLY H 66 -0.96 -38.06 54.87
CA GLY H 66 0.33 -38.37 55.42
C GLY H 66 1.20 -39.15 54.44
N PHE H 67 0.81 -39.35 53.19
CA PHE H 67 1.76 -39.96 52.27
C PHE H 67 2.95 -39.01 52.08
N PRO H 68 4.17 -39.51 51.87
CA PRO H 68 5.31 -38.70 51.47
C PRO H 68 5.12 -38.14 50.08
N THR H 69 5.17 -36.82 49.98
CA THR H 69 4.98 -36.14 48.73
C THR H 69 6.29 -36.15 47.95
N SER H 70 6.21 -35.91 46.65
CA SER H 70 7.44 -35.82 45.88
C SER H 70 7.55 -34.42 45.28
N TYR H 71 8.79 -33.96 45.28
CA TYR H 71 9.15 -32.67 44.77
C TYR H 71 9.23 -32.77 43.26
N ASP H 72 8.52 -31.90 42.57
CA ASP H 72 8.55 -31.82 41.12
C ASP H 72 9.38 -30.61 40.68
N LYS H 73 10.50 -30.91 40.05
CA LYS H 73 11.45 -29.87 39.69
C LYS H 73 10.90 -28.98 38.62
N SER H 74 10.05 -29.46 37.71
CA SER H 74 9.62 -28.59 36.64
C SER H 74 8.71 -27.52 37.20
N SER H 75 7.94 -27.80 38.26
CA SER H 75 6.92 -26.86 38.71
C SER H 75 7.22 -26.25 40.06
N LYS H 76 8.25 -26.78 40.75
CA LYS H 76 8.63 -26.39 42.10
C LYS H 76 7.42 -26.53 43.03
N THR H 77 6.84 -27.75 43.02
CA THR H 77 5.74 -28.12 43.89
C THR H 77 6.05 -29.46 44.53
N PHE H 78 5.29 -29.76 45.59
CA PHE H 78 5.23 -31.10 46.16
C PHE H 78 3.85 -31.68 45.79
N LYS H 79 3.86 -32.88 45.22
CA LYS H 79 2.66 -33.57 44.77
C LYS H 79 2.43 -34.82 45.58
N CYS H 80 1.17 -35.02 45.99
CA CYS H 80 0.85 -36.16 46.84
C CYS H 80 0.17 -37.22 45.99
N PRO H 81 0.67 -38.46 46.01
CA PRO H 81 0.03 -39.52 45.24
C PRO H 81 -1.28 -40.04 45.83
N GLY H 82 -1.65 -39.58 47.06
CA GLY H 82 -2.78 -40.09 47.79
C GLY H 82 -4.08 -39.69 47.14
N HIS H 83 -4.40 -38.40 47.26
CA HIS H 83 -5.61 -37.83 46.71
C HIS H 83 -5.30 -36.56 45.96
N PHE H 84 -4.02 -36.44 45.46
CA PHE H 84 -3.64 -35.50 44.38
C PHE H 84 -3.50 -34.04 44.90
N THR H 85 -3.33 -33.84 46.22
CA THR H 85 -3.01 -32.52 46.70
C THR H 85 -1.63 -32.08 46.16
N GLU H 86 -1.53 -30.81 45.82
CA GLU H 86 -0.30 -30.22 45.34
C GLU H 86 -0.01 -28.91 46.09
N PHE H 87 1.23 -28.77 46.59
CA PHE H 87 1.66 -27.64 47.39
C PHE H 87 2.75 -26.83 46.72
N ASP H 88 2.70 -25.51 46.91
CA ASP H 88 3.57 -24.61 46.21
C ASP H 88 4.85 -24.31 47.03
N ALA H 89 6.03 -24.79 46.54
CA ALA H 89 7.28 -24.61 47.30
C ALA H 89 7.71 -23.14 47.33
N GLU H 90 7.19 -22.34 46.42
CA GLU H 90 7.51 -20.92 46.28
C GLU H 90 6.51 -20.01 47.03
N LYS H 91 5.49 -20.58 47.67
CA LYS H 91 4.48 -19.81 48.39
C LYS H 91 4.25 -20.41 49.76
N ALA H 92 5.35 -20.76 50.42
CA ALA H 92 5.33 -21.25 51.79
C ALA H 92 4.35 -22.40 51.94
N GLY H 93 4.35 -23.32 50.97
CA GLY H 93 3.58 -24.54 51.09
C GLY H 93 2.08 -24.38 50.84
N GLN H 94 1.67 -23.22 50.28
CA GLN H 94 0.31 -22.95 49.92
C GLN H 94 -0.27 -24.10 49.07
N MET H 95 -1.42 -24.59 49.45
CA MET H 95 -2.08 -25.63 48.67
C MET H 95 -2.63 -25.09 47.35
N ILE H 96 -2.15 -25.59 46.22
CA ILE H 96 -2.61 -25.10 44.93
C ILE H 96 -4.01 -25.62 44.60
N CYS H 97 -4.21 -26.91 44.94
CA CYS H 97 -5.43 -27.68 44.73
C CYS H 97 -5.27 -28.92 45.61
N GLY H 98 -6.35 -29.37 46.27
CA GLY H 98 -6.27 -30.62 47.00
C GLY H 98 -7.19 -30.63 48.22
N GLN H 99 -6.98 -31.63 49.06
CA GLN H 99 -7.94 -31.98 50.08
C GLN H 99 -7.37 -31.68 51.47
N ALA H 100 -6.13 -31.21 51.57
CA ALA H 100 -5.62 -30.77 52.88
C ALA H 100 -6.28 -29.49 53.37
N THR H 101 -6.26 -29.29 54.68
CA THR H 101 -6.69 -28.04 55.28
C THR H 101 -5.52 -27.35 55.99
N GLU H 102 -4.28 -27.76 55.71
CA GLU H 102 -3.10 -27.07 56.24
C GLU H 102 -2.01 -27.07 55.16
N ASN H 103 -1.29 -25.97 55.11
CA ASN H 103 -0.19 -25.77 54.20
C ASN H 103 0.89 -26.81 54.50
N LEU H 104 1.75 -27.13 53.53
CA LEU H 104 2.86 -28.00 53.83
C LEU H 104 3.76 -27.38 54.89
N PRO H 105 4.06 -28.01 56.06
CA PRO H 105 4.86 -27.36 57.14
C PRO H 105 6.26 -26.98 56.68
N ARG H 106 6.67 -25.78 57.02
CA ARG H 106 8.00 -25.27 56.70
C ARG H 106 8.98 -25.68 57.80
N VAL H 107 10.12 -26.26 57.43
CA VAL H 107 11.23 -26.36 58.38
C VAL H 107 11.99 -25.04 58.44
N LEU H 108 12.03 -24.43 59.61
CA LEU H 108 12.75 -23.20 59.85
C LEU H 108 14.27 -23.47 59.94
N LEU H 109 15.00 -22.82 59.03
CA LEU H 109 16.43 -22.90 58.87
C LEU H 109 17.08 -21.64 59.40
N ARG H 110 18.07 -21.78 60.28
CA ARG H 110 18.99 -20.70 60.48
C ARG H 110 20.11 -20.81 59.43
N TYR H 111 20.48 -19.68 58.80
CA TYR H 111 21.67 -19.57 57.96
C TYR H 111 22.71 -18.70 58.64
N ASP H 112 23.90 -19.28 58.97
CA ASP H 112 25.03 -18.57 59.53
C ASP H 112 26.02 -18.18 58.42
N GLU H 113 26.14 -16.88 58.15
CA GLU H 113 27.06 -16.34 57.18
C GLU H 113 28.50 -16.75 57.57
N ALA H 114 28.78 -16.76 58.87
CA ALA H 114 30.12 -17.10 59.35
C ALA H 114 30.65 -18.48 58.91
N SER H 115 29.78 -19.50 58.82
CA SER H 115 30.14 -20.89 58.57
C SER H 115 29.51 -21.42 57.27
N ASP H 116 28.61 -20.64 56.68
CA ASP H 116 27.73 -21.02 55.57
C ASP H 116 26.73 -22.13 55.90
N ALA H 117 26.53 -22.47 57.18
CA ALA H 117 25.66 -23.56 57.67
C ALA H 117 24.17 -23.21 57.64
N LEU H 118 23.45 -24.23 57.25
CA LEU H 118 21.98 -24.33 57.28
C LEU H 118 21.66 -25.27 58.41
N THR H 119 20.97 -24.77 59.43
CA THR H 119 20.62 -25.60 60.56
C THR H 119 19.09 -25.55 60.75
N ALA H 120 18.46 -26.73 60.82
CA ALA H 120 17.02 -26.84 61.10
C ALA H 120 16.80 -26.57 62.59
N VAL H 121 15.98 -25.57 62.92
CA VAL H 121 15.84 -25.18 64.32
C VAL H 121 14.40 -25.22 64.79
N GLY H 122 13.45 -25.41 63.85
CA GLY H 122 12.05 -25.50 64.21
C GLY H 122 11.16 -25.82 63.00
N VAL H 123 9.84 -25.82 63.23
CA VAL H 123 8.84 -26.20 62.24
C VAL H 123 7.68 -25.22 62.37
N ASP H 124 7.28 -24.62 61.24
CA ASP H 124 6.09 -23.79 61.16
C ASP H 124 4.96 -24.60 60.49
N GLY H 125 3.95 -24.95 61.30
CA GLY H 125 2.87 -25.82 60.90
C GLY H 125 3.08 -27.15 61.63
N LEU H 126 2.06 -28.02 61.56
CA LEU H 126 2.05 -29.28 62.28
C LEU H 126 2.26 -30.41 61.29
N ILE H 127 3.32 -31.19 61.50
CA ILE H 127 3.61 -32.37 60.69
C ILE H 127 2.49 -33.41 60.81
N TYR H 128 2.14 -34.00 59.66
CA TYR H 128 1.14 -35.06 59.59
C TYR H 128 1.40 -36.10 60.71
N GLY H 129 0.32 -36.59 61.32
CA GLY H 129 0.40 -37.85 62.06
C GLY H 129 1.05 -37.73 63.43
N ARG H 130 0.99 -36.49 63.98
CA ARG H 130 1.66 -36.20 65.23
C ARG H 130 0.74 -35.35 66.12
N GLN H 131 0.88 -35.55 67.41
CA GLN H 131 0.18 -34.72 68.40
C GLN H 131 0.93 -33.42 68.56
N ALA H 132 2.26 -33.48 68.40
CA ALA H 132 3.13 -32.30 68.43
C ALA H 132 4.28 -32.55 67.49
N ASN H 133 4.95 -31.52 66.98
CA ASN H 133 6.04 -31.73 66.04
C ASN H 133 7.15 -32.56 66.67
N VAL H 134 7.38 -32.36 67.96
CA VAL H 134 8.42 -33.04 68.74
C VAL H 134 7.75 -34.15 69.52
N ILE H 135 8.09 -35.40 69.24
CA ILE H 135 7.45 -36.53 69.91
C ILE H 135 8.29 -36.88 71.15
MO MO I . 23.15 30.38 -35.75
PB MGD J . 21.28 24.87 -41.92
O1B MGD J . 19.94 24.23 -42.30
O2B MGD J . 21.61 24.82 -40.49
O3B MGD J . 21.16 26.36 -42.53
O3A MGD J . 21.65 28.72 -42.02
PA MGD J . 22.22 27.51 -42.93
O1A MGD J . 23.52 27.06 -42.42
O2A MGD J . 22.01 27.77 -44.38
O5' MGD J . 22.41 24.01 -42.67
C5' MGD J . 22.80 24.37 -44.00
C4' MGD J . 22.96 23.16 -44.87
O4' MGD J . 24.08 22.38 -44.40
C3' MGD J . 21.77 22.13 -44.92
O3' MGD J . 21.04 22.26 -46.13
C2' MGD J . 22.47 20.75 -44.86
O2' MGD J . 22.07 19.74 -45.74
C1' MGD J . 23.94 21.14 -45.11
N9 MGD J . 24.96 20.20 -44.62
C8 MGD J . 24.88 19.33 -43.59
N7 MGD J . 25.98 18.65 -43.35
C5 MGD J . 26.91 19.19 -44.22
C6 MGD J . 28.27 18.88 -44.47
O6 MGD J . 29.01 18.00 -43.96
N1 MGD J . 28.79 19.65 -45.51
C2 MGD J . 28.08 20.58 -46.25
N2 MGD J . 28.74 21.16 -47.26
N3 MGD J . 26.78 20.84 -46.09
C4 MGD J . 26.26 20.12 -45.06
C10 MGD J . 21.92 28.70 -40.64
C11 MGD J . 21.52 30.09 -40.18
O11 MGD J . 20.13 30.26 -40.58
C12 MGD J . 21.72 30.29 -38.71
S12 MGD J . 23.15 29.71 -37.98
C13 MGD J . 20.80 30.86 -37.95
S13 MGD J . 21.02 31.31 -36.28
C14 MGD J . 19.50 31.30 -38.54
N15 MGD J . 18.40 30.44 -38.15
C16 MGD J . 17.24 30.43 -38.94
C17 MGD J . 16.12 29.68 -38.54
O17 MGD J . 15.94 29.18 -37.43
N18 MGD J . 15.05 29.66 -39.43
C19 MGD J . 15.12 30.20 -40.68
N19 MGD J . 14.08 29.92 -41.53
N20 MGD J . 16.23 30.86 -41.08
C21 MGD J . 17.24 31.03 -40.20
N22 MGD J . 18.33 31.67 -40.69
C23 MGD J . 19.61 31.47 -40.05
PB MGD K . 17.59 30.62 -29.89
O1B MGD K . 16.22 30.12 -30.32
O2B MGD K . 18.19 31.55 -30.88
O3B MGD K . 18.45 29.28 -29.54
O3A MGD K . 20.61 28.08 -29.89
PA MGD K . 19.92 29.16 -28.85
O1A MGD K . 20.50 30.52 -28.87
O2A MGD K . 19.77 28.41 -27.59
O5' MGD K . 17.57 31.18 -28.41
C5' MGD K . 16.94 32.50 -28.21
C4' MGD K . 16.34 32.50 -26.81
O4' MGD K . 16.32 33.85 -26.25
C3' MGD K . 14.92 31.98 -26.73
O3' MGD K . 14.73 31.24 -25.51
C2' MGD K . 14.13 33.28 -26.78
O2' MGD K . 12.89 33.27 -26.11
C1' MGD K . 15.03 34.26 -25.99
N9 MGD K . 14.97 35.68 -26.38
C8 MGD K . 14.57 36.22 -27.56
N7 MGD K . 14.69 37.52 -27.58
C5 MGD K . 15.39 37.86 -26.43
C6 MGD K . 15.83 39.10 -25.88
O6 MGD K . 15.68 40.28 -26.30
N1 MGD K . 16.39 38.94 -24.60
C2 MGD K . 16.58 37.73 -24.00
N2 MGD K . 17.19 37.72 -22.79
N3 MGD K . 16.09 36.57 -24.48
C4 MGD K . 15.52 36.71 -25.69
C10 MGD K . 20.66 28.38 -31.31
C11 MGD K . 21.94 27.80 -31.83
O11 MGD K . 21.56 26.42 -31.92
C12 MGD K . 22.48 28.36 -33.15
S12 MGD K . 22.23 30.06 -33.55
C13 MGD K . 23.07 27.56 -34.01
S13 MGD K . 23.74 28.21 -35.52
C14 MGD K . 23.17 26.07 -33.70
N15 MGD K . 22.45 25.30 -34.72
C16 MGD K . 22.39 23.96 -34.59
C17 MGD K . 22.26 23.10 -35.69
O17 MGD K . 22.42 23.45 -36.88
N18 MGD K . 22.19 21.76 -35.37
C19 MGD K . 22.01 21.32 -34.11
N19 MGD K . 21.85 20.03 -33.92
N20 MGD K . 22.17 22.13 -33.07
C21 MGD K . 22.30 23.46 -33.30
N22 MGD K . 22.39 24.30 -32.22
C23 MGD K . 22.71 25.68 -32.31
FE1 F3S L . 13.55 38.77 -41.39
FE3 F3S L . 14.39 39.31 -43.89
FE4 F3S L . 15.59 37.38 -42.59
S1 F3S L . 12.27 39.46 -43.10
S2 F3S L . 13.92 36.59 -41.18
S3 F3S L . 15.65 39.64 -41.99
S4 F3S L . 15.01 37.41 -44.71
C1 EDO M . 41.37 34.18 -33.43
O1 EDO M . 41.64 32.95 -34.12
C2 EDO M . 40.90 35.23 -34.38
O2 EDO M . 39.95 36.15 -33.81
C1 EDO N . 14.54 54.22 -46.13
O1 EDO N . 14.39 53.65 -44.83
C2 EDO N . 15.94 54.43 -46.59
O2 EDO N . 16.96 54.63 -45.57
C1 PEG O . 43.07 25.48 -28.94
O1 PEG O . 42.61 26.64 -28.20
C2 PEG O . 44.06 25.77 -30.09
O2 PEG O . 43.59 26.84 -30.93
C3 PEG O . 44.26 26.98 -32.20
C4 PEG O . 44.27 28.46 -32.64
O4 PEG O . 43.41 28.71 -33.77
C1 PEG P . 13.02 48.54 -21.22
O1 PEG P . 14.27 48.43 -20.48
C2 PEG P . 12.82 49.78 -22.17
O2 PEG P . 14.02 50.59 -22.20
C3 PEG P . 13.81 51.95 -22.56
C4 PEG P . 14.79 52.90 -21.82
O4 PEG P . 14.19 53.82 -20.86
C1 PEG Q . 2.50 55.92 -28.75
O1 PEG Q . 1.94 56.25 -27.52
C2 PEG Q . 2.75 57.09 -29.69
O2 PEG Q . 1.82 57.10 -30.77
C3 PEG Q . 1.36 58.41 -31.11
C4 PEG Q . 0.32 58.25 -32.14
O4 PEG Q . -0.50 57.19 -31.77
C1 PEG R . 3.90 30.89 -42.01
O1 PEG R . 5.21 30.72 -41.49
C2 PEG R . 2.80 30.53 -41.03
O2 PEG R . 1.95 29.55 -41.59
C3 PEG R . 2.61 28.44 -42.22
C4 PEG R . 1.63 27.31 -42.27
O4 PEG R . 0.37 27.51 -43.07
SB SBO S . 25.21 33.05 -35.24
O1 SBO S . 24.05 33.67 -33.89
O2 SBO S . 27.12 33.53 -35.40
O22 P33 T . 2.17 38.02 -12.77
C21 P33 T . 3.51 38.25 -13.16
C20 P33 T . 4.14 36.99 -13.79
O19 P33 T . 3.48 36.56 -15.00
C18 P33 T . 3.88 35.25 -15.46
C17 P33 T . 3.88 34.96 -17.04
O16 P33 T . 4.71 33.82 -17.42
C15 P33 T . 5.08 33.00 -16.27
C14 P33 T . 6.08 31.80 -16.48
O13 P33 T . 6.33 31.01 -15.26
C12 P33 T . 6.88 29.68 -15.45
C11 P33 T . 5.91 28.49 -15.42
O10 P33 T . 6.52 27.36 -16.12
C9 P33 T . 6.24 26.04 -15.60
C8 P33 T . 7.24 24.89 -16.09
O7 P33 T . 7.39 23.87 -15.07
C6 P33 T . 8.65 23.20 -14.92
C5 P33 T . 9.15 23.07 -13.41
O4 P33 T . 9.94 21.87 -13.15
C3 P33 T . 9.23 20.76 -12.63
C2 P33 T . 10.09 19.83 -11.73
O1 P33 T . 10.79 20.54 -10.68
C1 PEG U . 6.47 53.99 -25.18
O1 PEG U . 5.25 53.34 -25.61
C2 PEG U . 6.96 55.12 -26.10
O2 PEG U . 7.20 54.59 -27.40
C3 PEG U . 7.46 55.62 -28.36
C4 PEG U . 6.19 56.19 -28.86
O4 PEG U . 5.52 55.30 -29.74
C1 PEG V . 39.25 17.77 -42.58
O1 PEG V . 38.06 18.44 -42.40
C2 PEG V . 39.05 16.31 -42.90
O2 PEG V . 39.41 15.40 -41.85
C3 PEG V . 39.35 16.01 -40.60
C4 PEG V . 40.62 16.71 -40.34
O4 PEG V . 40.53 17.06 -39.04
C1 PEG W . 33.84 40.61 -40.40
O1 PEG W . 34.62 40.74 -41.47
C2 PEG W . 33.35 41.98 -39.86
O2 PEG W . 32.79 41.71 -38.57
C3 PEG W . 32.82 40.27 -38.34
C4 PEG W . 32.68 39.84 -36.91
O4 PEG W . 33.83 40.16 -36.07
C1 PGE X . 17.25 44.32 -57.02
O1 PGE X . 16.02 43.63 -56.85
C2 PGE X . 17.64 44.81 -55.67
O2 PGE X . 18.57 45.86 -55.73
C3 PGE X . 19.20 46.10 -54.44
C4 PGE X . 18.54 47.20 -53.47
O4 PGE X . 15.22 50.37 -53.23
C6 PGE X . 16.06 49.29 -53.03
C5 PGE X . 16.55 48.64 -54.27
O3 PGE X . 17.98 48.36 -54.18
C1 PEG Y . 5.92 50.77 -46.10
O1 PEG Y . 5.65 51.69 -45.14
C2 PEG Y . 4.88 50.85 -47.20
O2 PEG Y . 4.39 49.55 -47.49
C3 PEG Y . 5.32 48.87 -48.34
C4 PEG Y . 5.37 47.38 -48.10
O4 PEG Y . 4.15 46.79 -47.93
C1 PGE Z . 30.02 36.73 -33.43
O1 PGE Z . 29.72 36.46 -34.82
C2 PGE Z . 31.02 37.84 -33.20
O2 PGE Z . 32.35 37.33 -33.12
C3 PGE Z . 33.39 38.31 -32.94
C4 PGE Z . 34.69 37.52 -32.60
O4 PGE Z . 32.45 35.84 -30.43
C6 PGE Z . 33.80 35.87 -29.73
C5 PGE Z . 34.94 35.93 -30.74
O3 PGE Z . 35.00 37.29 -31.22
C1 EDO AA . -6.63 26.87 -40.87
O1 EDO AA . -6.32 26.83 -39.49
C2 EDO AA . -7.55 25.85 -41.26
O2 EDO AA . -8.87 26.43 -41.30
O O BA . 24.73 31.25 -35.60
C1 PEG CA . 42.84 46.98 -34.08
O1 PEG CA . 43.22 45.70 -34.56
C2 PEG CA . 43.33 48.05 -35.03
O2 PEG CA . 44.10 47.44 -36.09
C3 PEG CA . 44.45 48.30 -37.19
C4 PEG CA . 43.90 49.67 -36.88
O4 PEG CA . 44.16 50.58 -37.91
NA NA DA . 16.05 12.17 -25.07
C1 PEG EA . -4.26 43.78 -60.92
O1 PEG EA . -5.27 44.81 -60.63
C2 PEG EA . -4.30 42.67 -59.89
O2 PEG EA . -4.21 41.38 -60.49
C3 PEG EA . -4.45 40.38 -59.52
C4 PEG EA . -3.14 40.17 -58.73
O4 PEG EA . -3.04 40.93 -57.52
FE1 FES FA . 3.71 34.68 -54.08
FE2 FES FA . 5.79 36.17 -53.10
S1 FES FA . 5.55 33.86 -53.01
S2 FES FA . 4.13 36.81 -54.46
C1 GOL GA . -5.71 28.64 -61.87
O1 GOL GA . -4.73 29.59 -61.43
C2 GOL GA . -5.23 27.70 -62.95
O2 GOL GA . -4.02 27.11 -62.53
C3 GOL GA . -6.24 26.61 -63.34
O3 GOL GA . -7.48 27.14 -63.82
C1 PEG HA . -16.33 45.62 -56.29
O1 PEG HA . -17.56 46.05 -55.74
C2 PEG HA . -16.01 46.28 -57.63
O2 PEG HA . -14.64 46.70 -57.73
C3 PEG HA . -13.68 45.78 -57.21
C4 PEG HA . -12.56 45.55 -58.18
O4 PEG HA . -11.36 46.28 -57.89
C1 GOL IA . -6.53 33.25 -44.06
O1 GOL IA . -6.21 33.05 -45.44
C2 GOL IA . -6.67 32.01 -43.18
O2 GOL IA . -7.83 32.15 -42.35
C3 GOL IA . -5.51 31.81 -42.23
O3 GOL IA . -4.30 32.26 -42.81
C1 PEG JA . -4.77 36.70 -45.13
O1 PEG JA . -6.05 35.95 -44.81
C2 PEG JA . -4.47 37.44 -46.54
O2 PEG JA . -4.86 38.84 -46.59
C3 PEG JA . -3.97 39.86 -47.13
C4 PEG JA . -4.59 41.34 -47.18
O4 PEG JA . -5.29 41.95 -48.45
FE1 F3S KA . 26.74 -35.33 1.62
FE3 F3S KA . 27.69 -34.34 3.94
FE4 F3S KA . 25.64 -33.08 2.72
S1 F3S KA . 27.57 -36.61 3.39
S2 F3S KA . 24.53 -34.78 1.48
S3 F3S KA . 27.75 -33.20 1.89
S4 F3S KA . 25.82 -33.47 4.89
PB MGD LA . 13.53 -26.72 2.63
O1B MGD LA . 12.88 -27.97 3.09
O2B MGD LA . 13.43 -26.38 1.19
O3B MGD LA . 15.04 -26.71 3.15
O3A MGD LA . 17.46 -26.46 2.51
PA MGD LA . 16.33 -25.71 3.33
O1A MGD LA . 15.86 -24.43 2.69
O2A MGD LA . 16.75 -25.78 4.75
O5' MGD LA . 12.86 -25.45 3.42
C5' MGD LA . 13.35 -24.96 4.69
C4' MGD LA . 12.24 -24.60 5.63
O4' MGD LA . 11.53 -23.43 5.12
C3' MGD LA . 11.11 -25.65 5.89
O3' MGD LA . 11.41 -26.34 7.10
C2' MGD LA . 9.82 -24.78 5.82
O2' MGD LA . 8.86 -25.08 6.80
C1' MGD LA . 10.35 -23.35 5.88
N9 MGD LA . 9.46 -22.32 5.31
C8 MGD LA . 8.43 -22.44 4.43
N7 MGD LA . 7.81 -21.29 4.14
C5 MGD LA . 8.45 -20.38 4.92
C6 MGD LA . 8.27 -18.99 5.05
O6 MGD LA . 7.39 -18.26 4.56
N1 MGD LA . 9.21 -18.43 5.91
C2 MGD LA . 10.13 -19.13 6.61
N2 MGD LA . 10.94 -18.39 7.40
N3 MGD LA . 10.31 -20.43 6.50
C4 MGD LA . 9.46 -20.99 5.64
C10 MGD LA . 17.35 -26.41 1.06
C11 MGD LA . 18.57 -27.02 0.40
O11 MGD LA . 18.68 -28.38 0.85
C12 MGD LA . 18.60 -26.99 -1.11
S12 MGD LA . 18.08 -25.54 -1.89
C13 MGD LA . 19.05 -27.96 -1.83
S13 MGD LA . 19.28 -27.95 -3.53
C14 MGD LA . 19.47 -29.28 -1.21
N15 MGD LA . 18.49 -30.35 -1.34
C16 MGD LA . 18.47 -31.40 -0.41
C17 MGD LA . 17.67 -32.52 -0.65
O17 MGD LA . 17.00 -32.68 -1.65
N18 MGD LA . 17.60 -33.46 0.37
C19 MGD LA . 18.23 -33.27 1.59
N19 MGD LA . 18.06 -34.19 2.56
N20 MGD LA . 19.12 -32.25 1.77
C21 MGD LA . 19.23 -31.35 0.75
N22 MGD LA . 19.97 -30.25 1.01
C23 MGD LA . 19.79 -29.03 0.25
MO 4MO MA . 18.48 -25.80 -4.19
PB MGD NA . 17.65 -31.96 -9.43
O1B MGD NA . 17.17 -33.27 -8.85
O2B MGD NA . 18.83 -31.29 -8.73
O3B MGD NA . 16.51 -30.92 -9.77
O3A MGD NA . 15.44 -28.67 -9.57
PA MGD NA . 16.39 -29.56 -10.58
O1A MGD NA . 17.76 -29.01 -10.79
O2A MGD NA . 15.53 -29.80 -11.75
O5' MGD NA . 18.03 -32.08 -10.99
C5' MGD NA . 19.32 -32.63 -11.38
C4' MGD NA . 19.18 -33.48 -12.63
O4' MGD NA . 20.49 -33.68 -13.18
C3' MGD NA . 18.58 -34.89 -12.49
O3' MGD NA . 17.65 -35.16 -13.54
C2' MGD NA . 19.79 -35.83 -12.49
O2' MGD NA . 19.70 -37.14 -13.00
C1' MGD NA . 20.74 -35.06 -13.41
N9 MGD NA . 22.18 -35.23 -13.14
C8 MGD NA . 22.82 -35.57 -11.99
N7 MGD NA . 24.12 -35.56 -12.09
C5 MGD NA . 24.37 -35.01 -13.34
C6 MGD NA . 25.59 -34.75 -14.05
O6 MGD NA . 26.77 -34.90 -13.71
N1 MGD NA . 25.35 -34.25 -15.34
C2 MGD NA . 24.14 -34.06 -15.89
N2 MGD NA . 24.12 -33.52 -17.12
N3 MGD NA . 23.01 -34.38 -15.27
C4 MGD NA . 23.20 -34.85 -14.00
C10 MGD NA . 15.96 -28.48 -8.21
C11 MGD NA . 15.45 -27.20 -7.68
O11 MGD NA . 14.06 -27.45 -7.38
C12 MGD NA . 16.16 -26.64 -6.53
S12 MGD NA . 17.88 -26.84 -6.26
C13 MGD NA . 15.44 -25.86 -5.63
S13 MGD NA . 16.28 -25.09 -4.31
C14 MGD NA . 13.98 -25.64 -5.79
N15 MGD NA . 13.29 -26.14 -4.61
C16 MGD NA . 11.92 -26.22 -4.68
C17 MGD NA . 11.14 -26.07 -3.54
O17 MGD NA . 11.62 -25.82 -2.40
N18 MGD NA . 9.76 -26.13 -3.74
C19 MGD NA . 9.20 -26.37 -4.94
N19 MGD NA . 7.93 -26.55 -4.97
N20 MGD NA . 9.94 -26.52 -6.02
C21 MGD NA . 11.29 -26.38 -5.89
N22 MGD NA . 12.04 -26.42 -7.01
C23 MGD NA . 13.43 -26.22 -7.08
C1 EDO OA . 3.45 -11.20 26.22
O1 EDO OA . 3.65 -11.55 24.83
C2 EDO OA . 3.64 -9.76 26.48
O2 EDO OA . 2.48 -8.96 26.18
C1 EDO PA . 23.38 -7.70 -8.36
O1 EDO PA . 22.01 -7.79 -8.03
C2 EDO PA . 24.26 -8.55 -7.57
O2 EDO PA . 25.06 -9.40 -8.40
C1 EDO QA . 43.43 -33.77 4.71
O1 EDO QA . 43.09 -32.73 3.71
C2 EDO QA . 42.60 -35.00 4.72
O2 EDO QA . 41.99 -35.20 3.42
C1 EDO RA . 34.87 -38.40 -19.25
O1 EDO RA . 34.11 -37.53 -20.14
C2 EDO RA . 36.09 -37.74 -18.66
O2 EDO RA . 36.51 -38.60 -17.66
C1 PEG SA . 24.92 -19.53 -6.41
O1 PEG SA . 24.21 -20.55 -5.73
C2 PEG SA . 25.20 -19.86 -7.84
O2 PEG SA . 25.28 -18.67 -8.61
C3 PEG SA . 26.33 -17.85 -8.11
C4 PEG SA . 26.36 -16.56 -8.82
O4 PEG SA . 27.67 -16.07 -8.86
C1 EDO TA . 30.32 -10.74 -4.11
O1 EDO TA . 29.41 -9.84 -3.48
C2 EDO TA . 29.70 -12.03 -4.37
O2 EDO TA . 29.29 -12.07 -5.70
C8 P4G UA . 6.65 -8.63 -8.27
C7 P4G UA . 7.00 -7.31 -7.67
O4 P4G UA . 8.04 -7.56 -6.69
C6 P4G UA . 8.64 -6.42 -6.11
C5 P4G UA . 8.09 -6.26 -4.68
O3 P4G UA . 9.10 -5.76 -3.77
C4 P4G UA . 8.62 -4.87 -2.76
C3 P4G UA . 7.40 -4.04 -3.10
O2 P4G UA . 7.32 -3.85 -4.50
C2 P4G UA . 8.31 -2.91 -4.95
C1 P4G UA . 7.59 -1.92 -5.76
OH2 1PE VA . 5.55 -39.85 -26.73
C12 1PE VA . 5.39 -40.69 -25.52
C22 1PE VA . 6.49 -40.50 -24.45
OH3 1PE VA . 7.76 -41.14 -24.74
C13 1PE VA . 8.00 -41.91 -22.24
C23 1PE VA . 8.66 -41.46 -23.62
OH4 1PE VA . 8.87 -42.63 -21.33
C14 1PE VA . 7.00 -43.44 -19.89
C24 1PE VA . 8.29 -43.76 -20.65
OH5 1PE VA . 6.15 -42.58 -20.66
C15 1PE VA . 3.94 -41.21 -20.68
C25 1PE VA . 4.90 -42.30 -20.03
OH6 1PE VA . 4.16 -40.84 -22.07
C16 1PE VA . 3.49 -38.64 -22.94
C26 1PE VA . 4.56 -39.48 -22.28
OH7 1PE VA . 2.39 -38.38 -22.02
C1 PEG WA . 10.33 -40.51 19.40
O1 PEG WA . 11.20 -39.67 18.58
C2 PEG WA . 9.22 -39.76 20.10
O2 PEG WA . 8.07 -39.69 19.28
C3 PEG WA . 7.32 -40.92 19.17
C4 PEG WA . 7.54 -41.64 17.80
O4 PEG WA . 6.29 -41.96 16.98
C1 PEG XA . 7.36 -9.49 2.05
O1 PEG XA . 8.67 -9.10 1.96
C2 PEG XA . 6.36 -8.40 2.29
O2 PEG XA . 5.71 -7.96 1.12
C3 PEG XA . 6.69 -7.19 0.38
C4 PEG XA . 6.16 -6.70 -0.90
O4 PEG XA . 6.17 -7.68 -1.93
C1 EDO YA . 24.25 -16.25 -11.80
O1 EDO YA . 24.11 -17.49 -11.15
C2 EDO YA . 24.19 -15.09 -10.82
O2 EDO YA . 23.19 -14.25 -11.38
C5 PG0 ZA . 14.63 -7.41 -14.02
O2 PG0 ZA . 15.38 -6.89 -12.94
C4 PG0 ZA . 14.70 -6.03 -11.92
C3 PG0 ZA . 15.47 -5.83 -10.56
O1 PG0 ZA . 15.31 -4.54 -9.93
C2 PG0 ZA . 16.55 -4.08 -9.35
C1 PG0 ZA . 17.01 -4.91 -8.12
OTT PG0 ZA . 17.83 -6.11 -8.36
C1 PGE AB . 39.07 -32.05 12.60
O1 PGE AB . 39.24 -33.29 11.91
C2 PGE AB . 37.67 -31.52 12.58
O2 PGE AB . 37.56 -30.15 12.02
C3 PGE AB . 36.35 -29.38 12.26
C4 PGE AB . 36.10 -29.05 13.89
O4 PGE AB . 33.91 -32.31 15.70
C6 PGE AB . 33.93 -30.94 16.13
C5 PGE AB . 35.20 -30.31 15.71
O3 PGE AB . 34.94 -29.56 14.51
SB SBO BB . 21.32 -23.80 -5.11
O1 SBO BB . 21.84 -21.94 -5.44
O2 SBO BB . 21.32 -25.33 -6.40
O3 SBO BB . 22.68 -24.37 -3.77
C1 PEG CB . 15.92 -46.83 5.43
O1 PEG CB . 14.79 -47.65 5.73
C2 PEG CB . 15.57 -45.44 5.00
O2 PEG CB . 16.02 -45.19 3.67
C3 PEG CB . 17.35 -45.67 3.35
C4 PEG CB . 18.46 -44.66 3.82
O4 PEG CB . 18.29 -43.20 3.48
O O DB . 19.65 -24.59 -4.45
NA NA EB . 8.64 -45.60 -36.84
FE1 FES FB . 23.35 -43.63 15.58
FE2 FES FB . 24.90 -41.70 14.21
S1 FES FB . 22.58 -41.91 14.43
S2 FES FB . 25.47 -43.25 15.59
PB MGD GB . -15.03 28.65 1.33
O1B MGD GB . -14.53 29.96 0.90
O2B MGD GB . -14.19 27.42 1.03
O3B MGD GB . -16.41 28.56 0.56
O3A MGD GB . -18.02 27.28 -0.86
PA MGD GB . -17.80 27.76 0.66
O1A MGD GB . -17.53 26.65 1.65
O2A MGD GB . -18.92 28.76 0.80
O5' MGD GB . -15.38 28.62 2.89
C5' MGD GB . -16.60 29.20 3.44
C4' MGD GB . -16.29 29.94 4.70
O4' MGD GB . -15.78 29.05 5.73
C3' MGD GB . -15.22 31.05 4.63
O3' MGD GB . -15.91 32.27 4.55
C2' MGD GB . -14.41 30.92 5.95
O2' MGD GB . -14.20 32.16 6.56
C1' MGD GB . -15.31 29.96 6.72
N9 MGD GB . -14.62 29.26 7.83
C8 MGD GB . -13.31 28.90 7.93
N7 MGD GB . -13.02 28.18 9.00
C5 MGD GB . -14.25 28.04 9.62
C6 MGD GB . -14.60 27.38 10.83
O6 MGD GB . -13.86 26.76 11.59
N1 MGD GB . -15.98 27.33 11.03
C2 MGD GB . -16.88 28.03 10.27
N2 MGD GB . -18.14 27.96 10.65
N3 MGD GB . -16.57 28.70 9.15
C4 MGD GB . -15.25 28.63 8.87
C10 MGD GB . -17.23 26.16 -1.33
C11 MGD GB . -17.73 25.67 -2.65
O11 MGD GB . -17.66 26.81 -3.51
C12 MGD GB . -16.92 24.53 -3.22
S12 MGD GB . -16.45 23.29 -2.14
C13 MGD GB . -16.57 24.53 -4.49
S13 MGD GB . -15.81 23.16 -5.23
C14 MGD GB . -16.80 25.68 -5.45
N15 MGD GB . -15.61 26.48 -5.74
C16 MGD GB . -15.78 27.79 -6.09
C17 MGD GB . -14.70 28.54 -6.57
O17 MGD GB . -13.58 28.08 -6.78
N18 MGD GB . -14.94 29.89 -6.86
C19 MGD GB . -16.16 30.46 -6.62
N19 MGD GB . -16.26 31.78 -6.77
N20 MGD GB . -17.22 29.74 -6.23
C21 MGD GB . -17.04 28.42 -6.02
N22 MGD GB . -18.11 27.79 -5.55
C23 MGD GB . -17.91 26.52 -4.87
PB MGD HB . -10.12 21.68 -9.57
O1B MGD HB . -9.60 23.02 -9.99
O2B MGD HB . -11.60 21.42 -9.34
O3B MGD HB . -9.21 21.25 -8.34
O3A MGD HB . -9.19 20.30 -5.97
PA MGD HB . -9.15 19.85 -7.56
O1A MGD HB . -10.27 18.99 -7.99
O2A MGD HB . -7.77 19.36 -7.55
O5' MGD HB . -9.58 20.50 -10.49
C5' MGD HB . -10.21 20.28 -11.78
C4' MGD HB . -9.13 19.90 -12.77
O4' MGD HB . -9.74 19.16 -13.86
C3' MGD HB . -8.31 21.00 -13.47
O3' MGD HB . -6.94 20.60 -13.55
C2' MGD HB . -8.97 21.15 -14.83
O2' MGD HB . -8.18 21.54 -15.93
C1' MGD HB . -9.45 19.73 -15.09
N9 MGD HB . -10.70 19.61 -15.88
C8 MGD HB . -11.73 20.49 -16.11
N7 MGD HB . -12.71 19.99 -16.85
C5 MGD HB . -12.26 18.70 -17.09
C6 MGD HB . -12.91 17.64 -17.81
O6 MGD HB . -13.94 17.72 -18.49
N1 MGD HB . -12.12 16.48 -17.80
C2 MGD HB . -10.95 16.32 -17.13
N2 MGD HB . -10.39 15.09 -17.19
N3 MGD HB . -10.33 17.29 -16.44
C4 MGD HB . -11.09 18.43 -16.45
C10 MGD HB . -10.44 20.96 -5.57
C11 MGD HB . -10.71 20.72 -4.17
O11 MGD HB . -9.73 21.48 -3.44
C12 MGD HB . -12.10 21.01 -3.67
S12 MGD HB . -13.55 20.87 -4.68
C13 MGD HB . -12.26 21.41 -2.35
S13 MGD HB . -13.87 21.82 -1.77
C14 MGD HB . -11.11 21.58 -1.37
N15 MGD HB . -11.06 22.96 -0.93
C16 MGD HB . -9.93 23.41 -0.26
C17 MGD HB . -9.98 24.37 0.70
O17 MGD HB . -11.05 24.88 1.04
N18 MGD HB . -8.79 24.71 1.36
C19 MGD HB . -7.60 24.13 1.00
N19 MGD HB . -6.49 24.58 1.59
N20 MGD HB . -7.54 23.24 0.06
C21 MGD HB . -8.72 22.84 -0.53
N22 MGD HB . -8.69 21.83 -1.41
C23 MGD HB . -9.76 21.14 -2.04
MO 4MO IB . -15.42 21.58 -3.42
FE1 F3S JB . -22.20 29.24 -12.88
FE3 F3S JB . -24.46 30.16 -11.70
FE4 F3S JB . -22.58 29.09 -10.15
S1 F3S JB . -23.42 31.06 -13.56
S2 F3S JB . -20.65 29.65 -11.33
S3 F3S JB . -23.80 28.00 -11.79
S4 F3S JB . -23.81 30.87 -9.72
C1 EDO KB . -20.70 12.45 -3.96
O1 EDO KB . -20.98 13.84 -3.75
C2 EDO KB . -21.00 11.66 -2.75
O2 EDO KB . -21.99 10.65 -2.92
C1 EDO LB . -37.43 25.92 -19.68
O1 EDO LB . -36.99 24.62 -19.18
C2 EDO LB . -36.39 26.86 -20.14
O2 EDO LB . -35.15 26.23 -20.52
C1 PEG MB . -30.35 12.59 -4.06
O1 PEG MB . -30.81 12.44 -5.44
C2 PEG MB . -28.88 12.40 -3.92
O2 PEG MB . -28.31 13.45 -3.15
C3 PEG MB . -27.51 12.97 -2.07
C4 PEG MB . -26.18 12.48 -2.58
O4 PEG MB . -25.22 13.52 -2.58
C1 GOL NB . -13.19 37.80 -25.45
O1 GOL NB . -14.15 38.87 -25.42
C2 GOL NB . -13.62 36.62 -26.32
O2 GOL NB . -14.11 37.05 -27.61
C3 GOL NB . -12.46 35.67 -26.55
O3 GOL NB . -11.77 35.35 -25.34
C1 PEG OB . -28.10 8.42 4.01
O1 PEG OB . -28.81 7.61 4.92
C2 PEG OB . -28.99 9.03 2.99
O2 PEG OB . -28.75 8.44 1.71
C3 PEG OB . -29.15 9.34 0.69
C4 PEG OB . -27.94 10.06 0.30
O4 PEG OB . -26.97 9.14 -0.02
C1 PEG PB . -29.58 37.33 -22.21
O1 PEG PB . -29.88 36.68 -21.03
C2 PEG PB . -30.72 37.30 -23.25
O2 PEG PB . -31.65 36.26 -22.96
C3 PEG PB . -31.97 35.44 -24.08
C4 PEG PB . -31.55 34.06 -23.71
O4 PEG PB . -31.47 33.20 -24.82
C1 PEG QB . 4.97 -0.99 -2.19
O1 PEG QB . 6.14 -0.61 -1.47
C2 PEG QB . 5.13 -0.95 -3.70
O2 PEG QB . 3.91 -0.68 -4.38
C3 PEG QB . 2.74 -1.25 -3.80
C4 PEG QB . 2.27 -2.43 -4.60
O4 PEG QB . 1.92 -3.56 -3.78
C1 PEG RB . -28.16 42.63 -41.82
O1 PEG RB . -27.12 42.65 -40.87
C2 PEG RB . -28.65 41.27 -42.03
O2 PEG RB . -27.55 40.35 -41.99
C3 PEG RB . -27.17 39.81 -43.26
C4 PEG RB . -27.25 38.27 -43.22
O4 PEG RB . -26.37 37.72 -42.23
C1 PEG SB . -14.35 38.92 -13.92
O1 PEG SB . -14.26 37.79 -12.99
C2 PEG SB . -13.18 39.08 -14.90
O2 PEG SB . -12.39 40.25 -14.66
C3 PEG SB . -12.08 40.53 -13.28
C4 PEG SB . -12.42 41.98 -13.06
O4 PEG SB . -11.54 43.04 -13.75
C1 EDO TB . -18.65 8.34 -2.54
O1 EDO TB . -18.71 9.69 -2.98
C2 EDO TB . -19.28 8.14 -1.19
O2 EDO TB . -20.65 8.57 -1.24
C1 EDO UB . -36.72 9.48 22.44
O1 EDO UB . -35.50 9.89 23.19
C2 EDO UB . -36.85 9.92 21.00
O2 EDO UB . -35.60 10.29 20.25
C1 PGE VB . -38.61 31.64 -12.74
O1 PGE VB . -38.01 32.16 -13.98
C2 PGE VB . -37.86 31.92 -11.41
O2 PGE VB . -37.53 30.79 -10.48
C3 PGE VB . -37.30 31.20 -9.11
C4 PGE VB . -38.00 32.59 -8.62
O4 PGE VB . -38.37 35.48 -6.61
C6 PGE VB . -37.24 35.73 -7.48
C5 PGE VB . -37.28 34.91 -8.69
O3 PGE VB . -37.00 33.57 -8.26
SB SBO WB . -17.79 18.88 -4.01
O1 SBO WB . -16.95 18.69 -5.70
O2 SBO WB . -18.46 17.43 -2.78
O3 SBO WB . -19.58 19.82 -4.43
O O XB . -16.46 20.49 -3.32
NA NA YB . 6.27 25.24 -0.53
FE1 FES ZB . -24.75 45.64 -11.72
FE2 FES ZB . -25.82 43.05 -11.64
S1 FES ZB . -24.05 43.94 -10.45
S2 FES ZB . -26.52 44.83 -12.69
C1 PEG AC . -7.49 62.36 -28.68
O1 PEG AC . -7.57 61.12 -27.93
C2 PEG AC . -8.04 62.27 -30.09
O2 PEG AC . -8.99 63.32 -30.39
C3 PEG AC . -9.32 63.50 -31.77
C4 PEG AC . -9.45 62.17 -32.47
O4 PEG AC . -9.69 62.32 -33.86
PB MGD BC . -19.71 -26.92 38.00
O1B MGD BC . -18.35 -26.34 38.17
O2B MGD BC . -20.84 -25.98 38.37
O3B MGD BC . -19.82 -28.24 38.96
O3A MGD BC . -21.11 -29.48 40.58
PA MGD BC . -20.71 -29.55 39.03
O1A MGD BC . -21.91 -29.28 38.20
O2A MGD BC . -19.86 -30.71 38.93
O5' MGD BC . -19.93 -27.37 36.44
C5' MGD BC . -19.54 -28.71 36.01
C4' MGD BC . -18.90 -28.57 34.66
O4' MGD BC . -19.85 -28.09 33.69
C3' MGD BC . -17.71 -27.55 34.57
O3' MGD BC . -16.53 -28.31 34.62
C2' MGD BC . -17.89 -26.87 33.18
O2' MGD BC . -16.74 -26.83 32.37
C1' MGD BC . -19.00 -27.74 32.58
N9 MGD BC . -19.76 -27.11 31.52
C8 MGD BC . -20.07 -25.78 31.27
N7 MGD BC . -20.84 -25.59 30.20
C5 MGD BC . -21.17 -26.86 29.80
C6 MGD BC . -22.02 -27.27 28.75
O6 MGD BC . -22.64 -26.59 27.93
N1 MGD BC . -22.11 -28.64 28.68
C2 MGD BC . -21.44 -29.51 29.50
N2 MGD BC . -21.64 -30.80 29.24
N3 MGD BC . -20.57 -29.17 30.47
C4 MGD BC . -20.51 -27.81 30.59
C10 MGD BC . -21.94 -28.49 41.07
C11 MGD BC . -22.35 -28.87 42.45
O11 MGD BC . -21.18 -28.89 43.29
C12 MGD BC . -23.38 -27.91 43.02
S12 MGD BC . -24.81 -27.50 42.12
C13 MGD BC . -23.31 -27.46 44.28
S13 MGD BC . -24.57 -26.51 45.06
C14 MGD BC . -22.10 -27.77 45.16
N15 MGD BC . -21.16 -26.65 45.29
C16 MGD BC . -19.84 -26.83 45.50
C17 MGD BC . -18.98 -25.75 45.80
O17 MGD BC . -19.33 -24.59 45.92
N18 MGD BC . -17.65 -26.08 45.98
C19 MGD BC . -17.18 -27.37 45.84
N19 MGD BC . -15.85 -27.58 45.84
N20 MGD BC . -18.01 -28.38 45.59
C21 MGD BC . -19.32 -28.11 45.52
N22 MGD BC . -20.10 -29.16 45.26
C23 MGD BC . -21.41 -29.00 44.67
PB MGD CC . -25.26 -20.37 48.97
O1B MGD CC . -23.82 -19.90 49.20
O2B MGD CC . -25.56 -21.79 48.95
O3B MGD CC . -25.75 -19.57 47.64
O3A MGD CC . -26.88 -19.83 45.44
PA MGD CC . -27.22 -19.47 46.99
O1A MGD CC . -28.05 -20.43 47.72
O2A MGD CC . -27.61 -18.03 46.97
O5' MGD CC . -26.24 -19.59 49.96
C5' MGD CC . -26.32 -20.07 51.31
C4' MGD CC . -26.59 -18.89 52.18
O4' MGD CC . -27.26 -19.33 53.38
C3' MGD CC . -25.32 -18.10 52.63
O3' MGD CC . -25.62 -16.70 52.64
C2' MGD CC . -25.07 -18.67 54.01
O2' MGD CC . -24.50 -17.78 54.94
C1' MGD CC . -26.49 -18.93 54.51
N9 MGD CC . -26.60 -20.01 55.51
C8 MGD CC . -25.86 -21.11 55.68
N7 MGD CC . -26.34 -21.94 56.57
C5 MGD CC . -27.59 -21.45 56.88
C6 MGD CC . -28.58 -21.95 57.77
O6 MGD CC . -28.56 -22.96 58.51
N1 MGD CC . -29.68 -21.09 57.80
C2 MGD CC . -29.80 -19.95 57.04
N2 MGD CC . -30.98 -19.32 57.16
N3 MGD CC . -28.83 -19.42 56.26
C4 MGD CC . -27.77 -20.25 56.21
C10 MGD CC . -26.28 -21.08 45.11
C11 MGD CC . -26.75 -21.47 43.74
O11 MGD CC . -26.03 -20.58 42.88
C12 MGD CC . -26.50 -22.89 43.35
S12 MGD CC . -26.68 -24.16 44.56
C13 MGD CC . -26.24 -23.19 42.07
S13 MGD CC . -26.15 -24.88 41.58
C14 MGD CC . -26.07 -22.17 40.98
N15 MGD CC . -24.72 -22.24 40.38
C16 MGD CC . -24.33 -21.22 39.59
C17 MGD CC . -23.52 -21.45 38.51
O17 MGD CC . -23.06 -22.59 38.26
N18 MGD CC . -23.26 -20.39 37.68
C19 MGD CC . -23.73 -19.15 37.95
N19 MGD CC . -23.34 -18.16 37.18
N20 MGD CC . -24.55 -18.95 38.95
C21 MGD CC . -24.87 -19.96 39.78
N22 MGD CC . -25.75 -19.75 40.79
C23 MGD CC . -26.41 -20.74 41.52
FE1 F3S DC . -18.07 -32.63 52.79
FE3 F3S DC . -17.52 -35.01 51.80
FE4 F3S DC . -18.61 -33.23 50.15
S1 F3S DC . -16.26 -33.87 53.35
S2 F3S DC . -17.86 -31.22 51.01
S3 F3S DC . -19.65 -34.10 51.98
S4 F3S DC . -16.98 -34.66 49.68
MO 4MO EC . -26.27 -26.26 43.45
C1 EDO FC . -39.53 -28.20 44.10
O1 EDO FC . -38.16 -28.45 44.49
C2 EDO FC . -39.89 -28.97 42.87
O2 EDO FC . -39.59 -30.34 43.13
C1 EDO GC . -20.68 -45.73 61.66
O1 EDO GC . -21.12 -44.42 61.95
C2 EDO GC . -21.73 -46.70 61.19
O2 EDO GC . -23.08 -46.25 60.94
C1 PEG HC . -35.61 -54.10 34.42
O1 PEG HC . -34.27 -53.72 34.84
C2 PEG HC . -35.93 -55.60 34.45
O2 PEG HC . -35.57 -56.13 33.18
C3 PEG HC . -36.70 -56.57 32.38
C4 PEG HC . -36.36 -56.61 30.87
O4 PEG HC . -36.91 -57.75 30.20
C1 PEG IC . -16.81 -19.39 21.82
O1 PEG IC . -15.80 -18.36 21.77
C2 PEG IC . -16.40 -20.66 21.23
O2 PEG IC . -16.26 -21.65 22.25
C3 PEG IC . -15.67 -22.88 21.80
C4 PEG IC . -14.29 -22.75 21.20
O4 PEG IC . -14.30 -22.88 19.77
SB SBO JC . -28.99 -28.14 44.46
O1 SBO JC . -30.59 -29.14 43.67
O2 SBO JC . -28.88 -27.03 45.97
OH2 1PE KC . -42.12 -33.53 39.25
C12 1PE KC . -42.43 -32.59 38.24
C22 1PE KC . -42.28 -33.19 36.90
OH3 1PE KC . -42.42 -32.21 35.88
C13 1PE KC . -43.92 -30.22 36.33
C23 1PE KC . -43.78 -31.68 35.84
OH4 1PE KC . -44.65 -29.43 35.39
C14 1PE KC . -42.64 -29.45 33.78
C24 1PE KC . -43.95 -28.76 34.31
OH5 1PE KC . -42.47 -29.55 32.33
C15 1PE KC . -43.38 -30.17 30.34
C25 1PE KC . -43.66 -29.96 31.70
OH6 1PE KC . -43.09 -28.90 29.75
C16 1PE KC . -42.82 -30.28 27.76
C26 1PE KC . -43.19 -28.92 28.32
OH7 1PE KC . -43.91 -31.21 27.70
C1 PEG LC . -7.81 -38.85 22.20
O1 PEG LC . -8.28 -37.62 22.76
C2 PEG LC . -7.18 -39.74 23.25
O2 PEG LC . -7.84 -41.00 23.34
C3 PEG LC . -8.25 -41.39 24.65
C4 PEG LC . -7.95 -42.85 24.87
O4 PEG LC . -8.74 -43.78 24.04
C1 PEG MC . -49.61 -36.22 51.30
O1 PEG MC . -49.92 -36.90 52.58
C2 PEG MC . -49.37 -37.01 49.99
O2 PEG MC . -48.23 -37.90 50.08
C3 PEG MC . -48.25 -39.02 49.19
C4 PEG MC . -46.81 -39.47 49.04
O4 PEG MC . -46.22 -39.88 50.30
C1 PGE NC . -12.77 -47.65 49.34
O1 PGE NC . -12.80 -47.40 50.74
C2 PGE NC . -14.17 -47.97 48.79
O2 PGE NC . -15.02 -48.49 49.82
C3 PGE NC . -16.36 -48.71 49.37
C4 PGE NC . -17.30 -49.12 50.51
O4 PGE NC . -16.40 -48.88 54.78
C6 PGE NC . -16.47 -49.12 53.40
C5 PGE NC . -17.05 -47.89 52.58
O3 PGE NC . -17.88 -48.12 51.40
C1 EDO OC . -35.46 -30.94 45.53
O1 EDO OC . -34.18 -31.09 44.87
C2 EDO OC . -36.58 -31.09 44.52
O2 EDO OC . -37.66 -31.99 44.85
O O PC . -27.75 -27.29 43.21
NA NA QC . -31.18 8.04 62.49
C1 PEG RC . 5.33 -44.25 54.52
O1 PEG RC . 4.92 -44.13 53.15
C2 PEG RC . 6.21 -43.07 55.03
O2 PEG RC . 5.52 -42.24 55.99
C3 PEG RC . 5.55 -42.65 57.35
C4 PEG RC . 5.33 -44.18 57.48
O4 PEG RC . 5.34 -44.61 58.81
FE1 FES SC . -2.15 -36.44 50.33
FE2 FES SC . -4.78 -37.29 50.64
S1 FES SC . -3.92 -35.78 49.08
S2 FES SC . -2.89 -38.12 51.59
#